data_7DTI
#
_entry.id   7DTI
#
loop_
_entity.id
_entity.type
_entity.pdbx_description
1 polymer 'DNA-directed RNA polymerases I, II, and III subunit RPABC2'
2 polymer 'General transcription factor IIH subunit 1'
#
loop_
_entity_poly.entity_id
_entity_poly.type
_entity_poly.pdbx_seq_one_letter_code
_entity_poly.pdbx_strand_id
1 'polypeptide(L)'
;GSHMSDNEDNFDGDDFDDVEEDEGLDDLENAEEEGQENVEILPSGERPQANQKRITTPYMTKYERARVLGTRALQIAMCA
PVMVELEGETDPLLIAMKELKARKIPIIIRRYLPDGSYEDWGVDELIITD
;
A
2 'polypeptide(L)'
;GSHMATSSEEVLLIVKKVRQKKQDGALYLMAERIAWAPEGKDRFTISHMYADIKCQKISPEGKAKIQLQLVLHAGDTTNF
HFSNESTAVKERDAVKDLLQQLLPKFKRKAN
;
B
#
# COMPACT_ATOMS: atom_id res chain seq x y z
N MET A 4 -13.80 -20.42 19.52
CA MET A 4 -14.05 -19.24 20.36
C MET A 4 -12.74 -18.70 20.90
N SER A 5 -12.55 -17.39 20.80
CA SER A 5 -11.34 -16.75 21.27
C SER A 5 -11.64 -15.34 21.76
N ASP A 6 -11.62 -15.13 23.07
CA ASP A 6 -11.91 -13.82 23.66
C ASP A 6 -10.69 -12.90 23.60
N ASN A 7 -9.83 -13.15 22.62
CA ASN A 7 -8.63 -12.37 22.44
C ASN A 7 -8.93 -11.08 21.68
N GLU A 8 -10.09 -11.03 21.04
CA GLU A 8 -10.47 -9.85 20.26
C GLU A 8 -11.08 -8.77 21.12
N ASP A 9 -11.22 -9.09 22.39
CA ASP A 9 -11.77 -8.15 23.36
C ASP A 9 -10.86 -8.10 24.57
N ASN A 10 -9.65 -8.61 24.38
CA ASN A 10 -8.66 -8.64 25.45
C ASN A 10 -7.54 -7.66 25.14
N PHE A 11 -7.79 -6.86 24.12
CA PHE A 11 -6.83 -5.86 23.70
C PHE A 11 -7.40 -4.48 23.96
N ASP A 12 -6.53 -3.49 23.93
CA ASP A 12 -6.90 -2.12 24.16
C ASP A 12 -5.78 -1.25 23.68
N GLY A 13 -5.91 -0.87 22.45
CA GLY A 13 -4.91 -0.04 21.83
C GLY A 13 -4.22 -0.71 20.68
N ASP A 14 -4.92 -1.63 20.01
CA ASP A 14 -4.39 -2.34 18.85
C ASP A 14 -3.58 -1.38 17.98
N ASP A 15 -2.33 -1.75 17.70
CA ASP A 15 -1.41 -0.93 16.88
C ASP A 15 -1.87 -0.79 15.43
N PHE A 16 -3.17 -0.63 15.24
CA PHE A 16 -3.77 -0.48 13.92
C PHE A 16 -3.00 0.49 13.04
N ASP A 17 -2.39 -0.07 12.03
CA ASP A 17 -1.67 0.68 11.03
C ASP A 17 -2.74 1.13 10.06
N ASP A 18 -3.30 2.28 10.39
CA ASP A 18 -4.38 2.88 9.62
C ASP A 18 -4.00 2.99 8.17
N VAL A 19 -4.75 2.28 7.38
CA VAL A 19 -4.54 2.26 5.96
C VAL A 19 -5.70 2.90 5.24
N GLU A 20 -5.51 4.14 4.89
CA GLU A 20 -6.53 4.86 4.15
C GLU A 20 -6.13 4.84 2.69
N GLU A 21 -6.98 4.28 1.83
CA GLU A 21 -6.70 4.20 0.41
C GLU A 21 -6.65 5.59 -0.22
N ASP A 22 -5.67 5.81 -1.07
CA ASP A 22 -5.49 7.09 -1.75
C ASP A 22 -4.59 6.92 -2.97
N GLU A 23 -5.15 6.34 -4.02
CA GLU A 23 -4.41 6.12 -5.26
C GLU A 23 -4.90 7.09 -6.32
N GLY A 24 -3.97 7.54 -7.17
CA GLY A 24 -4.30 8.49 -8.21
C GLY A 24 -4.07 9.91 -7.76
N LEU A 25 -3.21 10.07 -6.77
CA LEU A 25 -2.89 11.39 -6.23
C LEU A 25 -1.88 12.10 -7.13
N ASP A 26 -1.66 13.38 -6.85
CA ASP A 26 -0.71 14.18 -7.63
C ASP A 26 0.73 13.87 -7.23
N ASP A 27 1.66 14.20 -8.11
CA ASP A 27 3.08 13.95 -7.87
C ASP A 27 3.69 15.08 -7.04
N LEU A 28 3.60 16.29 -7.57
CA LEU A 28 4.14 17.48 -6.92
C LEU A 28 5.65 17.38 -6.73
N GLU A 29 6.40 17.78 -7.75
CA GLU A 29 7.86 17.74 -7.73
C GLU A 29 8.42 18.63 -6.62
N ASN A 30 7.62 19.59 -6.18
CA ASN A 30 8.02 20.52 -5.13
C ASN A 30 7.80 19.93 -3.74
N ALA A 31 7.47 18.65 -3.69
CA ALA A 31 7.24 17.97 -2.41
C ALA A 31 8.53 17.34 -1.89
N GLU A 32 9.61 18.10 -1.96
CA GLU A 32 10.91 17.63 -1.49
C GLU A 32 11.61 18.75 -0.72
N GLU A 33 12.61 18.37 0.07
CA GLU A 33 13.36 19.34 0.86
C GLU A 33 14.85 19.24 0.57
N GLU A 34 15.26 18.16 -0.08
CA GLU A 34 16.67 17.95 -0.41
C GLU A 34 17.01 18.57 -1.76
N GLY A 35 18.26 18.95 -1.92
CA GLY A 35 18.73 19.54 -3.15
C GLY A 35 20.23 19.41 -3.29
N GLN A 36 20.83 18.67 -2.38
CA GLN A 36 22.27 18.46 -2.36
C GLN A 36 22.59 17.08 -2.93
N GLU A 37 23.86 16.70 -2.83
CA GLU A 37 24.29 15.40 -3.33
C GLU A 37 23.92 14.29 -2.36
N ASN A 38 22.69 13.80 -2.45
CA ASN A 38 22.27 12.69 -1.61
C ASN A 38 22.82 11.42 -2.22
N VAL A 39 23.79 10.82 -1.56
CA VAL A 39 24.43 9.63 -2.09
C VAL A 39 23.95 8.35 -1.41
N GLU A 40 23.90 7.29 -2.19
CA GLU A 40 23.47 5.99 -1.72
C GLU A 40 24.69 5.17 -1.29
N ILE A 41 24.63 4.64 -0.08
CA ILE A 41 25.72 3.82 0.43
C ILE A 41 25.33 2.35 0.30
N LEU A 42 25.87 1.70 -0.72
CA LEU A 42 25.56 0.30 -0.97
C LEU A 42 26.79 -0.56 -0.78
N PRO A 43 26.61 -1.81 -0.34
CA PRO A 43 27.72 -2.72 -0.16
C PRO A 43 28.09 -3.37 -1.48
N SER A 44 29.33 -3.19 -1.90
CA SER A 44 29.82 -3.74 -3.16
C SER A 44 29.82 -5.26 -3.16
N GLY A 45 29.96 -5.80 -4.35
CA GLY A 45 29.93 -7.22 -4.57
C GLY A 45 28.87 -7.55 -5.59
N GLU A 46 27.92 -6.65 -5.70
CA GLU A 46 26.85 -6.78 -6.68
C GLU A 46 27.14 -5.80 -7.81
N ARG A 47 27.89 -4.81 -7.38
CA ARG A 47 28.37 -3.68 -8.17
C ARG A 47 27.45 -3.27 -9.31
N PRO A 48 26.43 -2.45 -9.00
CA PRO A 48 25.55 -1.93 -10.01
C PRO A 48 26.11 -0.61 -10.53
N GLN A 49 26.36 -0.55 -11.82
CA GLN A 49 26.90 0.66 -12.41
C GLN A 49 26.20 0.98 -13.72
N ALA A 50 26.28 2.22 -14.13
CA ALA A 50 25.69 2.66 -15.38
C ALA A 50 26.58 2.26 -16.56
N ASN A 51 26.25 2.71 -17.76
CA ASN A 51 27.03 2.34 -18.93
C ASN A 51 27.53 3.54 -19.73
N GLN A 52 27.77 4.64 -19.05
CA GLN A 52 28.25 5.86 -19.70
C GLN A 52 29.39 6.46 -18.88
N LYS A 53 30.09 7.43 -19.47
CA LYS A 53 31.18 8.09 -18.78
C LYS A 53 30.61 8.92 -17.64
N ARG A 54 31.25 8.90 -16.48
CA ARG A 54 30.74 9.65 -15.35
C ARG A 54 31.09 11.12 -15.49
N ILE A 55 30.25 11.93 -14.90
CA ILE A 55 30.38 13.37 -15.00
C ILE A 55 30.96 14.00 -13.73
N THR A 56 30.95 13.27 -12.64
CA THR A 56 31.48 13.79 -11.40
C THR A 56 32.99 13.52 -11.26
N THR A 57 33.53 13.72 -10.07
CA THR A 57 34.94 13.54 -9.84
C THR A 57 35.22 12.35 -8.94
N PRO A 58 36.27 11.59 -9.28
CA PRO A 58 36.70 10.41 -8.53
C PRO A 58 37.49 10.80 -7.28
N TYR A 59 36.86 11.58 -6.42
CA TYR A 59 37.47 12.05 -5.19
C TYR A 59 36.46 11.96 -4.08
N MET A 60 36.92 11.84 -2.85
CA MET A 60 36.02 11.75 -1.73
C MET A 60 36.34 12.80 -0.69
N THR A 61 35.35 13.64 -0.41
CA THR A 61 35.50 14.69 0.57
C THR A 61 35.10 14.19 1.96
N LYS A 62 34.84 15.11 2.88
CA LYS A 62 34.46 14.74 4.24
C LYS A 62 33.00 14.29 4.31
N TYR A 63 32.26 14.52 3.23
CA TYR A 63 30.85 14.14 3.19
C TYR A 63 30.71 12.63 3.04
N GLU A 64 31.21 12.13 1.92
CA GLU A 64 31.15 10.71 1.61
C GLU A 64 32.00 9.92 2.60
N ARG A 65 33.13 10.49 2.96
CA ARG A 65 34.05 9.85 3.90
C ARG A 65 33.33 9.51 5.20
N ALA A 66 32.77 10.54 5.82
CA ALA A 66 32.07 10.38 7.09
C ALA A 66 30.89 9.43 6.97
N ARG A 67 30.21 9.46 5.83
CA ARG A 67 29.07 8.60 5.59
C ARG A 67 29.52 7.14 5.51
N VAL A 68 30.58 6.90 4.75
CA VAL A 68 31.11 5.54 4.61
C VAL A 68 31.68 5.07 5.95
N LEU A 69 32.41 5.96 6.61
CA LEU A 69 33.01 5.67 7.91
C LEU A 69 31.95 5.26 8.94
N GLY A 70 30.89 6.05 9.02
CA GLY A 70 29.82 5.75 9.95
C GLY A 70 29.16 4.42 9.67
N THR A 71 28.97 4.14 8.39
CA THR A 71 28.35 2.89 7.96
C THR A 71 29.29 1.71 8.19
N ARG A 72 30.59 1.94 8.02
CA ARG A 72 31.58 0.89 8.21
C ARG A 72 31.78 0.60 9.69
N ALA A 73 31.80 1.64 10.52
CA ALA A 73 31.93 1.45 11.95
C ALA A 73 30.74 0.64 12.43
N LEU A 74 29.59 0.90 11.83
CA LEU A 74 28.39 0.17 12.15
C LEU A 74 28.58 -1.31 11.77
N GLN A 75 29.27 -1.53 10.64
CA GLN A 75 29.54 -2.89 10.19
C GLN A 75 30.48 -3.62 11.15
N ILE A 76 31.64 -3.02 11.37
CA ILE A 76 32.65 -3.60 12.26
C ILE A 76 32.14 -3.74 13.68
N ALA A 77 31.32 -2.79 14.09
CA ALA A 77 30.71 -2.82 15.41
C ALA A 77 29.80 -4.03 15.55
N MET A 78 29.43 -4.60 14.40
CA MET A 78 28.60 -5.79 14.35
C MET A 78 29.49 -7.02 14.17
N CYS A 79 30.79 -6.82 14.36
CA CYS A 79 31.81 -7.87 14.25
C CYS A 79 32.21 -8.15 12.81
N ALA A 80 32.27 -7.09 12.00
CA ALA A 80 32.68 -7.21 10.61
C ALA A 80 34.18 -7.43 10.51
N PRO A 81 34.63 -8.25 9.55
CA PRO A 81 36.06 -8.50 9.34
C PRO A 81 36.80 -7.25 8.90
N VAL A 82 38.03 -7.10 9.38
CA VAL A 82 38.85 -5.93 9.05
C VAL A 82 39.66 -6.18 7.78
N MET A 83 39.64 -5.22 6.87
CA MET A 83 40.36 -5.32 5.60
C MET A 83 41.74 -4.66 5.66
N VAL A 84 42.05 -4.02 6.78
CA VAL A 84 43.35 -3.36 6.93
C VAL A 84 44.23 -4.03 7.94
N GLU A 85 45.40 -3.45 8.07
CA GLU A 85 46.42 -3.90 8.99
C GLU A 85 46.16 -3.30 10.36
N LEU A 86 46.48 -4.04 11.41
CA LEU A 86 46.23 -3.57 12.77
C LEU A 86 47.53 -3.27 13.53
N GLU A 87 47.75 -2.01 13.80
CA GLU A 87 48.91 -1.56 14.55
C GLU A 87 48.44 -0.97 15.87
N GLY A 88 47.34 -1.54 16.37
CA GLY A 88 46.76 -1.08 17.62
C GLY A 88 45.31 -0.68 17.47
N GLU A 89 44.87 -0.48 16.23
CA GLU A 89 43.47 -0.12 15.96
C GLU A 89 42.54 -1.24 16.41
N THR A 90 41.83 -1.00 17.50
CA THR A 90 40.91 -1.99 18.03
C THR A 90 39.48 -1.44 18.03
N ASP A 91 39.31 -0.23 17.53
CA ASP A 91 38.01 0.41 17.47
C ASP A 91 37.54 0.50 16.01
N PRO A 92 36.23 0.30 15.77
CA PRO A 92 35.65 0.35 14.42
C PRO A 92 35.99 1.63 13.66
N LEU A 93 36.03 2.76 14.35
CA LEU A 93 36.34 4.04 13.71
C LEU A 93 37.78 4.07 13.21
N LEU A 94 38.71 3.65 14.06
CA LEU A 94 40.12 3.63 13.71
C LEU A 94 40.36 2.73 12.50
N ILE A 95 39.80 1.53 12.55
CA ILE A 95 39.94 0.58 11.46
C ILE A 95 39.28 1.10 10.20
N ALA A 96 38.06 1.61 10.33
CA ALA A 96 37.33 2.15 9.18
C ALA A 96 38.09 3.31 8.56
N MET A 97 38.73 4.12 9.40
CA MET A 97 39.50 5.26 8.93
C MET A 97 40.69 4.78 8.11
N LYS A 98 41.31 3.70 8.57
CA LYS A 98 42.44 3.12 7.88
C LYS A 98 41.99 2.54 6.54
N GLU A 99 40.88 1.82 6.56
CA GLU A 99 40.33 1.21 5.37
C GLU A 99 39.89 2.28 4.37
N LEU A 100 39.20 3.29 4.87
CA LEU A 100 38.71 4.38 4.01
C LEU A 100 39.87 5.15 3.38
N LYS A 101 40.94 5.36 4.14
CA LYS A 101 42.09 6.09 3.63
C LYS A 101 42.85 5.25 2.61
N ALA A 102 42.70 3.94 2.70
CA ALA A 102 43.37 3.04 1.79
C ALA A 102 42.42 2.53 0.71
N ARG A 103 41.17 3.00 0.76
CA ARG A 103 40.12 2.59 -0.19
C ARG A 103 39.90 1.09 -0.11
N LYS A 104 40.11 0.55 1.07
CA LYS A 104 39.95 -0.88 1.32
C LYS A 104 38.53 -1.20 1.76
N ILE A 105 37.69 -0.17 1.85
CA ILE A 105 36.31 -0.34 2.25
C ILE A 105 35.46 -0.70 1.03
N PRO A 106 34.85 -1.90 1.02
CA PRO A 106 34.02 -2.32 -0.08
C PRO A 106 32.61 -1.71 0.02
N ILE A 107 32.40 -0.62 -0.71
CA ILE A 107 31.12 0.07 -0.71
C ILE A 107 30.98 0.94 -1.96
N ILE A 108 29.82 0.87 -2.60
CA ILE A 108 29.54 1.69 -3.77
C ILE A 108 28.73 2.91 -3.35
N ILE A 109 29.24 4.08 -3.71
CA ILE A 109 28.60 5.35 -3.37
C ILE A 109 27.91 5.94 -4.59
N ARG A 110 26.59 5.86 -4.62
CA ARG A 110 25.82 6.40 -5.74
C ARG A 110 25.47 7.86 -5.48
N ARG A 111 26.10 8.75 -6.24
CA ARG A 111 25.86 10.19 -6.09
C ARG A 111 24.56 10.59 -6.79
N TYR A 112 23.96 11.66 -6.32
CA TYR A 112 22.72 12.17 -6.92
C TYR A 112 22.83 13.67 -7.13
N LEU A 113 22.41 14.13 -8.29
CA LEU A 113 22.48 15.55 -8.59
C LEU A 113 21.09 16.18 -8.46
N PRO A 114 21.03 17.51 -8.25
CA PRO A 114 19.75 18.24 -8.08
C PRO A 114 18.83 18.15 -9.30
N ASP A 115 19.36 17.66 -10.41
CA ASP A 115 18.58 17.52 -11.63
C ASP A 115 17.83 16.18 -11.64
N GLY A 116 18.24 15.29 -10.74
CA GLY A 116 17.61 13.98 -10.65
C GLY A 116 18.49 12.87 -11.19
N SER A 117 19.70 13.20 -11.61
CA SER A 117 20.60 12.19 -12.13
C SER A 117 21.36 11.50 -11.00
N TYR A 118 21.98 10.37 -11.30
CA TYR A 118 22.73 9.62 -10.31
C TYR A 118 23.88 8.88 -10.97
N GLU A 119 25.01 8.83 -10.26
CA GLU A 119 26.20 8.16 -10.77
C GLU A 119 26.79 7.25 -9.69
N ASP A 120 27.13 6.03 -10.07
CA ASP A 120 27.70 5.08 -9.12
C ASP A 120 29.18 5.37 -8.97
N TRP A 121 29.68 5.31 -7.74
CA TRP A 121 31.09 5.59 -7.47
C TRP A 121 31.62 4.70 -6.35
N GLY A 122 32.47 3.75 -6.69
CA GLY A 122 33.04 2.89 -5.67
C GLY A 122 34.14 3.58 -4.91
N VAL A 123 34.41 3.14 -3.68
CA VAL A 123 35.46 3.73 -2.86
C VAL A 123 36.79 3.54 -3.55
N ASP A 124 36.87 2.45 -4.28
CA ASP A 124 38.06 2.10 -5.04
C ASP A 124 38.30 3.08 -6.18
N GLU A 125 37.22 3.70 -6.65
CA GLU A 125 37.32 4.66 -7.75
C GLU A 125 37.45 6.09 -7.22
N LEU A 126 37.45 6.25 -5.91
CA LEU A 126 37.52 7.57 -5.30
C LEU A 126 38.83 7.79 -4.56
N ILE A 127 39.44 8.94 -4.81
CA ILE A 127 40.65 9.33 -4.14
C ILE A 127 40.26 10.15 -2.92
N ILE A 128 40.35 9.53 -1.76
CA ILE A 128 39.97 10.18 -0.52
C ILE A 128 41.06 11.12 0.00
N THR A 129 40.72 12.39 0.08
CA THR A 129 41.63 13.37 0.60
C THR A 129 41.26 13.66 2.04
N ASP A 130 42.05 13.10 2.93
CA ASP A 130 41.84 13.25 4.38
C ASP A 130 41.89 14.71 4.79
N MET B 4 -13.26 -17.10 -7.44
CA MET B 4 -13.61 -18.49 -7.07
C MET B 4 -14.54 -18.49 -5.87
N ALA B 5 -14.98 -19.68 -5.46
CA ALA B 5 -15.88 -19.84 -4.31
C ALA B 5 -17.14 -18.99 -4.48
N THR B 6 -17.69 -19.04 -5.68
CA THR B 6 -18.90 -18.28 -6.01
C THR B 6 -20.15 -18.92 -5.41
N SER B 7 -20.24 -18.92 -4.08
CA SER B 7 -21.38 -19.49 -3.38
C SER B 7 -22.45 -18.44 -3.13
N SER B 8 -22.08 -17.19 -3.38
CA SER B 8 -22.98 -16.05 -3.20
C SER B 8 -22.49 -14.90 -4.07
N GLU B 9 -21.18 -14.82 -4.22
CA GLU B 9 -20.55 -13.82 -5.05
C GLU B 9 -19.17 -14.33 -5.44
N GLU B 10 -18.53 -13.65 -6.38
CA GLU B 10 -17.21 -14.06 -6.83
C GLU B 10 -16.14 -13.62 -5.85
N VAL B 11 -15.56 -14.59 -5.16
CA VAL B 11 -14.51 -14.32 -4.18
C VAL B 11 -13.15 -14.24 -4.85
N LEU B 12 -12.47 -13.13 -4.66
CA LEU B 12 -11.16 -12.91 -5.25
C LEU B 12 -10.07 -13.29 -4.26
N LEU B 13 -10.21 -12.86 -3.02
CA LEU B 13 -9.23 -13.13 -1.99
C LEU B 13 -9.83 -13.96 -0.87
N ILE B 14 -9.29 -15.16 -0.66
CA ILE B 14 -9.76 -16.02 0.40
C ILE B 14 -8.73 -16.04 1.53
N VAL B 15 -9.13 -15.48 2.66
CA VAL B 15 -8.28 -15.39 3.82
C VAL B 15 -8.76 -16.35 4.90
N LYS B 16 -8.00 -17.42 5.11
CA LYS B 16 -8.37 -18.43 6.10
C LYS B 16 -7.89 -18.06 7.49
N LYS B 17 -8.35 -18.83 8.48
CA LYS B 17 -8.01 -18.61 9.88
C LYS B 17 -8.23 -17.16 10.29
N VAL B 18 -9.46 -16.69 10.16
CA VAL B 18 -9.81 -15.34 10.53
C VAL B 18 -10.92 -15.35 11.55
N ARG B 19 -10.81 -14.51 12.54
CA ARG B 19 -11.81 -14.47 13.60
C ARG B 19 -12.49 -13.13 13.67
N GLN B 20 -13.70 -13.13 14.21
CA GLN B 20 -14.45 -11.93 14.39
C GLN B 20 -15.14 -11.96 15.74
N LYS B 21 -14.58 -11.20 16.69
CA LYS B 21 -15.11 -11.09 18.03
C LYS B 21 -15.53 -12.43 18.65
N LYS B 22 -14.54 -13.31 18.87
CA LYS B 22 -14.74 -14.62 19.48
C LYS B 22 -15.24 -15.67 18.50
N GLN B 23 -15.42 -15.31 17.25
CA GLN B 23 -15.90 -16.26 16.26
C GLN B 23 -14.77 -16.66 15.33
N ASP B 24 -14.45 -17.95 15.34
CA ASP B 24 -13.39 -18.47 14.50
C ASP B 24 -13.96 -18.85 13.13
N GLY B 25 -13.39 -18.30 12.08
CA GLY B 25 -13.89 -18.61 10.76
C GLY B 25 -12.90 -18.31 9.65
N ALA B 26 -13.43 -17.74 8.58
CA ALA B 26 -12.65 -17.43 7.41
C ALA B 26 -13.19 -16.20 6.69
N LEU B 27 -12.28 -15.41 6.18
CA LEU B 27 -12.60 -14.19 5.48
C LEU B 27 -12.52 -14.37 3.98
N TYR B 28 -13.55 -13.94 3.26
CA TYR B 28 -13.56 -14.06 1.81
C TYR B 28 -13.91 -12.70 1.18
N LEU B 29 -13.01 -12.16 0.38
CA LEU B 29 -13.25 -10.88 -0.27
C LEU B 29 -13.91 -11.12 -1.63
N MET B 30 -15.17 -10.74 -1.74
CA MET B 30 -15.90 -10.90 -3.00
C MET B 30 -15.83 -9.61 -3.80
N ALA B 31 -16.13 -9.71 -5.08
CA ALA B 31 -16.09 -8.59 -6.01
C ALA B 31 -16.71 -7.30 -5.47
N GLU B 32 -17.86 -7.38 -4.83
CA GLU B 32 -18.52 -6.19 -4.33
C GLU B 32 -18.53 -6.08 -2.80
N ARG B 33 -18.13 -7.14 -2.09
CA ARG B 33 -18.18 -7.08 -0.64
C ARG B 33 -17.22 -8.03 0.06
N ILE B 34 -16.79 -7.61 1.23
CA ILE B 34 -15.93 -8.40 2.09
C ILE B 34 -16.85 -9.20 3.01
N ALA B 35 -16.88 -10.49 2.83
CA ALA B 35 -17.75 -11.33 3.63
C ALA B 35 -16.95 -12.34 4.41
N TRP B 36 -17.26 -12.45 5.67
CA TRP B 36 -16.57 -13.36 6.54
C TRP B 36 -17.56 -14.42 7.04
N ALA B 37 -17.12 -15.67 7.07
CA ALA B 37 -17.95 -16.77 7.52
C ALA B 37 -17.22 -17.61 8.55
N PRO B 38 -17.96 -18.34 9.39
CA PRO B 38 -17.37 -19.22 10.40
C PRO B 38 -16.92 -20.53 9.78
N GLU B 39 -15.82 -21.09 10.27
CA GLU B 39 -15.32 -22.34 9.73
C GLU B 39 -16.29 -23.46 9.99
N GLY B 40 -16.84 -24.02 8.92
CA GLY B 40 -17.80 -25.09 9.04
C GLY B 40 -19.19 -24.62 8.68
N LYS B 41 -19.30 -23.35 8.31
CA LYS B 41 -20.58 -22.79 7.92
C LYS B 41 -20.59 -22.49 6.43
N ASP B 42 -21.72 -22.77 5.81
CA ASP B 42 -21.92 -22.55 4.38
C ASP B 42 -22.32 -21.11 4.08
N ARG B 43 -22.60 -20.35 5.12
CA ARG B 43 -23.06 -18.98 4.93
C ARG B 43 -22.19 -17.97 5.66
N PHE B 44 -21.92 -16.87 4.98
CA PHE B 44 -21.13 -15.79 5.55
C PHE B 44 -22.02 -15.01 6.51
N THR B 45 -21.64 -14.99 7.78
CA THR B 45 -22.43 -14.30 8.79
C THR B 45 -22.16 -12.81 8.81
N ILE B 46 -21.23 -12.38 7.97
CA ILE B 46 -20.87 -10.98 7.85
C ILE B 46 -20.57 -10.64 6.43
N SER B 47 -21.18 -9.58 5.94
CA SER B 47 -20.91 -9.16 4.60
C SER B 47 -21.02 -7.65 4.50
N HIS B 48 -19.90 -6.98 4.23
CA HIS B 48 -19.90 -5.53 4.10
C HIS B 48 -19.54 -5.12 2.69
N MET B 49 -20.35 -4.28 2.09
CA MET B 49 -20.05 -3.78 0.77
C MET B 49 -18.97 -2.74 0.94
N TYR B 50 -18.07 -2.63 -0.02
CA TYR B 50 -16.98 -1.67 0.09
C TYR B 50 -17.51 -0.26 0.23
N ALA B 51 -18.73 -0.04 -0.24
CA ALA B 51 -19.35 1.26 -0.16
C ALA B 51 -19.56 1.66 1.28
N ASP B 52 -20.05 0.72 2.08
CA ASP B 52 -20.39 0.98 3.49
C ASP B 52 -19.16 1.06 4.34
N ILE B 53 -18.07 0.59 3.82
CA ILE B 53 -16.83 0.63 4.57
C ILE B 53 -16.24 2.02 4.42
N LYS B 54 -16.28 2.80 5.47
CA LYS B 54 -15.75 4.16 5.42
C LYS B 54 -14.23 4.17 5.37
N CYS B 55 -13.61 3.24 6.10
CA CYS B 55 -12.15 3.17 6.15
C CYS B 55 -11.69 1.82 6.68
N GLN B 56 -10.50 1.37 6.28
CA GLN B 56 -9.97 0.10 6.76
C GLN B 56 -8.71 0.34 7.59
N LYS B 57 -8.70 -0.17 8.81
CA LYS B 57 -7.56 -0.01 9.69
C LYS B 57 -6.99 -1.38 9.97
N ILE B 58 -5.68 -1.49 10.12
CA ILE B 58 -5.09 -2.81 10.27
C ILE B 58 -3.85 -2.86 11.14
N SER B 59 -3.90 -3.64 12.21
CA SER B 59 -2.78 -3.78 13.11
C SER B 59 -1.74 -4.77 12.58
N PRO B 60 -0.53 -4.25 12.30
CA PRO B 60 0.63 -4.99 11.78
C PRO B 60 1.46 -5.64 12.89
N GLU B 61 2.55 -6.30 12.48
CA GLU B 61 3.49 -6.97 13.40
C GLU B 61 3.77 -6.12 14.64
N GLY B 62 4.16 -6.80 15.71
CA GLY B 62 4.43 -6.13 16.97
C GLY B 62 3.51 -6.70 18.03
N LYS B 63 2.29 -6.96 17.62
CA LYS B 63 1.28 -7.56 18.47
C LYS B 63 1.03 -8.97 17.99
N ALA B 64 0.67 -9.86 18.91
CA ALA B 64 0.39 -11.24 18.58
C ALA B 64 -1.00 -11.38 17.98
N LYS B 65 -1.56 -10.26 17.62
CA LYS B 65 -2.87 -10.21 17.03
C LYS B 65 -2.89 -9.21 15.88
N ILE B 66 -3.05 -9.74 14.69
CA ILE B 66 -3.13 -8.92 13.49
C ILE B 66 -4.60 -8.71 13.20
N GLN B 67 -5.03 -7.47 13.11
CA GLN B 67 -6.45 -7.23 12.91
C GLN B 67 -6.77 -6.26 11.80
N LEU B 68 -7.89 -6.53 11.15
CA LEU B 68 -8.46 -5.69 10.12
C LEU B 68 -9.76 -5.13 10.66
N GLN B 69 -9.78 -3.84 10.92
CA GLN B 69 -10.97 -3.22 11.46
C GLN B 69 -11.63 -2.36 10.39
N LEU B 70 -12.82 -2.75 9.98
CA LEU B 70 -13.55 -2.01 8.97
C LEU B 70 -14.40 -0.95 9.63
N VAL B 71 -13.92 0.27 9.63
CA VAL B 71 -14.65 1.37 10.23
C VAL B 71 -15.66 1.90 9.23
N LEU B 72 -16.91 1.71 9.58
CA LEU B 72 -18.01 2.10 8.72
C LEU B 72 -18.38 3.57 8.90
N HIS B 73 -19.26 4.05 8.03
CA HIS B 73 -19.70 5.45 8.01
C HIS B 73 -20.19 5.97 9.37
N ALA B 74 -21.17 5.28 9.94
CA ALA B 74 -21.77 5.69 11.22
C ALA B 74 -20.77 5.67 12.36
N GLY B 75 -19.64 5.04 12.15
CA GLY B 75 -18.63 4.94 13.18
C GLY B 75 -18.50 3.51 13.62
N ASP B 76 -19.24 2.65 12.93
CA ASP B 76 -19.25 1.23 13.19
C ASP B 76 -17.93 0.65 12.80
N THR B 77 -17.75 -0.62 13.07
CA THR B 77 -16.52 -1.30 12.76
C THR B 77 -16.71 -2.81 12.69
N THR B 78 -15.75 -3.47 12.07
CA THR B 78 -15.75 -4.90 11.96
C THR B 78 -14.35 -5.41 12.28
N ASN B 79 -14.20 -6.10 13.39
CA ASN B 79 -12.88 -6.60 13.81
C ASN B 79 -12.59 -7.99 13.28
N PHE B 80 -11.80 -8.06 12.22
CA PHE B 80 -11.39 -9.33 11.64
C PHE B 80 -9.96 -9.61 12.04
N HIS B 81 -9.78 -10.56 12.92
CA HIS B 81 -8.48 -10.93 13.42
C HIS B 81 -7.87 -12.03 12.57
N PHE B 82 -6.74 -11.72 11.95
CA PHE B 82 -6.01 -12.66 11.12
C PHE B 82 -5.26 -13.57 12.08
N SER B 83 -5.72 -14.80 12.23
CA SER B 83 -5.08 -15.69 13.19
C SER B 83 -4.34 -16.86 12.55
N ASN B 84 -3.86 -16.67 11.32
CA ASN B 84 -3.08 -17.71 10.66
C ASN B 84 -1.63 -17.51 11.03
N GLU B 85 -1.18 -18.25 12.04
CA GLU B 85 0.20 -18.15 12.54
C GLU B 85 1.27 -18.12 11.43
N SER B 86 0.96 -18.69 10.27
CA SER B 86 1.89 -18.72 9.16
C SER B 86 2.05 -17.34 8.49
N THR B 87 0.97 -16.77 7.99
CA THR B 87 1.04 -15.50 7.28
C THR B 87 0.02 -14.48 7.78
N ALA B 88 -0.40 -14.60 9.04
CA ALA B 88 -1.41 -13.72 9.64
C ALA B 88 -1.25 -12.25 9.24
N VAL B 89 -0.05 -11.73 9.32
CA VAL B 89 0.17 -10.34 8.98
C VAL B 89 0.18 -10.15 7.48
N LYS B 90 0.79 -11.08 6.77
CA LYS B 90 0.88 -11.00 5.31
C LYS B 90 -0.51 -11.06 4.72
N GLU B 91 -1.41 -11.78 5.40
CA GLU B 91 -2.79 -11.85 4.99
C GLU B 91 -3.35 -10.45 5.06
N ARG B 92 -3.18 -9.83 6.23
CA ARG B 92 -3.64 -8.47 6.47
C ARG B 92 -3.28 -7.53 5.34
N ASP B 93 -2.00 -7.54 4.97
CA ASP B 93 -1.47 -6.68 3.92
C ASP B 93 -2.18 -6.91 2.58
N ALA B 94 -2.37 -8.17 2.20
CA ALA B 94 -3.03 -8.48 0.93
C ALA B 94 -4.50 -8.07 0.97
N VAL B 95 -5.19 -8.44 2.05
CA VAL B 95 -6.60 -8.08 2.23
C VAL B 95 -6.70 -6.54 2.21
N LYS B 96 -5.66 -5.91 2.75
CA LYS B 96 -5.54 -4.45 2.83
C LYS B 96 -5.43 -3.83 1.44
N ASP B 97 -4.36 -4.17 0.73
CA ASP B 97 -4.10 -3.61 -0.59
C ASP B 97 -5.28 -3.85 -1.53
N LEU B 98 -5.88 -5.01 -1.39
CA LEU B 98 -7.02 -5.37 -2.22
C LEU B 98 -8.27 -4.61 -1.81
N LEU B 99 -8.69 -4.77 -0.55
CA LEU B 99 -9.90 -4.09 -0.05
C LEU B 99 -9.82 -2.59 -0.24
N GLN B 100 -8.64 -2.06 0.01
CA GLN B 100 -8.41 -0.64 -0.10
C GLN B 100 -8.67 -0.21 -1.56
N GLN B 101 -8.23 -1.04 -2.52
CA GLN B 101 -8.45 -0.76 -3.93
C GLN B 101 -9.91 -1.01 -4.29
N LEU B 102 -10.55 -1.85 -3.50
CA LEU B 102 -11.96 -2.19 -3.69
C LEU B 102 -12.86 -1.04 -3.25
N LEU B 103 -12.34 -0.22 -2.34
CA LEU B 103 -13.09 0.89 -1.80
C LEU B 103 -13.44 1.95 -2.84
N PRO B 104 -12.45 2.54 -3.56
CA PRO B 104 -12.72 3.59 -4.53
C PRO B 104 -13.73 3.13 -5.59
N LYS B 105 -13.80 1.82 -5.78
CA LYS B 105 -14.75 1.23 -6.72
C LYS B 105 -16.16 1.54 -6.25
N PHE B 106 -16.30 1.70 -4.93
CA PHE B 106 -17.59 1.99 -4.32
C PHE B 106 -17.63 3.41 -3.76
N LYS B 107 -16.65 4.22 -4.15
CA LYS B 107 -16.58 5.60 -3.70
C LYS B 107 -16.97 6.55 -4.82
N ARG B 108 -16.99 7.84 -4.52
CA ARG B 108 -17.33 8.84 -5.52
C ARG B 108 -16.27 8.89 -6.60
N LYS B 109 -16.70 9.03 -7.84
CA LYS B 109 -15.77 9.07 -8.96
C LYS B 109 -15.37 10.51 -9.26
N ALA B 110 -14.58 10.69 -10.32
CA ALA B 110 -14.12 12.01 -10.72
C ALA B 110 -15.24 12.81 -11.38
N ASN B 111 -15.87 13.67 -10.60
CA ASN B 111 -16.96 14.50 -11.07
C ASN B 111 -17.27 15.53 -9.99
N MET A 4 -11.09 -20.04 19.84
CA MET A 4 -9.67 -20.37 20.12
C MET A 4 -8.88 -19.13 20.51
N SER A 5 -8.25 -18.47 19.53
CA SER A 5 -7.48 -17.27 19.81
C SER A 5 -8.42 -16.07 19.92
N ASP A 6 -9.27 -16.11 20.94
CA ASP A 6 -10.27 -15.08 21.17
C ASP A 6 -9.73 -13.91 21.98
N ASN A 7 -8.44 -13.68 21.85
CA ASN A 7 -7.76 -12.59 22.56
C ASN A 7 -7.98 -11.26 21.82
N GLU A 8 -8.95 -11.25 20.91
CA GLU A 8 -9.26 -10.06 20.09
C GLU A 8 -10.09 -9.03 20.83
N ASP A 9 -10.31 -9.29 22.08
CA ASP A 9 -11.06 -8.39 22.94
C ASP A 9 -10.33 -8.20 24.26
N ASN A 10 -9.06 -8.57 24.25
CA ASN A 10 -8.24 -8.45 25.44
C ASN A 10 -7.19 -7.37 25.22
N PHE A 11 -7.34 -6.68 24.11
CA PHE A 11 -6.44 -5.61 23.76
C PHE A 11 -7.09 -4.27 24.04
N ASP A 12 -6.30 -3.22 23.93
CA ASP A 12 -6.75 -1.87 24.15
C ASP A 12 -5.68 -0.96 23.65
N GLY A 13 -5.82 -0.63 22.40
CA GLY A 13 -4.87 0.25 21.76
C GLY A 13 -4.12 -0.39 20.63
N ASP A 14 -4.75 -1.37 19.99
CA ASP A 14 -4.14 -2.06 18.84
C ASP A 14 -3.39 -1.07 17.96
N ASP A 15 -2.17 -1.43 17.58
CA ASP A 15 -1.28 -0.60 16.75
C ASP A 15 -1.78 -0.43 15.33
N PHE A 16 -3.09 -0.29 15.18
CA PHE A 16 -3.72 -0.14 13.87
C PHE A 16 -3.03 0.90 13.00
N ASP A 17 -2.40 0.43 11.94
CA ASP A 17 -1.80 1.31 10.96
C ASP A 17 -2.93 1.62 10.02
N ASP A 18 -3.70 2.63 10.39
CA ASP A 18 -4.85 3.01 9.61
C ASP A 18 -4.45 3.21 8.17
N VAL A 19 -5.05 2.41 7.33
CA VAL A 19 -4.75 2.47 5.93
C VAL A 19 -5.85 3.12 5.13
N GLU A 20 -5.66 4.38 4.85
CA GLU A 20 -6.55 5.09 3.98
C GLU A 20 -5.90 4.95 2.62
N GLU A 21 -6.43 4.05 1.81
CA GLU A 21 -5.84 3.71 0.51
C GLU A 21 -5.47 4.94 -0.33
N ASP A 22 -4.23 4.89 -0.78
CA ASP A 22 -3.62 5.90 -1.64
C ASP A 22 -2.26 5.38 -2.04
N GLU A 23 -2.25 4.41 -2.93
CA GLU A 23 -1.01 3.81 -3.39
C GLU A 23 -0.69 4.22 -4.81
N GLY A 24 0.54 3.97 -5.23
CA GLY A 24 0.96 4.33 -6.57
C GLY A 24 1.95 5.47 -6.54
N LEU A 25 1.94 6.22 -5.45
CA LEU A 25 2.84 7.35 -5.27
C LEU A 25 4.26 6.84 -5.09
N ASP A 26 5.22 7.49 -5.75
CA ASP A 26 6.61 7.09 -5.65
C ASP A 26 7.27 7.64 -4.39
N ASP A 27 8.35 7.00 -3.97
CA ASP A 27 9.07 7.41 -2.76
C ASP A 27 9.85 8.70 -3.02
N LEU A 28 10.33 8.86 -4.25
CA LEU A 28 11.09 10.03 -4.62
C LEU A 28 10.23 11.03 -5.37
N GLU A 29 8.92 10.88 -5.28
CA GLU A 29 7.99 11.78 -5.96
C GLU A 29 7.93 13.12 -5.22
N ASN A 30 7.74 14.19 -5.97
CA ASN A 30 7.67 15.52 -5.39
C ASN A 30 6.51 16.31 -6.00
N ALA A 31 6.17 17.41 -5.38
CA ALA A 31 5.08 18.27 -5.85
C ALA A 31 5.46 19.73 -5.66
N GLU A 32 6.33 20.22 -6.52
CA GLU A 32 6.78 21.61 -6.45
C GLU A 32 5.74 22.58 -7.03
N GLU A 33 4.64 22.69 -6.31
CA GLU A 33 3.55 23.58 -6.71
C GLU A 33 3.21 24.50 -5.55
N GLU A 34 2.19 25.33 -5.71
CA GLU A 34 1.80 26.24 -4.64
C GLU A 34 0.89 25.53 -3.63
N GLY A 35 0.85 26.06 -2.43
CA GLY A 35 0.06 25.48 -1.37
C GLY A 35 0.93 25.22 -0.15
N GLN A 36 1.96 26.05 0.01
CA GLN A 36 2.88 25.92 1.13
C GLN A 36 2.25 26.40 2.42
N GLU A 37 1.41 25.57 3.00
CA GLU A 37 0.75 25.90 4.26
C GLU A 37 1.50 25.30 5.43
N ASN A 38 2.38 26.09 6.00
CA ASN A 38 3.16 25.67 7.15
C ASN A 38 2.87 26.63 8.30
N VAL A 39 2.20 26.11 9.32
CA VAL A 39 1.81 26.93 10.45
C VAL A 39 2.44 26.46 11.76
N GLU A 40 2.45 27.36 12.73
CA GLU A 40 2.99 27.09 14.05
C GLU A 40 1.88 27.19 15.08
N ILE A 41 2.01 26.45 16.17
CA ILE A 41 1.02 26.48 17.23
C ILE A 41 1.61 27.12 18.49
N LEU A 42 1.19 28.34 18.75
CA LEU A 42 1.68 29.08 19.90
C LEU A 42 0.56 29.27 20.91
N PRO A 43 0.89 29.28 22.21
CA PRO A 43 -0.10 29.48 23.24
C PRO A 43 -0.33 30.96 23.48
N SER A 44 -1.57 31.41 23.31
CA SER A 44 -1.93 32.81 23.49
C SER A 44 -1.66 33.29 24.90
N GLY A 45 -1.66 34.60 25.04
CA GLY A 45 -1.38 35.24 26.29
C GLY A 45 -0.25 36.22 26.10
N GLU A 46 0.57 35.93 25.09
CA GLU A 46 1.67 36.79 24.71
C GLU A 46 1.25 37.54 23.46
N ARG A 47 0.37 36.85 22.77
CA ARG A 47 -0.26 37.25 21.52
C ARG A 47 0.63 38.07 20.60
N PRO A 48 1.46 37.41 19.79
CA PRO A 48 2.26 38.11 18.81
C PRO A 48 1.34 38.51 17.66
N GLN A 49 1.27 39.79 17.38
CA GLN A 49 0.39 40.27 16.34
C GLN A 49 1.16 41.06 15.31
N ALA A 50 0.76 40.89 14.06
CA ALA A 50 1.36 41.60 12.96
C ALA A 50 0.74 42.98 12.84
N ASN A 51 0.98 43.68 11.75
CA ASN A 51 0.41 45.01 11.59
C ASN A 51 0.03 45.31 10.15
N GLN A 52 -0.51 44.32 9.47
CA GLN A 52 -0.93 44.48 8.09
C GLN A 52 -2.28 43.81 7.89
N LYS A 53 -2.94 44.12 6.78
CA LYS A 53 -4.23 43.51 6.50
C LYS A 53 -4.02 42.04 6.17
N ARG A 54 -4.74 41.17 6.87
CA ARG A 54 -4.62 39.74 6.66
C ARG A 54 -4.93 39.36 5.21
N ILE A 55 -3.97 38.74 4.55
CA ILE A 55 -4.14 38.33 3.17
C ILE A 55 -4.68 36.91 3.12
N THR A 56 -4.59 36.23 4.25
CA THR A 56 -5.06 34.86 4.36
C THR A 56 -6.55 34.80 4.71
N THR A 57 -7.02 33.64 5.14
CA THR A 57 -8.43 33.47 5.44
C THR A 57 -8.63 33.12 6.92
N PRO A 58 -9.61 33.78 7.55
CA PRO A 58 -9.96 33.56 8.96
C PRO A 58 -10.77 32.27 9.14
N TYR A 59 -10.18 31.15 8.73
CA TYR A 59 -10.84 29.87 8.81
C TYR A 59 -9.87 28.83 9.29
N MET A 60 -10.38 27.81 9.93
CA MET A 60 -9.56 26.73 10.42
C MET A 60 -10.10 25.40 9.92
N THR A 61 -9.37 24.77 9.05
CA THR A 61 -9.77 23.50 8.48
C THR A 61 -9.32 22.36 9.38
N LYS A 62 -9.23 21.16 8.82
CA LYS A 62 -8.81 19.99 9.58
C LYS A 62 -7.30 20.02 9.82
N TYR A 63 -6.60 20.81 9.01
CA TYR A 63 -5.15 20.94 9.12
C TYR A 63 -4.75 21.62 10.42
N GLU A 64 -5.16 22.86 10.58
CA GLU A 64 -4.85 23.64 11.77
C GLU A 64 -5.57 23.08 12.98
N ARG A 65 -6.76 22.52 12.76
CA ARG A 65 -7.55 21.93 13.82
C ARG A 65 -6.75 20.86 14.55
N ALA A 66 -6.30 19.88 13.78
CA ALA A 66 -5.53 18.76 14.30
C ALA A 66 -4.26 19.25 15.00
N ARG A 67 -3.68 20.33 14.48
CA ARG A 67 -2.47 20.90 15.07
C ARG A 67 -2.77 21.42 16.47
N VAL A 68 -3.85 22.18 16.59
CA VAL A 68 -4.26 22.75 17.88
C VAL A 68 -4.72 21.63 18.81
N LEU A 69 -5.50 20.71 18.25
CA LEU A 69 -6.04 19.57 18.98
C LEU A 69 -4.92 18.75 19.61
N GLY A 70 -3.92 18.40 18.81
CA GLY A 70 -2.80 17.61 19.32
C GLY A 70 -2.06 18.33 20.43
N THR A 71 -1.91 19.65 20.28
CA THR A 71 -1.22 20.45 21.27
C THR A 71 -2.04 20.55 22.56
N ARG A 72 -3.35 20.77 22.43
CA ARG A 72 -4.22 20.88 23.60
C ARG A 72 -4.33 19.54 24.32
N ALA A 73 -4.39 18.45 23.56
CA ALA A 73 -4.43 17.12 24.16
C ALA A 73 -3.19 16.92 24.99
N LEU A 74 -2.06 17.39 24.47
CA LEU A 74 -0.80 17.31 25.19
C LEU A 74 -0.88 18.13 26.47
N GLN A 75 -1.59 19.26 26.38
CA GLN A 75 -1.73 20.13 27.54
C GLN A 75 -2.58 19.46 28.62
N ILE A 76 -3.81 19.08 28.27
CA ILE A 76 -4.72 18.45 29.23
C ILE A 76 -4.14 17.15 29.75
N ALA A 77 -3.41 16.45 28.90
CA ALA A 77 -2.77 15.21 29.27
C ALA A 77 -1.73 15.47 30.35
N MET A 78 -1.36 16.75 30.51
CA MET A 78 -0.40 17.18 31.51
C MET A 78 -1.14 17.87 32.65
N CYS A 79 -2.47 17.69 32.68
CA CYS A 79 -3.36 18.24 33.71
C CYS A 79 -3.72 19.71 33.45
N ALA A 80 -3.86 20.08 32.18
CA ALA A 80 -4.24 21.45 31.83
C ALA A 80 -5.71 21.68 32.09
N PRO A 81 -6.09 22.92 32.45
CA PRO A 81 -7.49 23.26 32.71
C PRO A 81 -8.38 23.12 31.48
N VAL A 82 -9.58 22.59 31.70
CA VAL A 82 -10.56 22.39 30.64
C VAL A 82 -11.54 23.57 30.63
N MET A 83 -11.89 24.06 29.44
CA MET A 83 -12.80 25.21 29.33
C MET A 83 -14.19 24.81 28.85
N VAL A 84 -14.39 23.52 28.63
CA VAL A 84 -15.69 23.02 28.19
C VAL A 84 -16.37 22.24 29.28
N GLU A 85 -17.63 22.02 29.05
CA GLU A 85 -18.48 21.29 29.95
C GLU A 85 -18.16 19.81 29.82
N LEU A 86 -18.24 19.07 30.91
CA LEU A 86 -17.93 17.66 30.88
C LEU A 86 -19.18 16.81 31.10
N GLU A 87 -19.57 16.08 30.05
CA GLU A 87 -20.72 15.21 30.11
C GLU A 87 -20.25 13.76 30.09
N GLY A 88 -19.04 13.56 30.62
CA GLY A 88 -18.45 12.24 30.66
C GLY A 88 -17.10 12.19 30.00
N GLU A 89 -16.78 13.20 29.18
CA GLU A 89 -15.49 13.26 28.51
C GLU A 89 -14.36 13.37 29.52
N THR A 90 -13.57 12.31 29.65
CA THR A 90 -12.47 12.29 30.59
C THR A 90 -11.13 12.19 29.86
N ASP A 91 -11.19 12.13 28.54
CA ASP A 91 -9.99 12.04 27.72
C ASP A 91 -9.64 13.40 27.12
N PRO A 92 -8.36 13.77 27.17
CA PRO A 92 -7.87 15.06 26.65
C PRO A 92 -8.28 15.32 25.20
N LEU A 93 -8.37 14.27 24.39
CA LEU A 93 -8.74 14.43 22.99
C LEU A 93 -10.21 14.83 22.87
N LEU A 94 -11.07 14.20 23.66
CA LEU A 94 -12.50 14.50 23.64
C LEU A 94 -12.73 15.94 24.05
N ILE A 95 -12.06 16.35 25.11
CA ILE A 95 -12.17 17.71 25.61
C ILE A 95 -11.61 18.70 24.60
N ALA A 96 -10.44 18.40 24.04
CA ALA A 96 -9.81 19.28 23.07
C ALA A 96 -10.72 19.48 21.86
N MET A 97 -11.39 18.41 21.44
CA MET A 97 -12.30 18.48 20.31
C MET A 97 -13.50 19.35 20.65
N LYS A 98 -14.00 19.15 21.87
CA LYS A 98 -15.14 19.89 22.37
C LYS A 98 -14.81 21.38 22.43
N GLU A 99 -13.63 21.70 22.95
CA GLU A 99 -13.19 23.07 23.07
C GLU A 99 -12.92 23.70 21.71
N LEU A 100 -12.20 22.99 20.86
CA LEU A 100 -11.86 23.49 19.53
C LEU A 100 -13.11 23.82 18.72
N LYS A 101 -14.11 22.96 18.80
CA LYS A 101 -15.34 23.17 18.05
C LYS A 101 -16.15 24.30 18.66
N ALA A 102 -15.99 24.49 19.96
CA ALA A 102 -16.72 25.53 20.65
C ALA A 102 -15.91 26.81 20.75
N ARG A 103 -14.75 26.84 20.08
CA ARG A 103 -13.85 28.00 20.08
C ARG A 103 -13.36 28.31 21.50
N LYS A 104 -13.33 27.29 22.34
CA LYS A 104 -12.91 27.44 23.73
C LYS A 104 -11.45 27.06 23.91
N ILE A 105 -10.63 27.35 22.91
CA ILE A 105 -9.21 27.04 22.99
C ILE A 105 -8.37 28.28 22.70
N PRO A 106 -7.62 28.75 23.69
CA PRO A 106 -6.76 29.91 23.52
C PRO A 106 -5.40 29.52 22.94
N ILE A 107 -5.25 29.69 21.64
CA ILE A 107 -4.02 29.34 20.95
C ILE A 107 -3.89 30.16 19.65
N ILE A 108 -2.70 30.69 19.40
CA ILE A 108 -2.44 31.44 18.20
C ILE A 108 -1.78 30.57 17.15
N ILE A 109 -2.33 30.59 15.94
CA ILE A 109 -1.81 29.81 14.84
C ILE A 109 -1.02 30.72 13.90
N ARG A 110 0.28 30.54 13.90
CA ARG A 110 1.16 31.32 13.04
C ARG A 110 1.18 30.70 11.65
N ARG A 111 0.59 31.37 10.68
CA ARG A 111 0.55 30.85 9.32
C ARG A 111 1.63 31.50 8.46
N TYR A 112 2.47 30.69 7.84
CA TYR A 112 3.54 31.20 6.99
C TYR A 112 3.13 31.23 5.53
N LEU A 113 3.71 32.15 4.77
CA LEU A 113 3.41 32.27 3.36
C LEU A 113 4.59 31.75 2.54
N PRO A 114 4.36 31.41 1.25
CA PRO A 114 5.41 30.87 0.36
C PRO A 114 6.58 31.83 0.13
N ASP A 115 6.41 33.09 0.52
CA ASP A 115 7.45 34.10 0.36
C ASP A 115 8.38 34.11 1.57
N GLY A 116 7.95 33.44 2.64
CA GLY A 116 8.76 33.38 3.84
C GLY A 116 8.17 34.23 4.96
N SER A 117 7.08 34.92 4.68
CA SER A 117 6.43 35.75 5.69
C SER A 117 5.45 34.92 6.51
N TYR A 118 4.77 35.55 7.45
CA TYR A 118 3.80 34.86 8.28
C TYR A 118 2.81 35.83 8.92
N GLU A 119 1.59 35.36 9.09
CA GLU A 119 0.53 36.15 9.69
C GLU A 119 0.05 35.46 10.97
N ASP A 120 -0.31 36.24 11.98
CA ASP A 120 -0.80 35.68 13.23
C ASP A 120 -2.28 35.40 13.08
N TRP A 121 -2.73 34.26 13.59
CA TRP A 121 -4.13 33.89 13.50
C TRP A 121 -4.59 33.11 14.73
N GLY A 122 -5.32 33.76 15.61
CA GLY A 122 -5.80 33.08 16.79
C GLY A 122 -7.07 32.32 16.52
N VAL A 123 -7.43 31.38 17.40
CA VAL A 123 -8.65 30.59 17.24
C VAL A 123 -9.84 31.53 17.30
N ASP A 124 -9.61 32.65 17.95
CA ASP A 124 -10.60 33.70 18.11
C ASP A 124 -11.00 34.27 16.75
N GLU A 125 -10.05 34.34 15.82
CA GLU A 125 -10.31 34.89 14.50
C GLU A 125 -10.46 33.80 13.44
N LEU A 126 -10.45 32.54 13.85
CA LEU A 126 -10.58 31.45 12.88
C LEU A 126 -11.88 30.68 13.02
N ILE A 127 -12.58 30.56 11.90
CA ILE A 127 -13.82 29.83 11.85
C ILE A 127 -13.50 28.38 11.48
N ILE A 128 -13.68 27.49 12.43
CA ILE A 128 -13.36 26.08 12.21
C ILE A 128 -14.41 25.38 11.35
N THR A 129 -13.93 24.61 10.41
CA THR A 129 -14.78 23.83 9.54
C THR A 129 -14.65 22.37 9.92
N ASP A 130 -15.66 21.88 10.61
CA ASP A 130 -15.72 20.51 11.10
C ASP A 130 -15.40 19.51 9.99
N MET B 4 -22.27 -23.30 -0.17
CA MET B 4 -22.48 -21.90 -0.58
C MET B 4 -23.79 -21.79 -1.35
N ALA B 5 -24.89 -22.19 -0.72
CA ALA B 5 -26.21 -22.14 -1.34
C ALA B 5 -26.81 -20.73 -1.18
N THR B 6 -26.11 -19.76 -1.72
CA THR B 6 -26.54 -18.37 -1.65
C THR B 6 -25.90 -17.59 -2.78
N SER B 7 -26.70 -16.79 -3.48
CA SER B 7 -26.23 -15.98 -4.59
C SER B 7 -25.17 -14.98 -4.14
N SER B 8 -24.00 -15.06 -4.75
CA SER B 8 -22.90 -14.16 -4.44
C SER B 8 -21.96 -14.07 -5.64
N GLU B 9 -21.24 -12.97 -5.73
CA GLU B 9 -20.31 -12.75 -6.82
C GLU B 9 -18.98 -13.46 -6.55
N GLU B 10 -18.06 -13.38 -7.51
CA GLU B 10 -16.75 -14.01 -7.41
C GLU B 10 -15.95 -13.47 -6.22
N VAL B 11 -15.23 -14.38 -5.56
CA VAL B 11 -14.40 -14.02 -4.42
C VAL B 11 -12.95 -13.88 -4.88
N LEU B 12 -12.46 -12.66 -4.89
CA LEU B 12 -11.10 -12.37 -5.34
C LEU B 12 -10.05 -12.80 -4.32
N LEU B 13 -10.34 -12.56 -3.04
CA LEU B 13 -9.39 -12.92 -1.99
C LEU B 13 -10.04 -13.79 -0.92
N ILE B 14 -9.50 -14.98 -0.71
CA ILE B 14 -10.02 -15.88 0.31
C ILE B 14 -9.01 -15.98 1.44
N VAL B 15 -9.37 -15.42 2.58
CA VAL B 15 -8.51 -15.40 3.75
C VAL B 15 -9.03 -16.37 4.80
N LYS B 16 -8.32 -17.47 4.99
CA LYS B 16 -8.72 -18.49 5.96
C LYS B 16 -8.20 -18.17 7.36
N LYS B 17 -8.72 -18.90 8.34
CA LYS B 17 -8.35 -18.74 9.74
C LYS B 17 -8.51 -17.30 10.20
N VAL B 18 -9.73 -16.80 10.12
CA VAL B 18 -10.02 -15.43 10.52
C VAL B 18 -11.12 -15.41 11.56
N ARG B 19 -10.93 -14.63 12.60
CA ARG B 19 -11.88 -14.52 13.67
C ARG B 19 -12.64 -13.22 13.64
N GLN B 20 -13.83 -13.25 14.21
CA GLN B 20 -14.65 -12.07 14.34
C GLN B 20 -15.42 -12.15 15.65
N LYS B 21 -14.91 -11.39 16.62
CA LYS B 21 -15.48 -11.30 17.96
C LYS B 21 -15.96 -12.63 18.53
N LYS B 22 -15.00 -13.53 18.75
CA LYS B 22 -15.21 -14.86 19.34
C LYS B 22 -15.75 -15.86 18.33
N GLN B 23 -15.45 -15.66 17.07
CA GLN B 23 -15.93 -16.58 16.06
C GLN B 23 -14.80 -17.00 15.15
N ASP B 24 -14.50 -18.30 15.12
CA ASP B 24 -13.47 -18.83 14.25
C ASP B 24 -14.08 -19.07 12.89
N GLY B 25 -13.60 -18.37 11.88
CA GLY B 25 -14.15 -18.55 10.56
C GLY B 25 -13.17 -18.25 9.46
N ALA B 26 -13.69 -17.68 8.39
CA ALA B 26 -12.91 -17.37 7.23
C ALA B 26 -13.43 -16.13 6.52
N LEU B 27 -12.52 -15.34 6.03
CA LEU B 27 -12.83 -14.10 5.35
C LEU B 27 -12.77 -14.28 3.84
N TYR B 28 -13.80 -13.82 3.16
CA TYR B 28 -13.84 -13.90 1.70
C TYR B 28 -14.15 -12.53 1.11
N LEU B 29 -13.26 -12.03 0.28
CA LEU B 29 -13.45 -10.73 -0.35
C LEU B 29 -14.07 -10.90 -1.72
N MET B 30 -15.36 -10.63 -1.83
CA MET B 30 -16.05 -10.74 -3.10
C MET B 30 -15.89 -9.44 -3.87
N ALA B 31 -16.06 -9.50 -5.18
CA ALA B 31 -15.90 -8.35 -6.07
C ALA B 31 -16.57 -7.07 -5.57
N GLU B 32 -17.75 -7.17 -4.96
CA GLU B 32 -18.46 -5.98 -4.49
C GLU B 32 -18.60 -5.91 -2.97
N ARG B 33 -18.23 -6.97 -2.26
CA ARG B 33 -18.38 -6.97 -0.80
C ARG B 33 -17.45 -7.92 -0.07
N ILE B 34 -17.03 -7.51 1.12
CA ILE B 34 -16.18 -8.31 1.98
C ILE B 34 -17.13 -9.09 2.89
N ALA B 35 -17.18 -10.39 2.71
CA ALA B 35 -18.07 -11.22 3.50
C ALA B 35 -17.29 -12.25 4.27
N TRP B 36 -17.46 -12.23 5.57
CA TRP B 36 -16.78 -13.16 6.43
C TRP B 36 -17.78 -14.19 6.94
N ALA B 37 -17.36 -15.44 6.94
CA ALA B 37 -18.20 -16.53 7.39
C ALA B 37 -17.47 -17.34 8.45
N PRO B 38 -18.20 -18.12 9.26
CA PRO B 38 -17.58 -18.95 10.29
C PRO B 38 -17.07 -20.24 9.67
N GLU B 39 -16.12 -20.89 10.32
CA GLU B 39 -15.57 -22.13 9.79
C GLU B 39 -16.59 -23.25 9.85
N GLY B 40 -16.56 -24.10 8.83
CA GLY B 40 -17.49 -25.21 8.75
C GLY B 40 -18.88 -24.75 8.39
N LYS B 41 -18.98 -23.59 7.74
CA LYS B 41 -20.26 -23.05 7.33
C LYS B 41 -20.23 -22.66 5.86
N ASP B 42 -21.39 -22.63 5.23
CA ASP B 42 -21.49 -22.24 3.83
C ASP B 42 -22.26 -20.94 3.71
N ARG B 43 -22.48 -20.30 4.87
CA ARG B 43 -23.21 -19.04 4.94
C ARG B 43 -22.34 -17.96 5.57
N PHE B 44 -22.26 -16.81 4.91
CA PHE B 44 -21.49 -15.68 5.42
C PHE B 44 -22.27 -15.03 6.56
N THR B 45 -21.71 -15.03 7.76
CA THR B 45 -22.35 -14.43 8.91
C THR B 45 -22.21 -12.92 8.89
N ILE B 46 -21.33 -12.44 8.02
CA ILE B 46 -21.09 -11.02 7.86
C ILE B 46 -20.88 -10.70 6.41
N SER B 47 -21.49 -9.63 5.95
CA SER B 47 -21.31 -9.24 4.58
C SER B 47 -21.38 -7.73 4.46
N HIS B 48 -20.23 -7.09 4.23
CA HIS B 48 -20.18 -5.66 4.09
C HIS B 48 -19.85 -5.26 2.68
N MET B 49 -20.68 -4.43 2.09
CA MET B 49 -20.40 -3.95 0.76
C MET B 49 -19.38 -2.85 0.93
N TYR B 50 -18.56 -2.61 -0.06
CA TYR B 50 -17.55 -1.56 0.08
C TYR B 50 -18.21 -0.20 0.20
N ALA B 51 -19.47 -0.13 -0.18
CA ALA B 51 -20.24 1.11 -0.10
C ALA B 51 -20.72 1.35 1.31
N ASP B 52 -20.38 0.45 2.22
CA ASP B 52 -20.77 0.61 3.61
C ASP B 52 -19.54 0.76 4.48
N ILE B 53 -18.38 0.52 3.89
CA ILE B 53 -17.14 0.66 4.62
C ILE B 53 -16.56 2.02 4.35
N LYS B 54 -16.40 2.83 5.38
CA LYS B 54 -15.88 4.17 5.22
C LYS B 54 -14.36 4.13 5.06
N CYS B 55 -13.72 3.20 5.77
CA CYS B 55 -12.27 3.05 5.71
C CYS B 55 -11.83 1.75 6.35
N GLN B 56 -10.72 1.19 5.91
CA GLN B 56 -10.21 -0.06 6.47
C GLN B 56 -8.90 0.20 7.20
N LYS B 57 -8.84 -0.21 8.46
CA LYS B 57 -7.65 -0.02 9.27
C LYS B 57 -7.07 -1.39 9.61
N ILE B 58 -5.80 -1.45 10.00
CA ILE B 58 -5.19 -2.75 10.25
C ILE B 58 -4.20 -2.79 11.40
N SER B 59 -4.05 -3.95 12.00
CA SER B 59 -3.09 -4.16 13.09
C SER B 59 -1.98 -5.04 12.57
N PRO B 60 -0.76 -4.47 12.46
CA PRO B 60 0.44 -5.13 11.93
C PRO B 60 1.22 -5.93 12.97
N GLU B 61 2.30 -6.56 12.51
CA GLU B 61 3.18 -7.34 13.37
C GLU B 61 3.75 -6.47 14.48
N GLY B 62 4.15 -7.12 15.57
CA GLY B 62 4.67 -6.41 16.73
C GLY B 62 3.80 -6.74 17.91
N LYS B 63 2.51 -6.76 17.64
CA LYS B 63 1.51 -7.13 18.62
C LYS B 63 1.08 -8.55 18.35
N ALA B 64 0.34 -9.12 19.27
CA ALA B 64 -0.14 -10.48 19.11
C ALA B 64 -1.52 -10.48 18.49
N LYS B 65 -1.89 -9.34 17.93
CA LYS B 65 -3.19 -9.18 17.31
C LYS B 65 -3.07 -8.60 15.92
N ILE B 66 -3.39 -9.41 14.92
CA ILE B 66 -3.40 -8.96 13.55
C ILE B 66 -4.83 -8.76 13.19
N GLN B 67 -5.26 -7.52 13.05
CA GLN B 67 -6.67 -7.31 12.78
C GLN B 67 -6.93 -6.31 11.67
N LEU B 68 -8.05 -6.51 11.01
CA LEU B 68 -8.54 -5.62 9.98
C LEU B 68 -9.82 -5.02 10.50
N GLN B 69 -9.81 -3.73 10.76
CA GLN B 69 -10.97 -3.07 11.31
C GLN B 69 -11.66 -2.25 10.23
N LEU B 70 -12.87 -2.65 9.88
CA LEU B 70 -13.64 -1.95 8.86
C LEU B 70 -14.47 -0.86 9.50
N VAL B 71 -14.00 0.37 9.44
CA VAL B 71 -14.73 1.47 10.01
C VAL B 71 -15.77 1.94 9.02
N LEU B 72 -17.01 1.76 9.41
CA LEU B 72 -18.13 2.09 8.57
C LEU B 72 -18.48 3.58 8.68
N HIS B 73 -19.33 4.05 7.78
CA HIS B 73 -19.72 5.47 7.70
C HIS B 73 -20.27 6.02 9.01
N ALA B 74 -21.24 5.32 9.58
CA ALA B 74 -21.89 5.74 10.81
C ALA B 74 -20.93 5.81 12.00
N GLY B 75 -19.80 5.14 11.87
CA GLY B 75 -18.83 5.13 12.94
C GLY B 75 -18.66 3.73 13.45
N ASP B 76 -19.34 2.81 12.78
CA ASP B 76 -19.30 1.41 13.11
C ASP B 76 -17.97 0.83 12.70
N THR B 77 -17.77 -0.43 13.00
CA THR B 77 -16.54 -1.10 12.67
C THR B 77 -16.73 -2.61 12.64
N THR B 78 -15.80 -3.28 11.99
CA THR B 78 -15.81 -4.72 11.89
C THR B 78 -14.39 -5.23 12.12
N ASN B 79 -14.16 -5.88 13.25
CA ASN B 79 -12.83 -6.38 13.60
C ASN B 79 -12.60 -7.80 13.09
N PHE B 80 -11.75 -7.94 12.09
CA PHE B 80 -11.41 -9.25 11.55
C PHE B 80 -9.98 -9.60 11.95
N HIS B 81 -9.86 -10.52 12.88
CA HIS B 81 -8.56 -10.95 13.38
C HIS B 81 -8.02 -12.10 12.53
N PHE B 82 -6.90 -11.82 11.86
CA PHE B 82 -6.24 -12.80 11.01
C PHE B 82 -5.48 -13.77 11.93
N SER B 83 -6.16 -14.81 12.38
CA SER B 83 -5.57 -15.74 13.32
C SER B 83 -4.73 -16.84 12.66
N ASN B 84 -4.37 -16.68 11.40
CA ASN B 84 -3.53 -17.66 10.74
C ASN B 84 -2.07 -17.38 11.13
N GLU B 85 -1.62 -18.00 12.21
CA GLU B 85 -0.27 -17.78 12.76
C GLU B 85 0.87 -17.80 11.71
N SER B 86 0.71 -18.56 10.64
CA SER B 86 1.74 -18.65 9.62
C SER B 86 1.95 -17.35 8.86
N THR B 87 0.88 -16.74 8.37
CA THR B 87 0.98 -15.52 7.58
C THR B 87 0.02 -14.46 8.10
N ALA B 88 -0.33 -14.55 9.38
CA ALA B 88 -1.28 -13.66 10.04
C ALA B 88 -1.24 -12.22 9.53
N VAL B 89 -0.07 -11.62 9.55
CA VAL B 89 0.05 -10.22 9.14
C VAL B 89 0.10 -10.09 7.63
N LYS B 90 0.74 -11.05 6.97
CA LYS B 90 0.85 -11.01 5.53
C LYS B 90 -0.53 -11.20 4.90
N GLU B 91 -1.35 -12.02 5.54
CA GLU B 91 -2.72 -12.24 5.12
C GLU B 91 -3.41 -10.89 5.11
N ARG B 92 -3.28 -10.23 6.26
CA ARG B 92 -3.85 -8.92 6.50
C ARG B 92 -3.49 -7.92 5.40
N ASP B 93 -2.21 -7.86 5.08
CA ASP B 93 -1.70 -6.93 4.05
C ASP B 93 -2.37 -7.17 2.71
N ALA B 94 -2.57 -8.44 2.35
CA ALA B 94 -3.21 -8.77 1.08
C ALA B 94 -4.66 -8.29 1.07
N VAL B 95 -5.37 -8.59 2.16
CA VAL B 95 -6.76 -8.17 2.32
C VAL B 95 -6.82 -6.64 2.28
N LYS B 96 -5.84 -6.03 2.93
CA LYS B 96 -5.70 -4.58 2.99
C LYS B 96 -5.58 -3.98 1.60
N ASP B 97 -4.56 -4.40 0.86
CA ASP B 97 -4.34 -3.87 -0.48
C ASP B 97 -5.53 -4.14 -1.38
N LEU B 98 -6.08 -5.33 -1.27
CA LEU B 98 -7.22 -5.73 -2.07
C LEU B 98 -8.45 -4.88 -1.76
N LEU B 99 -8.89 -4.92 -0.51
CA LEU B 99 -10.09 -4.18 -0.09
C LEU B 99 -9.94 -2.69 -0.29
N GLN B 100 -8.76 -2.19 0.04
CA GLN B 100 -8.48 -0.77 -0.08
C GLN B 100 -8.64 -0.33 -1.53
N GLN B 101 -8.33 -1.21 -2.48
CA GLN B 101 -8.47 -0.89 -3.90
C GLN B 101 -9.92 -1.08 -4.32
N LEU B 102 -10.65 -1.85 -3.54
CA LEU B 102 -12.06 -2.14 -3.79
C LEU B 102 -12.94 -0.98 -3.33
N LEU B 103 -12.48 -0.30 -2.29
CA LEU B 103 -13.22 0.80 -1.69
C LEU B 103 -13.52 1.94 -2.67
N PRO B 104 -12.50 2.50 -3.37
CA PRO B 104 -12.73 3.63 -4.29
C PRO B 104 -13.83 3.34 -5.31
N LYS B 105 -14.07 2.06 -5.53
CA LYS B 105 -15.09 1.59 -6.46
C LYS B 105 -16.48 1.87 -5.88
N PHE B 106 -16.54 2.08 -4.56
CA PHE B 106 -17.81 2.35 -3.89
C PHE B 106 -17.76 3.67 -3.10
N LYS B 107 -16.56 4.04 -2.65
CA LYS B 107 -16.35 5.26 -1.88
C LYS B 107 -16.88 6.47 -2.62
N ARG B 108 -17.50 7.38 -1.88
CA ARG B 108 -18.05 8.59 -2.46
C ARG B 108 -16.92 9.58 -2.74
N LYS B 109 -16.59 9.73 -4.01
CA LYS B 109 -15.52 10.63 -4.43
C LYS B 109 -16.09 11.70 -5.35
N ALA B 110 -15.58 11.77 -6.58
CA ALA B 110 -16.09 12.72 -7.56
C ALA B 110 -17.29 12.12 -8.26
N ASN B 111 -17.77 11.05 -7.66
CA ASN B 111 -18.90 10.30 -8.15
C ASN B 111 -19.48 9.52 -6.98
N MET A 4 -12.62 -20.39 19.30
CA MET A 4 -12.98 -19.27 20.21
C MET A 4 -11.72 -18.69 20.83
N SER A 5 -11.63 -17.37 20.82
CA SER A 5 -10.48 -16.67 21.40
C SER A 5 -10.94 -15.31 21.88
N ASP A 6 -10.86 -15.09 23.19
CA ASP A 6 -11.29 -13.84 23.80
C ASP A 6 -10.25 -12.74 23.65
N ASN A 7 -9.42 -12.85 22.63
CA ASN A 7 -8.37 -11.87 22.39
C ASN A 7 -8.95 -10.62 21.75
N GLU A 8 -10.12 -10.76 21.14
CA GLU A 8 -10.77 -9.64 20.47
C GLU A 8 -11.53 -8.77 21.45
N ASP A 9 -11.46 -9.18 22.68
CA ASP A 9 -12.12 -8.47 23.78
C ASP A 9 -11.14 -8.30 24.91
N ASN A 10 -9.88 -8.54 24.60
CA ASN A 10 -8.81 -8.43 25.58
C ASN A 10 -7.73 -7.50 25.07
N PHE A 11 -8.07 -6.79 24.01
CA PHE A 11 -7.17 -5.83 23.42
C PHE A 11 -7.76 -4.44 23.60
N ASP A 12 -6.89 -3.46 23.61
CA ASP A 12 -7.28 -2.08 23.78
C ASP A 12 -6.09 -1.25 23.41
N GLY A 13 -6.14 -0.79 22.22
CA GLY A 13 -5.07 0.02 21.70
C GLY A 13 -4.36 -0.62 20.54
N ASP A 14 -5.10 -1.45 19.80
CA ASP A 14 -4.56 -2.12 18.62
C ASP A 14 -3.66 -1.17 17.83
N ASP A 15 -2.47 -1.62 17.51
CA ASP A 15 -1.48 -0.85 16.76
C ASP A 15 -1.90 -0.69 15.30
N PHE A 16 -3.21 -0.50 15.10
CA PHE A 16 -3.78 -0.37 13.77
C PHE A 16 -2.97 0.54 12.87
N ASP A 17 -2.36 -0.09 11.90
CA ASP A 17 -1.62 0.58 10.88
C ASP A 17 -2.67 1.03 9.89
N ASP A 18 -3.20 2.21 10.18
CA ASP A 18 -4.25 2.80 9.38
C ASP A 18 -3.86 2.84 7.94
N VAL A 19 -4.64 2.14 7.16
CA VAL A 19 -4.39 2.09 5.75
C VAL A 19 -5.54 2.68 4.98
N GLU A 20 -5.37 3.92 4.60
CA GLU A 20 -6.34 4.59 3.78
C GLU A 20 -5.76 4.61 2.38
N GLU A 21 -6.44 4.04 1.40
CA GLU A 21 -5.90 3.94 0.06
C GLU A 21 -5.80 5.29 -0.63
N ASP A 22 -4.90 5.35 -1.61
CA ASP A 22 -4.65 6.55 -2.41
C ASP A 22 -3.82 6.14 -3.62
N GLU A 23 -4.49 5.51 -4.58
CA GLU A 23 -3.83 5.05 -5.78
C GLU A 23 -4.21 5.92 -6.98
N GLY A 24 -3.44 5.80 -8.04
CA GLY A 24 -3.69 6.60 -9.23
C GLY A 24 -2.62 7.65 -9.42
N LEU A 25 -1.85 7.89 -8.38
CA LEU A 25 -0.77 8.85 -8.43
C LEU A 25 0.52 8.16 -8.87
N ASP A 26 1.44 8.93 -9.42
CA ASP A 26 2.72 8.39 -9.87
C ASP A 26 3.70 8.30 -8.70
N ASP A 27 4.91 7.83 -8.97
CA ASP A 27 5.94 7.69 -7.95
C ASP A 27 6.63 9.04 -7.72
N LEU A 28 6.82 9.77 -8.80
CA LEU A 28 7.47 11.07 -8.73
C LEU A 28 6.43 12.19 -8.62
N GLU A 29 6.88 13.37 -8.25
CA GLU A 29 6.00 14.52 -8.12
C GLU A 29 6.11 15.44 -9.32
N ASN A 30 7.06 16.37 -9.28
CA ASN A 30 7.28 17.31 -10.38
C ASN A 30 8.73 17.27 -10.84
N ALA A 31 9.59 16.67 -10.00
CA ALA A 31 11.02 16.54 -10.29
C ALA A 31 11.70 17.91 -10.30
N GLU A 32 12.03 18.40 -9.12
CA GLU A 32 12.70 19.69 -8.97
C GLU A 32 14.19 19.51 -8.72
N GLU A 33 14.89 20.63 -8.61
CA GLU A 33 16.32 20.64 -8.36
C GLU A 33 16.60 21.03 -6.91
N GLU A 34 17.84 21.39 -6.61
CA GLU A 34 18.23 21.80 -5.27
C GLU A 34 17.58 23.14 -4.91
N GLY A 35 17.75 23.56 -3.66
CA GLY A 35 17.16 24.80 -3.21
C GLY A 35 15.66 24.63 -3.10
N GLN A 36 15.28 23.46 -2.60
CA GLN A 36 13.89 23.09 -2.46
C GLN A 36 13.15 23.92 -1.41
N GLU A 37 12.61 25.05 -1.85
CA GLU A 37 11.82 25.90 -0.98
C GLU A 37 10.41 25.34 -0.89
N ASN A 38 10.17 24.49 0.09
CA ASN A 38 8.85 23.90 0.25
C ASN A 38 7.84 25.00 0.58
N VAL A 39 6.77 25.04 -0.19
CA VAL A 39 5.75 26.06 -0.01
C VAL A 39 4.36 25.45 0.06
N GLU A 40 3.44 26.16 0.70
CA GLU A 40 2.07 25.71 0.81
C GLU A 40 1.15 26.68 0.08
N ILE A 41 0.03 26.19 -0.40
CA ILE A 41 -0.90 27.02 -1.16
C ILE A 41 -2.10 27.40 -0.29
N LEU A 42 -2.19 28.69 0.02
CA LEU A 42 -3.28 29.20 0.83
C LEU A 42 -4.26 29.97 -0.03
N PRO A 43 -5.56 29.80 0.21
CA PRO A 43 -6.60 30.49 -0.55
C PRO A 43 -6.69 31.96 -0.14
N SER A 44 -6.51 32.84 -1.11
CA SER A 44 -6.57 34.27 -0.89
C SER A 44 -8.00 34.76 -0.67
N GLY A 45 -8.08 35.99 -0.22
CA GLY A 45 -9.34 36.62 0.09
C GLY A 45 -9.32 37.16 1.49
N GLU A 46 -8.40 36.64 2.28
CA GLU A 46 -8.19 37.12 3.64
C GLU A 46 -6.81 37.77 3.71
N ARG A 47 -5.98 37.21 2.85
CA ARG A 47 -4.59 37.59 2.64
C ARG A 47 -3.84 37.94 3.91
N PRO A 48 -3.30 36.93 4.60
CA PRO A 48 -2.48 37.17 5.75
C PRO A 48 -1.05 37.33 5.30
N GLN A 49 -0.47 38.47 5.59
CA GLN A 49 0.90 38.72 5.20
C GLN A 49 1.67 39.40 6.32
N ALA A 50 2.98 39.30 6.24
CA ALA A 50 3.84 39.91 7.23
C ALA A 50 3.95 41.41 6.97
N ASN A 51 4.57 42.13 7.89
CA ASN A 51 4.71 43.57 7.74
C ASN A 51 6.14 44.02 8.01
N GLN A 52 7.08 43.19 7.60
CA GLN A 52 8.49 43.47 7.77
C GLN A 52 9.21 43.08 6.49
N LYS A 53 10.48 43.48 6.36
CA LYS A 53 11.23 43.14 5.17
C LYS A 53 11.23 41.64 4.97
N ARG A 54 10.73 41.22 3.83
CA ARG A 54 10.67 39.81 3.49
C ARG A 54 12.10 39.28 3.41
N ILE A 55 12.30 38.09 3.94
CA ILE A 55 13.62 37.49 3.94
C ILE A 55 13.73 36.39 2.91
N THR A 56 12.62 36.12 2.24
CA THR A 56 12.58 35.10 1.20
C THR A 56 12.74 35.73 -0.19
N THR A 57 12.45 34.95 -1.23
CA THR A 57 12.60 35.41 -2.58
C THR A 57 11.26 35.64 -3.28
N PRO A 58 11.10 36.81 -3.88
CA PRO A 58 9.87 37.19 -4.61
C PRO A 58 9.87 36.63 -6.02
N TYR A 59 10.02 35.31 -6.13
CA TYR A 59 10.07 34.66 -7.42
C TYR A 59 9.28 33.37 -7.38
N MET A 60 8.80 32.95 -8.54
CA MET A 60 8.06 31.72 -8.64
C MET A 60 8.66 30.87 -9.76
N THR A 61 9.35 29.82 -9.36
CA THR A 61 10.00 28.94 -10.31
C THR A 61 9.07 27.81 -10.73
N LYS A 62 9.65 26.68 -11.10
CA LYS A 62 8.89 25.53 -11.55
C LYS A 62 8.09 24.88 -10.41
N TYR A 63 8.66 24.90 -9.21
CA TYR A 63 8.01 24.29 -8.05
C TYR A 63 6.75 25.04 -7.64
N GLU A 64 6.89 26.30 -7.24
CA GLU A 64 5.74 27.09 -6.79
C GLU A 64 4.71 27.22 -7.91
N ARG A 65 5.18 27.32 -9.14
CA ARG A 65 4.29 27.44 -10.29
C ARG A 65 3.36 26.25 -10.33
N ALA A 66 3.94 25.06 -10.37
CA ALA A 66 3.19 23.82 -10.42
C ALA A 66 2.35 23.63 -9.17
N ARG A 67 2.86 24.10 -8.04
CA ARG A 67 2.13 24.01 -6.77
C ARG A 67 0.81 24.77 -6.87
N VAL A 68 0.89 26.00 -7.36
CA VAL A 68 -0.29 26.83 -7.53
C VAL A 68 -1.15 26.27 -8.66
N LEU A 69 -0.50 25.89 -9.74
CA LEU A 69 -1.17 25.34 -10.91
C LEU A 69 -1.97 24.09 -10.58
N GLY A 70 -1.36 23.17 -9.85
CA GLY A 70 -2.03 21.94 -9.47
C GLY A 70 -3.25 22.22 -8.61
N THR A 71 -3.11 23.16 -7.68
CA THR A 71 -4.21 23.53 -6.79
C THR A 71 -5.29 24.27 -7.56
N ARG A 72 -4.88 25.07 -8.55
CA ARG A 72 -5.81 25.83 -9.36
C ARG A 72 -6.57 24.91 -10.30
N ALA A 73 -5.88 23.93 -10.88
CA ALA A 73 -6.52 22.95 -11.75
C ALA A 73 -7.57 22.21 -10.95
N LEU A 74 -7.25 21.93 -9.70
CA LEU A 74 -8.18 21.27 -8.81
C LEU A 74 -9.38 22.16 -8.58
N GLN A 75 -9.16 23.48 -8.58
CA GLN A 75 -10.24 24.44 -8.39
C GLN A 75 -11.14 24.51 -9.62
N ILE A 76 -10.54 24.78 -10.77
CA ILE A 76 -11.30 24.90 -12.02
C ILE A 76 -11.98 23.59 -12.37
N ALA A 77 -11.33 22.49 -12.01
CA ALA A 77 -11.88 21.17 -12.25
C ALA A 77 -13.15 20.98 -11.42
N MET A 78 -13.33 21.87 -10.44
CA MET A 78 -14.51 21.86 -9.59
C MET A 78 -15.46 22.98 -10.01
N CYS A 79 -15.22 23.52 -11.22
CA CYS A 79 -16.03 24.59 -11.85
C CYS A 79 -15.67 25.98 -11.35
N ALA A 80 -14.41 26.18 -10.95
CA ALA A 80 -13.95 27.49 -10.50
C ALA A 80 -14.02 28.51 -11.63
N PRO A 81 -14.43 29.75 -11.31
CA PRO A 81 -14.53 30.81 -12.31
C PRO A 81 -13.18 31.13 -12.95
N VAL A 82 -13.16 31.09 -14.29
CA VAL A 82 -11.96 31.36 -15.06
C VAL A 82 -11.81 32.87 -15.26
N MET A 83 -10.62 33.39 -15.01
CA MET A 83 -10.36 34.83 -15.14
C MET A 83 -9.48 35.15 -16.34
N VAL A 84 -9.41 34.23 -17.30
CA VAL A 84 -8.61 34.45 -18.49
C VAL A 84 -9.42 34.31 -19.75
N GLU A 85 -8.69 34.41 -20.83
CA GLU A 85 -9.22 34.32 -22.16
C GLU A 85 -9.15 32.87 -22.62
N LEU A 86 -10.13 32.43 -23.36
CA LEU A 86 -10.16 31.04 -23.81
C LEU A 86 -10.09 30.94 -25.33
N GLU A 87 -8.96 30.46 -25.82
CA GLU A 87 -8.75 30.27 -27.25
C GLU A 87 -8.74 28.78 -27.55
N GLY A 88 -9.55 28.05 -26.81
CA GLY A 88 -9.62 26.62 -26.98
C GLY A 88 -9.36 25.87 -25.68
N GLU A 89 -8.77 26.56 -24.70
CA GLU A 89 -8.49 25.95 -23.41
C GLU A 89 -9.80 25.56 -22.72
N THR A 90 -10.08 24.27 -22.69
CA THR A 90 -11.28 23.77 -22.06
C THR A 90 -10.93 22.88 -20.87
N ASP A 91 -9.64 22.68 -20.67
CA ASP A 91 -9.16 21.85 -19.57
C ASP A 91 -8.64 22.73 -18.44
N PRO A 92 -8.97 22.38 -17.18
CA PRO A 92 -8.56 23.12 -15.99
C PRO A 92 -7.07 23.41 -15.94
N LEU A 93 -6.24 22.49 -16.42
CA LEU A 93 -4.80 22.68 -16.41
C LEU A 93 -4.39 23.77 -17.40
N LEU A 94 -4.92 23.69 -18.62
CA LEU A 94 -4.63 24.66 -19.66
C LEU A 94 -5.02 26.06 -19.21
N ILE A 95 -6.23 26.18 -18.67
CA ILE A 95 -6.71 27.47 -18.19
C ILE A 95 -5.89 27.96 -17.02
N ALA A 96 -5.57 27.07 -16.09
CA ALA A 96 -4.76 27.43 -14.94
C ALA A 96 -3.41 27.98 -15.38
N MET A 97 -2.83 27.34 -16.39
CA MET A 97 -1.55 27.76 -16.92
C MET A 97 -1.68 29.13 -17.58
N LYS A 98 -2.80 29.33 -18.26
CA LYS A 98 -3.09 30.60 -18.91
C LYS A 98 -3.21 31.70 -17.86
N GLU A 99 -3.92 31.37 -16.77
CA GLU A 99 -4.12 32.32 -15.68
C GLU A 99 -2.80 32.63 -14.97
N LEU A 100 -2.05 31.60 -14.64
CA LEU A 100 -0.77 31.78 -13.95
C LEU A 100 0.20 32.61 -14.78
N LYS A 101 0.26 32.35 -16.07
CA LYS A 101 1.17 33.07 -16.96
C LYS A 101 0.68 34.50 -17.20
N ALA A 102 -0.60 34.72 -16.99
CA ALA A 102 -1.17 36.04 -17.21
C ALA A 102 -1.39 36.76 -15.90
N ARG A 103 -0.89 36.17 -14.81
CA ARG A 103 -1.01 36.76 -13.47
C ARG A 103 -2.47 36.92 -13.06
N LYS A 104 -3.31 35.98 -13.48
CA LYS A 104 -4.73 36.02 -13.20
C LYS A 104 -5.10 35.07 -12.06
N ILE A 105 -4.10 34.54 -11.37
CA ILE A 105 -4.36 33.61 -10.28
C ILE A 105 -4.22 34.28 -8.91
N PRO A 106 -5.34 34.46 -8.21
CA PRO A 106 -5.34 35.03 -6.88
C PRO A 106 -5.15 33.94 -5.84
N ILE A 107 -3.93 33.84 -5.32
CA ILE A 107 -3.62 32.82 -4.32
C ILE A 107 -2.40 33.22 -3.49
N ILE A 108 -2.37 32.76 -2.25
CA ILE A 108 -1.26 33.04 -1.36
C ILE A 108 -0.33 31.83 -1.25
N ILE A 109 0.97 32.08 -1.37
CA ILE A 109 1.97 31.03 -1.30
C ILE A 109 2.83 31.20 -0.06
N ARG A 110 2.72 30.26 0.87
CA ARG A 110 3.49 30.31 2.10
C ARG A 110 4.80 29.55 1.91
N ARG A 111 5.92 30.28 1.87
CA ARG A 111 7.22 29.66 1.69
C ARG A 111 7.83 29.28 3.03
N TYR A 112 8.26 28.03 3.17
CA TYR A 112 8.87 27.56 4.41
C TYR A 112 10.37 27.39 4.21
N LEU A 113 11.15 27.79 5.21
CA LEU A 113 12.59 27.66 5.12
C LEU A 113 13.07 26.44 5.91
N PRO A 114 14.28 25.94 5.62
CA PRO A 114 14.84 24.75 6.30
C PRO A 114 15.06 24.95 7.80
N ASP A 115 14.97 26.19 8.27
CA ASP A 115 15.17 26.49 9.68
C ASP A 115 13.84 26.36 10.43
N GLY A 116 12.75 26.27 9.67
CA GLY A 116 11.44 26.14 10.27
C GLY A 116 10.62 27.40 10.15
N SER A 117 11.21 28.45 9.57
CA SER A 117 10.50 29.71 9.39
C SER A 117 9.60 29.64 8.16
N TYR A 118 8.74 30.64 8.02
CA TYR A 118 7.82 30.69 6.89
C TYR A 118 7.33 32.11 6.66
N GLU A 119 7.09 32.45 5.41
CA GLU A 119 6.59 33.77 5.05
C GLU A 119 5.45 33.63 4.05
N ASP A 120 4.39 34.40 4.25
CA ASP A 120 3.24 34.38 3.35
C ASP A 120 3.47 35.34 2.21
N TRP A 121 3.22 34.88 1.00
CA TRP A 121 3.43 35.70 -0.19
C TRP A 121 2.27 35.58 -1.16
N GLY A 122 2.03 36.63 -1.91
CA GLY A 122 0.96 36.58 -2.91
C GLY A 122 1.54 36.30 -4.28
N VAL A 123 0.74 35.79 -5.20
CA VAL A 123 1.20 35.50 -6.55
C VAL A 123 1.71 36.77 -7.18
N ASP A 124 1.06 37.85 -6.80
CA ASP A 124 1.40 39.18 -7.27
C ASP A 124 2.81 39.58 -6.83
N GLU A 125 3.20 39.16 -5.63
CA GLU A 125 4.51 39.49 -5.07
C GLU A 125 5.59 38.54 -5.59
N LEU A 126 5.19 37.56 -6.39
CA LEU A 126 6.15 36.60 -6.92
C LEU A 126 6.32 36.74 -8.43
N ILE A 127 7.57 36.86 -8.85
CA ILE A 127 7.90 36.96 -10.26
C ILE A 127 7.99 35.55 -10.83
N ILE A 128 6.98 35.16 -11.57
CA ILE A 128 6.94 33.82 -12.14
C ILE A 128 7.86 33.69 -13.34
N THR A 129 8.71 32.68 -13.28
CA THR A 129 9.62 32.38 -14.36
C THR A 129 9.15 31.12 -15.05
N ASP A 130 8.56 31.30 -16.22
CA ASP A 130 8.03 30.21 -17.00
C ASP A 130 9.14 29.42 -17.67
N MET B 4 -27.50 -24.10 -8.35
CA MET B 4 -27.06 -25.16 -9.29
C MET B 4 -25.56 -25.06 -9.50
N ALA B 5 -24.87 -26.20 -9.37
CA ALA B 5 -23.41 -26.23 -9.53
C ALA B 5 -22.74 -25.30 -8.53
N THR B 6 -21.61 -24.73 -8.92
CA THR B 6 -20.89 -23.80 -8.05
C THR B 6 -21.60 -22.46 -7.96
N SER B 7 -22.60 -22.39 -7.10
CA SER B 7 -23.37 -21.16 -6.91
C SER B 7 -22.75 -20.31 -5.81
N SER B 8 -21.78 -19.48 -6.19
CA SER B 8 -21.10 -18.61 -5.25
C SER B 8 -20.74 -17.30 -5.93
N GLU B 9 -20.52 -16.26 -5.14
CA GLU B 9 -20.17 -14.96 -5.66
C GLU B 9 -18.69 -14.92 -6.07
N GLU B 10 -18.30 -13.84 -6.74
CA GLU B 10 -16.94 -13.68 -7.19
C GLU B 10 -15.99 -13.30 -6.04
N VAL B 11 -15.37 -14.31 -5.45
CA VAL B 11 -14.44 -14.10 -4.37
C VAL B 11 -13.03 -13.99 -4.92
N LEU B 12 -12.46 -12.80 -4.82
CA LEU B 12 -11.12 -12.53 -5.33
C LEU B 12 -10.06 -12.96 -4.34
N LEU B 13 -10.26 -12.62 -3.07
CA LEU B 13 -9.30 -12.96 -2.03
C LEU B 13 -9.93 -13.82 -0.94
N ILE B 14 -9.37 -15.01 -0.73
CA ILE B 14 -9.86 -15.88 0.31
C ILE B 14 -8.85 -15.94 1.44
N VAL B 15 -9.22 -15.37 2.57
CA VAL B 15 -8.38 -15.33 3.73
C VAL B 15 -8.89 -16.31 4.80
N LYS B 16 -8.17 -17.40 4.99
CA LYS B 16 -8.57 -18.42 5.95
C LYS B 16 -8.07 -18.10 7.34
N LYS B 17 -8.57 -18.86 8.32
CA LYS B 17 -8.23 -18.70 9.72
C LYS B 17 -8.38 -17.25 10.17
N VAL B 18 -9.59 -16.73 10.05
CA VAL B 18 -9.88 -15.37 10.44
C VAL B 18 -10.98 -15.36 11.48
N ARG B 19 -10.83 -14.55 12.50
CA ARG B 19 -11.81 -14.48 13.56
C ARG B 19 -12.48 -13.14 13.63
N GLN B 20 -13.68 -13.14 14.16
CA GLN B 20 -14.44 -11.93 14.36
C GLN B 20 -15.08 -11.99 15.74
N LYS B 21 -14.49 -11.24 16.67
CA LYS B 21 -14.97 -11.17 18.04
C LYS B 21 -15.30 -12.54 18.64
N LYS B 22 -14.26 -13.38 18.79
CA LYS B 22 -14.35 -14.71 19.39
C LYS B 22 -14.93 -15.75 18.44
N GLN B 23 -15.25 -15.35 17.22
CA GLN B 23 -15.81 -16.27 16.25
C GLN B 23 -14.75 -16.68 15.25
N ASP B 24 -14.44 -17.97 15.21
CA ASP B 24 -13.44 -18.48 14.29
C ASP B 24 -14.09 -18.77 12.95
N GLY B 25 -13.50 -18.24 11.89
CA GLY B 25 -14.05 -18.46 10.58
C GLY B 25 -13.07 -18.19 9.46
N ALA B 26 -13.59 -17.60 8.41
CA ALA B 26 -12.80 -17.30 7.24
C ALA B 26 -13.32 -16.07 6.52
N LEU B 27 -12.40 -15.28 6.03
CA LEU B 27 -12.71 -14.04 5.34
C LEU B 27 -12.63 -14.22 3.83
N TYR B 28 -13.68 -13.81 3.13
CA TYR B 28 -13.69 -13.90 1.67
C TYR B 28 -14.03 -12.54 1.08
N LEU B 29 -13.15 -12.03 0.22
CA LEU B 29 -13.37 -10.74 -0.40
C LEU B 29 -13.99 -10.89 -1.78
N MET B 30 -15.25 -10.54 -1.92
CA MET B 30 -15.92 -10.58 -3.21
C MET B 30 -15.67 -9.24 -3.89
N ALA B 31 -15.78 -9.19 -5.20
CA ALA B 31 -15.50 -7.97 -5.95
C ALA B 31 -16.32 -6.77 -5.46
N GLU B 32 -17.51 -7.03 -4.95
CA GLU B 32 -18.38 -5.95 -4.49
C GLU B 32 -18.50 -5.88 -2.96
N ARG B 33 -18.08 -6.91 -2.24
CA ARG B 33 -18.23 -6.88 -0.77
C ARG B 33 -17.26 -7.80 -0.05
N ILE B 34 -16.94 -7.43 1.18
CA ILE B 34 -16.09 -8.21 2.05
C ILE B 34 -17.03 -9.02 2.94
N ALA B 35 -17.05 -10.32 2.74
CA ALA B 35 -17.94 -11.17 3.51
C ALA B 35 -17.16 -12.22 4.26
N TRP B 36 -17.34 -12.23 5.56
CA TRP B 36 -16.66 -13.17 6.41
C TRP B 36 -17.66 -14.21 6.89
N ALA B 37 -17.23 -15.46 6.90
CA ALA B 37 -18.06 -16.57 7.32
C ALA B 37 -17.38 -17.36 8.42
N PRO B 38 -18.15 -18.12 9.21
CA PRO B 38 -17.59 -18.92 10.28
C PRO B 38 -17.12 -20.26 9.73
N GLU B 39 -15.99 -20.75 10.22
CA GLU B 39 -15.42 -22.00 9.73
C GLU B 39 -16.40 -23.15 9.89
N GLY B 40 -16.45 -23.98 8.87
CA GLY B 40 -17.34 -25.12 8.88
C GLY B 40 -18.74 -24.75 8.43
N LYS B 41 -18.92 -23.52 7.96
CA LYS B 41 -20.21 -23.06 7.48
C LYS B 41 -20.07 -22.41 6.11
N ASP B 42 -21.09 -22.60 5.28
CA ASP B 42 -21.10 -22.05 3.93
C ASP B 42 -21.83 -20.72 3.88
N ARG B 43 -22.31 -20.28 5.03
CA ARG B 43 -23.04 -19.02 5.09
C ARG B 43 -22.23 -17.94 5.79
N PHE B 44 -22.03 -16.84 5.08
CA PHE B 44 -21.28 -15.71 5.61
C PHE B 44 -22.10 -15.02 6.69
N THR B 45 -21.57 -14.96 7.89
CA THR B 45 -22.28 -14.34 9.00
C THR B 45 -22.09 -12.83 8.99
N ILE B 46 -21.24 -12.37 8.09
CA ILE B 46 -20.96 -10.95 7.92
C ILE B 46 -20.74 -10.63 6.47
N SER B 47 -21.35 -9.57 6.01
CA SER B 47 -21.16 -9.17 4.65
C SER B 47 -21.26 -7.65 4.53
N HIS B 48 -20.15 -7.01 4.18
CA HIS B 48 -20.14 -5.56 4.04
C HIS B 48 -19.79 -5.15 2.63
N MET B 49 -20.62 -4.29 2.06
CA MET B 49 -20.34 -3.78 0.75
C MET B 49 -19.28 -2.73 0.93
N TYR B 50 -18.35 -2.61 -0.01
CA TYR B 50 -17.29 -1.62 0.14
C TYR B 50 -17.87 -0.22 0.18
N ALA B 51 -19.12 -0.09 -0.23
CA ALA B 51 -19.81 1.18 -0.25
C ALA B 51 -20.09 1.65 1.15
N ASP B 52 -20.21 0.71 2.09
CA ASP B 52 -20.54 1.05 3.47
C ASP B 52 -19.30 1.11 4.34
N ILE B 53 -18.17 0.76 3.77
CA ILE B 53 -16.94 0.82 4.53
C ILE B 53 -16.36 2.21 4.35
N LYS B 54 -16.18 2.93 5.45
CA LYS B 54 -15.66 4.29 5.37
C LYS B 54 -14.13 4.31 5.33
N CYS B 55 -13.51 3.31 5.96
CA CYS B 55 -12.05 3.23 6.01
C CYS B 55 -11.60 1.87 6.54
N GLN B 56 -10.39 1.44 6.16
CA GLN B 56 -9.87 0.15 6.62
C GLN B 56 -8.60 0.39 7.45
N LYS B 57 -8.59 -0.13 8.66
CA LYS B 57 -7.45 0.02 9.55
C LYS B 57 -6.93 -1.36 9.88
N ILE B 58 -5.62 -1.51 10.06
CA ILE B 58 -5.10 -2.85 10.27
C ILE B 58 -3.89 -2.96 11.17
N SER B 59 -3.99 -3.76 12.21
CA SER B 59 -2.89 -3.97 13.15
C SER B 59 -1.86 -4.93 12.55
N PRO B 60 -0.64 -4.38 12.30
CA PRO B 60 0.51 -5.08 11.70
C PRO B 60 1.37 -5.82 12.71
N GLU B 61 2.44 -6.46 12.19
CA GLU B 61 3.41 -7.18 13.00
C GLU B 61 3.82 -6.37 14.24
N GLY B 62 4.12 -7.08 15.31
CA GLY B 62 4.51 -6.44 16.55
C GLY B 62 3.56 -6.83 17.65
N LYS B 63 2.27 -6.89 17.32
CA LYS B 63 1.25 -7.31 18.26
C LYS B 63 0.91 -8.76 17.99
N ALA B 64 0.34 -9.42 18.99
CA ALA B 64 -0.05 -10.81 18.86
C ALA B 64 -1.43 -10.93 18.26
N LYS B 65 -1.90 -9.82 17.71
CA LYS B 65 -3.21 -9.76 17.09
C LYS B 65 -3.15 -8.99 15.79
N ILE B 66 -3.33 -9.68 14.70
CA ILE B 66 -3.35 -9.06 13.39
C ILE B 66 -4.79 -8.76 13.10
N GLN B 67 -5.18 -7.52 13.09
CA GLN B 67 -6.59 -7.24 12.88
C GLN B 67 -6.88 -6.25 11.76
N LEU B 68 -8.03 -6.48 11.15
CA LEU B 68 -8.56 -5.64 10.11
C LEU B 68 -9.81 -5.00 10.66
N GLN B 69 -9.75 -3.69 10.84
CA GLN B 69 -10.85 -2.95 11.41
C GLN B 69 -11.56 -2.16 10.33
N LEU B 70 -12.76 -2.60 9.98
CA LEU B 70 -13.54 -1.92 8.97
C LEU B 70 -14.40 -0.87 9.63
N VAL B 71 -13.94 0.37 9.58
CA VAL B 71 -14.69 1.45 10.18
C VAL B 71 -15.67 2.00 9.19
N LEU B 72 -16.93 1.77 9.47
CA LEU B 72 -18.00 2.17 8.60
C LEU B 72 -18.34 3.65 8.77
N HIS B 73 -19.23 4.14 7.91
CA HIS B 73 -19.62 5.56 7.90
C HIS B 73 -20.13 6.08 9.24
N ALA B 74 -21.12 5.38 9.80
CA ALA B 74 -21.75 5.79 11.05
C ALA B 74 -20.76 5.78 12.23
N GLY B 75 -19.65 5.10 12.04
CA GLY B 75 -18.67 4.99 13.09
C GLY B 75 -18.55 3.54 13.52
N ASP B 76 -19.30 2.71 12.82
CA ASP B 76 -19.33 1.29 13.06
C ASP B 76 -18.01 0.69 12.69
N THR B 77 -17.86 -0.59 12.97
CA THR B 77 -16.61 -1.28 12.68
C THR B 77 -16.82 -2.78 12.60
N THR B 78 -15.86 -3.47 12.01
CA THR B 78 -15.89 -4.91 11.88
C THR B 78 -14.48 -5.45 12.12
N ASN B 79 -14.28 -6.05 13.29
CA ASN B 79 -12.96 -6.58 13.66
C ASN B 79 -12.69 -7.97 13.10
N PHE B 80 -11.80 -8.04 12.12
CA PHE B 80 -11.39 -9.31 11.54
C PHE B 80 -9.96 -9.60 11.92
N HIS B 81 -9.81 -10.56 12.81
CA HIS B 81 -8.51 -10.95 13.31
C HIS B 81 -7.91 -12.08 12.48
N PHE B 82 -6.86 -11.75 11.74
CA PHE B 82 -6.14 -12.73 10.94
C PHE B 82 -5.41 -13.64 11.91
N SER B 83 -5.92 -14.83 12.13
CA SER B 83 -5.33 -15.70 13.13
C SER B 83 -4.49 -16.84 12.54
N ASN B 84 -4.16 -16.76 11.26
CA ASN B 84 -3.32 -17.79 10.66
C ASN B 84 -1.87 -17.49 11.03
N GLU B 85 -1.41 -18.06 12.13
CA GLU B 85 -0.04 -17.83 12.65
C GLU B 85 1.04 -17.85 11.55
N SER B 86 0.80 -18.61 10.50
CA SER B 86 1.75 -18.72 9.41
C SER B 86 1.94 -17.38 8.65
N THR B 87 0.85 -16.82 8.12
CA THR B 87 0.95 -15.58 7.35
C THR B 87 -0.06 -14.54 7.81
N ALA B 88 -0.50 -14.64 9.05
CA ALA B 88 -1.49 -13.74 9.65
C ALA B 88 -1.36 -12.29 9.20
N VAL B 89 -0.16 -11.74 9.32
CA VAL B 89 0.04 -10.35 8.94
C VAL B 89 0.11 -10.18 7.44
N LYS B 90 0.77 -11.11 6.77
CA LYS B 90 0.89 -11.06 5.33
C LYS B 90 -0.48 -11.17 4.69
N GLU B 91 -1.38 -11.87 5.37
CA GLU B 91 -2.75 -12.00 4.92
C GLU B 91 -3.35 -10.61 4.94
N ARG B 92 -3.23 -9.97 6.10
CA ARG B 92 -3.72 -8.61 6.34
C ARG B 92 -3.33 -7.67 5.21
N ASP B 93 -2.06 -7.67 4.86
CA ASP B 93 -1.51 -6.81 3.82
C ASP B 93 -2.22 -7.04 2.47
N ALA B 94 -2.43 -8.29 2.11
CA ALA B 94 -3.09 -8.62 0.84
C ALA B 94 -4.55 -8.16 0.86
N VAL B 95 -5.25 -8.48 1.95
CA VAL B 95 -6.64 -8.06 2.13
C VAL B 95 -6.69 -6.53 2.05
N LYS B 96 -5.68 -5.91 2.65
CA LYS B 96 -5.51 -4.46 2.69
C LYS B 96 -5.39 -3.88 1.29
N ASP B 97 -4.35 -4.27 0.56
CA ASP B 97 -4.11 -3.75 -0.79
C ASP B 97 -5.32 -3.92 -1.68
N LEU B 98 -5.89 -5.09 -1.65
CA LEU B 98 -7.06 -5.40 -2.45
C LEU B 98 -8.28 -4.61 -2.00
N LEU B 99 -8.66 -4.74 -0.72
CA LEU B 99 -9.83 -4.05 -0.17
C LEU B 99 -9.74 -2.56 -0.37
N GLN B 100 -8.55 -2.04 -0.11
CA GLN B 100 -8.30 -0.61 -0.22
C GLN B 100 -8.61 -0.15 -1.65
N GLN B 101 -8.28 -0.99 -2.63
CA GLN B 101 -8.54 -0.66 -4.03
C GLN B 101 -10.01 -0.91 -4.38
N LEU B 102 -10.68 -1.69 -3.54
CA LEU B 102 -12.07 -2.00 -3.73
C LEU B 102 -12.95 -0.87 -3.20
N LEU B 103 -12.41 -0.14 -2.23
CA LEU B 103 -13.13 0.96 -1.60
C LEU B 103 -13.50 2.09 -2.54
N PRO B 104 -12.54 2.71 -3.26
CA PRO B 104 -12.84 3.84 -4.14
C PRO B 104 -13.91 3.49 -5.17
N LYS B 105 -14.02 2.21 -5.45
CA LYS B 105 -14.99 1.68 -6.40
C LYS B 105 -16.40 1.76 -5.82
N PHE B 106 -16.50 1.85 -4.48
CA PHE B 106 -17.81 1.90 -3.84
C PHE B 106 -17.98 3.10 -2.91
N LYS B 107 -16.87 3.65 -2.44
CA LYS B 107 -16.87 4.79 -1.52
C LYS B 107 -17.87 5.84 -1.96
N ARG B 108 -18.85 6.07 -1.10
CA ARG B 108 -19.90 7.03 -1.37
C ARG B 108 -19.36 8.44 -1.44
N LYS B 109 -19.50 9.05 -2.61
CA LYS B 109 -19.03 10.39 -2.87
C LYS B 109 -19.74 10.95 -4.10
N ALA B 110 -19.21 12.03 -4.66
CA ALA B 110 -19.81 12.63 -5.84
C ALA B 110 -19.09 12.18 -7.10
N ASN B 111 -18.48 11.00 -7.02
CA ASN B 111 -17.73 10.42 -8.12
C ASN B 111 -17.35 9.00 -7.76
N MET A 4 -13.13 -20.32 19.66
CA MET A 4 -13.54 -19.01 20.21
C MET A 4 -12.37 -18.35 20.91
N SER A 5 -12.29 -17.04 20.82
CA SER A 5 -11.22 -16.27 21.45
C SER A 5 -11.74 -14.90 21.85
N ASP A 6 -11.67 -14.60 23.13
CA ASP A 6 -12.15 -13.30 23.64
C ASP A 6 -11.04 -12.26 23.58
N ASN A 7 -10.09 -12.48 22.69
CA ASN A 7 -8.97 -11.57 22.55
C ASN A 7 -9.36 -10.40 21.67
N GLU A 8 -10.54 -10.47 21.05
CA GLU A 8 -11.00 -9.41 20.17
C GLU A 8 -11.58 -8.26 20.98
N ASP A 9 -11.73 -8.52 22.25
CA ASP A 9 -12.26 -7.54 23.20
C ASP A 9 -11.36 -7.49 24.41
N ASN A 10 -10.15 -7.98 24.25
CA ASN A 10 -9.18 -8.02 25.33
C ASN A 10 -7.97 -7.16 25.01
N PHE A 11 -8.08 -6.38 23.96
CA PHE A 11 -7.02 -5.50 23.56
C PHE A 11 -7.46 -4.07 23.77
N ASP A 12 -6.51 -3.15 23.73
CA ASP A 12 -6.77 -1.74 23.92
C ASP A 12 -5.57 -0.99 23.44
N GLY A 13 -5.64 -0.64 22.21
CA GLY A 13 -4.57 0.10 21.58
C GLY A 13 -3.88 -0.63 20.47
N ASP A 14 -4.63 -1.52 19.80
CA ASP A 14 -4.09 -2.26 18.67
C ASP A 14 -3.28 -1.34 17.77
N ASP A 15 -2.09 -1.79 17.41
CA ASP A 15 -1.16 -1.02 16.56
C ASP A 15 -1.67 -0.90 15.12
N PHE A 16 -2.97 -0.72 14.98
CA PHE A 16 -3.61 -0.61 13.67
C PHE A 16 -2.86 0.31 12.72
N ASP A 17 -2.28 -0.33 11.72
CA ASP A 17 -1.59 0.36 10.66
C ASP A 17 -2.69 0.86 9.74
N ASP A 18 -3.16 2.04 10.05
CA ASP A 18 -4.24 2.67 9.33
C ASP A 18 -3.94 2.73 7.86
N VAL A 19 -4.77 2.05 7.12
CA VAL A 19 -4.62 2.00 5.70
C VAL A 19 -5.78 2.66 4.98
N GLU A 20 -5.54 3.88 4.60
CA GLU A 20 -6.49 4.64 3.83
C GLU A 20 -5.84 4.80 2.46
N GLU A 21 -6.34 4.03 1.49
CA GLU A 21 -5.76 4.00 0.15
C GLU A 21 -5.61 5.39 -0.49
N ASP A 22 -4.50 5.54 -1.19
CA ASP A 22 -4.15 6.77 -1.88
C ASP A 22 -2.89 6.51 -2.71
N GLU A 23 -3.06 5.83 -3.84
CA GLU A 23 -1.95 5.51 -4.72
C GLU A 23 -1.24 6.77 -5.19
N GLY A 24 0.07 6.80 -4.99
CA GLY A 24 0.85 7.96 -5.38
C GLY A 24 1.36 8.71 -4.17
N LEU A 25 0.82 8.38 -3.01
CA LEU A 25 1.25 9.02 -1.77
C LEU A 25 2.07 8.04 -0.92
N ASP A 26 3.29 7.77 -1.34
CA ASP A 26 4.18 6.87 -0.60
C ASP A 26 5.53 7.53 -0.41
N ASP A 27 6.48 6.77 0.12
CA ASP A 27 7.82 7.28 0.37
C ASP A 27 8.84 6.53 -0.48
N LEU A 28 8.56 5.27 -0.75
CA LEU A 28 9.46 4.43 -1.54
C LEU A 28 9.23 4.62 -3.03
N GLU A 29 8.43 5.61 -3.40
CA GLU A 29 8.14 5.89 -4.79
C GLU A 29 9.22 6.79 -5.40
N ASN A 30 10.26 7.07 -4.61
CA ASN A 30 11.36 7.91 -5.05
C ASN A 30 12.22 7.16 -6.07
N ALA A 31 12.17 5.83 -5.99
CA ALA A 31 12.91 4.93 -6.89
C ALA A 31 14.41 5.04 -6.67
N GLU A 32 14.90 4.29 -5.69
CA GLU A 32 16.31 4.28 -5.36
C GLU A 32 17.10 3.49 -6.41
N GLU A 33 17.62 4.19 -7.41
CA GLU A 33 18.41 3.56 -8.46
C GLU A 33 19.78 3.16 -7.94
N GLU A 34 20.42 2.24 -8.62
CA GLU A 34 21.73 1.75 -8.21
C GLU A 34 22.72 1.82 -9.37
N GLY A 35 23.95 1.42 -9.09
CA GLY A 35 24.99 1.43 -10.10
C GLY A 35 25.63 0.07 -10.26
N GLN A 36 25.49 -0.77 -9.24
CA GLN A 36 26.05 -2.11 -9.27
C GLN A 36 24.98 -3.14 -8.94
N GLU A 37 25.16 -4.35 -9.43
CA GLU A 37 24.21 -5.41 -9.16
C GLU A 37 24.49 -6.03 -7.80
N ASN A 38 23.74 -5.60 -6.79
CA ASN A 38 23.91 -6.16 -5.45
C ASN A 38 23.50 -7.62 -5.46
N VAL A 39 24.47 -8.50 -5.33
CA VAL A 39 24.21 -9.92 -5.36
C VAL A 39 24.40 -10.58 -3.99
N GLU A 40 23.90 -11.78 -3.88
CA GLU A 40 23.97 -12.57 -2.67
C GLU A 40 24.79 -13.84 -2.94
N ILE A 41 25.44 -14.36 -1.92
CA ILE A 41 26.24 -15.57 -2.07
C ILE A 41 25.62 -16.71 -1.29
N LEU A 42 25.01 -17.64 -2.01
CA LEU A 42 24.37 -18.79 -1.40
C LEU A 42 25.13 -20.06 -1.74
N PRO A 43 25.24 -21.00 -0.81
CA PRO A 43 25.93 -22.26 -1.04
C PRO A 43 25.00 -23.27 -1.70
N SER A 44 25.38 -23.75 -2.87
CA SER A 44 24.58 -24.72 -3.60
C SER A 44 24.48 -26.05 -2.88
N GLY A 45 23.55 -26.84 -3.35
CA GLY A 45 23.27 -28.13 -2.75
C GLY A 45 21.80 -28.19 -2.40
N GLU A 46 21.22 -27.02 -2.23
CA GLU A 46 19.80 -26.89 -1.98
C GLU A 46 19.15 -26.39 -3.26
N ARG A 47 20.00 -25.67 -3.97
CA ARG A 47 19.74 -25.04 -5.25
C ARG A 47 18.30 -24.57 -5.44
N PRO A 48 17.99 -23.37 -4.94
CA PRO A 48 16.69 -22.79 -5.13
C PRO A 48 16.70 -22.01 -6.44
N GLN A 49 15.81 -22.36 -7.33
CA GLN A 49 15.75 -21.71 -8.62
C GLN A 49 14.33 -21.31 -8.97
N ALA A 50 14.22 -20.31 -9.82
CA ALA A 50 12.94 -19.82 -10.27
C ALA A 50 12.47 -20.61 -11.49
N ASN A 51 11.42 -20.16 -12.15
CA ASN A 51 10.90 -20.89 -13.31
C ASN A 51 10.43 -19.95 -14.42
N GLN A 52 11.13 -18.85 -14.59
CA GLN A 52 10.79 -17.88 -15.63
C GLN A 52 12.05 -17.53 -16.41
N LYS A 53 11.88 -16.85 -17.53
CA LYS A 53 13.02 -16.46 -18.34
C LYS A 53 13.83 -15.42 -17.56
N ARG A 54 15.12 -15.69 -17.41
CA ARG A 54 16.00 -14.80 -16.68
C ARG A 54 16.00 -13.40 -17.26
N ILE A 55 15.86 -12.42 -16.40
CA ILE A 55 15.83 -11.03 -16.82
C ILE A 55 17.20 -10.40 -16.69
N THR A 56 18.14 -11.16 -16.15
CA THR A 56 19.50 -10.70 -15.98
C THR A 56 20.45 -11.37 -16.98
N THR A 57 21.75 -11.26 -16.73
CA THR A 57 22.75 -11.80 -17.63
C THR A 57 23.53 -12.96 -17.03
N PRO A 58 23.70 -14.04 -17.81
CA PRO A 58 24.44 -15.23 -17.40
C PRO A 58 25.95 -15.04 -17.55
N TYR A 59 26.47 -14.02 -16.88
CA TYR A 59 27.88 -13.70 -16.95
C TYR A 59 28.36 -13.32 -15.57
N MET A 60 29.63 -13.54 -15.32
CA MET A 60 30.22 -13.20 -14.04
C MET A 60 31.43 -12.31 -14.25
N THR A 61 31.30 -11.07 -13.83
CA THR A 61 32.36 -10.10 -13.97
C THR A 61 33.30 -10.15 -12.76
N LYS A 62 34.19 -9.17 -12.67
CA LYS A 62 35.13 -9.09 -11.57
C LYS A 62 34.44 -8.87 -10.22
N TYR A 63 33.18 -8.44 -10.28
CA TYR A 63 32.41 -8.20 -9.07
C TYR A 63 32.05 -9.50 -8.37
N GLU A 64 31.27 -10.33 -9.04
CA GLU A 64 30.84 -11.60 -8.48
C GLU A 64 32.02 -12.55 -8.36
N ARG A 65 32.91 -12.51 -9.34
CA ARG A 65 34.12 -13.35 -9.36
C ARG A 65 34.86 -13.23 -8.03
N ALA A 66 35.21 -12.00 -7.69
CA ALA A 66 35.95 -11.72 -6.48
C ALA A 66 35.15 -12.03 -5.22
N ARG A 67 33.85 -11.78 -5.27
CA ARG A 67 32.99 -12.04 -4.11
C ARG A 67 32.86 -13.54 -3.85
N VAL A 68 32.65 -14.31 -4.91
CA VAL A 68 32.52 -15.75 -4.80
C VAL A 68 33.83 -16.37 -4.35
N LEU A 69 34.92 -15.89 -4.95
CA LEU A 69 36.25 -16.40 -4.63
C LEU A 69 36.67 -15.99 -3.24
N GLY A 70 36.24 -14.81 -2.81
CA GLY A 70 36.57 -14.36 -1.46
C GLY A 70 35.91 -15.26 -0.43
N THR A 71 34.72 -15.73 -0.78
CA THR A 71 33.97 -16.63 0.10
C THR A 71 34.55 -18.04 0.01
N ARG A 72 35.02 -18.40 -1.18
CA ARG A 72 35.61 -19.71 -1.41
C ARG A 72 36.95 -19.81 -0.71
N ALA A 73 37.69 -18.70 -0.67
CA ALA A 73 38.96 -18.66 0.03
C ALA A 73 38.72 -18.97 1.50
N LEU A 74 37.63 -18.44 2.01
CA LEU A 74 37.25 -18.69 3.39
C LEU A 74 36.94 -20.17 3.57
N GLN A 75 36.40 -20.80 2.52
CA GLN A 75 36.07 -22.22 2.56
C GLN A 75 37.35 -23.05 2.56
N ILE A 76 38.19 -22.85 1.55
CA ILE A 76 39.44 -23.60 1.42
C ILE A 76 40.36 -23.33 2.60
N ALA A 77 40.31 -22.12 3.12
CA ALA A 77 41.10 -21.74 4.27
C ALA A 77 40.70 -22.56 5.48
N MET A 78 39.51 -23.16 5.40
CA MET A 78 39.00 -24.02 6.46
C MET A 78 39.25 -25.48 6.11
N CYS A 79 40.11 -25.68 5.10
CA CYS A 79 40.50 -27.01 4.62
C CYS A 79 39.45 -27.61 3.68
N ALA A 80 38.84 -26.76 2.86
CA ALA A 80 37.85 -27.23 1.89
C ALA A 80 38.52 -28.03 0.79
N PRO A 81 37.87 -29.10 0.30
CA PRO A 81 38.42 -29.95 -0.76
C PRO A 81 38.59 -29.18 -2.06
N VAL A 82 39.80 -29.22 -2.60
CA VAL A 82 40.13 -28.55 -3.86
C VAL A 82 39.76 -29.48 -5.01
N MET A 83 39.03 -28.96 -5.99
CA MET A 83 38.61 -29.79 -7.13
C MET A 83 39.41 -29.49 -8.39
N VAL A 84 40.43 -28.66 -8.28
CA VAL A 84 41.25 -28.31 -9.43
C VAL A 84 42.63 -28.89 -9.35
N GLU A 85 43.42 -28.51 -10.33
CA GLU A 85 44.77 -28.94 -10.48
C GLU A 85 45.68 -27.96 -9.76
N LEU A 86 46.77 -28.44 -9.18
CA LEU A 86 47.66 -27.58 -8.44
C LEU A 86 49.06 -27.55 -9.06
N GLU A 87 49.42 -26.41 -9.62
CA GLU A 87 50.72 -26.22 -10.23
C GLU A 87 51.50 -25.22 -9.39
N GLY A 88 51.30 -25.30 -8.08
CA GLY A 88 51.96 -24.40 -7.16
C GLY A 88 50.97 -23.66 -6.27
N GLU A 89 49.70 -23.64 -6.68
CA GLU A 89 48.66 -22.98 -5.89
C GLU A 89 48.52 -23.64 -4.54
N THR A 90 49.05 -22.99 -3.52
CA THR A 90 48.98 -23.51 -2.16
C THR A 90 48.15 -22.59 -1.28
N ASP A 91 47.70 -21.48 -1.86
CA ASP A 91 46.89 -20.52 -1.13
C ASP A 91 45.44 -20.62 -1.60
N PRO A 92 44.49 -20.49 -0.65
CA PRO A 92 43.06 -20.57 -0.93
C PRO A 92 42.60 -19.64 -2.05
N LEU A 93 43.19 -18.46 -2.14
CA LEU A 93 42.82 -17.49 -3.16
C LEU A 93 43.22 -17.99 -4.55
N LEU A 94 44.47 -18.43 -4.67
CA LEU A 94 44.99 -18.95 -5.93
C LEU A 94 44.16 -20.14 -6.41
N ILE A 95 43.90 -21.06 -5.50
CA ILE A 95 43.12 -22.25 -5.83
C ILE A 95 41.69 -21.87 -6.19
N ALA A 96 41.09 -20.98 -5.42
CA ALA A 96 39.73 -20.52 -5.68
C ALA A 96 39.64 -19.95 -7.09
N MET A 97 40.63 -19.16 -7.46
CA MET A 97 40.67 -18.56 -8.79
C MET A 97 40.75 -19.64 -9.86
N LYS A 98 41.58 -20.64 -9.59
CA LYS A 98 41.76 -21.76 -10.50
C LYS A 98 40.44 -22.51 -10.68
N GLU A 99 39.72 -22.70 -9.58
CA GLU A 99 38.44 -23.40 -9.59
C GLU A 99 37.38 -22.58 -10.33
N LEU A 100 37.35 -21.28 -10.09
CA LEU A 100 36.37 -20.40 -10.73
C LEU A 100 36.53 -20.41 -12.25
N LYS A 101 37.77 -20.39 -12.73
CA LYS A 101 38.02 -20.40 -14.17
C LYS A 101 37.59 -21.72 -14.76
N ALA A 102 37.84 -22.78 -13.99
CA ALA A 102 37.51 -24.11 -14.44
C ALA A 102 36.05 -24.46 -14.17
N ARG A 103 35.28 -23.48 -13.66
CA ARG A 103 33.86 -23.68 -13.35
C ARG A 103 33.68 -24.80 -12.33
N LYS A 104 34.67 -24.93 -11.45
CA LYS A 104 34.66 -25.97 -10.43
C LYS A 104 34.27 -25.42 -9.07
N ILE A 105 33.32 -24.50 -9.05
CA ILE A 105 32.88 -23.91 -7.80
C ILE A 105 31.36 -23.98 -7.69
N PRO A 106 30.86 -24.72 -6.70
CA PRO A 106 29.43 -24.86 -6.46
C PRO A 106 28.92 -23.76 -5.54
N ILE A 107 28.31 -22.74 -6.13
CA ILE A 107 27.76 -21.62 -5.37
C ILE A 107 26.68 -20.92 -6.18
N ILE A 108 25.57 -20.60 -5.53
CA ILE A 108 24.47 -19.90 -6.17
C ILE A 108 24.54 -18.41 -5.86
N ILE A 109 24.61 -17.59 -6.91
CA ILE A 109 24.68 -16.14 -6.75
C ILE A 109 23.32 -15.51 -7.05
N ARG A 110 22.68 -14.98 -6.03
CA ARG A 110 21.39 -14.34 -6.22
C ARG A 110 21.59 -12.86 -6.56
N ARG A 111 21.27 -12.49 -7.79
CA ARG A 111 21.44 -11.11 -8.24
C ARG A 111 20.19 -10.30 -7.96
N TYR A 112 20.36 -9.12 -7.36
CA TYR A 112 19.23 -8.25 -7.03
C TYR A 112 19.23 -7.02 -7.92
N LEU A 113 18.05 -6.54 -8.28
CA LEU A 113 17.93 -5.35 -9.10
C LEU A 113 17.45 -4.18 -8.24
N PRO A 114 17.71 -2.93 -8.68
CA PRO A 114 17.32 -1.72 -7.93
C PRO A 114 15.81 -1.63 -7.65
N ASP A 115 15.02 -2.31 -8.47
CA ASP A 115 13.57 -2.30 -8.31
C ASP A 115 13.13 -3.25 -7.20
N GLY A 116 14.04 -4.08 -6.72
CA GLY A 116 13.72 -5.00 -5.65
C GLY A 116 13.62 -6.44 -6.11
N SER A 117 13.79 -6.68 -7.39
CA SER A 117 13.73 -8.04 -7.92
C SER A 117 15.04 -8.78 -7.70
N TYR A 118 15.00 -10.10 -7.82
CA TYR A 118 16.19 -10.91 -7.64
C TYR A 118 16.01 -12.28 -8.30
N GLU A 119 17.07 -12.77 -8.92
CA GLU A 119 17.04 -14.06 -9.58
C GLU A 119 18.19 -14.93 -9.10
N ASP A 120 18.01 -16.23 -9.14
CA ASP A 120 19.05 -17.17 -8.74
C ASP A 120 19.99 -17.40 -9.90
N TRP A 121 21.28 -17.44 -9.63
CA TRP A 121 22.27 -17.64 -10.68
C TRP A 121 23.44 -18.48 -10.19
N GLY A 122 23.50 -19.72 -10.61
CA GLY A 122 24.60 -20.57 -10.20
C GLY A 122 25.82 -20.33 -11.07
N VAL A 123 26.99 -20.71 -10.57
CA VAL A 123 28.24 -20.55 -11.33
C VAL A 123 28.14 -21.37 -12.61
N ASP A 124 27.29 -22.37 -12.54
CA ASP A 124 27.03 -23.28 -13.64
C ASP A 124 26.37 -22.52 -14.81
N GLU A 125 25.61 -21.48 -14.49
CA GLU A 125 24.92 -20.70 -15.51
C GLU A 125 25.60 -19.37 -15.78
N LEU A 126 26.74 -19.11 -15.15
CA LEU A 126 27.44 -17.84 -15.33
C LEU A 126 28.76 -18.01 -16.06
N ILE A 127 28.92 -17.24 -17.11
CA ILE A 127 30.15 -17.25 -17.89
C ILE A 127 31.11 -16.25 -17.26
N ILE A 128 32.09 -16.75 -16.54
CA ILE A 128 33.06 -15.89 -15.86
C ILE A 128 34.12 -15.39 -16.80
N THR A 129 34.26 -14.07 -16.87
CA THR A 129 35.30 -13.50 -17.68
C THR A 129 36.54 -13.45 -16.82
N ASP A 130 37.38 -14.43 -17.02
CA ASP A 130 38.59 -14.58 -16.24
C ASP A 130 39.82 -14.61 -17.14
N MET B 4 -25.35 -24.17 0.21
CA MET B 4 -26.03 -23.91 -1.08
C MET B 4 -27.00 -22.76 -0.92
N ALA B 5 -27.24 -22.02 -2.02
CA ALA B 5 -28.15 -20.88 -2.03
C ALA B 5 -27.69 -19.83 -1.02
N THR B 6 -26.45 -19.41 -1.16
CA THR B 6 -25.86 -18.42 -0.27
C THR B 6 -25.65 -17.09 -0.98
N SER B 7 -26.05 -17.02 -2.26
CA SER B 7 -25.87 -15.82 -3.06
C SER B 7 -24.39 -15.44 -3.09
N SER B 8 -23.57 -16.47 -3.29
CA SER B 8 -22.12 -16.31 -3.34
C SER B 8 -21.70 -15.42 -4.49
N GLU B 9 -20.66 -14.64 -4.25
CA GLU B 9 -20.13 -13.71 -5.22
C GLU B 9 -18.73 -14.14 -5.64
N GLU B 10 -18.15 -13.40 -6.58
CA GLU B 10 -16.80 -13.71 -7.06
C GLU B 10 -15.78 -13.33 -6.00
N VAL B 11 -15.24 -14.34 -5.32
CA VAL B 11 -14.25 -14.12 -4.29
C VAL B 11 -12.86 -14.03 -4.89
N LEU B 12 -12.25 -12.86 -4.77
CA LEU B 12 -10.92 -12.63 -5.31
C LEU B 12 -9.84 -12.99 -4.29
N LEU B 13 -10.11 -12.71 -3.02
CA LEU B 13 -9.16 -12.99 -1.96
C LEU B 13 -9.79 -13.85 -0.88
N ILE B 14 -9.22 -15.02 -0.63
CA ILE B 14 -9.71 -15.89 0.42
C ILE B 14 -8.72 -15.91 1.57
N VAL B 15 -9.13 -15.35 2.68
CA VAL B 15 -8.31 -15.28 3.87
C VAL B 15 -8.83 -16.25 4.93
N LYS B 16 -8.08 -17.33 5.14
CA LYS B 16 -8.49 -18.34 6.10
C LYS B 16 -8.01 -18.03 7.51
N LYS B 17 -8.50 -18.81 8.46
CA LYS B 17 -8.18 -18.65 9.87
C LYS B 17 -8.33 -17.21 10.32
N VAL B 18 -9.55 -16.70 10.20
CA VAL B 18 -9.85 -15.33 10.59
C VAL B 18 -10.94 -15.33 11.64
N ARG B 19 -10.79 -14.50 12.64
CA ARG B 19 -11.77 -14.43 13.71
C ARG B 19 -12.46 -13.09 13.76
N GLN B 20 -13.71 -13.12 14.20
CA GLN B 20 -14.49 -11.91 14.34
C GLN B 20 -15.24 -11.95 15.67
N LYS B 21 -14.74 -11.17 16.62
CA LYS B 21 -15.36 -11.06 17.94
C LYS B 21 -15.75 -12.40 18.56
N LYS B 22 -14.73 -13.23 18.85
CA LYS B 22 -14.90 -14.54 19.47
C LYS B 22 -15.36 -15.61 18.50
N GLN B 23 -15.44 -15.28 17.22
CA GLN B 23 -15.88 -16.24 16.22
C GLN B 23 -14.74 -16.65 15.32
N ASP B 24 -14.41 -17.94 15.33
CA ASP B 24 -13.35 -18.47 14.48
C ASP B 24 -13.93 -18.84 13.13
N GLY B 25 -13.39 -18.25 12.08
CA GLY B 25 -13.91 -18.54 10.76
C GLY B 25 -12.95 -18.24 9.63
N ALA B 26 -13.49 -17.66 8.57
CA ALA B 26 -12.72 -17.34 7.40
C ALA B 26 -13.27 -16.13 6.67
N LEU B 27 -12.35 -15.34 6.16
CA LEU B 27 -12.67 -14.12 5.46
C LEU B 27 -12.56 -14.30 3.95
N TYR B 28 -13.56 -13.85 3.23
CA TYR B 28 -13.55 -13.95 1.78
C TYR B 28 -13.89 -12.58 1.16
N LEU B 29 -12.98 -12.05 0.36
CA LEU B 29 -13.20 -10.78 -0.29
C LEU B 29 -13.81 -10.98 -1.66
N MET B 30 -15.06 -10.58 -1.81
CA MET B 30 -15.74 -10.70 -3.08
C MET B 30 -15.66 -9.38 -3.82
N ALA B 31 -15.84 -9.43 -5.13
CA ALA B 31 -15.72 -8.26 -6.00
C ALA B 31 -16.41 -7.01 -5.45
N GLU B 32 -17.62 -7.15 -4.91
CA GLU B 32 -18.35 -5.99 -4.42
C GLU B 32 -18.48 -5.95 -2.89
N ARG B 33 -18.11 -7.02 -2.18
CA ARG B 33 -18.26 -7.03 -0.73
C ARG B 33 -17.29 -7.96 0.00
N ILE B 34 -16.92 -7.54 1.20
CA ILE B 34 -16.06 -8.32 2.07
C ILE B 34 -16.95 -9.14 2.98
N ALA B 35 -16.94 -10.45 2.79
CA ALA B 35 -17.79 -11.31 3.59
C ALA B 35 -16.96 -12.28 4.40
N TRP B 36 -17.35 -12.44 5.63
CA TRP B 36 -16.66 -13.34 6.53
C TRP B 36 -17.65 -14.35 7.06
N ALA B 37 -17.22 -15.60 7.14
CA ALA B 37 -18.06 -16.68 7.63
C ALA B 37 -17.31 -17.49 8.67
N PRO B 38 -18.01 -18.25 9.51
CA PRO B 38 -17.38 -19.08 10.52
C PRO B 38 -16.79 -20.33 9.85
N GLU B 39 -15.76 -20.91 10.44
CA GLU B 39 -15.16 -22.07 9.85
C GLU B 39 -16.15 -23.23 9.81
N GLY B 40 -16.14 -23.97 8.71
CA GLY B 40 -17.05 -25.07 8.55
C GLY B 40 -18.48 -24.59 8.31
N LYS B 41 -18.61 -23.40 7.72
CA LYS B 41 -19.91 -22.83 7.44
C LYS B 41 -20.01 -22.39 5.98
N ASP B 42 -21.14 -22.69 5.35
CA ASP B 42 -21.37 -22.29 3.98
C ASP B 42 -22.10 -20.96 3.94
N ARG B 43 -22.46 -20.49 5.13
CA ARG B 43 -23.20 -19.25 5.29
C ARG B 43 -22.33 -18.14 5.86
N PHE B 44 -22.16 -17.08 5.09
CA PHE B 44 -21.39 -15.92 5.54
C PHE B 44 -22.18 -15.22 6.63
N THR B 45 -21.61 -15.16 7.83
CA THR B 45 -22.26 -14.51 8.94
C THR B 45 -22.11 -13.00 8.88
N ILE B 46 -21.22 -12.56 8.01
CA ILE B 46 -20.95 -11.14 7.83
C ILE B 46 -20.70 -10.84 6.38
N SER B 47 -21.32 -9.80 5.89
CA SER B 47 -21.08 -9.40 4.53
C SER B 47 -21.22 -7.89 4.41
N HIS B 48 -20.11 -7.20 4.21
CA HIS B 48 -20.12 -5.75 4.09
C HIS B 48 -19.79 -5.32 2.70
N MET B 49 -20.62 -4.47 2.13
CA MET B 49 -20.34 -3.95 0.82
C MET B 49 -19.31 -2.87 1.03
N TYR B 50 -18.39 -2.70 0.10
CA TYR B 50 -17.36 -1.68 0.26
C TYR B 50 -17.98 -0.29 0.30
N ALA B 51 -19.24 -0.22 -0.12
CA ALA B 51 -19.98 1.03 -0.13
C ALA B 51 -20.32 1.47 1.27
N ASP B 52 -20.28 0.54 2.22
CA ASP B 52 -20.63 0.86 3.60
C ASP B 52 -19.40 0.92 4.49
N ILE B 53 -18.25 0.67 3.92
CA ILE B 53 -17.03 0.74 4.71
C ILE B 53 -16.45 2.15 4.55
N LYS B 54 -16.31 2.85 5.66
CA LYS B 54 -15.81 4.22 5.61
C LYS B 54 -14.28 4.26 5.60
N CYS B 55 -13.65 3.28 6.23
CA CYS B 55 -12.19 3.23 6.29
C CYS B 55 -11.72 1.87 6.80
N GLN B 56 -10.54 1.43 6.34
CA GLN B 56 -9.99 0.15 6.77
C GLN B 56 -8.69 0.37 7.53
N LYS B 57 -8.60 -0.16 8.74
CA LYS B 57 -7.39 -0.02 9.53
C LYS B 57 -6.88 -1.41 9.85
N ILE B 58 -5.58 -1.58 9.96
CA ILE B 58 -5.06 -2.93 10.13
C ILE B 58 -3.80 -3.05 10.96
N SER B 59 -3.88 -3.75 12.08
CA SER B 59 -2.73 -3.95 12.96
C SER B 59 -1.76 -4.95 12.34
N PRO B 60 -0.52 -4.48 12.07
CA PRO B 60 0.57 -5.23 11.45
C PRO B 60 1.39 -6.05 12.46
N GLU B 61 2.39 -6.77 11.94
CA GLU B 61 3.27 -7.58 12.77
C GLU B 61 3.85 -6.76 13.93
N GLY B 62 4.19 -7.45 14.99
CA GLY B 62 4.69 -6.82 16.19
C GLY B 62 3.78 -7.16 17.34
N LYS B 63 2.49 -7.15 17.05
CA LYS B 63 1.48 -7.53 18.01
C LYS B 63 1.15 -9.00 17.79
N ALA B 64 0.60 -9.63 18.79
CA ALA B 64 0.23 -11.04 18.68
C ALA B 64 -1.18 -11.16 18.13
N LYS B 65 -1.66 -10.06 17.59
CA LYS B 65 -2.98 -9.99 17.03
C LYS B 65 -2.98 -9.12 15.78
N ILE B 66 -3.19 -9.77 14.64
CA ILE B 66 -3.25 -9.07 13.36
C ILE B 66 -4.70 -8.77 13.09
N GLN B 67 -5.08 -7.52 12.95
CA GLN B 67 -6.50 -7.25 12.77
C GLN B 67 -6.82 -6.31 11.63
N LEU B 68 -7.99 -6.54 11.05
CA LEU B 68 -8.56 -5.72 10.01
C LEU B 68 -9.78 -5.06 10.61
N GLN B 69 -9.73 -3.76 10.83
CA GLN B 69 -10.82 -3.05 11.45
C GLN B 69 -11.57 -2.24 10.40
N LEU B 70 -12.77 -2.69 10.07
CA LEU B 70 -13.60 -2.01 9.09
C LEU B 70 -14.47 -0.99 9.77
N VAL B 71 -14.07 0.26 9.74
CA VAL B 71 -14.86 1.30 10.36
C VAL B 71 -15.85 1.83 9.35
N LEU B 72 -17.11 1.58 9.64
CA LEU B 72 -18.19 1.94 8.77
C LEU B 72 -18.57 3.41 8.95
N HIS B 73 -19.42 3.91 8.06
CA HIS B 73 -19.85 5.30 8.04
C HIS B 73 -20.43 5.77 9.38
N ALA B 74 -21.39 5.02 9.91
CA ALA B 74 -22.06 5.37 11.16
C ALA B 74 -21.10 5.39 12.34
N GLY B 75 -19.96 4.74 12.18
CA GLY B 75 -18.99 4.66 13.25
C GLY B 75 -18.85 3.23 13.68
N ASP B 76 -19.55 2.38 12.94
CA ASP B 76 -19.55 0.95 13.18
C ASP B 76 -18.18 0.40 12.83
N THR B 77 -17.99 -0.87 13.12
CA THR B 77 -16.72 -1.52 12.84
C THR B 77 -16.87 -3.03 12.74
N THR B 78 -15.90 -3.65 12.13
CA THR B 78 -15.88 -5.09 11.98
C THR B 78 -14.46 -5.60 12.21
N ASN B 79 -14.23 -6.17 13.38
CA ASN B 79 -12.90 -6.66 13.74
C ASN B 79 -12.61 -8.04 13.15
N PHE B 80 -11.76 -8.08 12.14
CA PHE B 80 -11.36 -9.34 11.52
C PHE B 80 -9.91 -9.63 11.87
N HIS B 81 -9.74 -10.49 12.84
CA HIS B 81 -8.41 -10.86 13.30
C HIS B 81 -7.86 -12.01 12.48
N PHE B 82 -6.71 -11.75 11.86
CA PHE B 82 -6.02 -12.73 11.05
C PHE B 82 -5.29 -13.65 12.01
N SER B 83 -5.78 -14.86 12.20
CA SER B 83 -5.16 -15.74 13.18
C SER B 83 -4.37 -16.89 12.57
N ASN B 84 -3.97 -16.77 11.31
CA ASN B 84 -3.16 -17.81 10.68
C ASN B 84 -1.70 -17.52 11.00
N GLU B 85 -1.20 -18.10 12.09
CA GLU B 85 0.17 -17.88 12.56
C GLU B 85 1.22 -17.92 11.43
N SER B 86 0.93 -18.66 10.37
CA SER B 86 1.86 -18.77 9.25
C SER B 86 2.02 -17.44 8.50
N THR B 87 0.91 -16.88 8.00
CA THR B 87 0.98 -15.64 7.22
C THR B 87 -0.02 -14.60 7.70
N ALA B 88 -0.41 -14.69 8.96
CA ALA B 88 -1.40 -13.78 9.57
C ALA B 88 -1.27 -12.32 9.13
N VAL B 89 -0.06 -11.79 9.18
CA VAL B 89 0.14 -10.40 8.80
C VAL B 89 0.17 -10.24 7.30
N LYS B 90 0.77 -11.20 6.63
CA LYS B 90 0.87 -11.18 5.18
C LYS B 90 -0.53 -11.26 4.58
N GLU B 91 -1.42 -11.94 5.30
CA GLU B 91 -2.80 -12.05 4.89
C GLU B 91 -3.37 -10.64 4.91
N ARG B 92 -3.20 -10.00 6.07
CA ARG B 92 -3.67 -8.63 6.30
C ARG B 92 -3.25 -7.69 5.17
N ASP B 93 -1.99 -7.76 4.79
CA ASP B 93 -1.45 -6.90 3.72
C ASP B 93 -2.21 -7.08 2.41
N ALA B 94 -2.49 -8.32 2.03
CA ALA B 94 -3.22 -8.60 0.79
C ALA B 94 -4.65 -8.11 0.88
N VAL B 95 -5.32 -8.42 2.00
CA VAL B 95 -6.69 -7.98 2.24
C VAL B 95 -6.70 -6.45 2.20
N LYS B 96 -5.63 -5.87 2.71
CA LYS B 96 -5.41 -4.42 2.77
C LYS B 96 -5.34 -3.83 1.38
N ASP B 97 -4.33 -4.23 0.60
CA ASP B 97 -4.12 -3.69 -0.74
C ASP B 97 -5.35 -3.86 -1.62
N LEU B 98 -5.96 -5.02 -1.54
CA LEU B 98 -7.14 -5.31 -2.33
C LEU B 98 -8.32 -4.48 -1.86
N LEU B 99 -8.72 -4.63 -0.60
CA LEU B 99 -9.87 -3.91 -0.05
C LEU B 99 -9.71 -2.41 -0.20
N GLN B 100 -8.50 -1.94 0.02
CA GLN B 100 -8.20 -0.52 -0.06
C GLN B 100 -8.56 0.00 -1.46
N GLN B 101 -8.25 -0.79 -2.49
CA GLN B 101 -8.56 -0.40 -3.86
C GLN B 101 -10.04 -0.64 -4.15
N LEU B 102 -10.60 -1.58 -3.41
CA LEU B 102 -12.01 -1.91 -3.54
C LEU B 102 -12.90 -0.79 -3.00
N LEU B 103 -12.36 -0.04 -2.05
CA LEU B 103 -13.09 1.03 -1.39
C LEU B 103 -13.47 2.19 -2.32
N PRO B 104 -12.50 2.82 -3.03
CA PRO B 104 -12.82 3.97 -3.90
C PRO B 104 -13.84 3.60 -4.97
N LYS B 105 -14.00 2.30 -5.18
CA LYS B 105 -14.95 1.79 -6.13
C LYS B 105 -16.37 1.87 -5.57
N PHE B 106 -16.46 1.94 -4.24
CA PHE B 106 -17.77 2.01 -3.59
C PHE B 106 -17.92 3.17 -2.61
N LYS B 107 -16.81 3.83 -2.28
CA LYS B 107 -16.80 4.94 -1.32
C LYS B 107 -17.85 5.98 -1.67
N ARG B 108 -18.86 6.07 -0.81
CA ARG B 108 -19.95 7.01 -0.99
C ARG B 108 -19.92 8.07 0.09
N LYS B 109 -20.05 9.33 -0.29
CA LYS B 109 -20.05 10.41 0.68
C LYS B 109 -21.46 10.93 0.89
N ALA B 110 -22.41 10.01 0.96
CA ALA B 110 -23.80 10.36 1.21
C ALA B 110 -24.03 10.26 2.71
N ASN B 111 -22.91 10.10 3.39
CA ASN B 111 -22.84 9.97 4.83
C ASN B 111 -21.45 10.40 5.28
N MET A 4 -14.67 -20.65 19.83
CA MET A 4 -14.81 -19.29 20.42
C MET A 4 -13.47 -18.58 20.35
N SER A 5 -13.49 -17.36 19.83
CA SER A 5 -12.28 -16.56 19.70
C SER A 5 -11.97 -15.80 20.98
N ASP A 6 -10.78 -16.00 21.48
CA ASP A 6 -10.30 -15.34 22.70
C ASP A 6 -9.27 -14.24 22.40
N ASN A 7 -9.31 -13.63 21.23
CA ASN A 7 -8.28 -12.65 20.89
C ASN A 7 -8.81 -11.23 20.70
N GLU A 8 -9.93 -11.09 20.00
CA GLU A 8 -10.52 -9.78 19.73
C GLU A 8 -11.12 -9.15 20.97
N ASP A 9 -10.93 -9.84 22.06
CA ASP A 9 -11.44 -9.42 23.35
C ASP A 9 -10.34 -9.50 24.39
N ASN A 10 -9.12 -9.41 23.92
CA ASN A 10 -7.95 -9.46 24.80
C ASN A 10 -6.93 -8.42 24.38
N PHE A 11 -7.39 -7.48 23.58
CA PHE A 11 -6.55 -6.41 23.09
C PHE A 11 -7.20 -5.09 23.44
N ASP A 12 -6.40 -4.04 23.45
CA ASP A 12 -6.85 -2.71 23.77
C ASP A 12 -5.73 -1.78 23.45
N GLY A 13 -5.81 -1.26 22.27
CA GLY A 13 -4.79 -0.34 21.82
C GLY A 13 -4.02 -0.87 20.64
N ASP A 14 -4.67 -1.71 19.83
CA ASP A 14 -4.03 -2.27 18.64
C ASP A 14 -3.29 -1.18 17.87
N ASP A 15 -2.09 -1.53 17.43
CA ASP A 15 -1.21 -0.63 16.69
C ASP A 15 -1.71 -0.41 15.27
N PHE A 16 -3.03 -0.31 15.12
CA PHE A 16 -3.68 -0.18 13.82
C PHE A 16 -2.97 0.79 12.89
N ASP A 17 -2.40 0.21 11.84
CA ASP A 17 -1.78 0.96 10.79
C ASP A 17 -2.91 1.36 9.88
N ASP A 18 -3.53 2.45 10.26
CA ASP A 18 -4.68 2.99 9.56
C ASP A 18 -4.36 3.13 8.09
N VAL A 19 -5.08 2.35 7.33
CA VAL A 19 -4.91 2.34 5.91
C VAL A 19 -6.09 2.95 5.21
N GLU A 20 -5.92 4.20 4.85
CA GLU A 20 -6.91 4.91 4.10
C GLU A 20 -6.42 4.85 2.66
N GLU A 21 -7.08 4.04 1.85
CA GLU A 21 -6.69 3.81 0.47
C GLU A 21 -6.39 5.11 -0.29
N ASP A 22 -5.12 5.26 -0.58
CA ASP A 22 -4.58 6.38 -1.34
C ASP A 22 -3.10 6.15 -1.58
N GLU A 23 -2.79 5.23 -2.48
CA GLU A 23 -1.41 4.90 -2.78
C GLU A 23 -0.99 5.52 -4.10
N GLY A 24 0.21 6.07 -4.13
CA GLY A 24 0.72 6.71 -5.33
C GLY A 24 0.79 8.21 -5.18
N LEU A 25 -0.08 8.75 -4.34
CA LEU A 25 -0.13 10.18 -4.09
C LEU A 25 0.65 10.49 -2.81
N ASP A 26 1.97 10.53 -2.93
CA ASP A 26 2.83 10.81 -1.78
C ASP A 26 3.15 12.30 -1.72
N ASP A 27 3.99 12.67 -0.76
CA ASP A 27 4.40 14.05 -0.56
C ASP A 27 5.85 14.24 -0.97
N LEU A 28 6.66 13.20 -0.76
CA LEU A 28 8.07 13.26 -1.10
C LEU A 28 8.36 12.51 -2.40
N GLU A 29 9.07 13.17 -3.31
CA GLU A 29 9.42 12.57 -4.58
C GLU A 29 10.89 12.17 -4.60
N ASN A 30 11.70 12.89 -3.83
CA ASN A 30 13.13 12.63 -3.73
C ASN A 30 13.40 11.34 -2.96
N ALA A 31 14.38 10.58 -3.45
CA ALA A 31 14.76 9.32 -2.84
C ALA A 31 16.14 8.89 -3.35
N GLU A 32 17.17 9.29 -2.63
CA GLU A 32 18.53 8.98 -3.00
C GLU A 32 18.94 7.58 -2.54
N GLU A 33 18.18 6.59 -2.98
CA GLU A 33 18.45 5.21 -2.63
C GLU A 33 19.39 4.59 -3.68
N GLU A 34 20.26 3.70 -3.24
CA GLU A 34 21.21 3.07 -4.14
C GLU A 34 20.94 1.57 -4.24
N GLY A 35 21.22 1.01 -5.41
CA GLY A 35 20.99 -0.40 -5.63
C GLY A 35 21.96 -1.01 -6.63
N GLN A 36 22.79 -0.17 -7.25
CA GLN A 36 23.75 -0.66 -8.23
C GLN A 36 25.18 -0.31 -7.83
N GLU A 37 25.72 -1.09 -6.89
CA GLU A 37 27.08 -0.88 -6.42
C GLU A 37 28.12 -1.24 -7.47
N ASN A 38 29.38 -1.08 -7.09
CA ASN A 38 30.48 -1.37 -7.99
C ASN A 38 30.90 -2.83 -7.85
N VAL A 39 30.82 -3.57 -8.95
CA VAL A 39 31.18 -4.97 -8.96
C VAL A 39 32.13 -5.26 -10.11
N GLU A 40 33.15 -6.07 -9.85
CA GLU A 40 34.13 -6.42 -10.86
C GLU A 40 33.70 -7.63 -11.66
N ILE A 41 33.99 -7.61 -12.95
CA ILE A 41 33.67 -8.71 -13.83
C ILE A 41 34.96 -9.31 -14.35
N LEU A 42 35.35 -10.44 -13.77
CA LEU A 42 36.58 -11.10 -14.14
C LEU A 42 36.29 -12.42 -14.85
N PRO A 43 37.15 -12.83 -15.78
CA PRO A 43 36.98 -14.09 -16.49
C PRO A 43 37.45 -15.25 -15.62
N SER A 44 36.57 -16.18 -15.36
CA SER A 44 36.88 -17.33 -14.53
C SER A 44 37.83 -18.30 -15.21
N GLY A 45 38.34 -19.19 -14.39
CA GLY A 45 39.30 -20.18 -14.85
C GLY A 45 40.55 -20.11 -14.00
N GLU A 46 40.74 -18.96 -13.37
CA GLU A 46 41.87 -18.76 -12.46
C GLU A 46 41.31 -18.66 -11.05
N ARG A 47 40.10 -18.16 -11.04
CA ARG A 47 39.27 -17.92 -9.87
C ARG A 47 40.02 -17.35 -8.69
N PRO A 48 40.21 -16.02 -8.67
CA PRO A 48 40.84 -15.37 -7.55
C PRO A 48 39.78 -15.00 -6.52
N GLN A 49 39.92 -15.52 -5.32
CA GLN A 49 38.97 -15.24 -4.27
C GLN A 49 39.68 -14.99 -2.95
N ALA A 50 38.99 -14.33 -2.04
CA ALA A 50 39.52 -14.07 -0.72
C ALA A 50 39.31 -15.29 0.18
N ASN A 51 39.51 -15.13 1.48
CA ASN A 51 39.35 -16.26 2.39
C ASN A 51 38.47 -15.91 3.59
N GLN A 52 37.42 -15.15 3.36
CA GLN A 52 36.51 -14.78 4.44
C GLN A 52 35.15 -15.46 4.24
N LYS A 53 34.33 -15.43 5.28
CA LYS A 53 33.00 -16.02 5.20
C LYS A 53 32.09 -15.10 4.38
N ARG A 54 31.51 -15.64 3.32
CA ARG A 54 30.63 -14.86 2.44
C ARG A 54 29.54 -14.17 3.26
N ILE A 55 29.39 -12.87 3.05
CA ILE A 55 28.39 -12.09 3.76
C ILE A 55 27.26 -11.68 2.85
N THR A 56 27.42 -11.94 1.56
CA THR A 56 26.41 -11.58 0.60
C THR A 56 25.45 -12.75 0.34
N THR A 57 24.66 -12.63 -0.72
CA THR A 57 23.69 -13.64 -1.04
C THR A 57 24.07 -14.39 -2.30
N PRO A 58 23.90 -15.72 -2.29
CA PRO A 58 24.20 -16.58 -3.42
C PRO A 58 23.10 -16.47 -4.48
N TYR A 59 22.77 -15.25 -4.83
CA TYR A 59 21.73 -14.94 -5.80
C TYR A 59 22.22 -13.79 -6.63
N MET A 60 21.75 -13.67 -7.84
CA MET A 60 22.18 -12.58 -8.69
C MET A 60 21.02 -11.64 -8.99
N THR A 61 21.24 -10.38 -8.72
CA THR A 61 20.24 -9.35 -8.90
C THR A 61 20.12 -8.93 -10.36
N LYS A 62 19.21 -8.00 -10.63
CA LYS A 62 19.00 -7.51 -11.98
C LYS A 62 20.20 -6.70 -12.46
N TYR A 63 20.88 -6.05 -11.52
CA TYR A 63 22.05 -5.23 -11.84
C TYR A 63 23.19 -6.11 -12.35
N GLU A 64 23.60 -7.06 -11.52
CA GLU A 64 24.70 -7.96 -11.87
C GLU A 64 24.33 -8.78 -13.10
N ARG A 65 23.05 -9.08 -13.24
CA ARG A 65 22.53 -9.82 -14.38
C ARG A 65 22.88 -9.06 -15.66
N ALA A 66 22.42 -7.82 -15.72
CA ALA A 66 22.66 -6.96 -16.86
C ALA A 66 24.14 -6.67 -17.04
N ARG A 67 24.87 -6.64 -15.93
CA ARG A 67 26.30 -6.39 -15.96
C ARG A 67 26.99 -7.52 -16.73
N VAL A 68 26.67 -8.75 -16.37
CA VAL A 68 27.25 -9.92 -17.03
C VAL A 68 26.71 -10.03 -18.45
N LEU A 69 25.40 -9.86 -18.59
CA LEU A 69 24.74 -9.93 -19.89
C LEU A 69 25.33 -8.95 -20.89
N GLY A 70 25.49 -7.70 -20.47
CA GLY A 70 26.06 -6.69 -21.34
C GLY A 70 27.47 -7.04 -21.77
N THR A 71 28.25 -7.57 -20.83
CA THR A 71 29.63 -7.95 -21.11
C THR A 71 29.67 -9.19 -22.02
N ARG A 72 28.75 -10.10 -21.80
CA ARG A 72 28.68 -11.33 -22.58
C ARG A 72 28.18 -11.04 -23.99
N ALA A 73 27.22 -10.14 -24.11
CA ALA A 73 26.69 -9.75 -25.42
C ALA A 73 27.83 -9.18 -26.23
N LEU A 74 28.69 -8.40 -25.57
CA LEU A 74 29.84 -7.83 -26.23
C LEU A 74 30.77 -8.94 -26.69
N GLN A 75 30.83 -10.03 -25.90
CA GLN A 75 31.67 -11.16 -26.24
C GLN A 75 31.13 -11.92 -27.45
N ILE A 76 29.88 -12.37 -27.36
CA ILE A 76 29.23 -13.14 -28.44
C ILE A 76 29.13 -12.30 -29.70
N ALA A 77 28.93 -11.01 -29.52
CA ALA A 77 28.84 -10.08 -30.65
C ALA A 77 30.16 -10.07 -31.42
N MET A 78 31.21 -10.57 -30.78
CA MET A 78 32.53 -10.66 -31.38
C MET A 78 32.78 -12.08 -31.86
N CYS A 79 31.69 -12.87 -31.91
CA CYS A 79 31.73 -14.27 -32.36
C CYS A 79 32.22 -15.21 -31.27
N ALA A 80 31.83 -14.93 -30.03
CA ALA A 80 32.20 -15.78 -28.90
C ALA A 80 31.46 -17.10 -28.94
N PRO A 81 32.14 -18.20 -28.59
CA PRO A 81 31.53 -19.53 -28.59
C PRO A 81 30.34 -19.63 -27.64
N VAL A 82 29.21 -20.07 -28.18
CA VAL A 82 27.97 -20.23 -27.41
C VAL A 82 27.97 -21.58 -26.70
N MET A 83 27.68 -21.57 -25.40
CA MET A 83 27.68 -22.81 -24.62
C MET A 83 26.26 -23.25 -24.28
N VAL A 84 25.28 -22.58 -24.84
CA VAL A 84 23.89 -22.91 -24.59
C VAL A 84 23.23 -23.49 -25.81
N GLU A 85 22.03 -23.95 -25.58
CA GLU A 85 21.20 -24.55 -26.58
C GLU A 85 20.47 -23.43 -27.33
N LEU A 86 20.27 -23.60 -28.62
CA LEU A 86 19.62 -22.57 -29.42
C LEU A 86 18.28 -23.06 -29.97
N GLU A 87 17.21 -22.44 -29.52
CA GLU A 87 15.87 -22.76 -29.96
C GLU A 87 15.34 -21.61 -30.79
N GLY A 88 16.26 -20.96 -31.50
CA GLY A 88 15.91 -19.83 -32.34
C GLY A 88 16.71 -18.59 -31.98
N GLU A 89 17.32 -18.59 -30.80
CA GLU A 89 18.14 -17.45 -30.37
C GLU A 89 19.31 -17.26 -31.31
N THR A 90 19.28 -16.18 -32.08
CA THR A 90 20.33 -15.89 -33.02
C THR A 90 21.02 -14.58 -32.69
N ASP A 91 20.51 -13.91 -31.66
CA ASP A 91 21.07 -12.63 -31.23
C ASP A 91 21.93 -12.82 -29.97
N PRO A 92 23.07 -12.13 -29.89
CA PRO A 92 23.99 -12.22 -28.76
C PRO A 92 23.31 -12.02 -27.40
N LEU A 93 22.31 -11.15 -27.33
CA LEU A 93 21.62 -10.90 -26.08
C LEU A 93 20.77 -12.11 -25.67
N LEU A 94 20.11 -12.72 -26.64
CA LEU A 94 19.28 -13.89 -26.39
C LEU A 94 20.12 -15.03 -25.88
N ILE A 95 21.25 -15.26 -26.55
CA ILE A 95 22.16 -16.32 -26.16
C ILE A 95 22.77 -16.01 -24.80
N ALA A 96 23.17 -14.76 -24.58
CA ALA A 96 23.74 -14.35 -23.31
C ALA A 96 22.74 -14.58 -22.20
N MET A 97 21.47 -14.32 -22.51
CA MET A 97 20.39 -14.51 -21.54
C MET A 97 20.25 -15.99 -21.22
N LYS A 98 20.31 -16.81 -22.26
CA LYS A 98 20.21 -18.25 -22.12
C LYS A 98 21.35 -18.77 -21.26
N GLU A 99 22.56 -18.29 -21.55
CA GLU A 99 23.75 -18.70 -20.81
C GLU A 99 23.70 -18.22 -19.36
N LEU A 100 23.32 -16.96 -19.17
CA LEU A 100 23.23 -16.38 -17.82
C LEU A 100 22.19 -17.11 -16.97
N LYS A 101 21.07 -17.46 -17.56
CA LYS A 101 20.00 -18.14 -16.83
C LYS A 101 20.41 -19.57 -16.50
N ALA A 102 21.26 -20.15 -17.35
CA ALA A 102 21.72 -21.51 -17.14
C ALA A 102 23.04 -21.53 -16.39
N ARG A 103 23.55 -20.34 -16.05
CA ARG A 103 24.83 -20.19 -15.34
C ARG A 103 25.96 -20.79 -16.17
N LYS A 104 25.78 -20.73 -17.48
CA LYS A 104 26.74 -21.25 -18.42
C LYS A 104 27.77 -20.20 -18.81
N ILE A 105 27.73 -19.07 -18.11
CA ILE A 105 28.65 -17.97 -18.37
C ILE A 105 29.79 -18.02 -17.38
N PRO A 106 31.00 -18.32 -17.83
CA PRO A 106 32.17 -18.38 -16.96
C PRO A 106 32.68 -16.97 -16.65
N ILE A 107 32.30 -16.45 -15.49
CA ILE A 107 32.71 -15.13 -15.05
C ILE A 107 32.61 -14.99 -13.53
N ILE A 108 33.63 -14.39 -12.93
CA ILE A 108 33.65 -14.14 -11.50
C ILE A 108 33.23 -12.70 -11.23
N ILE A 109 32.25 -12.54 -10.37
CA ILE A 109 31.72 -11.23 -10.02
C ILE A 109 32.19 -10.81 -8.62
N ARG A 110 33.11 -9.85 -8.58
CA ARG A 110 33.58 -9.36 -7.29
C ARG A 110 32.70 -8.22 -6.84
N ARG A 111 31.90 -8.46 -5.81
CA ARG A 111 30.98 -7.45 -5.30
C ARG A 111 31.65 -6.59 -4.24
N TYR A 112 31.58 -5.29 -4.39
CA TYR A 112 32.17 -4.38 -3.41
C TYR A 112 31.07 -3.79 -2.55
N LEU A 113 31.36 -3.59 -1.27
CA LEU A 113 30.39 -3.02 -0.36
C LEU A 113 30.79 -1.58 -0.04
N PRO A 114 29.82 -0.73 0.33
CA PRO A 114 30.06 0.69 0.66
C PRO A 114 31.02 0.88 1.83
N ASP A 115 31.30 -0.21 2.55
CA ASP A 115 32.21 -0.17 3.69
C ASP A 115 33.65 -0.31 3.21
N GLY A 116 33.82 -0.71 1.96
CA GLY A 116 35.16 -0.86 1.40
C GLY A 116 35.57 -2.31 1.21
N SER A 117 34.71 -3.24 1.58
CA SER A 117 35.02 -4.66 1.42
C SER A 117 34.68 -5.14 0.02
N TYR A 118 35.12 -6.35 -0.30
CA TYR A 118 34.85 -6.95 -1.60
C TYR A 118 34.76 -8.46 -1.48
N GLU A 119 33.81 -9.04 -2.18
CA GLU A 119 33.61 -10.48 -2.15
C GLU A 119 33.57 -11.05 -3.57
N ASP A 120 34.48 -11.97 -3.85
CA ASP A 120 34.54 -12.62 -5.14
C ASP A 120 33.47 -13.70 -5.22
N TRP A 121 32.58 -13.59 -6.18
CA TRP A 121 31.50 -14.55 -6.33
C TRP A 121 31.38 -15.02 -7.77
N GLY A 122 31.32 -16.33 -7.97
CA GLY A 122 31.20 -16.85 -9.32
C GLY A 122 29.75 -16.99 -9.72
N VAL A 123 29.47 -17.03 -11.03
CA VAL A 123 28.10 -17.18 -11.52
C VAL A 123 27.54 -18.50 -11.01
N ASP A 124 28.44 -19.44 -10.82
CA ASP A 124 28.11 -20.76 -10.33
C ASP A 124 27.57 -20.70 -8.89
N GLU A 125 28.02 -19.72 -8.14
CA GLU A 125 27.60 -19.53 -6.76
C GLU A 125 26.41 -18.59 -6.66
N LEU A 126 25.97 -18.05 -7.80
CA LEU A 126 24.86 -17.12 -7.80
C LEU A 126 23.62 -17.67 -8.50
N ILE A 127 22.50 -17.61 -7.81
CA ILE A 127 21.23 -18.03 -8.38
C ILE A 127 20.60 -16.80 -9.01
N ILE A 128 20.66 -16.73 -10.32
CA ILE A 128 20.14 -15.59 -11.05
C ILE A 128 18.63 -15.59 -11.17
N THR A 129 18.03 -14.45 -10.88
CA THR A 129 16.60 -14.29 -10.99
C THR A 129 16.28 -13.33 -12.12
N ASP A 130 15.87 -13.90 -13.23
CA ASP A 130 15.54 -13.13 -14.44
C ASP A 130 14.49 -12.08 -14.14
N MET B 4 -20.93 -19.82 -0.26
CA MET B 4 -19.64 -20.29 -0.84
C MET B 4 -19.90 -21.17 -2.05
N ALA B 5 -20.53 -22.31 -1.83
CA ALA B 5 -20.85 -23.25 -2.91
C ALA B 5 -22.23 -22.94 -3.46
N THR B 6 -22.90 -22.00 -2.82
CA THR B 6 -24.24 -21.56 -3.20
C THR B 6 -24.21 -20.67 -4.45
N SER B 7 -23.29 -20.93 -5.37
CA SER B 7 -23.14 -20.12 -6.58
C SER B 7 -22.97 -18.67 -6.15
N SER B 8 -22.22 -18.49 -5.07
CA SER B 8 -21.96 -17.20 -4.49
C SER B 8 -21.12 -16.32 -5.41
N GLU B 9 -20.93 -15.07 -5.01
CA GLU B 9 -20.15 -14.13 -5.79
C GLU B 9 -18.68 -14.51 -5.81
N GLU B 10 -17.97 -14.04 -6.83
CA GLU B 10 -16.56 -14.32 -6.98
C GLU B 10 -15.77 -13.76 -5.82
N VAL B 11 -14.93 -14.59 -5.21
CA VAL B 11 -14.13 -14.18 -4.07
C VAL B 11 -12.67 -14.02 -4.49
N LEU B 12 -12.27 -12.76 -4.61
CA LEU B 12 -10.91 -12.42 -5.03
C LEU B 12 -9.89 -12.79 -3.97
N LEU B 13 -10.24 -12.63 -2.71
CA LEU B 13 -9.31 -12.95 -1.62
C LEU B 13 -9.96 -13.84 -0.57
N ILE B 14 -9.34 -14.97 -0.28
CA ILE B 14 -9.85 -15.87 0.73
C ILE B 14 -8.85 -15.96 1.87
N VAL B 15 -9.18 -15.31 2.97
CA VAL B 15 -8.34 -15.29 4.15
C VAL B 15 -8.88 -16.30 5.17
N LYS B 16 -8.08 -17.30 5.48
CA LYS B 16 -8.50 -18.33 6.41
C LYS B 16 -8.06 -18.04 7.84
N LYS B 17 -8.56 -18.85 8.78
CA LYS B 17 -8.25 -18.71 10.19
C LYS B 17 -8.47 -17.28 10.65
N VAL B 18 -9.70 -16.80 10.53
CA VAL B 18 -10.04 -15.45 10.93
C VAL B 18 -11.13 -15.45 11.98
N ARG B 19 -10.95 -14.66 13.01
CA ARG B 19 -11.92 -14.58 14.09
C ARG B 19 -12.61 -13.23 14.14
N GLN B 20 -13.88 -13.25 14.53
CA GLN B 20 -14.66 -12.03 14.66
C GLN B 20 -15.46 -12.07 15.95
N LYS B 21 -15.00 -11.31 16.93
CA LYS B 21 -15.64 -11.21 18.25
C LYS B 21 -16.17 -12.55 18.78
N LYS B 22 -15.24 -13.46 19.06
CA LYS B 22 -15.53 -14.79 19.60
C LYS B 22 -16.04 -15.76 18.55
N GLN B 23 -15.92 -15.41 17.28
CA GLN B 23 -16.39 -16.29 16.23
C GLN B 23 -15.24 -16.69 15.35
N ASP B 24 -14.95 -17.98 15.32
CA ASP B 24 -13.87 -18.51 14.51
C ASP B 24 -14.38 -18.85 13.13
N GLY B 25 -13.78 -18.27 12.11
CA GLY B 25 -14.23 -18.54 10.77
C GLY B 25 -13.19 -18.22 9.72
N ALA B 26 -13.66 -17.60 8.64
CA ALA B 26 -12.82 -17.26 7.53
C ALA B 26 -13.33 -16.02 6.81
N LEU B 27 -12.40 -15.24 6.32
CA LEU B 27 -12.70 -14.00 5.63
C LEU B 27 -12.64 -14.18 4.11
N TYR B 28 -13.70 -13.81 3.43
CA TYR B 28 -13.74 -13.92 1.98
C TYR B 28 -14.08 -12.57 1.35
N LEU B 29 -13.20 -12.07 0.51
CA LEU B 29 -13.43 -10.78 -0.15
C LEU B 29 -14.04 -11.01 -1.52
N MET B 30 -15.34 -10.76 -1.65
CA MET B 30 -16.04 -10.92 -2.91
C MET B 30 -15.93 -9.64 -3.72
N ALA B 31 -16.21 -9.73 -5.01
CA ALA B 31 -16.12 -8.61 -5.93
C ALA B 31 -16.75 -7.31 -5.39
N GLU B 32 -17.95 -7.39 -4.84
CA GLU B 32 -18.61 -6.18 -4.36
C GLU B 32 -18.60 -6.02 -2.83
N ARG B 33 -18.19 -7.05 -2.08
CA ARG B 33 -18.20 -6.92 -0.62
C ARG B 33 -17.32 -7.92 0.11
N ILE B 34 -16.84 -7.48 1.27
CA ILE B 34 -16.03 -8.30 2.15
C ILE B 34 -16.98 -9.06 3.06
N ALA B 35 -17.04 -10.37 2.89
CA ALA B 35 -17.93 -11.18 3.69
C ALA B 35 -17.17 -12.22 4.46
N TRP B 36 -17.32 -12.18 5.76
CA TRP B 36 -16.67 -13.12 6.62
C TRP B 36 -17.67 -14.16 7.09
N ALA B 37 -17.26 -15.42 7.02
CA ALA B 37 -18.12 -16.53 7.40
C ALA B 37 -17.46 -17.36 8.48
N PRO B 38 -18.24 -18.15 9.22
CA PRO B 38 -17.70 -19.01 10.26
C PRO B 38 -17.18 -20.30 9.63
N GLU B 39 -16.11 -20.84 10.19
CA GLU B 39 -15.50 -22.04 9.64
C GLU B 39 -16.48 -23.20 9.58
N GLY B 40 -16.42 -23.94 8.48
CA GLY B 40 -17.29 -25.07 8.28
C GLY B 40 -18.70 -24.66 7.89
N LYS B 41 -18.87 -23.42 7.43
CA LYS B 41 -20.18 -22.95 7.01
C LYS B 41 -20.11 -22.30 5.62
N ASP B 42 -21.17 -22.52 4.84
CA ASP B 42 -21.27 -21.97 3.49
C ASP B 42 -21.91 -20.58 3.53
N ARG B 43 -22.39 -20.20 4.70
CA ARG B 43 -23.06 -18.91 4.85
C ARG B 43 -22.22 -17.90 5.61
N PHE B 44 -22.01 -16.76 4.97
CA PHE B 44 -21.25 -15.67 5.56
C PHE B 44 -22.11 -14.99 6.61
N THR B 45 -21.63 -14.97 7.84
CA THR B 45 -22.38 -14.36 8.94
C THR B 45 -22.19 -12.85 8.96
N ILE B 46 -21.31 -12.38 8.10
CA ILE B 46 -21.01 -10.96 7.99
C ILE B 46 -20.75 -10.61 6.56
N SER B 47 -21.35 -9.55 6.09
CA SER B 47 -21.11 -9.13 4.74
C SER B 47 -21.20 -7.62 4.65
N HIS B 48 -20.09 -6.98 4.34
CA HIS B 48 -20.07 -5.53 4.22
C HIS B 48 -19.73 -5.11 2.82
N MET B 49 -20.61 -4.35 2.20
CA MET B 49 -20.35 -3.86 0.87
C MET B 49 -19.32 -2.77 1.02
N TYR B 50 -18.49 -2.56 0.02
CA TYR B 50 -17.48 -1.52 0.14
C TYR B 50 -18.12 -0.14 0.26
N ALA B 51 -19.39 -0.06 -0.14
CA ALA B 51 -20.13 1.19 -0.05
C ALA B 51 -20.65 1.43 1.35
N ASP B 52 -20.32 0.53 2.26
CA ASP B 52 -20.75 0.69 3.64
C ASP B 52 -19.52 0.81 4.53
N ILE B 53 -18.35 0.62 3.95
CA ILE B 53 -17.12 0.71 4.70
C ILE B 53 -16.48 2.07 4.42
N LYS B 54 -16.42 2.91 5.42
CA LYS B 54 -15.83 4.24 5.26
C LYS B 54 -14.32 4.09 5.09
N CYS B 55 -13.75 3.11 5.76
CA CYS B 55 -12.31 2.85 5.69
C CYS B 55 -11.94 1.58 6.42
N GLN B 56 -10.80 1.01 6.06
CA GLN B 56 -10.33 -0.21 6.70
C GLN B 56 -9.02 0.06 7.42
N LYS B 57 -8.97 -0.24 8.70
CA LYS B 57 -7.76 -0.03 9.48
C LYS B 57 -7.20 -1.39 9.81
N ILE B 58 -5.92 -1.49 10.11
CA ILE B 58 -5.34 -2.79 10.32
C ILE B 58 -4.30 -2.86 11.42
N SER B 59 -4.16 -4.01 12.05
CA SER B 59 -3.18 -4.20 13.12
C SER B 59 -2.00 -5.01 12.59
N PRO B 60 -0.86 -4.32 12.37
CA PRO B 60 0.39 -4.88 11.84
C PRO B 60 1.28 -5.50 12.92
N GLU B 61 2.43 -6.02 12.48
CA GLU B 61 3.41 -6.62 13.37
C GLU B 61 3.66 -5.77 14.63
N GLY B 62 4.11 -6.44 15.67
CA GLY B 62 4.36 -5.78 16.93
C GLY B 62 3.52 -6.41 18.01
N LYS B 63 2.30 -6.75 17.64
CA LYS B 63 1.39 -7.44 18.54
C LYS B 63 1.11 -8.81 17.96
N ALA B 64 0.89 -9.78 18.83
CA ALA B 64 0.63 -11.15 18.41
C ALA B 64 -0.78 -11.31 17.88
N LYS B 65 -1.41 -10.20 17.59
CA LYS B 65 -2.76 -10.19 17.09
C LYS B 65 -2.87 -9.29 15.87
N ILE B 66 -3.09 -9.90 14.72
CA ILE B 66 -3.20 -9.17 13.47
C ILE B 66 -4.68 -8.92 13.20
N GLN B 67 -5.08 -7.69 13.09
CA GLN B 67 -6.50 -7.42 12.90
C GLN B 67 -6.80 -6.48 11.74
N LEU B 68 -8.04 -6.59 11.29
CA LEU B 68 -8.60 -5.76 10.24
C LEU B 68 -9.88 -5.16 10.77
N GLN B 69 -9.90 -3.84 10.89
CA GLN B 69 -11.08 -3.17 11.42
C GLN B 69 -11.75 -2.34 10.33
N LEU B 70 -12.96 -2.73 9.97
CA LEU B 70 -13.71 -2.04 8.94
C LEU B 70 -14.53 -0.93 9.57
N VAL B 71 -14.05 0.29 9.50
CA VAL B 71 -14.77 1.42 10.06
C VAL B 71 -15.77 1.90 9.05
N LEU B 72 -17.03 1.78 9.40
CA LEU B 72 -18.12 2.14 8.54
C LEU B 72 -18.41 3.64 8.64
N HIS B 73 -19.15 4.17 7.67
CA HIS B 73 -19.46 5.61 7.61
C HIS B 73 -20.14 6.13 8.87
N ALA B 74 -21.02 5.32 9.45
CA ALA B 74 -21.77 5.72 10.64
C ALA B 74 -20.92 5.68 11.90
N GLY B 75 -19.66 5.30 11.76
CA GLY B 75 -18.79 5.21 12.91
C GLY B 75 -18.71 3.79 13.42
N ASP B 76 -19.37 2.89 12.69
CA ASP B 76 -19.40 1.50 13.03
C ASP B 76 -18.07 0.87 12.68
N THR B 77 -17.91 -0.39 13.01
CA THR B 77 -16.68 -1.11 12.74
C THR B 77 -16.88 -2.61 12.72
N THR B 78 -15.92 -3.30 12.15
CA THR B 78 -15.92 -4.75 12.08
C THR B 78 -14.51 -5.25 12.33
N ASN B 79 -14.31 -5.97 13.43
CA ASN B 79 -12.98 -6.48 13.79
C ASN B 79 -12.75 -7.91 13.34
N PHE B 80 -11.78 -8.09 12.46
CA PHE B 80 -11.40 -9.41 11.97
C PHE B 80 -9.95 -9.69 12.33
N HIS B 81 -9.73 -10.76 13.07
CA HIS B 81 -8.39 -11.13 13.48
C HIS B 81 -7.83 -12.21 12.57
N PHE B 82 -6.69 -11.90 11.96
CA PHE B 82 -5.98 -12.83 11.08
C PHE B 82 -5.22 -13.79 11.97
N SER B 83 -5.94 -14.73 12.56
CA SER B 83 -5.33 -15.66 13.50
C SER B 83 -4.60 -16.83 12.84
N ASN B 84 -4.04 -16.58 11.66
CA ASN B 84 -3.26 -17.60 10.98
C ASN B 84 -1.79 -17.28 11.17
N GLU B 85 -1.21 -17.84 12.24
CA GLU B 85 0.19 -17.60 12.62
C GLU B 85 1.18 -17.64 11.44
N SER B 86 0.88 -18.45 10.44
CA SER B 86 1.75 -18.59 9.28
C SER B 86 1.89 -17.29 8.46
N THR B 87 0.77 -16.69 8.09
CA THR B 87 0.81 -15.48 7.27
C THR B 87 -0.07 -14.39 7.85
N ALA B 88 -0.35 -14.48 9.14
CA ALA B 88 -1.23 -13.55 9.86
C ALA B 88 -1.14 -12.10 9.36
N VAL B 89 0.05 -11.54 9.38
CA VAL B 89 0.20 -10.15 8.96
C VAL B 89 0.19 -10.02 7.45
N LYS B 90 0.85 -10.95 6.77
CA LYS B 90 0.92 -10.92 5.32
C LYS B 90 -0.47 -11.05 4.72
N GLU B 91 -1.34 -11.78 5.41
CA GLU B 91 -2.72 -11.89 4.97
C GLU B 91 -3.34 -10.53 5.06
N ARG B 92 -3.16 -9.89 6.22
CA ARG B 92 -3.67 -8.54 6.48
C ARG B 92 -3.30 -7.59 5.35
N ASP B 93 -2.04 -7.61 4.95
CA ASP B 93 -1.53 -6.74 3.87
C ASP B 93 -2.28 -7.01 2.57
N ALA B 94 -2.49 -8.29 2.25
CA ALA B 94 -3.19 -8.65 1.03
C ALA B 94 -4.64 -8.18 1.07
N VAL B 95 -5.33 -8.43 2.19
CA VAL B 95 -6.71 -7.99 2.37
C VAL B 95 -6.73 -6.46 2.25
N LYS B 96 -5.73 -5.83 2.86
CA LYS B 96 -5.56 -4.38 2.83
C LYS B 96 -5.45 -3.85 1.42
N ASP B 97 -4.41 -4.26 0.71
CA ASP B 97 -4.17 -3.78 -0.65
C ASP B 97 -5.34 -4.07 -1.56
N LEU B 98 -5.87 -5.28 -1.49
CA LEU B 98 -6.99 -5.66 -2.34
C LEU B 98 -8.25 -4.88 -1.99
N LEU B 99 -8.69 -4.95 -0.74
CA LEU B 99 -9.91 -4.27 -0.29
C LEU B 99 -9.81 -2.78 -0.55
N GLN B 100 -8.63 -2.24 -0.33
CA GLN B 100 -8.41 -0.83 -0.51
C GLN B 100 -8.60 -0.44 -1.97
N GLN B 101 -8.30 -1.36 -2.89
CA GLN B 101 -8.50 -1.09 -4.32
C GLN B 101 -9.96 -1.28 -4.66
N LEU B 102 -10.67 -1.99 -3.79
CA LEU B 102 -12.09 -2.28 -3.97
C LEU B 102 -12.94 -1.12 -3.47
N LEU B 103 -12.42 -0.38 -2.51
CA LEU B 103 -13.15 0.74 -1.92
C LEU B 103 -13.49 1.84 -2.92
N PRO B 104 -12.51 2.38 -3.68
CA PRO B 104 -12.77 3.46 -4.64
C PRO B 104 -13.84 3.11 -5.67
N LYS B 105 -14.12 1.82 -5.76
CA LYS B 105 -15.14 1.31 -6.66
C LYS B 105 -16.52 1.65 -6.10
N PHE B 106 -16.56 1.95 -4.80
CA PHE B 106 -17.81 2.30 -4.13
C PHE B 106 -17.68 3.67 -3.47
N LYS B 107 -16.47 3.99 -3.02
CA LYS B 107 -16.16 5.25 -2.39
C LYS B 107 -15.94 6.31 -3.47
N ARG B 108 -16.38 7.52 -3.21
CA ARG B 108 -16.23 8.59 -4.17
C ARG B 108 -15.17 9.59 -3.74
N LYS B 109 -14.31 9.97 -4.68
CA LYS B 109 -13.26 10.93 -4.44
C LYS B 109 -13.35 12.05 -5.47
N ALA B 110 -12.22 12.62 -5.83
CA ALA B 110 -12.18 13.69 -6.82
C ALA B 110 -12.02 13.10 -8.22
N ASN B 111 -12.45 11.85 -8.35
CA ASN B 111 -12.38 11.12 -9.61
C ASN B 111 -13.32 9.92 -9.53
N MET A 4 -14.26 -20.34 19.62
CA MET A 4 -14.31 -18.98 20.22
C MET A 4 -12.98 -18.65 20.87
N SER A 5 -12.56 -17.40 20.72
CA SER A 5 -11.30 -16.94 21.29
C SER A 5 -11.42 -15.47 21.66
N ASP A 6 -11.31 -15.16 22.95
CA ASP A 6 -11.44 -13.78 23.42
C ASP A 6 -10.12 -13.01 23.27
N ASN A 7 -9.32 -13.43 22.31
CA ASN A 7 -8.04 -12.77 22.07
C ASN A 7 -8.25 -11.50 21.26
N GLU A 8 -9.46 -11.34 20.73
CA GLU A 8 -9.80 -10.18 19.92
C GLU A 8 -10.20 -9.00 20.79
N ASP A 9 -10.38 -9.28 22.06
CA ASP A 9 -10.77 -8.26 23.03
C ASP A 9 -9.90 -8.35 24.28
N ASN A 10 -8.71 -8.89 24.09
CA ASN A 10 -7.77 -9.07 25.19
C ASN A 10 -6.61 -8.09 25.07
N PHE A 11 -6.85 -7.05 24.29
CA PHE A 11 -5.85 -6.02 24.06
C PHE A 11 -6.42 -4.66 24.42
N ASP A 12 -5.59 -3.65 24.31
CA ASP A 12 -5.96 -2.29 24.61
C ASP A 12 -4.92 -1.40 24.00
N GLY A 13 -5.18 -1.04 22.77
CA GLY A 13 -4.27 -0.18 22.06
C GLY A 13 -3.65 -0.84 20.85
N ASP A 14 -4.38 -1.77 20.23
CA ASP A 14 -3.90 -2.45 19.02
C ASP A 14 -3.19 -1.46 18.11
N ASP A 15 -1.98 -1.82 17.69
CA ASP A 15 -1.14 -0.97 16.85
C ASP A 15 -1.67 -0.85 15.43
N PHE A 16 -3.00 -0.73 15.31
CA PHE A 16 -3.66 -0.64 14.02
C PHE A 16 -2.95 0.32 13.09
N ASP A 17 -2.36 -0.27 12.06
CA ASP A 17 -1.69 0.46 11.02
C ASP A 17 -2.80 0.93 10.10
N ASP A 18 -3.25 2.14 10.36
CA ASP A 18 -4.33 2.71 9.61
C ASP A 18 -4.00 2.79 8.15
N VAL A 19 -4.76 2.03 7.40
CA VAL A 19 -4.57 1.98 5.98
C VAL A 19 -5.73 2.63 5.26
N GLU A 20 -5.52 3.87 4.89
CA GLU A 20 -6.52 4.59 4.16
C GLU A 20 -6.01 4.77 2.74
N GLU A 21 -6.57 3.97 1.83
CA GLU A 21 -6.18 3.96 0.43
C GLU A 21 -6.10 5.37 -0.17
N ASP A 22 -5.02 5.61 -0.91
CA ASP A 22 -4.80 6.86 -1.60
C ASP A 22 -4.64 6.57 -3.08
N GLU A 23 -5.76 6.29 -3.72
CA GLU A 23 -5.78 5.95 -5.12
C GLU A 23 -6.33 7.09 -5.96
N GLY A 24 -6.09 7.03 -7.27
CA GLY A 24 -6.56 8.06 -8.17
C GLY A 24 -5.69 9.30 -8.10
N LEU A 25 -4.49 9.14 -7.53
CA LEU A 25 -3.56 10.24 -7.40
C LEU A 25 -2.93 10.59 -8.75
N ASP A 26 -3.11 11.83 -9.16
CA ASP A 26 -2.57 12.32 -10.44
C ASP A 26 -1.25 13.05 -10.20
N ASP A 27 -0.46 13.16 -11.26
CA ASP A 27 0.83 13.83 -11.19
C ASP A 27 0.74 15.24 -11.78
N LEU A 28 0.53 15.32 -13.08
CA LEU A 28 0.42 16.60 -13.77
C LEU A 28 -0.53 16.49 -14.96
N GLU A 29 -1.53 15.61 -14.85
CA GLU A 29 -2.52 15.38 -15.89
C GLU A 29 -1.87 14.82 -17.16
N ASN A 30 -1.39 15.71 -18.03
CA ASN A 30 -0.74 15.29 -19.26
C ASN A 30 0.77 15.25 -19.10
N ALA A 31 1.32 14.05 -19.17
CA ALA A 31 2.76 13.85 -19.04
C ALA A 31 3.21 12.66 -19.87
N GLU A 32 2.35 12.26 -20.80
CA GLU A 32 2.58 11.13 -21.69
C GLU A 32 2.96 9.86 -20.91
N GLU A 33 3.61 8.92 -21.59
CA GLU A 33 4.03 7.67 -20.98
C GLU A 33 5.03 6.96 -21.90
N GLU A 34 5.83 6.08 -21.34
CA GLU A 34 6.82 5.33 -22.11
C GLU A 34 6.43 3.88 -22.26
N GLY A 35 5.41 3.53 -21.51
CA GLY A 35 4.90 2.18 -21.52
C GLY A 35 5.42 1.37 -20.35
N GLN A 36 5.14 1.83 -19.15
CA GLN A 36 5.60 1.16 -17.94
C GLN A 36 4.58 0.11 -17.49
N GLU A 37 4.58 -1.03 -18.15
CA GLU A 37 3.68 -2.11 -17.82
C GLU A 37 4.18 -2.93 -16.63
N ASN A 38 3.34 -3.85 -16.19
CA ASN A 38 3.67 -4.71 -15.07
C ASN A 38 4.34 -5.99 -15.55
N VAL A 39 5.43 -6.36 -14.91
CA VAL A 39 6.17 -7.57 -15.26
C VAL A 39 6.56 -8.33 -14.00
N GLU A 40 6.85 -9.61 -14.18
CA GLU A 40 7.24 -10.47 -13.07
C GLU A 40 8.61 -11.08 -13.35
N ILE A 41 9.33 -11.39 -12.29
CA ILE A 41 10.65 -11.99 -12.42
C ILE A 41 10.54 -13.51 -12.30
N LEU A 42 11.08 -14.21 -13.28
CA LEU A 42 11.03 -15.66 -13.28
C LEU A 42 12.45 -16.23 -13.26
N PRO A 43 12.66 -17.28 -12.47
CA PRO A 43 13.97 -17.92 -12.38
C PRO A 43 14.36 -18.60 -13.69
N SER A 44 15.59 -18.37 -14.11
CA SER A 44 16.12 -18.98 -15.32
C SER A 44 17.01 -20.16 -14.99
N GLY A 45 17.30 -20.92 -16.03
CA GLY A 45 18.10 -22.12 -15.91
C GLY A 45 17.33 -23.27 -16.50
N GLU A 46 16.02 -23.13 -16.45
CA GLU A 46 15.11 -24.10 -17.04
C GLU A 46 14.47 -23.42 -18.23
N ARG A 47 14.39 -22.12 -18.07
CA ARG A 47 13.88 -21.16 -19.02
C ARG A 47 12.65 -21.61 -19.79
N PRO A 48 11.45 -21.42 -19.20
CA PRO A 48 10.22 -21.72 -19.91
C PRO A 48 10.03 -20.60 -20.92
N GLN A 49 9.93 -20.95 -22.19
CA GLN A 49 9.83 -19.93 -23.21
C GLN A 49 8.80 -20.22 -24.27
N ALA A 50 8.38 -19.15 -24.93
CA ALA A 50 7.44 -19.22 -26.01
C ALA A 50 8.05 -18.48 -27.18
N ASN A 51 8.52 -19.22 -28.16
CA ASN A 51 9.15 -18.58 -29.30
C ASN A 51 8.12 -18.09 -30.31
N GLN A 52 7.03 -17.55 -29.80
CA GLN A 52 5.97 -16.99 -30.62
C GLN A 52 6.35 -15.56 -30.97
N LYS A 53 5.64 -14.95 -31.90
CA LYS A 53 5.94 -13.58 -32.27
C LYS A 53 5.56 -12.65 -31.15
N ARG A 54 6.55 -12.31 -30.36
CA ARG A 54 6.35 -11.41 -29.24
C ARG A 54 5.83 -10.09 -29.75
N ILE A 55 4.95 -9.50 -28.99
CA ILE A 55 4.33 -8.26 -29.40
C ILE A 55 4.97 -7.05 -28.74
N THR A 56 5.83 -7.30 -27.78
CA THR A 56 6.51 -6.22 -27.09
C THR A 56 7.89 -5.96 -27.71
N THR A 57 8.69 -5.16 -27.04
CA THR A 57 10.01 -4.80 -27.54
C THR A 57 11.10 -5.39 -26.67
N PRO A 58 12.18 -5.85 -27.30
CA PRO A 58 13.34 -6.43 -26.62
C PRO A 58 14.24 -5.35 -26.02
N TYR A 59 13.67 -4.52 -25.16
CA TYR A 59 14.39 -3.43 -24.53
C TYR A 59 14.01 -3.40 -23.06
N MET A 60 14.87 -2.86 -22.24
CA MET A 60 14.59 -2.80 -20.83
C MET A 60 14.64 -1.37 -20.32
N THR A 61 13.52 -0.91 -19.78
CA THR A 61 13.42 0.43 -19.25
C THR A 61 13.81 0.46 -17.77
N LYS A 62 13.35 1.47 -17.06
CA LYS A 62 13.66 1.61 -15.65
C LYS A 62 12.84 0.63 -14.80
N TYR A 63 11.69 0.23 -15.31
CA TYR A 63 10.80 -0.68 -14.60
C TYR A 63 11.42 -2.06 -14.43
N GLU A 64 11.68 -2.73 -15.55
CA GLU A 64 12.26 -4.08 -15.50
C GLU A 64 13.66 -4.02 -14.91
N ARG A 65 14.37 -2.93 -15.19
CA ARG A 65 15.72 -2.75 -14.68
C ARG A 65 15.73 -2.84 -13.15
N ALA A 66 14.93 -1.99 -12.52
CA ALA A 66 14.85 -1.93 -11.08
C ALA A 66 14.22 -3.20 -10.51
N ARG A 67 13.26 -3.76 -11.25
CA ARG A 67 12.58 -4.98 -10.83
C ARG A 67 13.58 -6.13 -10.70
N VAL A 68 14.38 -6.34 -11.74
CA VAL A 68 15.37 -7.40 -11.73
C VAL A 68 16.50 -7.09 -10.75
N LEU A 69 16.94 -5.84 -10.75
CA LEU A 69 18.01 -5.40 -9.87
C LEU A 69 17.65 -5.59 -8.40
N GLY A 70 16.42 -5.23 -8.05
CA GLY A 70 15.96 -5.40 -6.69
C GLY A 70 15.93 -6.86 -6.29
N THR A 71 15.52 -7.70 -7.22
CA THR A 71 15.44 -9.14 -7.00
C THR A 71 16.84 -9.75 -6.88
N ARG A 72 17.78 -9.24 -7.67
CA ARG A 72 19.15 -9.73 -7.65
C ARG A 72 19.86 -9.27 -6.39
N ALA A 73 19.56 -8.06 -5.95
CA ALA A 73 20.15 -7.53 -4.72
C ALA A 73 19.73 -8.43 -3.58
N LEU A 74 18.48 -8.86 -3.62
CA LEU A 74 17.96 -9.76 -2.61
C LEU A 74 18.69 -11.10 -2.71
N GLN A 75 19.10 -11.44 -3.92
CA GLN A 75 19.84 -12.69 -4.15
C GLN A 75 21.24 -12.61 -3.56
N ILE A 76 22.02 -11.63 -4.02
CA ILE A 76 23.40 -11.45 -3.56
C ILE A 76 23.44 -11.16 -2.07
N ALA A 77 22.41 -10.49 -1.59
CA ALA A 77 22.29 -10.18 -0.17
C ALA A 77 22.18 -11.46 0.64
N MET A 78 21.87 -12.56 -0.05
CA MET A 78 21.76 -13.87 0.56
C MET A 78 22.98 -14.72 0.19
N CYS A 79 24.02 -14.03 -0.31
CA CYS A 79 25.30 -14.64 -0.70
C CYS A 79 25.22 -15.32 -2.08
N ALA A 80 24.47 -14.71 -3.00
CA ALA A 80 24.35 -15.25 -4.35
C ALA A 80 25.64 -15.00 -5.13
N PRO A 81 25.99 -15.92 -6.05
CA PRO A 81 27.19 -15.80 -6.87
C PRO A 81 27.15 -14.56 -7.76
N VAL A 82 28.24 -13.81 -7.76
CA VAL A 82 28.36 -12.59 -8.55
C VAL A 82 29.01 -12.92 -9.90
N MET A 83 28.40 -12.47 -10.98
CA MET A 83 28.92 -12.76 -12.33
C MET A 83 29.64 -11.55 -12.93
N VAL A 84 29.90 -10.54 -12.13
CA VAL A 84 30.60 -9.36 -12.62
C VAL A 84 31.95 -9.21 -11.98
N GLU A 85 32.64 -8.23 -12.51
CA GLU A 85 33.94 -7.86 -12.06
C GLU A 85 33.77 -6.88 -10.91
N LEU A 86 34.61 -6.99 -9.89
CA LEU A 86 34.48 -6.12 -8.73
C LEU A 86 35.62 -5.11 -8.63
N GLU A 87 35.26 -3.84 -8.78
CA GLU A 87 36.22 -2.75 -8.69
C GLU A 87 35.95 -1.97 -7.41
N GLY A 88 35.49 -2.68 -6.40
CA GLY A 88 35.17 -2.06 -5.13
C GLY A 88 33.74 -2.33 -4.69
N GLU A 89 32.89 -2.75 -5.63
CA GLU A 89 31.51 -3.07 -5.32
C GLU A 89 31.43 -4.22 -4.32
N THR A 90 30.99 -3.91 -3.11
CA THR A 90 30.88 -4.92 -2.08
C THR A 90 29.44 -5.03 -1.59
N ASP A 91 28.58 -4.17 -2.12
CA ASP A 91 27.18 -4.17 -1.77
C ASP A 91 26.36 -4.86 -2.86
N PRO A 92 25.40 -5.71 -2.45
CA PRO A 92 24.54 -6.46 -3.37
C PRO A 92 23.86 -5.59 -4.42
N LEU A 93 23.48 -4.37 -4.06
CA LEU A 93 22.82 -3.47 -4.99
C LEU A 93 23.79 -3.00 -6.07
N LEU A 94 24.95 -2.52 -5.63
CA LEU A 94 25.99 -2.04 -6.55
C LEU A 94 26.38 -3.13 -7.53
N ILE A 95 26.62 -4.33 -7.01
CA ILE A 95 27.01 -5.46 -7.83
C ILE A 95 25.91 -5.85 -8.79
N ALA A 96 24.69 -6.01 -8.29
CA ALA A 96 23.55 -6.37 -9.12
C ALA A 96 23.41 -5.39 -10.27
N MET A 97 23.54 -4.11 -9.95
CA MET A 97 23.43 -3.05 -10.96
C MET A 97 24.51 -3.25 -12.02
N LYS A 98 25.72 -3.54 -11.57
CA LYS A 98 26.85 -3.77 -12.45
C LYS A 98 26.54 -4.95 -13.39
N GLU A 99 25.94 -6.00 -12.82
CA GLU A 99 25.59 -7.20 -13.59
C GLU A 99 24.56 -6.88 -14.67
N LEU A 100 23.62 -6.02 -14.36
CA LEU A 100 22.57 -5.66 -15.32
C LEU A 100 23.16 -4.95 -16.54
N LYS A 101 24.08 -4.02 -16.31
CA LYS A 101 24.68 -3.29 -17.43
C LYS A 101 25.62 -4.17 -18.22
N ALA A 102 26.18 -5.17 -17.54
CA ALA A 102 27.13 -6.07 -18.17
C ALA A 102 26.47 -7.34 -18.69
N ARG A 103 25.13 -7.40 -18.61
CA ARG A 103 24.38 -8.56 -19.08
C ARG A 103 24.83 -9.83 -18.36
N LYS A 104 25.12 -9.70 -17.08
CA LYS A 104 25.57 -10.83 -16.27
C LYS A 104 24.44 -11.41 -15.43
N ILE A 105 23.24 -10.83 -15.54
CA ILE A 105 22.10 -11.30 -14.77
C ILE A 105 21.29 -12.33 -15.54
N PRO A 106 21.34 -13.60 -15.12
CA PRO A 106 20.60 -14.67 -15.72
C PRO A 106 19.22 -14.79 -15.08
N ILE A 107 18.21 -14.23 -15.75
CA ILE A 107 16.85 -14.29 -15.25
C ILE A 107 15.85 -14.01 -16.37
N ILE A 108 14.67 -14.59 -16.26
CA ILE A 108 13.62 -14.40 -17.25
C ILE A 108 12.60 -13.39 -16.74
N ILE A 109 12.20 -12.47 -17.59
CA ILE A 109 11.23 -11.46 -17.21
C ILE A 109 9.89 -11.74 -17.89
N ARG A 110 8.84 -11.83 -17.10
CA ARG A 110 7.51 -12.10 -17.62
C ARG A 110 6.74 -10.80 -17.79
N ARG A 111 6.53 -10.40 -19.04
CA ARG A 111 5.82 -9.17 -19.32
C ARG A 111 4.32 -9.42 -19.43
N TYR A 112 3.55 -8.83 -18.54
CA TYR A 112 2.10 -9.01 -18.56
C TYR A 112 1.48 -7.98 -19.51
N LEU A 113 0.45 -8.40 -20.23
CA LEU A 113 -0.21 -7.49 -21.15
C LEU A 113 -1.58 -7.09 -20.59
N PRO A 114 -2.11 -5.93 -21.01
CA PRO A 114 -3.41 -5.41 -20.55
C PRO A 114 -4.60 -6.36 -20.79
N ASP A 115 -4.37 -7.39 -21.58
CA ASP A 115 -5.43 -8.37 -21.88
C ASP A 115 -5.41 -9.50 -20.85
N GLY A 116 -4.34 -9.56 -20.07
CA GLY A 116 -4.21 -10.58 -19.05
C GLY A 116 -3.19 -11.65 -19.42
N SER A 117 -2.57 -11.50 -20.59
CA SER A 117 -1.57 -12.45 -21.03
C SER A 117 -0.19 -12.05 -20.53
N TYR A 118 0.84 -12.80 -20.95
CA TYR A 118 2.19 -12.52 -20.54
C TYR A 118 3.19 -13.15 -21.52
N GLU A 119 4.25 -12.40 -21.81
CA GLU A 119 5.29 -12.85 -22.74
C GLU A 119 6.59 -13.11 -21.98
N ASP A 120 7.41 -14.00 -22.50
CA ASP A 120 8.69 -14.35 -21.90
C ASP A 120 9.77 -13.45 -22.48
N TRP A 121 10.55 -12.84 -21.60
CA TRP A 121 11.61 -11.95 -22.02
C TRP A 121 12.82 -12.07 -21.11
N GLY A 122 13.86 -12.76 -21.57
CA GLY A 122 15.05 -12.89 -20.76
C GLY A 122 15.84 -11.60 -20.74
N VAL A 123 16.68 -11.42 -19.72
CA VAL A 123 17.51 -10.22 -19.62
C VAL A 123 18.45 -10.19 -20.80
N ASP A 124 18.80 -11.38 -21.25
CA ASP A 124 19.70 -11.55 -22.38
C ASP A 124 18.98 -11.28 -23.70
N GLU A 125 17.66 -11.25 -23.66
CA GLU A 125 16.84 -10.97 -24.84
C GLU A 125 16.45 -9.50 -24.85
N LEU A 126 16.85 -8.77 -23.82
CA LEU A 126 16.51 -7.36 -23.70
C LEU A 126 17.71 -6.45 -23.80
N ILE A 127 17.53 -5.36 -24.52
CA ILE A 127 18.57 -4.36 -24.67
C ILE A 127 18.31 -3.30 -23.61
N ILE A 128 19.12 -3.30 -22.57
CA ILE A 128 18.95 -2.36 -21.47
C ILE A 128 19.54 -1.01 -21.77
N THR A 129 18.71 0.02 -21.69
CA THR A 129 19.14 1.38 -21.89
C THR A 129 19.14 2.09 -20.55
N ASP A 130 20.33 2.26 -20.01
CA ASP A 130 20.51 2.91 -18.72
C ASP A 130 20.10 4.37 -18.77
N MET B 4 -25.10 -24.88 0.52
CA MET B 4 -26.47 -24.35 0.38
C MET B 4 -26.51 -23.30 -0.71
N ALA B 5 -27.52 -22.43 -0.68
CA ALA B 5 -27.66 -21.39 -1.69
C ALA B 5 -26.74 -20.22 -1.37
N THR B 6 -25.55 -20.24 -1.94
CA THR B 6 -24.58 -19.19 -1.71
C THR B 6 -24.57 -18.19 -2.87
N SER B 7 -25.64 -17.41 -2.97
CA SER B 7 -25.76 -16.40 -4.02
C SER B 7 -24.87 -15.21 -3.71
N SER B 8 -23.66 -15.22 -4.26
CA SER B 8 -22.71 -14.15 -4.04
C SER B 8 -21.80 -13.99 -5.24
N GLU B 9 -21.02 -12.90 -5.26
CA GLU B 9 -20.09 -12.63 -6.34
C GLU B 9 -18.84 -13.48 -6.20
N GLU B 10 -17.94 -13.36 -7.16
CA GLU B 10 -16.68 -14.11 -7.15
C GLU B 10 -15.81 -13.62 -6.00
N VAL B 11 -15.08 -14.55 -5.38
CA VAL B 11 -14.21 -14.21 -4.27
C VAL B 11 -12.77 -14.12 -4.75
N LEU B 12 -12.25 -12.90 -4.80
CA LEU B 12 -10.89 -12.66 -5.27
C LEU B 12 -9.86 -13.01 -4.20
N LEU B 13 -10.19 -12.73 -2.94
CA LEU B 13 -9.27 -13.01 -1.85
C LEU B 13 -9.91 -13.87 -0.77
N ILE B 14 -9.34 -15.03 -0.52
CA ILE B 14 -9.85 -15.90 0.53
C ILE B 14 -8.85 -15.95 1.66
N VAL B 15 -9.23 -15.35 2.78
CA VAL B 15 -8.39 -15.29 3.95
C VAL B 15 -8.92 -16.26 5.00
N LYS B 16 -8.18 -17.34 5.23
CA LYS B 16 -8.59 -18.35 6.19
C LYS B 16 -8.11 -18.00 7.60
N LYS B 17 -8.60 -18.77 8.57
CA LYS B 17 -8.28 -18.57 9.98
C LYS B 17 -8.50 -17.11 10.40
N VAL B 18 -9.73 -16.65 10.26
CA VAL B 18 -10.06 -15.28 10.62
C VAL B 18 -11.16 -15.27 11.65
N ARG B 19 -11.05 -14.38 12.62
CA ARG B 19 -12.04 -14.30 13.67
C ARG B 19 -12.68 -12.92 13.76
N GLN B 20 -13.93 -12.89 14.15
CA GLN B 20 -14.66 -11.65 14.31
C GLN B 20 -15.29 -11.62 15.69
N LYS B 21 -14.70 -10.82 16.58
CA LYS B 21 -15.19 -10.67 17.94
C LYS B 21 -15.54 -12.01 18.59
N LYS B 22 -14.50 -12.83 18.77
CA LYS B 22 -14.60 -14.16 19.41
C LYS B 22 -15.18 -15.24 18.50
N GLN B 23 -15.51 -14.89 17.26
CA GLN B 23 -16.07 -15.85 16.33
C GLN B 23 -14.99 -16.35 15.38
N ASP B 24 -14.71 -17.65 15.41
CA ASP B 24 -13.69 -18.23 14.55
C ASP B 24 -14.30 -18.60 13.21
N GLY B 25 -13.70 -18.12 12.14
CA GLY B 25 -14.22 -18.42 10.82
C GLY B 25 -13.22 -18.16 9.72
N ALA B 26 -13.71 -17.58 8.63
CA ALA B 26 -12.90 -17.31 7.46
C ALA B 26 -13.41 -16.09 6.73
N LEU B 27 -12.47 -15.30 6.25
CA LEU B 27 -12.76 -14.07 5.54
C LEU B 27 -12.66 -14.26 4.03
N TYR B 28 -13.65 -13.79 3.31
CA TYR B 28 -13.65 -13.89 1.84
C TYR B 28 -13.97 -12.54 1.22
N LEU B 29 -13.10 -12.06 0.35
CA LEU B 29 -13.33 -10.79 -0.32
C LEU B 29 -13.93 -11.01 -1.70
N MET B 30 -15.23 -10.72 -1.82
CA MET B 30 -15.90 -10.87 -3.10
C MET B 30 -15.73 -9.60 -3.91
N ALA B 31 -15.94 -9.70 -5.21
CA ALA B 31 -15.79 -8.58 -6.13
C ALA B 31 -16.42 -7.27 -5.64
N GLU B 32 -17.59 -7.33 -5.02
CA GLU B 32 -18.26 -6.11 -4.56
C GLU B 32 -18.34 -5.99 -3.03
N ARG B 33 -17.95 -7.02 -2.28
CA ARG B 33 -18.07 -6.94 -0.82
C ARG B 33 -17.17 -7.91 -0.08
N ILE B 34 -16.82 -7.50 1.14
CA ILE B 34 -16.01 -8.30 2.03
C ILE B 34 -16.97 -9.08 2.94
N ALA B 35 -17.01 -10.37 2.76
CA ALA B 35 -17.92 -11.19 3.55
C ALA B 35 -17.15 -12.23 4.33
N TRP B 36 -17.41 -12.26 5.61
CA TRP B 36 -16.76 -13.20 6.49
C TRP B 36 -17.77 -14.24 6.96
N ALA B 37 -17.35 -15.49 7.00
CA ALA B 37 -18.21 -16.58 7.41
C ALA B 37 -17.52 -17.41 8.50
N PRO B 38 -18.26 -18.18 9.28
CA PRO B 38 -17.69 -19.02 10.31
C PRO B 38 -17.15 -20.32 9.70
N GLU B 39 -16.02 -20.78 10.20
CA GLU B 39 -15.39 -21.99 9.68
C GLU B 39 -16.35 -23.18 9.75
N GLY B 40 -16.37 -23.96 8.69
CA GLY B 40 -17.24 -25.12 8.62
C GLY B 40 -18.64 -24.76 8.16
N LYS B 41 -18.81 -23.52 7.72
CA LYS B 41 -20.11 -23.06 7.24
C LYS B 41 -19.98 -22.39 5.88
N ASP B 42 -21.01 -22.55 5.05
CA ASP B 42 -21.03 -21.96 3.72
C ASP B 42 -21.86 -20.69 3.72
N ARG B 43 -22.24 -20.27 4.92
CA ARG B 43 -23.06 -19.09 5.09
C ARG B 43 -22.27 -17.94 5.67
N PHE B 44 -22.16 -16.86 4.92
CA PHE B 44 -21.45 -15.68 5.40
C PHE B 44 -22.30 -15.03 6.48
N THR B 45 -21.77 -14.95 7.69
CA THR B 45 -22.50 -14.36 8.80
C THR B 45 -22.30 -12.86 8.81
N ILE B 46 -21.44 -12.39 7.93
CA ILE B 46 -21.13 -10.99 7.78
C ILE B 46 -20.86 -10.69 6.34
N SER B 47 -21.45 -9.63 5.83
CA SER B 47 -21.20 -9.25 4.47
C SER B 47 -21.27 -7.75 4.32
N HIS B 48 -20.13 -7.11 4.15
CA HIS B 48 -20.07 -5.67 4.00
C HIS B 48 -19.68 -5.28 2.60
N MET B 49 -20.50 -4.48 1.96
CA MET B 49 -20.17 -4.01 0.64
C MET B 49 -19.16 -2.89 0.85
N TYR B 50 -18.30 -2.65 -0.13
CA TYR B 50 -17.32 -1.59 0.06
C TYR B 50 -18.01 -0.24 0.13
N ALA B 51 -19.28 -0.22 -0.28
CA ALA B 51 -20.09 0.98 -0.26
C ALA B 51 -20.61 1.25 1.13
N ASP B 52 -20.25 0.38 2.08
CA ASP B 52 -20.67 0.57 3.46
C ASP B 52 -19.46 0.75 4.35
N ILE B 53 -18.29 0.52 3.80
CA ILE B 53 -17.07 0.67 4.56
C ILE B 53 -16.53 2.08 4.34
N LYS B 54 -16.35 2.82 5.42
CA LYS B 54 -15.87 4.19 5.32
C LYS B 54 -14.34 4.25 5.38
N CYS B 55 -13.73 3.26 6.04
CA CYS B 55 -12.28 3.21 6.18
C CYS B 55 -11.82 1.86 6.71
N GLN B 56 -10.56 1.46 6.44
CA GLN B 56 -10.04 0.19 6.91
C GLN B 56 -8.73 0.41 7.70
N LYS B 57 -8.69 -0.07 8.93
CA LYS B 57 -7.50 0.06 9.76
C LYS B 57 -7.01 -1.34 10.07
N ILE B 58 -5.70 -1.54 10.28
CA ILE B 58 -5.23 -2.90 10.47
C ILE B 58 -3.99 -3.06 11.33
N SER B 59 -4.07 -3.88 12.37
CA SER B 59 -2.94 -4.14 13.27
C SER B 59 -1.92 -5.05 12.58
N PRO B 60 -0.73 -4.47 12.27
CA PRO B 60 0.41 -5.13 11.62
C PRO B 60 1.35 -5.83 12.60
N GLU B 61 2.42 -6.43 12.05
CA GLU B 61 3.44 -7.11 12.85
C GLU B 61 3.83 -6.30 14.08
N GLY B 62 4.24 -7.00 15.13
CA GLY B 62 4.60 -6.36 16.38
C GLY B 62 3.73 -6.88 17.49
N LYS B 63 2.45 -7.05 17.18
CA LYS B 63 1.49 -7.60 18.10
C LYS B 63 1.20 -9.03 17.70
N ALA B 64 0.84 -9.86 18.66
CA ALA B 64 0.53 -11.25 18.38
C ALA B 64 -0.90 -11.40 17.92
N LYS B 65 -1.48 -10.28 17.56
CA LYS B 65 -2.85 -10.21 17.09
C LYS B 65 -2.95 -9.31 15.88
N ILE B 66 -3.23 -9.91 14.74
CA ILE B 66 -3.36 -9.18 13.49
C ILE B 66 -4.83 -8.92 13.24
N GLN B 67 -5.23 -7.67 13.05
CA GLN B 67 -6.66 -7.43 12.86
C GLN B 67 -6.96 -6.40 11.79
N LEU B 68 -8.13 -6.57 11.21
CA LEU B 68 -8.67 -5.68 10.20
C LEU B 68 -9.88 -4.99 10.80
N GLN B 69 -9.76 -3.70 11.01
CA GLN B 69 -10.81 -2.92 11.63
C GLN B 69 -11.52 -2.07 10.58
N LEU B 70 -12.75 -2.45 10.25
CA LEU B 70 -13.54 -1.71 9.28
C LEU B 70 -14.43 -0.70 10.00
N VAL B 71 -14.36 0.55 9.60
CA VAL B 71 -15.21 1.56 10.17
C VAL B 71 -16.18 2.02 9.12
N LEU B 72 -17.44 1.81 9.39
CA LEU B 72 -18.49 2.13 8.47
C LEU B 72 -18.87 3.61 8.55
N HIS B 73 -19.63 4.07 7.56
CA HIS B 73 -20.04 5.49 7.48
C HIS B 73 -20.75 5.98 8.73
N ALA B 74 -21.75 5.23 9.17
CA ALA B 74 -22.55 5.60 10.34
C ALA B 74 -21.71 5.66 11.61
N GLY B 75 -20.57 5.02 11.58
CA GLY B 75 -19.72 4.99 12.74
C GLY B 75 -19.60 3.58 13.25
N ASP B 76 -20.17 2.67 12.47
CA ASP B 76 -20.17 1.26 12.79
C ASP B 76 -18.78 0.71 12.56
N THR B 77 -18.57 -0.53 12.92
CA THR B 77 -17.26 -1.14 12.77
C THR B 77 -17.35 -2.65 12.66
N THR B 78 -16.31 -3.23 12.10
CA THR B 78 -16.20 -4.65 11.93
C THR B 78 -14.74 -5.07 12.17
N ASN B 79 -14.52 -5.99 13.09
CA ASN B 79 -13.16 -6.44 13.40
C ASN B 79 -12.90 -7.86 12.90
N PHE B 80 -11.79 -8.03 12.21
CA PHE B 80 -11.41 -9.33 11.68
C PHE B 80 -9.97 -9.66 12.05
N HIS B 81 -9.82 -10.60 12.96
CA HIS B 81 -8.50 -11.02 13.43
C HIS B 81 -7.95 -12.12 12.53
N PHE B 82 -6.79 -11.84 11.95
CA PHE B 82 -6.10 -12.79 11.08
C PHE B 82 -5.30 -13.70 12.00
N SER B 83 -5.85 -14.87 12.30
CA SER B 83 -5.19 -15.77 13.23
C SER B 83 -4.47 -16.93 12.56
N ASN B 84 -4.00 -16.73 11.34
CA ASN B 84 -3.25 -17.78 10.66
C ASN B 84 -1.77 -17.59 10.98
N GLU B 85 -1.30 -18.30 11.99
CA GLU B 85 0.09 -18.21 12.46
C GLU B 85 1.13 -18.21 11.33
N SER B 86 0.78 -18.79 10.18
CA SER B 86 1.68 -18.84 9.05
C SER B 86 1.89 -17.46 8.39
N THR B 87 0.82 -16.85 7.91
CA THR B 87 0.92 -15.57 7.22
C THR B 87 -0.07 -14.53 7.74
N ALA B 88 -0.48 -14.68 8.99
CA ALA B 88 -1.46 -13.81 9.65
C ALA B 88 -1.37 -12.34 9.22
N VAL B 89 -0.18 -11.77 9.28
CA VAL B 89 -0.03 -10.37 8.92
C VAL B 89 -0.01 -10.16 7.42
N LYS B 90 0.64 -11.05 6.71
CA LYS B 90 0.71 -10.93 5.26
C LYS B 90 -0.68 -11.08 4.67
N GLU B 91 -1.53 -11.84 5.38
CA GLU B 91 -2.91 -11.99 4.98
C GLU B 91 -3.54 -10.62 5.06
N ARG B 92 -3.43 -10.02 6.24
CA ARG B 92 -3.95 -8.68 6.52
C ARG B 92 -3.56 -7.72 5.41
N ASP B 93 -2.28 -7.75 5.07
CA ASP B 93 -1.72 -6.89 4.04
C ASP B 93 -2.40 -7.10 2.69
N ALA B 94 -2.62 -8.36 2.31
CA ALA B 94 -3.27 -8.65 1.04
C ALA B 94 -4.72 -8.18 1.05
N VAL B 95 -5.42 -8.43 2.16
CA VAL B 95 -6.80 -7.98 2.33
C VAL B 95 -6.81 -6.46 2.25
N LYS B 96 -5.78 -5.85 2.84
CA LYS B 96 -5.58 -4.41 2.85
C LYS B 96 -5.41 -3.86 1.44
N ASP B 97 -4.35 -4.29 0.76
CA ASP B 97 -4.04 -3.82 -0.58
C ASP B 97 -5.24 -3.98 -1.51
N LEU B 98 -5.85 -5.14 -1.46
CA LEU B 98 -7.00 -5.44 -2.30
C LEU B 98 -8.22 -4.62 -1.89
N LEU B 99 -8.64 -4.76 -0.63
CA LEU B 99 -9.82 -4.03 -0.13
C LEU B 99 -9.69 -2.55 -0.33
N GLN B 100 -8.49 -2.04 -0.10
CA GLN B 100 -8.23 -0.63 -0.24
C GLN B 100 -8.47 -0.20 -1.69
N GLN B 101 -8.16 -1.08 -2.64
CA GLN B 101 -8.37 -0.77 -4.05
C GLN B 101 -9.85 -1.00 -4.40
N LEU B 102 -10.53 -1.73 -3.54
CA LEU B 102 -11.95 -2.03 -3.73
C LEU B 102 -12.83 -0.90 -3.22
N LEU B 103 -12.34 -0.18 -2.23
CA LEU B 103 -13.08 0.92 -1.62
C LEU B 103 -13.41 2.04 -2.58
N PRO B 104 -12.41 2.62 -3.31
CA PRO B 104 -12.65 3.73 -4.22
C PRO B 104 -13.71 3.40 -5.25
N LYS B 105 -13.86 2.10 -5.51
CA LYS B 105 -14.83 1.59 -6.45
C LYS B 105 -16.25 1.85 -5.92
N PHE B 106 -16.37 1.97 -4.60
CA PHE B 106 -17.69 2.18 -3.98
C PHE B 106 -17.76 3.49 -3.20
N LYS B 107 -16.62 3.96 -2.69
CA LYS B 107 -16.55 5.20 -1.90
C LYS B 107 -17.36 6.34 -2.54
N ARG B 108 -18.01 7.10 -1.65
CA ARG B 108 -18.86 8.23 -2.01
C ARG B 108 -18.31 9.05 -3.18
N LYS B 109 -19.10 9.15 -4.25
CA LYS B 109 -18.72 9.91 -5.44
C LYS B 109 -19.75 10.99 -5.73
N ALA B 110 -20.53 11.35 -4.72
CA ALA B 110 -21.57 12.36 -4.88
C ALA B 110 -21.00 13.77 -4.67
N ASN B 111 -20.37 14.29 -5.72
CA ASN B 111 -19.77 15.63 -5.71
C ASN B 111 -18.62 15.68 -4.70
N MET A 4 -10.66 -19.45 19.27
CA MET A 4 -11.15 -18.07 19.43
C MET A 4 -10.12 -17.19 20.11
N SER A 5 -10.20 -15.89 19.86
CA SER A 5 -9.29 -14.93 20.46
C SER A 5 -10.11 -13.95 21.28
N ASP A 6 -9.88 -13.92 22.58
CA ASP A 6 -10.64 -13.04 23.46
C ASP A 6 -10.16 -11.61 23.36
N ASN A 7 -9.04 -11.43 22.71
CA ASN A 7 -8.41 -10.12 22.58
C ASN A 7 -9.01 -9.34 21.41
N GLU A 8 -10.03 -9.92 20.80
CA GLU A 8 -10.73 -9.30 19.68
C GLU A 8 -11.22 -7.91 20.05
N ASP A 9 -11.70 -7.85 21.24
CA ASP A 9 -12.23 -6.63 21.82
C ASP A 9 -11.86 -6.54 23.29
N ASN A 10 -10.74 -7.15 23.64
CA ASN A 10 -10.26 -7.12 25.03
C ASN A 10 -8.91 -6.44 25.11
N PHE A 11 -8.52 -5.85 24.01
CA PHE A 11 -7.27 -5.13 23.95
C PHE A 11 -7.53 -3.68 24.33
N ASP A 12 -6.47 -2.93 24.51
CA ASP A 12 -6.58 -1.54 24.88
C ASP A 12 -5.48 -0.78 24.18
N GLY A 13 -5.69 -0.59 22.92
CA GLY A 13 -4.73 0.13 22.14
C GLY A 13 -4.08 -0.66 21.04
N ASP A 14 -4.78 -1.66 20.50
CA ASP A 14 -4.25 -2.46 19.40
C ASP A 14 -3.51 -1.54 18.45
N ASP A 15 -2.29 -1.91 18.08
CA ASP A 15 -1.42 -1.10 17.23
C ASP A 15 -1.94 -0.99 15.80
N PHE A 16 -3.25 -0.87 15.64
CA PHE A 16 -3.89 -0.75 14.34
C PHE A 16 -3.17 0.23 13.45
N ASP A 17 -2.54 -0.31 12.43
CA ASP A 17 -1.86 0.47 11.44
C ASP A 17 -2.96 0.93 10.51
N ASP A 18 -3.54 2.06 10.88
CA ASP A 18 -4.63 2.65 10.15
C ASP A 18 -4.28 2.80 8.70
N VAL A 19 -5.01 2.07 7.89
CA VAL A 19 -4.77 2.10 6.48
C VAL A 19 -5.99 2.47 5.67
N GLU A 20 -6.09 3.71 5.32
CA GLU A 20 -7.15 4.14 4.45
C GLU A 20 -6.60 3.86 3.06
N GLU A 21 -7.46 3.62 2.07
CA GLU A 21 -6.95 3.29 0.73
C GLU A 21 -5.84 4.25 0.29
N ASP A 22 -4.67 3.67 0.12
CA ASP A 22 -3.47 4.41 -0.25
C ASP A 22 -3.16 4.27 -1.73
N GLU A 23 -3.92 4.96 -2.55
CA GLU A 23 -3.71 4.94 -3.99
C GLU A 23 -3.10 6.27 -4.44
N GLY A 24 -2.30 6.23 -5.49
CA GLY A 24 -1.65 7.43 -5.97
C GLY A 24 -0.40 7.75 -5.19
N LEU A 25 0.19 6.73 -4.59
CA LEU A 25 1.40 6.89 -3.80
C LEU A 25 2.61 7.04 -4.70
N ASP A 26 2.89 8.28 -5.08
CA ASP A 26 4.03 8.59 -5.95
C ASP A 26 4.90 9.68 -5.30
N ASP A 27 6.05 9.94 -5.89
CA ASP A 27 6.98 10.96 -5.41
C ASP A 27 6.30 12.34 -5.45
N LEU A 28 6.06 12.82 -6.66
CA LEU A 28 5.40 14.10 -6.89
C LEU A 28 6.08 15.27 -6.18
N GLU A 29 7.41 15.23 -6.06
CA GLU A 29 8.14 16.31 -5.42
C GLU A 29 8.04 17.59 -6.25
N ASN A 30 7.91 18.72 -5.59
CA ASN A 30 7.79 20.00 -6.27
C ASN A 30 8.78 21.02 -5.73
N ALA A 31 9.82 20.52 -5.07
CA ALA A 31 10.86 21.38 -4.52
C ALA A 31 11.84 21.80 -5.63
N GLU A 32 11.38 21.61 -6.84
CA GLU A 32 12.13 21.94 -8.05
C GLU A 32 11.14 22.06 -9.20
N GLU A 33 11.47 22.83 -10.21
CA GLU A 33 10.56 23.02 -11.33
C GLU A 33 11.33 23.22 -12.64
N GLU A 34 11.62 22.12 -13.31
CA GLU A 34 12.32 22.13 -14.59
C GLU A 34 12.21 20.74 -15.22
N GLY A 35 12.73 20.59 -16.43
CA GLY A 35 12.65 19.32 -17.12
C GLY A 35 11.23 19.06 -17.58
N GLN A 36 10.47 20.14 -17.68
CA GLN A 36 9.07 20.08 -18.09
C GLN A 36 8.92 19.59 -19.52
N GLU A 37 7.76 19.01 -19.80
CA GLU A 37 7.46 18.49 -21.12
C GLU A 37 7.23 19.62 -22.11
N ASN A 38 8.29 20.07 -22.77
CA ASN A 38 8.17 21.15 -23.75
C ASN A 38 7.35 20.64 -24.93
N VAL A 39 6.30 21.36 -25.26
CA VAL A 39 5.43 20.94 -26.34
C VAL A 39 5.54 21.84 -27.57
N GLU A 40 5.35 21.23 -28.73
CA GLU A 40 5.38 21.89 -30.01
C GLU A 40 3.96 22.04 -30.53
N ILE A 41 3.69 23.07 -31.33
CA ILE A 41 2.36 23.30 -31.85
C ILE A 41 2.30 23.13 -33.36
N LEU A 42 1.55 22.15 -33.81
CA LEU A 42 1.41 21.86 -35.22
C LEU A 42 -0.06 21.91 -35.61
N PRO A 43 -0.37 22.27 -36.86
CA PRO A 43 -1.73 22.32 -37.33
C PRO A 43 -2.18 20.95 -37.84
N SER A 44 -3.23 20.42 -37.24
CA SER A 44 -3.75 19.12 -37.63
C SER A 44 -4.27 19.11 -39.05
N GLY A 45 -4.47 17.92 -39.54
CA GLY A 45 -4.92 17.72 -40.90
C GLY A 45 -3.95 16.82 -41.62
N GLU A 46 -2.74 16.80 -41.10
CA GLU A 46 -1.69 15.93 -41.62
C GLU A 46 -1.57 14.75 -40.68
N ARG A 47 -1.88 15.09 -39.44
CA ARG A 47 -1.89 14.22 -38.28
C ARG A 47 -0.78 13.18 -38.30
N PRO A 48 0.42 13.54 -37.83
CA PRO A 48 1.51 12.60 -37.75
C PRO A 48 1.44 11.84 -36.44
N GLN A 49 1.37 10.54 -36.55
CA GLN A 49 1.30 9.67 -35.39
C GLN A 49 2.21 8.47 -35.56
N ALA A 50 2.56 7.85 -34.45
CA ALA A 50 3.41 6.67 -34.46
C ALA A 50 2.57 5.42 -34.58
N ASN A 51 3.17 4.25 -34.35
CA ASN A 51 2.43 3.00 -34.48
C ASN A 51 2.51 2.16 -33.21
N GLN A 52 2.63 2.81 -32.07
CA GLN A 52 2.68 2.13 -30.79
C GLN A 52 1.82 2.87 -29.79
N LYS A 53 1.55 2.25 -28.65
CA LYS A 53 0.75 2.88 -27.62
C LYS A 53 1.54 4.04 -27.01
N ARG A 54 0.88 5.16 -26.78
CA ARG A 54 1.53 6.33 -26.22
C ARG A 54 1.98 6.06 -24.80
N ILE A 55 3.06 6.70 -24.41
CA ILE A 55 3.60 6.52 -23.08
C ILE A 55 3.31 7.73 -22.20
N THR A 56 2.83 8.80 -22.83
CA THR A 56 2.51 10.01 -22.10
C THR A 56 1.06 9.99 -21.61
N THR A 57 0.56 11.13 -21.15
CA THR A 57 -0.78 11.23 -20.61
C THR A 57 -1.67 12.11 -21.47
N PRO A 58 -2.91 11.66 -21.71
CA PRO A 58 -3.90 12.39 -22.52
C PRO A 58 -4.53 13.53 -21.73
N TYR A 59 -3.70 14.44 -21.25
CA TYR A 59 -4.15 15.57 -20.46
C TYR A 59 -3.41 16.81 -20.90
N MET A 60 -4.09 17.93 -20.90
CA MET A 60 -3.48 19.18 -21.26
C MET A 60 -3.61 20.17 -20.13
N THR A 61 -2.48 20.53 -19.55
CA THR A 61 -2.46 21.47 -18.46
C THR A 61 -2.48 22.89 -19.02
N LYS A 62 -2.24 23.88 -18.16
CA LYS A 62 -2.23 25.26 -18.62
C LYS A 62 -0.94 25.56 -19.38
N TYR A 63 0.00 24.61 -19.34
CA TYR A 63 1.27 24.75 -20.04
C TYR A 63 1.04 24.65 -21.55
N GLU A 64 0.52 23.52 -21.99
CA GLU A 64 0.23 23.30 -23.39
C GLU A 64 -0.94 24.18 -23.81
N ARG A 65 -1.84 24.41 -22.87
CA ARG A 65 -3.02 25.24 -23.08
C ARG A 65 -2.62 26.61 -23.62
N ALA A 66 -1.74 27.26 -22.87
CA ALA A 66 -1.26 28.58 -23.24
C ALA A 66 -0.46 28.56 -24.54
N ARG A 67 0.23 27.45 -24.79
CA ARG A 67 1.02 27.31 -26.01
C ARG A 67 0.10 27.22 -27.23
N VAL A 68 -0.88 26.32 -27.15
CA VAL A 68 -1.83 26.14 -28.24
C VAL A 68 -2.63 27.42 -28.49
N LEU A 69 -3.08 28.03 -27.41
CA LEU A 69 -3.88 29.24 -27.50
C LEU A 69 -3.04 30.44 -27.91
N GLY A 70 -1.77 30.42 -27.58
CA GLY A 70 -0.89 31.50 -27.98
C GLY A 70 -0.76 31.51 -29.49
N THR A 71 -0.80 30.31 -30.06
CA THR A 71 -0.72 30.14 -31.50
C THR A 71 -2.09 30.38 -32.13
N ARG A 72 -3.13 30.01 -31.40
CA ARG A 72 -4.50 30.19 -31.87
C ARG A 72 -4.88 31.66 -31.89
N ALA A 73 -4.44 32.40 -30.88
CA ALA A 73 -4.69 33.84 -30.82
C ALA A 73 -4.04 34.48 -32.02
N LEU A 74 -2.86 33.98 -32.37
CA LEU A 74 -2.14 34.45 -33.52
C LEU A 74 -2.95 34.17 -34.78
N GLN A 75 -3.67 33.04 -34.78
CA GLN A 75 -4.49 32.66 -35.91
C GLN A 75 -5.70 33.58 -36.03
N ILE A 76 -6.49 33.64 -34.96
CA ILE A 76 -7.70 34.47 -34.93
C ILE A 76 -7.38 35.94 -35.15
N ALA A 77 -6.24 36.34 -34.63
CA ALA A 77 -5.77 37.72 -34.77
C ALA A 77 -5.52 38.03 -36.25
N MET A 78 -5.43 36.97 -37.04
CA MET A 78 -5.23 37.09 -38.48
C MET A 78 -6.55 36.85 -39.21
N CYS A 79 -7.65 36.88 -38.43
CA CYS A 79 -9.01 36.70 -38.93
C CYS A 79 -9.37 35.23 -39.13
N ALA A 80 -8.87 34.38 -38.24
CA ALA A 80 -9.18 32.95 -38.30
C ALA A 80 -10.63 32.69 -37.91
N PRO A 81 -11.29 31.73 -38.57
CA PRO A 81 -12.69 31.38 -38.29
C PRO A 81 -12.87 30.80 -36.89
N VAL A 82 -13.79 31.39 -36.15
CA VAL A 82 -14.10 30.94 -34.80
C VAL A 82 -15.10 29.78 -34.87
N MET A 83 -14.86 28.73 -34.08
CA MET A 83 -15.73 27.56 -34.10
C MET A 83 -16.53 27.40 -32.81
N VAL A 84 -16.67 28.49 -32.06
CA VAL A 84 -17.41 28.44 -30.82
C VAL A 84 -18.49 29.51 -30.76
N GLU A 85 -19.16 29.50 -29.64
CA GLU A 85 -20.23 30.42 -29.35
C GLU A 85 -19.63 31.69 -28.76
N LEU A 86 -20.19 32.84 -29.11
CA LEU A 86 -19.68 34.11 -28.63
C LEU A 86 -20.69 34.82 -27.74
N GLU A 87 -20.35 34.93 -26.47
CA GLU A 87 -21.20 35.62 -25.50
C GLU A 87 -20.52 36.91 -25.08
N GLY A 88 -19.85 37.53 -26.06
CA GLY A 88 -19.15 38.78 -25.80
C GLY A 88 -17.68 38.69 -26.18
N GLU A 89 -17.16 37.47 -26.32
CA GLU A 89 -15.77 37.29 -26.70
C GLU A 89 -15.52 37.86 -28.08
N THR A 90 -14.81 38.98 -28.12
CA THR A 90 -14.51 39.63 -29.38
C THR A 90 -12.99 39.68 -29.59
N ASP A 91 -12.25 39.14 -28.63
CA ASP A 91 -10.81 39.12 -28.68
C ASP A 91 -10.31 37.69 -28.93
N PRO A 92 -9.27 37.55 -29.77
CA PRO A 92 -8.68 36.26 -30.12
C PRO A 92 -8.32 35.39 -28.91
N LEU A 93 -7.85 36.01 -27.84
CA LEU A 93 -7.47 35.28 -26.64
C LEU A 93 -8.69 34.66 -25.97
N LEU A 94 -9.72 35.48 -25.74
CA LEU A 94 -10.95 35.03 -25.11
C LEU A 94 -11.57 33.88 -25.89
N ILE A 95 -11.70 34.08 -27.20
CA ILE A 95 -12.29 33.07 -28.06
C ILE A 95 -11.45 31.79 -28.07
N ALA A 96 -10.13 31.95 -28.19
CA ALA A 96 -9.23 30.80 -28.21
C ALA A 96 -9.41 29.96 -26.94
N MET A 97 -9.52 30.64 -25.81
CA MET A 97 -9.69 29.96 -24.53
C MET A 97 -11.02 29.22 -24.50
N LYS A 98 -12.03 29.85 -25.10
CA LYS A 98 -13.37 29.27 -25.17
C LYS A 98 -13.34 27.99 -26.01
N GLU A 99 -12.69 28.07 -27.17
CA GLU A 99 -12.58 26.94 -28.09
C GLU A 99 -11.79 25.78 -27.48
N LEU A 100 -10.63 26.09 -26.93
CA LEU A 100 -9.76 25.09 -26.35
C LEU A 100 -10.45 24.28 -25.25
N LYS A 101 -11.07 24.96 -24.28
CA LYS A 101 -11.72 24.24 -23.20
C LYS A 101 -12.96 23.53 -23.70
N ALA A 102 -13.48 23.98 -24.83
CA ALA A 102 -14.65 23.35 -25.41
C ALA A 102 -14.23 22.24 -26.38
N ARG A 103 -12.92 22.00 -26.45
CA ARG A 103 -12.34 20.97 -27.32
C ARG A 103 -12.69 21.24 -28.77
N LYS A 104 -12.76 22.52 -29.11
CA LYS A 104 -13.13 22.94 -30.46
C LYS A 104 -11.95 23.56 -31.21
N ILE A 105 -10.77 23.00 -31.00
CA ILE A 105 -9.58 23.51 -31.67
C ILE A 105 -8.79 22.36 -32.30
N PRO A 106 -8.66 22.37 -33.63
CA PRO A 106 -7.91 21.35 -34.35
C PRO A 106 -6.42 21.70 -34.42
N ILE A 107 -5.64 21.09 -33.54
CA ILE A 107 -4.21 21.32 -33.48
C ILE A 107 -3.49 20.12 -32.86
N ILE A 108 -2.33 19.80 -33.39
CA ILE A 108 -1.52 18.70 -32.86
C ILE A 108 -0.44 19.24 -31.94
N ILE A 109 -0.42 18.74 -30.72
CA ILE A 109 0.53 19.14 -29.70
C ILE A 109 1.61 18.07 -29.53
N ARG A 110 2.80 18.36 -30.01
CA ARG A 110 3.90 17.42 -29.86
C ARG A 110 4.52 17.62 -28.48
N ARG A 111 4.33 16.66 -27.60
CA ARG A 111 4.85 16.77 -26.24
C ARG A 111 6.22 16.10 -26.15
N TYR A 112 7.24 16.89 -25.80
CA TYR A 112 8.60 16.37 -25.67
C TYR A 112 8.88 15.99 -24.22
N LEU A 113 9.77 15.03 -24.02
CA LEU A 113 10.14 14.61 -22.70
C LEU A 113 11.53 15.14 -22.34
N PRO A 114 11.89 15.17 -21.03
CA PRO A 114 13.19 15.66 -20.56
C PRO A 114 14.36 14.82 -21.08
N ASP A 115 14.08 13.66 -21.66
CA ASP A 115 15.11 12.78 -22.19
C ASP A 115 15.42 13.14 -23.64
N GLY A 116 14.55 13.95 -24.24
CA GLY A 116 14.75 14.36 -25.61
C GLY A 116 13.77 13.71 -26.57
N SER A 117 12.93 12.83 -26.05
CA SER A 117 11.94 12.15 -26.88
C SER A 117 10.71 13.05 -27.08
N TYR A 118 9.78 12.62 -27.92
CA TYR A 118 8.58 13.39 -28.17
C TYR A 118 7.46 12.52 -28.71
N GLU A 119 6.23 12.86 -28.32
CA GLU A 119 5.05 12.14 -28.77
C GLU A 119 4.02 13.14 -29.28
N ASP A 120 3.58 12.93 -30.51
CA ASP A 120 2.58 13.81 -31.13
C ASP A 120 1.20 13.50 -30.56
N TRP A 121 0.48 14.53 -30.16
CA TRP A 121 -0.85 14.37 -29.57
C TRP A 121 -1.84 15.37 -30.16
N GLY A 122 -3.11 15.02 -30.16
CA GLY A 122 -4.12 15.94 -30.66
C GLY A 122 -4.90 16.57 -29.53
N VAL A 123 -5.51 17.74 -29.76
CA VAL A 123 -6.30 18.42 -28.73
C VAL A 123 -7.45 17.52 -28.33
N ASP A 124 -7.92 16.77 -29.30
CA ASP A 124 -9.01 15.84 -29.12
C ASP A 124 -8.62 14.73 -28.14
N GLU A 125 -7.34 14.35 -28.19
CA GLU A 125 -6.82 13.29 -27.33
C GLU A 125 -6.38 13.83 -25.97
N LEU A 126 -6.43 15.13 -25.78
CA LEU A 126 -5.99 15.73 -24.52
C LEU A 126 -7.13 16.34 -23.73
N ILE A 127 -7.23 15.95 -22.47
CA ILE A 127 -8.24 16.50 -21.59
C ILE A 127 -7.67 17.77 -20.96
N ILE A 128 -8.12 18.91 -21.46
CA ILE A 128 -7.64 20.18 -20.98
C ILE A 128 -8.24 20.57 -19.64
N THR A 129 -7.36 20.93 -18.72
CA THR A 129 -7.80 21.41 -17.45
C THR A 129 -7.59 22.91 -17.43
N ASP A 130 -8.66 23.61 -17.71
CA ASP A 130 -8.60 25.05 -17.81
C ASP A 130 -9.61 25.72 -16.90
N MET B 4 -30.88 -9.75 -11.12
CA MET B 4 -31.16 -10.83 -10.14
C MET B 4 -30.82 -10.34 -8.74
N ALA B 5 -31.10 -11.17 -7.74
CA ALA B 5 -30.81 -10.81 -6.36
C ALA B 5 -29.39 -11.24 -5.99
N THR B 6 -28.44 -10.33 -6.19
CA THR B 6 -27.05 -10.60 -5.89
C THR B 6 -26.77 -10.42 -4.40
N SER B 7 -26.36 -11.50 -3.75
CA SER B 7 -26.04 -11.47 -2.33
C SER B 7 -24.80 -12.32 -2.04
N SER B 8 -24.16 -12.76 -3.11
CA SER B 8 -22.95 -13.58 -3.03
C SER B 8 -22.23 -13.56 -4.38
N GLU B 9 -21.31 -12.62 -4.51
CA GLU B 9 -20.55 -12.44 -5.74
C GLU B 9 -19.27 -13.27 -5.69
N GLU B 10 -18.50 -13.22 -6.77
CA GLU B 10 -17.23 -13.94 -6.85
C GLU B 10 -16.26 -13.47 -5.77
N VAL B 11 -15.49 -14.39 -5.23
CA VAL B 11 -14.53 -14.06 -4.18
C VAL B 11 -13.12 -13.95 -4.76
N LEU B 12 -12.58 -12.75 -4.70
CA LEU B 12 -11.25 -12.48 -5.24
C LEU B 12 -10.16 -12.87 -4.25
N LEU B 13 -10.37 -12.58 -2.97
CA LEU B 13 -9.38 -12.90 -1.95
C LEU B 13 -9.99 -13.77 -0.85
N ILE B 14 -9.42 -14.94 -0.64
CA ILE B 14 -9.90 -15.83 0.41
C ILE B 14 -8.87 -15.88 1.54
N VAL B 15 -9.28 -15.41 2.69
CA VAL B 15 -8.42 -15.36 3.86
C VAL B 15 -8.95 -16.33 4.93
N LYS B 16 -8.22 -17.43 5.14
CA LYS B 16 -8.62 -18.44 6.12
C LYS B 16 -8.06 -18.12 7.50
N LYS B 17 -8.52 -18.88 8.50
CA LYS B 17 -8.09 -18.70 9.88
C LYS B 17 -8.28 -17.25 10.33
N VAL B 18 -9.51 -16.79 10.28
CA VAL B 18 -9.83 -15.42 10.66
C VAL B 18 -10.94 -15.41 11.68
N ARG B 19 -10.75 -14.70 12.77
CA ARG B 19 -11.77 -14.63 13.81
C ARG B 19 -12.48 -13.29 13.83
N GLN B 20 -13.73 -13.32 14.24
CA GLN B 20 -14.54 -12.13 14.37
C GLN B 20 -15.25 -12.17 15.71
N LYS B 21 -14.78 -11.37 16.65
CA LYS B 21 -15.35 -11.30 17.99
C LYS B 21 -15.39 -12.67 18.65
N LYS B 22 -14.21 -13.29 18.77
CA LYS B 22 -14.04 -14.59 19.41
C LYS B 22 -14.69 -15.71 18.62
N GLN B 23 -14.98 -15.45 17.36
CA GLN B 23 -15.57 -16.47 16.52
C GLN B 23 -14.55 -16.89 15.48
N ASP B 24 -14.16 -18.15 15.50
CA ASP B 24 -13.19 -18.66 14.56
C ASP B 24 -13.85 -18.91 13.21
N GLY B 25 -13.27 -18.37 12.15
CA GLY B 25 -13.85 -18.57 10.85
C GLY B 25 -12.90 -18.27 9.71
N ALA B 26 -13.45 -17.72 8.66
CA ALA B 26 -12.71 -17.40 7.47
C ALA B 26 -13.26 -16.17 6.78
N LEU B 27 -12.36 -15.35 6.30
CA LEU B 27 -12.70 -14.12 5.62
C LEU B 27 -12.64 -14.30 4.11
N TYR B 28 -13.69 -13.87 3.42
CA TYR B 28 -13.73 -13.96 1.97
C TYR B 28 -14.04 -12.60 1.37
N LEU B 29 -13.18 -12.10 0.51
CA LEU B 29 -13.41 -10.81 -0.11
C LEU B 29 -14.07 -10.98 -1.47
N MET B 30 -15.38 -10.72 -1.51
CA MET B 30 -16.12 -10.81 -2.77
C MET B 30 -15.93 -9.52 -3.54
N ALA B 31 -16.06 -9.60 -4.85
CA ALA B 31 -15.88 -8.44 -5.74
C ALA B 31 -16.64 -7.19 -5.27
N GLU B 32 -17.81 -7.37 -4.66
CA GLU B 32 -18.61 -6.23 -4.24
C GLU B 32 -18.70 -6.07 -2.72
N ARG B 33 -18.32 -7.10 -1.96
CA ARG B 33 -18.42 -7.01 -0.50
C ARG B 33 -17.49 -7.97 0.22
N ILE B 34 -17.02 -7.52 1.38
CA ILE B 34 -16.16 -8.32 2.23
C ILE B 34 -17.06 -9.11 3.18
N ALA B 35 -17.08 -10.41 3.02
CA ALA B 35 -17.93 -11.24 3.84
C ALA B 35 -17.11 -12.27 4.59
N TRP B 36 -17.41 -12.43 5.85
CA TRP B 36 -16.70 -13.36 6.68
C TRP B 36 -17.66 -14.46 7.15
N ALA B 37 -17.16 -15.68 7.19
CA ALA B 37 -17.95 -16.84 7.60
C ALA B 37 -17.23 -17.59 8.72
N PRO B 38 -17.97 -18.34 9.54
CA PRO B 38 -17.37 -19.12 10.63
C PRO B 38 -16.82 -20.44 10.11
N GLU B 39 -15.73 -20.91 10.69
CA GLU B 39 -15.12 -22.16 10.25
C GLU B 39 -16.12 -23.31 10.34
N GLY B 40 -16.15 -24.12 9.29
CA GLY B 40 -17.07 -25.23 9.23
C GLY B 40 -18.28 -24.86 8.40
N LYS B 41 -18.49 -23.57 8.22
CA LYS B 41 -19.61 -23.09 7.42
C LYS B 41 -19.12 -22.09 6.38
N ASP B 42 -19.31 -22.42 5.12
CA ASP B 42 -18.87 -21.54 4.03
C ASP B 42 -19.94 -20.51 3.70
N ARG B 43 -20.83 -20.28 4.65
CA ARG B 43 -21.89 -19.31 4.47
C ARG B 43 -21.57 -18.10 5.33
N PHE B 44 -21.26 -17.00 4.66
CA PHE B 44 -20.90 -15.76 5.30
C PHE B 44 -21.97 -15.29 6.27
N THR B 45 -21.56 -15.07 7.50
CA THR B 45 -22.45 -14.62 8.56
C THR B 45 -22.30 -13.12 8.75
N ILE B 46 -21.37 -12.56 8.00
CA ILE B 46 -21.07 -11.14 8.02
C ILE B 46 -20.76 -10.69 6.63
N SER B 47 -21.41 -9.65 6.17
CA SER B 47 -21.10 -9.17 4.86
C SER B 47 -21.27 -7.66 4.78
N HIS B 48 -20.19 -6.98 4.43
CA HIS B 48 -20.22 -5.53 4.31
C HIS B 48 -19.89 -5.13 2.89
N MET B 49 -20.75 -4.33 2.29
CA MET B 49 -20.47 -3.85 0.96
C MET B 49 -19.42 -2.77 1.10
N TYR B 50 -18.53 -2.65 0.14
CA TYR B 50 -17.48 -1.65 0.25
C TYR B 50 -18.08 -0.24 0.26
N ALA B 51 -19.34 -0.16 -0.14
CA ALA B 51 -20.05 1.10 -0.17
C ALA B 51 -20.47 1.51 1.23
N ASP B 52 -20.23 0.64 2.21
CA ASP B 52 -20.61 0.95 3.58
C ASP B 52 -19.39 0.91 4.49
N ILE B 53 -18.24 0.65 3.92
CA ILE B 53 -17.02 0.64 4.70
C ILE B 53 -16.29 1.95 4.44
N LYS B 54 -16.19 2.80 5.45
CA LYS B 54 -15.55 4.08 5.25
C LYS B 54 -14.03 3.99 5.29
N CYS B 55 -13.50 2.94 5.91
CA CYS B 55 -12.06 2.76 6.01
C CYS B 55 -11.71 1.43 6.64
N GLN B 56 -10.47 0.99 6.46
CA GLN B 56 -10.00 -0.25 7.02
C GLN B 56 -8.77 0.01 7.89
N LYS B 57 -8.80 -0.40 9.13
CA LYS B 57 -7.67 -0.19 10.02
C LYS B 57 -7.07 -1.56 10.29
N ILE B 58 -5.76 -1.64 10.49
CA ILE B 58 -5.17 -2.97 10.63
C ILE B 58 -3.94 -3.07 11.52
N SER B 59 -4.07 -3.78 12.64
CA SER B 59 -2.96 -3.99 13.55
C SER B 59 -1.93 -4.93 12.92
N PRO B 60 -0.74 -4.38 12.61
CA PRO B 60 0.38 -5.10 11.99
C PRO B 60 1.24 -5.81 13.02
N GLU B 61 2.27 -6.49 12.53
CA GLU B 61 3.22 -7.20 13.40
C GLU B 61 3.62 -6.35 14.61
N GLY B 62 3.97 -7.03 15.68
CA GLY B 62 4.30 -6.37 16.93
C GLY B 62 3.37 -6.84 18.01
N LYS B 63 2.11 -6.97 17.62
CA LYS B 63 1.08 -7.50 18.50
C LYS B 63 0.78 -8.90 18.02
N ALA B 64 0.47 -9.80 18.93
CA ALA B 64 0.17 -11.18 18.57
C ALA B 64 -1.20 -11.30 17.92
N LYS B 65 -1.73 -10.17 17.51
CA LYS B 65 -3.02 -10.12 16.87
C LYS B 65 -2.99 -9.25 15.63
N ILE B 66 -3.12 -9.89 14.48
CA ILE B 66 -3.16 -9.17 13.22
C ILE B 66 -4.62 -8.85 12.96
N GLN B 67 -5.02 -7.66 13.34
CA GLN B 67 -6.43 -7.30 13.24
C GLN B 67 -6.77 -6.32 12.14
N LEU B 68 -7.87 -6.62 11.47
CA LEU B 68 -8.44 -5.79 10.43
C LEU B 68 -9.77 -5.27 10.94
N GLN B 69 -9.90 -3.98 11.08
CA GLN B 69 -11.12 -3.38 11.57
C GLN B 69 -11.76 -2.53 10.48
N LEU B 70 -12.96 -2.91 10.06
CA LEU B 70 -13.67 -2.17 9.04
C LEU B 70 -14.53 -1.09 9.66
N VAL B 71 -14.04 0.13 9.64
CA VAL B 71 -14.79 1.24 10.21
C VAL B 71 -15.76 1.74 9.17
N LEU B 72 -17.02 1.56 9.48
CA LEU B 72 -18.10 1.93 8.59
C LEU B 72 -18.42 3.43 8.72
N HIS B 73 -19.29 3.93 7.87
CA HIS B 73 -19.64 5.35 7.85
C HIS B 73 -20.35 5.81 9.11
N ALA B 74 -21.17 4.95 9.70
CA ALA B 74 -21.93 5.30 10.90
C ALA B 74 -21.07 5.21 12.15
N GLY B 75 -19.78 4.97 11.98
CA GLY B 75 -18.90 4.83 13.11
C GLY B 75 -18.82 3.39 13.54
N ASP B 76 -19.48 2.53 12.77
CA ASP B 76 -19.51 1.11 13.03
C ASP B 76 -18.16 0.52 12.71
N THR B 77 -17.99 -0.74 13.02
CA THR B 77 -16.73 -1.42 12.77
C THR B 77 -16.91 -2.93 12.74
N THR B 78 -15.94 -3.60 12.13
CA THR B 78 -15.93 -5.04 12.05
C THR B 78 -14.52 -5.54 12.35
N ASN B 79 -14.36 -6.32 13.40
CA ASN B 79 -13.04 -6.80 13.80
C ASN B 79 -12.75 -8.21 13.27
N PHE B 80 -11.82 -8.30 12.33
CA PHE B 80 -11.38 -9.56 11.76
C PHE B 80 -9.91 -9.77 12.09
N HIS B 81 -9.64 -10.79 12.87
CA HIS B 81 -8.28 -11.09 13.27
C HIS B 81 -7.67 -12.17 12.40
N PHE B 82 -6.69 -11.77 11.58
CA PHE B 82 -5.96 -12.69 10.73
C PHE B 82 -5.11 -13.55 11.66
N SER B 83 -5.56 -14.74 11.94
CA SER B 83 -4.84 -15.58 12.88
C SER B 83 -4.33 -16.87 12.24
N ASN B 84 -3.65 -16.70 11.13
CA ASN B 84 -3.04 -17.81 10.42
C ASN B 84 -1.53 -17.72 10.62
N GLU B 85 -1.00 -18.57 11.50
CA GLU B 85 0.43 -18.56 11.85
C GLU B 85 1.38 -18.51 10.64
N SER B 86 0.92 -18.94 9.48
CA SER B 86 1.77 -18.95 8.30
C SER B 86 1.83 -17.60 7.59
N THR B 87 0.69 -16.97 7.34
CA THR B 87 0.66 -15.72 6.60
C THR B 87 -0.16 -14.62 7.27
N ALA B 88 -0.49 -14.79 8.55
CA ALA B 88 -1.31 -13.84 9.32
C ALA B 88 -1.10 -12.38 8.95
N VAL B 89 0.13 -11.89 9.07
CA VAL B 89 0.41 -10.49 8.75
C VAL B 89 0.41 -10.27 7.24
N LYS B 90 0.97 -11.21 6.51
CA LYS B 90 1.03 -11.13 5.06
C LYS B 90 -0.37 -11.05 4.47
N GLU B 91 -1.31 -11.68 5.18
CA GLU B 91 -2.70 -11.67 4.79
C GLU B 91 -3.25 -10.27 4.94
N ARG B 92 -3.06 -9.71 6.14
CA ARG B 92 -3.53 -8.37 6.48
C ARG B 92 -3.28 -7.38 5.35
N ASP B 93 -2.04 -7.27 4.96
CA ASP B 93 -1.59 -6.36 3.92
C ASP B 93 -2.24 -6.68 2.57
N ALA B 94 -2.41 -7.96 2.26
CA ALA B 94 -3.03 -8.36 1.00
C ALA B 94 -4.51 -7.99 1.00
N VAL B 95 -5.20 -8.34 2.08
CA VAL B 95 -6.62 -8.02 2.25
C VAL B 95 -6.79 -6.50 2.21
N LYS B 96 -5.79 -5.80 2.77
CA LYS B 96 -5.75 -4.33 2.79
C LYS B 96 -5.70 -3.77 1.39
N ASP B 97 -4.66 -4.11 0.64
CA ASP B 97 -4.51 -3.62 -0.72
C ASP B 97 -5.72 -3.96 -1.58
N LEU B 98 -6.22 -5.15 -1.39
CA LEU B 98 -7.38 -5.64 -2.12
C LEU B 98 -8.63 -4.84 -1.79
N LEU B 99 -9.03 -4.84 -0.52
CA LEU B 99 -10.24 -4.14 -0.09
C LEU B 99 -10.15 -2.65 -0.34
N GLN B 100 -8.97 -2.11 -0.09
CA GLN B 100 -8.74 -0.68 -0.24
C GLN B 100 -8.99 -0.26 -1.68
N GLN B 101 -8.74 -1.16 -2.64
CA GLN B 101 -8.99 -0.86 -4.05
C GLN B 101 -10.46 -1.10 -4.36
N LEU B 102 -11.06 -1.93 -3.54
CA LEU B 102 -12.47 -2.28 -3.68
C LEU B 102 -13.36 -1.15 -3.19
N LEU B 103 -12.87 -0.41 -2.19
CA LEU B 103 -13.61 0.68 -1.59
C LEU B 103 -13.97 1.79 -2.59
N PRO B 104 -12.99 2.35 -3.34
CA PRO B 104 -13.26 3.43 -4.29
C PRO B 104 -14.31 3.03 -5.30
N LYS B 105 -14.38 1.72 -5.57
CA LYS B 105 -15.34 1.16 -6.50
C LYS B 105 -16.76 1.33 -5.96
N PHE B 106 -16.86 1.51 -4.64
CA PHE B 106 -18.16 1.66 -4.00
C PHE B 106 -18.22 2.93 -3.16
N LYS B 107 -17.20 3.77 -3.31
CA LYS B 107 -17.12 5.01 -2.55
C LYS B 107 -18.33 5.90 -2.84
N ARG B 108 -19.13 6.14 -1.80
CA ARG B 108 -20.32 6.96 -1.91
C ARG B 108 -19.95 8.41 -2.18
N LYS B 109 -20.95 9.19 -2.58
CA LYS B 109 -20.74 10.61 -2.87
C LYS B 109 -21.73 11.45 -2.09
N ALA B 110 -22.94 11.58 -2.63
CA ALA B 110 -24.00 12.34 -1.98
C ALA B 110 -25.15 11.41 -1.63
N ASN B 111 -24.83 10.13 -1.65
CA ASN B 111 -25.78 9.07 -1.36
C ASN B 111 -25.00 7.77 -1.22
N MET A 4 -14.32 -20.38 19.42
CA MET A 4 -14.67 -19.23 20.27
C MET A 4 -13.42 -18.76 21.02
N SER A 5 -12.87 -17.64 20.59
CA SER A 5 -11.69 -17.08 21.22
C SER A 5 -11.97 -15.68 21.77
N ASP A 6 -11.77 -15.50 23.06
CA ASP A 6 -12.01 -14.20 23.68
C ASP A 6 -10.75 -13.33 23.58
N ASN A 7 -9.96 -13.61 22.56
CA ASN A 7 -8.73 -12.86 22.33
C ASN A 7 -9.02 -11.56 21.61
N GLU A 8 -10.22 -11.46 21.02
CA GLU A 8 -10.61 -10.26 20.29
C GLU A 8 -11.06 -9.17 21.23
N ASP A 9 -11.10 -9.52 22.49
CA ASP A 9 -11.49 -8.61 23.55
C ASP A 9 -10.50 -8.71 24.70
N ASN A 10 -9.32 -9.22 24.38
CA ASN A 10 -8.27 -9.38 25.37
C ASN A 10 -7.10 -8.46 25.09
N PHE A 11 -7.34 -7.50 24.22
CA PHE A 11 -6.33 -6.53 23.86
C PHE A 11 -6.88 -5.14 24.15
N ASP A 12 -6.06 -4.13 23.99
CA ASP A 12 -6.44 -2.76 24.24
C ASP A 12 -5.34 -1.88 23.76
N GLY A 13 -5.58 -1.34 22.61
CA GLY A 13 -4.62 -0.44 22.00
C GLY A 13 -4.07 -0.96 20.71
N ASP A 14 -4.86 -1.75 20.00
CA ASP A 14 -4.46 -2.29 18.71
C ASP A 14 -3.72 -1.25 17.91
N ASP A 15 -2.45 -1.54 17.64
CA ASP A 15 -1.54 -0.67 16.88
C ASP A 15 -1.98 -0.54 15.43
N PHE A 16 -3.29 -0.43 15.23
CA PHE A 16 -3.88 -0.32 13.91
C PHE A 16 -3.11 0.64 13.02
N ASP A 17 -2.47 0.04 12.04
CA ASP A 17 -1.74 0.76 11.04
C ASP A 17 -2.79 1.21 10.05
N ASP A 18 -3.32 2.38 10.32
CA ASP A 18 -4.37 2.96 9.51
C ASP A 18 -3.94 3.02 8.08
N VAL A 19 -4.64 2.25 7.31
CA VAL A 19 -4.38 2.18 5.90
C VAL A 19 -5.55 2.71 5.12
N GLU A 20 -5.46 3.95 4.72
CA GLU A 20 -6.51 4.51 3.92
C GLU A 20 -6.13 4.33 2.46
N GLU A 21 -7.11 4.17 1.60
CA GLU A 21 -6.84 3.98 0.19
C GLU A 21 -6.48 5.29 -0.50
N ASP A 22 -5.38 5.23 -1.24
CA ASP A 22 -4.87 6.36 -2.01
C ASP A 22 -3.82 5.84 -2.97
N GLU A 23 -4.29 5.21 -4.03
CA GLU A 23 -3.40 4.63 -5.03
C GLU A 23 -3.02 5.66 -6.08
N GLY A 24 -1.74 5.72 -6.39
CA GLY A 24 -1.25 6.67 -7.38
C GLY A 24 -0.44 7.78 -6.76
N LEU A 25 -0.67 8.05 -5.48
CA LEU A 25 0.06 9.09 -4.78
C LEU A 25 1.26 8.47 -4.05
N ASP A 26 2.38 9.18 -4.05
CA ASP A 26 3.59 8.69 -3.38
C ASP A 26 3.96 9.60 -2.21
N ASP A 27 4.91 9.14 -1.40
CA ASP A 27 5.37 9.89 -0.24
C ASP A 27 6.34 10.99 -0.69
N LEU A 28 7.17 10.66 -1.66
CA LEU A 28 8.14 11.60 -2.20
C LEU A 28 7.67 12.13 -3.54
N GLU A 29 6.72 11.40 -4.13
CA GLU A 29 6.12 11.74 -5.43
C GLU A 29 7.13 11.57 -6.55
N ASN A 30 7.11 10.40 -7.16
CA ASN A 30 8.01 10.08 -8.27
C ASN A 30 7.42 10.53 -9.60
N ALA A 31 8.10 10.20 -10.69
CA ALA A 31 7.65 10.57 -12.02
C ALA A 31 8.43 9.79 -13.07
N GLU A 32 8.07 8.52 -13.24
CA GLU A 32 8.74 7.67 -14.20
C GLU A 32 7.83 7.36 -15.38
N GLU A 33 6.82 8.20 -15.54
CA GLU A 33 5.85 8.06 -16.60
C GLU A 33 6.45 8.51 -17.94
N GLU A 34 6.09 7.82 -19.01
CA GLU A 34 6.59 8.14 -20.33
C GLU A 34 5.92 9.41 -20.86
N GLY A 35 6.61 10.09 -21.77
CA GLY A 35 6.09 11.31 -22.34
C GLY A 35 5.29 11.07 -23.61
N GLN A 36 5.24 9.80 -24.03
CA GLN A 36 4.51 9.42 -25.22
C GLN A 36 3.01 9.38 -24.96
N GLU A 37 2.36 10.52 -25.15
CA GLU A 37 0.93 10.63 -24.94
C GLU A 37 0.14 9.97 -26.06
N ASN A 38 -1.05 9.51 -25.73
CA ASN A 38 -1.94 8.90 -26.69
C ASN A 38 -3.32 9.50 -26.51
N VAL A 39 -3.94 9.91 -27.60
CA VAL A 39 -5.24 10.54 -27.52
C VAL A 39 -6.22 9.94 -28.51
N GLU A 40 -7.51 10.14 -28.26
CA GLU A 40 -8.57 9.64 -29.11
C GLU A 40 -9.46 10.79 -29.57
N ILE A 41 -10.07 10.65 -30.72
CA ILE A 41 -10.93 11.69 -31.27
C ILE A 41 -12.39 11.41 -30.94
N LEU A 42 -13.05 12.39 -30.34
CA LEU A 42 -14.44 12.25 -29.95
C LEU A 42 -15.28 13.35 -30.61
N PRO A 43 -16.53 13.04 -30.94
CA PRO A 43 -17.43 14.02 -31.56
C PRO A 43 -17.79 15.14 -30.60
N SER A 44 -17.72 16.37 -31.09
CA SER A 44 -18.06 17.53 -30.28
C SER A 44 -19.42 18.10 -30.66
N GLY A 45 -19.90 18.98 -29.81
CA GLY A 45 -21.20 19.60 -29.98
C GLY A 45 -22.03 19.37 -28.75
N GLU A 46 -21.64 18.35 -28.02
CA GLU A 46 -22.27 18.00 -26.75
C GLU A 46 -21.23 18.13 -25.65
N ARG A 47 -20.03 17.84 -26.06
CA ARG A 47 -18.82 17.89 -25.25
C ARG A 47 -18.96 17.16 -23.92
N PRO A 48 -18.77 15.84 -23.91
CA PRO A 48 -18.82 15.06 -22.70
C PRO A 48 -17.44 15.00 -22.06
N GLN A 49 -17.34 15.49 -20.84
CA GLN A 49 -16.09 15.47 -20.11
C GLN A 49 -16.32 15.07 -18.66
N ALA A 50 -15.28 14.62 -18.01
CA ALA A 50 -15.37 14.23 -16.61
C ALA A 50 -15.38 15.47 -15.72
N ASN A 51 -15.21 15.29 -14.41
CA ASN A 51 -15.27 16.43 -13.51
C ASN A 51 -13.98 16.69 -12.74
N GLN A 52 -12.84 16.42 -13.34
CA GLN A 52 -11.56 16.68 -12.68
C GLN A 52 -10.90 17.91 -13.30
N LYS A 53 -9.93 18.48 -12.59
CA LYS A 53 -9.23 19.65 -13.09
C LYS A 53 -8.22 19.21 -14.14
N ARG A 54 -8.04 20.03 -15.18
CA ARG A 54 -7.12 19.72 -16.27
C ARG A 54 -5.75 19.34 -15.74
N ILE A 55 -5.33 18.13 -16.07
CA ILE A 55 -4.04 17.62 -15.63
C ILE A 55 -3.01 17.69 -16.74
N THR A 56 -3.45 18.05 -17.94
CA THR A 56 -2.53 18.15 -19.06
C THR A 56 -2.31 19.60 -19.50
N THR A 57 -1.70 19.77 -20.66
CA THR A 57 -1.40 21.09 -21.19
C THR A 57 -2.34 21.46 -22.32
N PRO A 58 -2.82 22.69 -22.32
CA PRO A 58 -3.72 23.22 -23.34
C PRO A 58 -2.97 23.56 -24.63
N TYR A 59 -2.25 22.58 -25.16
CA TYR A 59 -1.47 22.75 -26.37
C TYR A 59 -1.65 21.54 -27.25
N MET A 60 -1.47 21.72 -28.53
CA MET A 60 -1.60 20.63 -29.46
C MET A 60 -0.36 20.53 -30.33
N THR A 61 0.38 19.44 -30.16
CA THR A 61 1.59 19.22 -30.91
C THR A 61 1.25 18.59 -32.27
N LYS A 62 2.27 18.09 -32.96
CA LYS A 62 2.07 17.48 -34.27
C LYS A 62 1.32 16.17 -34.15
N TYR A 63 1.35 15.57 -32.96
CA TYR A 63 0.68 14.29 -32.72
C TYR A 63 -0.84 14.45 -32.80
N GLU A 64 -1.39 15.23 -31.89
CA GLU A 64 -2.83 15.46 -31.85
C GLU A 64 -3.29 16.18 -33.10
N ARG A 65 -2.41 17.05 -33.62
CA ARG A 65 -2.68 17.80 -34.84
C ARG A 65 -3.04 16.83 -35.96
N ALA A 66 -2.15 15.87 -36.18
CA ALA A 66 -2.34 14.87 -37.22
C ALA A 66 -3.46 13.89 -36.87
N ARG A 67 -3.65 13.64 -35.59
CA ARG A 67 -4.69 12.72 -35.13
C ARG A 67 -6.07 13.29 -35.48
N VAL A 68 -6.29 14.56 -35.14
CA VAL A 68 -7.55 15.22 -35.42
C VAL A 68 -7.77 15.33 -36.92
N LEU A 69 -6.74 15.75 -37.63
CA LEU A 69 -6.81 15.92 -39.07
C LEU A 69 -6.96 14.60 -39.80
N GLY A 70 -6.36 13.56 -39.26
CA GLY A 70 -6.48 12.25 -39.88
C GLY A 70 -7.92 11.80 -39.86
N THR A 71 -8.60 12.14 -38.77
CA THR A 71 -10.01 11.81 -38.60
C THR A 71 -10.88 12.75 -39.45
N ARG A 72 -10.42 13.99 -39.58
CA ARG A 72 -11.13 14.99 -40.35
C ARG A 72 -11.02 14.68 -41.84
N ALA A 73 -9.86 14.20 -42.26
CA ALA A 73 -9.66 13.81 -43.65
C ALA A 73 -10.63 12.70 -43.99
N LEU A 74 -10.86 11.82 -43.02
CA LEU A 74 -11.80 10.73 -43.20
C LEU A 74 -13.21 11.31 -43.36
N GLN A 75 -13.47 12.44 -42.68
CA GLN A 75 -14.77 13.08 -42.77
C GLN A 75 -14.95 13.75 -44.13
N ILE A 76 -14.00 14.63 -44.48
CA ILE A 76 -14.05 15.35 -45.75
C ILE A 76 -14.02 14.40 -46.93
N ALA A 77 -13.28 13.31 -46.77
CA ALA A 77 -13.17 12.30 -47.80
C ALA A 77 -14.53 11.66 -48.05
N MET A 78 -15.45 11.88 -47.12
CA MET A 78 -16.82 11.37 -47.23
C MET A 78 -17.74 12.49 -47.69
N CYS A 79 -17.13 13.59 -48.16
CA CYS A 79 -17.84 14.77 -48.67
C CYS A 79 -18.31 15.69 -47.53
N ALA A 80 -17.49 15.80 -46.50
CA ALA A 80 -17.81 16.67 -45.36
C ALA A 80 -17.68 18.13 -45.76
N PRO A 81 -18.58 19.00 -45.26
CA PRO A 81 -18.56 20.43 -45.57
C PRO A 81 -17.29 21.11 -45.07
N VAL A 82 -16.61 21.79 -45.97
CA VAL A 82 -15.39 22.52 -45.65
C VAL A 82 -15.74 23.89 -45.08
N MET A 83 -15.13 24.24 -43.96
CA MET A 83 -15.42 25.51 -43.30
C MET A 83 -14.29 26.52 -43.47
N VAL A 84 -13.42 26.28 -44.43
CA VAL A 84 -12.30 27.19 -44.68
C VAL A 84 -12.26 27.66 -46.11
N GLU A 85 -11.27 28.46 -46.36
CA GLU A 85 -11.00 29.03 -47.64
C GLU A 85 -10.22 28.03 -48.48
N LEU A 86 -10.31 28.12 -49.78
CA LEU A 86 -9.61 27.18 -50.65
C LEU A 86 -8.68 27.90 -51.62
N GLU A 87 -7.38 27.74 -51.41
CA GLU A 87 -6.38 28.37 -52.27
C GLU A 87 -5.94 27.34 -53.30
N GLY A 88 -6.79 26.35 -53.49
CA GLY A 88 -6.51 25.27 -54.41
C GLY A 88 -6.57 23.91 -53.72
N GLU A 89 -6.68 23.94 -52.40
CA GLU A 89 -6.77 22.70 -51.62
C GLU A 89 -8.01 21.93 -52.01
N THR A 90 -7.81 20.81 -52.68
CA THR A 90 -8.91 19.96 -53.11
C THR A 90 -8.84 18.61 -52.43
N ASP A 91 -7.79 18.41 -51.64
CA ASP A 91 -7.58 17.16 -50.93
C ASP A 91 -8.01 17.30 -49.48
N PRO A 92 -8.70 16.29 -48.92
CA PRO A 92 -9.19 16.29 -47.55
C PRO A 92 -8.10 16.62 -46.52
N LEU A 93 -6.87 16.19 -46.76
CA LEU A 93 -5.78 16.44 -45.84
C LEU A 93 -5.41 17.92 -45.82
N LEU A 94 -5.24 18.49 -47.01
CA LEU A 94 -4.89 19.90 -47.15
C LEU A 94 -5.94 20.78 -46.48
N ILE A 95 -7.20 20.52 -46.78
CA ILE A 95 -8.30 21.29 -46.20
C ILE A 95 -8.36 21.10 -44.69
N ALA A 96 -8.21 19.85 -44.24
CA ALA A 96 -8.24 19.56 -42.82
C ALA A 96 -7.19 20.37 -42.10
N MET A 97 -6.00 20.42 -42.68
CA MET A 97 -4.90 21.18 -42.10
C MET A 97 -5.25 22.66 -42.06
N LYS A 98 -5.81 23.15 -43.15
CA LYS A 98 -6.23 24.54 -43.26
C LYS A 98 -7.22 24.89 -42.16
N GLU A 99 -8.18 24.00 -41.93
CA GLU A 99 -9.20 24.21 -40.90
C GLU A 99 -8.60 24.20 -39.50
N LEU A 100 -7.75 23.22 -39.22
CA LEU A 100 -7.12 23.09 -37.90
C LEU A 100 -6.28 24.32 -37.55
N LYS A 101 -5.45 24.79 -38.47
CA LYS A 101 -4.61 25.95 -38.21
C LYS A 101 -5.46 27.19 -38.07
N ALA A 102 -6.58 27.17 -38.77
CA ALA A 102 -7.48 28.30 -38.74
C ALA A 102 -8.44 28.22 -37.56
N ARG A 103 -8.28 27.19 -36.73
CA ARG A 103 -9.12 26.97 -35.55
C ARG A 103 -10.58 26.80 -35.95
N LYS A 104 -10.79 26.15 -37.09
CA LYS A 104 -12.13 25.95 -37.62
C LYS A 104 -12.55 24.49 -37.56
N ILE A 105 -12.02 23.75 -36.60
CA ILE A 105 -12.38 22.34 -36.45
C ILE A 105 -12.98 22.06 -35.08
N PRO A 106 -14.28 21.78 -35.05
CA PRO A 106 -14.99 21.46 -33.83
C PRO A 106 -14.92 19.95 -33.55
N ILE A 107 -14.08 19.57 -32.60
CA ILE A 107 -13.93 18.16 -32.24
C ILE A 107 -13.30 18.02 -30.86
N ILE A 108 -13.59 16.92 -30.18
CA ILE A 108 -13.04 16.65 -28.87
C ILE A 108 -11.85 15.69 -28.96
N ILE A 109 -10.83 15.94 -28.16
CA ILE A 109 -9.64 15.13 -28.12
C ILE A 109 -9.44 14.59 -26.71
N ARG A 110 -9.60 13.29 -26.55
CA ARG A 110 -9.44 12.68 -25.24
C ARG A 110 -8.00 12.23 -25.05
N ARG A 111 -7.35 12.74 -24.02
CA ARG A 111 -5.97 12.40 -23.73
C ARG A 111 -5.93 11.21 -22.77
N TYR A 112 -4.99 10.32 -22.98
CA TYR A 112 -4.83 9.15 -22.11
C TYR A 112 -3.42 9.16 -21.53
N LEU A 113 -3.33 9.14 -20.21
CA LEU A 113 -2.03 9.16 -19.54
C LEU A 113 -1.49 7.75 -19.37
N PRO A 114 -0.16 7.62 -19.14
CA PRO A 114 0.50 6.31 -18.97
C PRO A 114 -0.02 5.51 -17.77
N ASP A 115 -0.77 6.17 -16.89
CA ASP A 115 -1.32 5.51 -15.71
C ASP A 115 -2.65 4.82 -16.05
N GLY A 116 -3.22 5.20 -17.19
CA GLY A 116 -4.47 4.62 -17.61
C GLY A 116 -5.63 5.59 -17.49
N SER A 117 -5.35 6.80 -17.02
CA SER A 117 -6.38 7.81 -16.87
C SER A 117 -6.66 8.51 -18.19
N TYR A 118 -7.77 9.21 -18.27
CA TYR A 118 -8.14 9.92 -19.48
C TYR A 118 -8.76 11.26 -19.16
N GLU A 119 -8.43 12.25 -19.98
CA GLU A 119 -8.96 13.60 -19.81
C GLU A 119 -9.51 14.10 -21.14
N ASP A 120 -10.69 14.70 -21.10
CA ASP A 120 -11.35 15.19 -22.30
C ASP A 120 -10.97 16.65 -22.57
N TRP A 121 -10.46 16.90 -23.76
CA TRP A 121 -10.05 18.24 -24.17
C TRP A 121 -10.65 18.60 -25.52
N GLY A 122 -10.85 19.87 -25.77
CA GLY A 122 -11.38 20.29 -27.05
C GLY A 122 -10.30 20.92 -27.90
N VAL A 123 -10.54 21.02 -29.21
CA VAL A 123 -9.56 21.62 -30.12
C VAL A 123 -9.34 23.06 -29.69
N ASP A 124 -10.43 23.66 -29.26
CA ASP A 124 -10.43 25.03 -28.79
C ASP A 124 -9.58 25.16 -27.53
N GLU A 125 -9.61 24.12 -26.69
CA GLU A 125 -8.85 24.09 -25.44
C GLU A 125 -7.37 23.85 -25.70
N LEU A 126 -7.03 23.50 -26.94
CA LEU A 126 -5.66 23.21 -27.29
C LEU A 126 -5.06 24.24 -28.23
N ILE A 127 -3.91 24.77 -27.85
CA ILE A 127 -3.20 25.72 -28.68
C ILE A 127 -2.31 24.94 -29.63
N ILE A 128 -2.72 24.87 -30.88
CA ILE A 128 -1.98 24.09 -31.87
C ILE A 128 -0.71 24.77 -32.33
N THR A 129 0.38 24.03 -32.25
CA THR A 129 1.64 24.48 -32.76
C THR A 129 1.91 23.68 -34.00
N ASP A 130 1.58 24.26 -35.13
CA ASP A 130 1.72 23.59 -36.41
C ASP A 130 2.55 24.41 -37.37
N MET B 4 -24.44 -5.96 -7.12
CA MET B 4 -25.01 -7.05 -6.32
C MET B 4 -26.15 -7.72 -7.06
N ALA B 5 -26.12 -9.05 -7.11
CA ALA B 5 -27.16 -9.81 -7.79
C ALA B 5 -27.26 -11.20 -7.18
N THR B 6 -26.10 -11.78 -6.90
CA THR B 6 -26.03 -13.10 -6.32
C THR B 6 -26.04 -13.04 -4.80
N SER B 7 -26.26 -14.18 -4.17
CA SER B 7 -26.25 -14.26 -2.72
C SER B 7 -24.83 -14.53 -2.24
N SER B 8 -24.01 -14.98 -3.17
CA SER B 8 -22.61 -15.30 -2.91
C SER B 8 -21.84 -15.25 -4.23
N GLU B 9 -21.40 -14.05 -4.60
CA GLU B 9 -20.66 -13.85 -5.85
C GLU B 9 -19.21 -14.28 -5.70
N GLU B 10 -18.45 -14.16 -6.80
CA GLU B 10 -17.06 -14.54 -6.85
C GLU B 10 -16.25 -13.88 -5.71
N VAL B 11 -15.25 -14.59 -5.23
CA VAL B 11 -14.40 -14.12 -4.16
C VAL B 11 -12.97 -13.96 -4.66
N LEU B 12 -12.50 -12.73 -4.71
CA LEU B 12 -11.15 -12.43 -5.19
C LEU B 12 -10.09 -12.83 -4.17
N LEU B 13 -10.35 -12.55 -2.90
CA LEU B 13 -9.39 -12.87 -1.85
C LEU B 13 -10.01 -13.74 -0.76
N ILE B 14 -9.45 -14.91 -0.55
CA ILE B 14 -9.93 -15.80 0.50
C ILE B 14 -8.89 -15.86 1.60
N VAL B 15 -9.23 -15.29 2.73
CA VAL B 15 -8.36 -15.24 3.88
C VAL B 15 -8.85 -16.23 4.95
N LYS B 16 -8.12 -17.31 5.14
CA LYS B 16 -8.50 -18.33 6.11
C LYS B 16 -8.01 -17.99 7.51
N LYS B 17 -8.48 -18.75 8.49
CA LYS B 17 -8.12 -18.57 9.89
C LYS B 17 -8.33 -17.11 10.34
N VAL B 18 -9.57 -16.65 10.24
CA VAL B 18 -9.90 -15.29 10.63
C VAL B 18 -10.99 -15.31 11.69
N ARG B 19 -10.87 -14.46 12.67
CA ARG B 19 -11.83 -14.42 13.77
C ARG B 19 -12.52 -13.07 13.86
N GLN B 20 -13.72 -13.09 14.41
CA GLN B 20 -14.48 -11.88 14.61
C GLN B 20 -15.20 -11.96 15.94
N LYS B 21 -14.68 -11.24 16.92
CA LYS B 21 -15.25 -11.18 18.27
C LYS B 21 -15.73 -12.52 18.80
N LYS B 22 -14.77 -13.43 19.03
CA LYS B 22 -15.01 -14.77 19.56
C LYS B 22 -15.55 -15.74 18.53
N GLN B 23 -15.54 -15.35 17.27
CA GLN B 23 -16.03 -16.22 16.23
C GLN B 23 -14.87 -16.66 15.34
N ASP B 24 -14.60 -17.94 15.30
CA ASP B 24 -13.53 -18.47 14.48
C ASP B 24 -14.07 -18.81 13.10
N GLY B 25 -13.48 -18.23 12.07
CA GLY B 25 -13.96 -18.50 10.74
C GLY B 25 -12.97 -18.18 9.65
N ALA B 26 -13.46 -17.57 8.60
CA ALA B 26 -12.66 -17.23 7.45
C ALA B 26 -13.21 -16.00 6.74
N LEU B 27 -12.30 -15.19 6.27
CA LEU B 27 -12.64 -13.95 5.59
C LEU B 27 -12.59 -14.13 4.07
N TYR B 28 -13.64 -13.71 3.39
CA TYR B 28 -13.68 -13.81 1.94
C TYR B 28 -14.05 -12.46 1.33
N LEU B 29 -13.22 -11.95 0.44
CA LEU B 29 -13.49 -10.68 -0.21
C LEU B 29 -14.13 -10.91 -1.57
N MET B 30 -15.43 -10.66 -1.67
CA MET B 30 -16.15 -10.83 -2.92
C MET B 30 -16.01 -9.57 -3.77
N ALA B 31 -16.24 -9.72 -5.08
CA ALA B 31 -16.13 -8.61 -6.04
C ALA B 31 -16.80 -7.31 -5.56
N GLU B 32 -17.85 -7.41 -4.75
CA GLU B 32 -18.57 -6.23 -4.29
C GLU B 32 -18.62 -6.09 -2.76
N ARG B 33 -18.27 -7.13 -2.02
CA ARG B 33 -18.38 -7.04 -0.58
C ARG B 33 -17.44 -7.97 0.18
N ILE B 34 -16.94 -7.47 1.30
CA ILE B 34 -16.08 -8.23 2.18
C ILE B 34 -17.00 -9.01 3.11
N ALA B 35 -17.03 -10.31 2.95
CA ALA B 35 -17.89 -11.14 3.76
C ALA B 35 -17.10 -12.19 4.51
N TRP B 36 -17.24 -12.15 5.80
CA TRP B 36 -16.55 -13.09 6.64
C TRP B 36 -17.53 -14.15 7.11
N ALA B 37 -17.09 -15.40 7.10
CA ALA B 37 -17.94 -16.51 7.50
C ALA B 37 -17.26 -17.32 8.60
N PRO B 38 -18.03 -18.11 9.35
CA PRO B 38 -17.48 -18.95 10.41
C PRO B 38 -16.96 -20.25 9.82
N GLU B 39 -15.87 -20.76 10.37
CA GLU B 39 -15.27 -21.98 9.85
C GLU B 39 -16.23 -23.15 9.90
N GLY B 40 -16.18 -23.96 8.85
CA GLY B 40 -17.06 -25.11 8.77
C GLY B 40 -18.43 -24.73 8.24
N LYS B 41 -18.60 -23.49 7.84
CA LYS B 41 -19.87 -23.01 7.30
C LYS B 41 -19.66 -22.27 5.99
N ASP B 42 -20.63 -22.43 5.09
CA ASP B 42 -20.58 -21.78 3.78
C ASP B 42 -21.40 -20.49 3.80
N ARG B 43 -21.87 -20.13 4.98
CA ARG B 43 -22.69 -18.96 5.13
C ARG B 43 -21.95 -17.83 5.81
N PHE B 44 -21.79 -16.73 5.09
CA PHE B 44 -21.11 -15.56 5.62
C PHE B 44 -22.01 -14.91 6.66
N THR B 45 -21.54 -14.84 7.89
CA THR B 45 -22.31 -14.26 8.97
C THR B 45 -22.09 -12.76 9.04
N ILE B 46 -21.22 -12.27 8.16
CA ILE B 46 -20.90 -10.86 8.08
C ILE B 46 -20.64 -10.50 6.64
N SER B 47 -21.25 -9.44 6.16
CA SER B 47 -21.01 -9.02 4.82
C SER B 47 -21.13 -7.51 4.71
N HIS B 48 -20.04 -6.85 4.34
CA HIS B 48 -20.04 -5.41 4.21
C HIS B 48 -19.74 -5.01 2.78
N MET B 49 -20.60 -4.21 2.19
CA MET B 49 -20.36 -3.74 0.85
C MET B 49 -19.28 -2.69 0.96
N TYR B 50 -18.38 -2.61 -0.02
CA TYR B 50 -17.31 -1.63 0.04
C TYR B 50 -17.88 -0.22 0.04
N ALA B 51 -19.14 -0.13 -0.38
CA ALA B 51 -19.85 1.13 -0.42
C ALA B 51 -20.12 1.66 0.96
N ASP B 52 -20.25 0.74 1.93
CA ASP B 52 -20.56 1.10 3.30
C ASP B 52 -19.33 1.17 4.16
N ILE B 53 -18.20 0.84 3.59
CA ILE B 53 -16.97 0.91 4.34
C ILE B 53 -16.38 2.31 4.16
N LYS B 54 -16.16 3.01 5.25
CA LYS B 54 -15.64 4.36 5.17
C LYS B 54 -14.11 4.38 5.19
N CYS B 55 -13.52 3.41 5.89
CA CYS B 55 -12.07 3.34 6.00
C CYS B 55 -11.62 1.98 6.54
N GLN B 56 -10.41 1.54 6.19
CA GLN B 56 -9.89 0.26 6.68
C GLN B 56 -8.65 0.49 7.54
N LYS B 57 -8.67 -0.02 8.75
CA LYS B 57 -7.56 0.13 9.68
C LYS B 57 -7.01 -1.24 9.96
N ILE B 58 -5.71 -1.38 10.15
CA ILE B 58 -5.16 -2.71 10.32
C ILE B 58 -3.94 -2.81 11.21
N SER B 59 -4.03 -3.61 12.27
CA SER B 59 -2.92 -3.81 13.19
C SER B 59 -1.88 -4.74 12.55
N PRO B 60 -0.66 -4.23 12.36
CA PRO B 60 0.45 -4.95 11.74
C PRO B 60 1.24 -5.81 12.73
N GLU B 61 2.27 -6.49 12.20
CA GLU B 61 3.13 -7.35 13.01
C GLU B 61 3.69 -6.61 14.22
N GLY B 62 4.13 -7.38 15.20
CA GLY B 62 4.64 -6.82 16.44
C GLY B 62 3.82 -7.33 17.59
N LYS B 63 2.51 -7.38 17.37
CA LYS B 63 1.57 -7.90 18.35
C LYS B 63 1.25 -9.33 17.97
N ALA B 64 0.65 -10.06 18.89
CA ALA B 64 0.27 -11.44 18.64
C ALA B 64 -1.14 -11.48 18.08
N LYS B 65 -1.59 -10.31 17.65
CA LYS B 65 -2.92 -10.16 17.11
C LYS B 65 -2.91 -9.16 15.95
N ILE B 66 -3.13 -9.68 14.76
CA ILE B 66 -3.18 -8.86 13.55
C ILE B 66 -4.65 -8.67 13.21
N GLN B 67 -5.09 -7.44 13.07
CA GLN B 67 -6.51 -7.24 12.83
C GLN B 67 -6.83 -6.23 11.75
N LEU B 68 -7.98 -6.45 11.13
CA LEU B 68 -8.53 -5.58 10.11
C LEU B 68 -9.79 -4.96 10.69
N GLN B 69 -9.78 -3.66 10.86
CA GLN B 69 -10.91 -2.97 11.45
C GLN B 69 -11.62 -2.18 10.35
N LEU B 70 -12.84 -2.59 10.01
CA LEU B 70 -13.61 -1.90 9.00
C LEU B 70 -14.47 -0.81 9.62
N VAL B 71 -14.01 0.42 9.54
CA VAL B 71 -14.76 1.54 10.08
C VAL B 71 -15.70 2.07 9.03
N LEU B 72 -16.97 1.89 9.29
CA LEU B 72 -18.01 2.29 8.36
C LEU B 72 -18.35 3.78 8.50
N HIS B 73 -19.32 4.23 7.71
CA HIS B 73 -19.71 5.64 7.68
C HIS B 73 -20.26 6.16 9.00
N ALA B 74 -21.28 5.48 9.52
CA ALA B 74 -21.95 5.87 10.76
C ALA B 74 -21.03 5.86 11.96
N GLY B 75 -19.85 5.29 11.78
CA GLY B 75 -18.91 5.17 12.86
C GLY B 75 -18.89 3.72 13.29
N ASP B 76 -19.57 2.93 12.46
CA ASP B 76 -19.69 1.50 12.65
C ASP B 76 -18.33 0.90 12.43
N THR B 77 -18.17 -0.34 12.83
CA THR B 77 -16.88 -1.00 12.69
C THR B 77 -17.01 -2.51 12.65
N THR B 78 -15.96 -3.15 12.17
CA THR B 78 -15.90 -4.60 12.08
C THR B 78 -14.47 -5.06 12.37
N ASN B 79 -14.29 -5.86 13.40
CA ASN B 79 -12.95 -6.34 13.77
C ASN B 79 -12.69 -7.76 13.28
N PHE B 80 -11.82 -7.91 12.30
CA PHE B 80 -11.44 -9.22 11.78
C PHE B 80 -10.01 -9.52 12.17
N HIS B 81 -9.83 -10.54 12.97
CA HIS B 81 -8.51 -10.93 13.43
C HIS B 81 -7.91 -12.00 12.54
N PHE B 82 -6.75 -11.70 12.00
CA PHE B 82 -6.02 -12.62 11.15
C PHE B 82 -5.27 -13.57 12.07
N SER B 83 -5.80 -14.76 12.29
CA SER B 83 -5.17 -15.67 13.23
C SER B 83 -4.40 -16.81 12.56
N ASN B 84 -3.99 -16.62 11.32
CA ASN B 84 -3.22 -17.65 10.64
C ASN B 84 -1.75 -17.46 10.98
N GLU B 85 -1.30 -18.15 12.03
CA GLU B 85 0.08 -18.06 12.52
C GLU B 85 1.11 -18.00 11.39
N SER B 86 0.82 -18.68 10.30
CA SER B 86 1.72 -18.74 9.17
C SER B 86 1.92 -17.36 8.49
N THR B 87 0.84 -16.76 8.00
CA THR B 87 0.95 -15.48 7.30
C THR B 87 -0.04 -14.44 7.80
N ALA B 88 -0.46 -14.56 9.05
CA ALA B 88 -1.44 -13.65 9.67
C ALA B 88 -1.26 -12.19 9.28
N VAL B 89 -0.03 -11.68 9.36
CA VAL B 89 0.20 -10.28 9.04
C VAL B 89 0.18 -10.07 7.54
N LYS B 90 0.80 -10.98 6.82
CA LYS B 90 0.88 -10.90 5.37
C LYS B 90 -0.52 -10.98 4.77
N GLU B 91 -1.40 -11.69 5.47
CA GLU B 91 -2.78 -11.77 5.05
C GLU B 91 -3.36 -10.38 5.12
N ARG B 92 -3.18 -9.75 6.28
CA ARG B 92 -3.66 -8.40 6.54
C ARG B 92 -3.32 -7.46 5.38
N ASP B 93 -2.05 -7.48 4.99
CA ASP B 93 -1.54 -6.64 3.91
C ASP B 93 -2.25 -6.94 2.58
N ALA B 94 -2.43 -8.22 2.27
CA ALA B 94 -3.09 -8.62 1.03
C ALA B 94 -4.54 -8.16 1.02
N VAL B 95 -5.26 -8.42 2.11
CA VAL B 95 -6.65 -8.01 2.25
C VAL B 95 -6.70 -6.48 2.12
N LYS B 96 -5.72 -5.83 2.74
CA LYS B 96 -5.56 -4.38 2.73
C LYS B 96 -5.42 -3.83 1.32
N ASP B 97 -4.38 -4.27 0.62
CA ASP B 97 -4.11 -3.81 -0.74
C ASP B 97 -5.32 -3.99 -1.64
N LEU B 98 -5.86 -5.19 -1.63
CA LEU B 98 -7.01 -5.52 -2.46
C LEU B 98 -8.26 -4.75 -2.03
N LEU B 99 -8.63 -4.86 -0.75
CA LEU B 99 -9.83 -4.19 -0.23
C LEU B 99 -9.79 -2.71 -0.48
N GLN B 100 -8.63 -2.13 -0.22
CA GLN B 100 -8.43 -0.71 -0.39
C GLN B 100 -8.66 -0.33 -1.85
N GLN B 101 -8.36 -1.26 -2.76
CA GLN B 101 -8.57 -1.02 -4.19
C GLN B 101 -10.02 -1.35 -4.57
N LEU B 102 -10.71 -2.06 -3.67
CA LEU B 102 -12.09 -2.43 -3.89
C LEU B 102 -13.00 -1.29 -3.45
N LEU B 103 -12.53 -0.55 -2.46
CA LEU B 103 -13.29 0.56 -1.89
C LEU B 103 -13.66 1.62 -2.90
N PRO B 104 -12.69 2.25 -3.60
CA PRO B 104 -12.97 3.34 -4.55
C PRO B 104 -14.02 2.95 -5.59
N LYS B 105 -14.23 1.65 -5.73
CA LYS B 105 -15.21 1.13 -6.65
C LYS B 105 -16.62 1.35 -6.12
N PHE B 106 -16.77 1.38 -4.79
CA PHE B 106 -18.09 1.56 -4.18
C PHE B 106 -18.11 2.70 -3.16
N LYS B 107 -16.94 3.20 -2.80
CA LYS B 107 -16.78 4.26 -1.80
C LYS B 107 -17.70 5.45 -2.06
N ARG B 108 -18.65 5.64 -1.17
CA ARG B 108 -19.57 6.74 -1.28
C ARG B 108 -18.98 7.97 -0.62
N LYS B 109 -18.36 8.78 -1.46
CA LYS B 109 -17.68 10.01 -1.05
C LYS B 109 -16.79 9.77 0.20
N ALA B 110 -16.33 8.55 0.38
CA ALA B 110 -15.49 8.21 1.54
C ALA B 110 -14.03 8.49 1.22
N ASN B 111 -13.83 9.34 0.24
CA ASN B 111 -12.52 9.77 -0.21
C ASN B 111 -12.69 11.07 -0.97
N MET A 4 -13.75 -17.56 25.71
CA MET A 4 -12.57 -18.42 25.45
C MET A 4 -11.55 -17.67 24.61
N SER A 5 -11.73 -17.68 23.29
CA SER A 5 -10.83 -16.96 22.40
C SER A 5 -11.19 -15.49 22.41
N ASP A 6 -11.01 -14.86 23.57
CA ASP A 6 -11.36 -13.47 23.74
C ASP A 6 -10.22 -12.54 23.39
N ASN A 7 -9.29 -13.04 22.58
CA ASN A 7 -8.14 -12.25 22.16
C ASN A 7 -8.60 -11.07 21.32
N GLU A 8 -9.78 -11.23 20.72
CA GLU A 8 -10.40 -10.21 19.89
C GLU A 8 -10.61 -8.94 20.67
N ASP A 9 -11.10 -9.14 21.85
CA ASP A 9 -11.40 -8.04 22.76
C ASP A 9 -10.50 -8.12 24.00
N ASN A 10 -9.30 -8.66 23.85
CA ASN A 10 -8.38 -8.79 24.97
C ASN A 10 -7.32 -7.71 24.93
N PHE A 11 -7.39 -6.89 23.92
CA PHE A 11 -6.46 -5.80 23.75
C PHE A 11 -7.11 -4.49 24.11
N ASP A 12 -6.31 -3.43 24.04
CA ASP A 12 -6.73 -2.09 24.31
C ASP A 12 -5.64 -1.20 23.78
N GLY A 13 -5.81 -0.84 22.55
CA GLY A 13 -4.83 0.00 21.91
C GLY A 13 -4.12 -0.65 20.75
N ASP A 14 -4.82 -1.57 20.07
CA ASP A 14 -4.24 -2.25 18.91
C ASP A 14 -3.45 -1.27 18.06
N ASP A 15 -2.25 -1.69 17.68
CA ASP A 15 -1.32 -0.89 16.88
C ASP A 15 -1.80 -0.79 15.44
N PHE A 16 -3.10 -0.64 15.27
CA PHE A 16 -3.73 -0.56 13.96
C PHE A 16 -2.97 0.34 13.01
N ASP A 17 -2.38 -0.30 12.02
CA ASP A 17 -1.68 0.37 10.97
C ASP A 17 -2.76 0.85 10.04
N ASP A 18 -3.20 2.06 10.31
CA ASP A 18 -4.27 2.68 9.56
C ASP A 18 -3.91 2.75 8.10
N VAL A 19 -4.67 2.02 7.35
CA VAL A 19 -4.47 1.97 5.92
C VAL A 19 -5.65 2.53 5.19
N GLU A 20 -5.56 3.77 4.80
CA GLU A 20 -6.61 4.36 4.02
C GLU A 20 -6.19 4.30 2.57
N GLU A 21 -7.11 3.85 1.73
CA GLU A 21 -6.84 3.68 0.31
C GLU A 21 -6.17 4.89 -0.33
N ASP A 22 -5.11 4.59 -1.07
CA ASP A 22 -4.34 5.59 -1.79
C ASP A 22 -4.14 5.07 -3.21
N GLU A 23 -5.09 5.37 -4.07
CA GLU A 23 -5.03 4.92 -5.45
C GLU A 23 -4.45 6.00 -6.36
N GLY A 24 -3.91 5.57 -7.49
CA GLY A 24 -3.31 6.49 -8.43
C GLY A 24 -1.84 6.70 -8.15
N LEU A 25 -1.29 5.90 -7.24
CA LEU A 25 0.11 5.99 -6.87
C LEU A 25 0.98 5.32 -7.93
N ASP A 26 2.17 5.87 -8.14
CA ASP A 26 3.11 5.34 -9.12
C ASP A 26 4.53 5.37 -8.55
N ASP A 27 5.31 4.34 -8.85
CA ASP A 27 6.68 4.25 -8.37
C ASP A 27 7.62 3.86 -9.50
N LEU A 28 7.39 2.66 -10.06
CA LEU A 28 8.18 2.11 -11.17
C LEU A 28 9.57 1.66 -10.73
N GLU A 29 10.38 2.59 -10.25
CA GLU A 29 11.74 2.27 -9.82
C GLU A 29 12.30 3.41 -8.96
N ASN A 30 13.30 3.11 -8.15
CA ASN A 30 13.92 4.10 -7.29
C ASN A 30 15.01 4.88 -8.05
N ALA A 31 15.95 5.47 -7.32
CA ALA A 31 17.01 6.25 -7.96
C ALA A 31 18.38 5.93 -7.37
N GLU A 32 18.53 4.72 -6.87
CA GLU A 32 19.79 4.31 -6.27
C GLU A 32 20.59 3.44 -7.25
N GLU A 33 21.58 2.71 -6.74
CA GLU A 33 22.41 1.85 -7.58
C GLU A 33 21.74 0.50 -7.80
N GLU A 34 20.52 0.36 -7.28
CA GLU A 34 19.77 -0.88 -7.43
C GLU A 34 18.92 -0.84 -8.69
N GLY A 35 17.85 -1.62 -8.70
CA GLY A 35 16.98 -1.68 -9.87
C GLY A 35 17.38 -2.87 -10.72
N GLN A 36 18.11 -3.77 -10.10
CA GLN A 36 18.61 -4.97 -10.75
C GLN A 36 18.30 -6.20 -9.90
N GLU A 37 18.82 -7.34 -10.30
CA GLU A 37 18.61 -8.55 -9.55
C GLU A 37 19.91 -8.97 -8.89
N ASN A 38 20.21 -8.39 -7.73
CA ASN A 38 21.42 -8.76 -7.02
C ASN A 38 21.24 -10.14 -6.42
N VAL A 39 22.16 -11.04 -6.70
CA VAL A 39 22.04 -12.39 -6.21
C VAL A 39 23.09 -12.71 -5.15
N GLU A 40 22.62 -13.29 -4.07
CA GLU A 40 23.45 -13.67 -2.94
C GLU A 40 23.99 -15.09 -3.13
N ILE A 41 25.17 -15.34 -2.58
CA ILE A 41 25.78 -16.66 -2.70
C ILE A 41 25.77 -17.37 -1.35
N LEU A 42 24.88 -18.34 -1.22
CA LEU A 42 24.75 -19.10 0.01
C LEU A 42 25.24 -20.53 -0.20
N PRO A 43 25.91 -21.10 0.80
CA PRO A 43 26.41 -22.47 0.71
C PRO A 43 25.30 -23.47 1.01
N SER A 44 25.04 -24.34 0.05
CA SER A 44 24.01 -25.36 0.19
C SER A 44 24.37 -26.41 1.22
N GLY A 45 23.36 -27.19 1.57
CA GLY A 45 23.49 -28.22 2.57
C GLY A 45 22.46 -28.03 3.65
N GLU A 46 21.98 -26.81 3.76
CA GLU A 46 20.93 -26.50 4.72
C GLU A 46 19.66 -26.14 3.94
N ARG A 47 19.94 -25.58 2.79
CA ARG A 47 18.97 -25.13 1.81
C ARG A 47 17.88 -24.25 2.41
N PRO A 48 18.14 -22.94 2.53
CA PRO A 48 17.14 -22.02 3.00
C PRO A 48 16.13 -21.83 1.89
N GLN A 49 14.89 -22.14 2.18
CA GLN A 49 13.83 -22.05 1.20
C GLN A 49 12.74 -21.09 1.64
N ALA A 50 12.24 -20.34 0.69
CA ALA A 50 11.16 -19.40 0.94
C ALA A 50 9.84 -20.16 0.98
N ASN A 51 8.71 -19.45 0.94
CA ASN A 51 7.44 -20.13 0.99
C ASN A 51 6.44 -19.57 -0.02
N GLN A 52 6.92 -19.24 -1.20
CA GLN A 52 6.07 -18.71 -2.24
C GLN A 52 6.43 -19.36 -3.58
N LYS A 53 5.51 -19.29 -4.53
CA LYS A 53 5.77 -19.86 -5.85
C LYS A 53 6.86 -19.06 -6.54
N ARG A 54 7.75 -19.75 -7.24
CA ARG A 54 8.86 -19.11 -7.94
C ARG A 54 8.40 -17.92 -8.74
N ILE A 55 8.94 -16.76 -8.41
CA ILE A 55 8.59 -15.53 -9.08
C ILE A 55 9.57 -15.23 -10.20
N THR A 56 10.64 -16.01 -10.26
CA THR A 56 11.64 -15.81 -11.29
C THR A 56 11.75 -17.04 -12.20
N THR A 57 12.84 -17.14 -12.96
CA THR A 57 13.02 -18.23 -13.89
C THR A 57 14.19 -19.12 -13.47
N PRO A 58 14.02 -20.42 -13.64
CA PRO A 58 15.05 -21.42 -13.30
C PRO A 58 16.17 -21.44 -14.34
N TYR A 59 16.79 -20.28 -14.55
CA TYR A 59 17.85 -20.13 -15.52
C TYR A 59 18.93 -19.26 -14.93
N MET A 60 20.16 -19.53 -15.29
CA MET A 60 21.28 -18.76 -14.80
C MET A 60 21.97 -18.06 -15.93
N THR A 61 22.00 -16.75 -15.86
CA THR A 61 22.64 -15.95 -16.87
C THR A 61 24.10 -15.74 -16.52
N LYS A 62 24.73 -14.78 -17.20
CA LYS A 62 26.13 -14.50 -16.96
C LYS A 62 26.31 -13.74 -15.65
N TYR A 63 25.20 -13.22 -15.12
CA TYR A 63 25.22 -12.46 -13.86
C TYR A 63 25.42 -13.38 -12.66
N GLU A 64 24.45 -14.26 -12.44
CA GLU A 64 24.50 -15.19 -11.33
C GLU A 64 25.68 -16.14 -11.49
N ARG A 65 25.97 -16.47 -12.75
CA ARG A 65 27.08 -17.35 -13.09
C ARG A 65 28.38 -16.81 -12.51
N ALA A 66 28.68 -15.57 -12.86
CA ALA A 66 29.90 -14.91 -12.42
C ALA A 66 29.94 -14.73 -10.90
N ARG A 67 28.79 -14.48 -10.30
CA ARG A 67 28.72 -14.30 -8.85
C ARG A 67 29.12 -15.59 -8.13
N VAL A 68 28.53 -16.69 -8.54
CA VAL A 68 28.83 -17.99 -7.93
C VAL A 68 30.28 -18.39 -8.21
N LEU A 69 30.72 -18.13 -9.43
CA LEU A 69 32.07 -18.46 -9.85
C LEU A 69 33.12 -17.62 -9.14
N GLY A 70 32.79 -16.36 -8.89
CA GLY A 70 33.72 -15.50 -8.19
C GLY A 70 33.95 -16.02 -6.79
N THR A 71 32.90 -16.57 -6.20
CA THR A 71 32.97 -17.12 -4.86
C THR A 71 33.69 -18.47 -4.88
N ARG A 72 33.46 -19.25 -5.93
CA ARG A 72 34.08 -20.57 -6.06
C ARG A 72 35.57 -20.44 -6.37
N ALA A 73 35.93 -19.47 -7.19
CA ALA A 73 37.33 -19.23 -7.52
C ALA A 73 38.07 -18.90 -6.25
N LEU A 74 37.40 -18.14 -5.37
CA LEU A 74 37.98 -17.79 -4.09
C LEU A 74 38.19 -19.05 -3.27
N GLN A 75 37.30 -20.02 -3.43
CA GLN A 75 37.40 -21.29 -2.71
C GLN A 75 38.58 -22.11 -3.22
N ILE A 76 38.58 -22.37 -4.53
CA ILE A 76 39.63 -23.16 -5.17
C ILE A 76 40.99 -22.49 -5.04
N ALA A 77 40.98 -21.17 -5.08
CA ALA A 77 42.20 -20.38 -4.95
C ALA A 77 42.82 -20.61 -3.57
N MET A 78 42.02 -21.17 -2.67
CA MET A 78 42.48 -21.48 -1.32
C MET A 78 42.84 -22.97 -1.24
N CYS A 79 42.95 -23.58 -2.43
CA CYS A 79 43.31 -25.00 -2.57
C CYS A 79 42.10 -25.92 -2.37
N ALA A 80 40.93 -25.48 -2.83
CA ALA A 80 39.73 -26.29 -2.73
C ALA A 80 39.77 -27.44 -3.73
N PRO A 81 39.26 -28.62 -3.35
CA PRO A 81 39.23 -29.79 -4.22
C PRO A 81 38.36 -29.56 -5.46
N VAL A 82 38.90 -29.95 -6.61
CA VAL A 82 38.19 -29.81 -7.88
C VAL A 82 37.25 -30.98 -8.11
N MET A 83 35.98 -30.67 -8.41
CA MET A 83 34.97 -31.71 -8.63
C MET A 83 34.82 -32.04 -10.11
N VAL A 84 35.54 -31.32 -10.95
CA VAL A 84 35.47 -31.54 -12.40
C VAL A 84 36.73 -32.12 -12.96
N GLU A 85 36.62 -32.43 -14.23
CA GLU A 85 37.68 -32.99 -15.02
C GLU A 85 38.52 -31.82 -15.55
N LEU A 86 39.75 -32.09 -15.95
CA LEU A 86 40.62 -31.01 -16.42
C LEU A 86 41.16 -31.27 -17.82
N GLU A 87 40.64 -30.54 -18.79
CA GLU A 87 41.08 -30.65 -20.18
C GLU A 87 41.91 -29.44 -20.55
N GLY A 88 42.69 -28.96 -19.60
CA GLY A 88 43.52 -27.79 -19.81
C GLY A 88 43.23 -26.71 -18.79
N GLU A 89 42.04 -26.78 -18.21
CA GLU A 89 41.63 -25.82 -17.19
C GLU A 89 42.48 -26.04 -15.94
N THR A 90 43.42 -25.13 -15.71
CA THR A 90 44.33 -25.24 -14.57
C THR A 90 44.12 -24.14 -13.54
N ASP A 91 43.66 -22.97 -14.00
CA ASP A 91 43.42 -21.85 -13.10
C ASP A 91 42.09 -22.05 -12.35
N PRO A 92 42.02 -21.60 -11.08
CA PRO A 92 40.83 -21.75 -10.25
C PRO A 92 39.55 -21.24 -10.91
N LEU A 93 39.66 -20.18 -11.71
CA LEU A 93 38.51 -19.63 -12.41
C LEU A 93 38.04 -20.58 -13.49
N LEU A 94 38.99 -21.22 -14.17
CA LEU A 94 38.68 -22.17 -15.24
C LEU A 94 37.96 -23.37 -14.66
N ILE A 95 38.48 -23.88 -13.55
CA ILE A 95 37.89 -25.03 -12.88
C ILE A 95 36.50 -24.67 -12.38
N ALA A 96 36.38 -23.51 -11.74
CA ALA A 96 35.11 -23.06 -11.23
C ALA A 96 34.11 -22.98 -12.36
N MET A 97 34.54 -22.38 -13.46
CA MET A 97 33.70 -22.25 -14.65
C MET A 97 33.29 -23.62 -15.15
N LYS A 98 34.24 -24.55 -15.11
CA LYS A 98 34.01 -25.92 -15.54
C LYS A 98 32.95 -26.59 -14.66
N GLU A 99 33.10 -26.44 -13.35
CA GLU A 99 32.16 -27.03 -12.40
C GLU A 99 30.76 -26.46 -12.59
N LEU A 100 30.69 -25.15 -12.78
CA LEU A 100 29.41 -24.48 -12.96
C LEU A 100 28.70 -24.93 -14.24
N LYS A 101 29.43 -24.98 -15.36
CA LYS A 101 28.83 -25.40 -16.62
C LYS A 101 28.54 -26.89 -16.60
N ALA A 102 29.13 -27.60 -15.64
CA ALA A 102 28.92 -29.02 -15.50
C ALA A 102 27.90 -29.32 -14.40
N ARG A 103 27.35 -28.25 -13.82
CA ARG A 103 26.36 -28.35 -12.75
C ARG A 103 26.93 -29.10 -11.54
N LYS A 104 28.23 -28.97 -11.33
CA LYS A 104 28.91 -29.64 -10.25
C LYS A 104 29.17 -28.71 -9.06
N ILE A 105 28.58 -27.52 -9.10
CA ILE A 105 28.75 -26.56 -8.01
C ILE A 105 27.52 -26.52 -7.12
N PRO A 106 27.65 -26.98 -5.87
CA PRO A 106 26.57 -26.97 -4.92
C PRO A 106 26.52 -25.65 -4.14
N ILE A 107 25.63 -24.76 -4.57
CA ILE A 107 25.48 -23.46 -3.93
C ILE A 107 24.08 -22.91 -4.19
N ILE A 108 23.50 -22.25 -3.20
CA ILE A 108 22.19 -21.65 -3.34
C ILE A 108 22.33 -20.17 -3.67
N ILE A 109 21.71 -19.76 -4.76
CA ILE A 109 21.78 -18.38 -5.21
C ILE A 109 20.50 -17.64 -4.86
N ARG A 110 20.56 -16.78 -3.85
CA ARG A 110 19.39 -16.02 -3.47
C ARG A 110 19.26 -14.82 -4.39
N ARG A 111 18.27 -14.86 -5.25
CA ARG A 111 18.04 -13.79 -6.21
C ARG A 111 17.18 -12.70 -5.60
N TYR A 112 17.73 -11.51 -5.45
CA TYR A 112 17.00 -10.38 -4.89
C TYR A 112 16.30 -9.61 -5.99
N LEU A 113 15.17 -9.02 -5.66
CA LEU A 113 14.43 -8.23 -6.64
C LEU A 113 14.58 -6.75 -6.30
N PRO A 114 14.42 -5.86 -7.29
CA PRO A 114 14.55 -4.40 -7.10
C PRO A 114 13.59 -3.86 -6.03
N ASP A 115 12.53 -4.60 -5.76
CA ASP A 115 11.54 -4.21 -4.76
C ASP A 115 12.06 -4.48 -3.35
N GLY A 116 13.15 -5.24 -3.25
CA GLY A 116 13.73 -5.54 -1.96
C GLY A 116 13.51 -6.97 -1.50
N SER A 117 12.75 -7.75 -2.26
CA SER A 117 12.50 -9.13 -1.88
C SER A 117 13.63 -10.03 -2.37
N TYR A 118 13.55 -11.32 -2.04
CA TYR A 118 14.57 -12.28 -2.42
C TYR A 118 14.00 -13.68 -2.50
N GLU A 119 14.41 -14.42 -3.52
CA GLU A 119 13.95 -15.79 -3.70
C GLU A 119 15.15 -16.74 -3.73
N ASP A 120 14.97 -17.93 -3.17
CA ASP A 120 16.03 -18.93 -3.12
C ASP A 120 16.12 -19.67 -4.44
N TRP A 121 17.32 -19.80 -4.98
CA TRP A 121 17.52 -20.49 -6.25
C TRP A 121 18.84 -21.26 -6.28
N GLY A 122 18.79 -22.56 -6.15
CA GLY A 122 20.01 -23.35 -6.19
C GLY A 122 20.55 -23.50 -7.60
N VAL A 123 21.83 -23.88 -7.72
CA VAL A 123 22.45 -24.07 -9.03
C VAL A 123 21.77 -25.22 -9.75
N ASP A 124 21.25 -26.13 -8.95
CA ASP A 124 20.54 -27.29 -9.45
C ASP A 124 19.21 -26.87 -10.05
N GLU A 125 18.66 -25.77 -9.55
CA GLU A 125 17.39 -25.24 -10.04
C GLU A 125 17.61 -24.28 -11.20
N LEU A 126 18.85 -23.92 -11.48
CA LEU A 126 19.14 -22.97 -12.54
C LEU A 126 19.87 -23.58 -13.73
N ILE A 127 19.30 -23.36 -14.89
CA ILE A 127 19.89 -23.81 -16.14
C ILE A 127 20.74 -22.67 -16.69
N ILE A 128 22.02 -22.90 -16.88
CA ILE A 128 22.89 -21.83 -17.34
C ILE A 128 22.69 -21.54 -18.82
N THR A 129 22.38 -20.29 -19.10
CA THR A 129 22.22 -19.85 -20.46
C THR A 129 23.57 -19.38 -20.95
N ASP A 130 24.22 -20.28 -21.65
CA ASP A 130 25.56 -20.11 -22.23
C ASP A 130 26.53 -19.34 -21.31
N MET B 4 -23.88 -25.16 0.16
CA MET B 4 -23.51 -24.15 -0.84
C MET B 4 -23.65 -22.76 -0.26
N ALA B 5 -22.53 -22.14 0.08
CA ALA B 5 -22.53 -20.81 0.64
C ALA B 5 -22.93 -19.78 -0.41
N THR B 6 -24.22 -19.45 -0.43
CA THR B 6 -24.75 -18.50 -1.39
C THR B 6 -24.52 -19.03 -2.81
N SER B 7 -24.16 -18.16 -3.74
CA SER B 7 -23.89 -18.58 -5.10
C SER B 7 -22.39 -18.62 -5.30
N SER B 8 -21.67 -18.24 -4.24
CA SER B 8 -20.22 -18.20 -4.24
C SER B 8 -19.73 -17.28 -5.36
N GLU B 9 -20.13 -16.03 -5.23
CA GLU B 9 -19.78 -14.98 -6.18
C GLU B 9 -18.27 -14.78 -6.30
N GLU B 10 -17.89 -13.87 -7.19
CA GLU B 10 -16.48 -13.57 -7.45
C GLU B 10 -15.72 -13.18 -6.18
N VAL B 11 -15.00 -14.13 -5.61
CA VAL B 11 -14.21 -13.89 -4.42
C VAL B 11 -12.76 -13.65 -4.85
N LEU B 12 -12.34 -12.40 -4.82
CA LEU B 12 -11.00 -12.02 -5.23
C LEU B 12 -9.94 -12.43 -4.22
N LEU B 13 -10.28 -12.34 -2.93
CA LEU B 13 -9.32 -12.69 -1.90
C LEU B 13 -9.93 -13.64 -0.87
N ILE B 14 -9.26 -14.76 -0.64
CA ILE B 14 -9.73 -15.71 0.35
C ILE B 14 -8.72 -15.80 1.49
N VAL B 15 -9.11 -15.24 2.62
CA VAL B 15 -8.27 -15.21 3.80
C VAL B 15 -8.79 -16.22 4.83
N LYS B 16 -7.98 -17.24 5.11
CA LYS B 16 -8.38 -18.30 6.05
C LYS B 16 -7.97 -17.98 7.48
N LYS B 17 -8.48 -18.79 8.41
CA LYS B 17 -8.23 -18.64 9.84
C LYS B 17 -8.42 -17.20 10.29
N VAL B 18 -9.62 -16.69 10.11
CA VAL B 18 -9.95 -15.33 10.48
C VAL B 18 -10.99 -15.31 11.57
N ARG B 19 -10.70 -14.60 12.64
CA ARG B 19 -11.61 -14.53 13.77
C ARG B 19 -12.40 -13.24 13.78
N GLN B 20 -13.57 -13.33 14.39
CA GLN B 20 -14.43 -12.18 14.57
C GLN B 20 -15.17 -12.34 15.89
N LYS B 21 -14.70 -11.62 16.90
CA LYS B 21 -15.27 -11.65 18.24
C LYS B 21 -15.53 -13.08 18.74
N LYS B 22 -14.43 -13.83 18.93
CA LYS B 22 -14.46 -15.20 19.45
C LYS B 22 -14.86 -16.23 18.42
N GLN B 23 -15.05 -15.82 17.17
CA GLN B 23 -15.46 -16.76 16.14
C GLN B 23 -14.31 -17.03 15.18
N ASP B 24 -13.89 -18.28 15.11
CA ASP B 24 -12.83 -18.67 14.20
C ASP B 24 -13.47 -19.03 12.87
N GLY B 25 -13.10 -18.34 11.82
CA GLY B 25 -13.68 -18.61 10.54
C GLY B 25 -12.79 -18.30 9.38
N ALA B 26 -13.38 -17.71 8.36
CA ALA B 26 -12.67 -17.39 7.14
C ALA B 26 -13.25 -16.17 6.46
N LEU B 27 -12.36 -15.36 5.94
CA LEU B 27 -12.70 -14.12 5.27
C LEU B 27 -12.60 -14.27 3.76
N TYR B 28 -13.62 -13.81 3.04
CA TYR B 28 -13.64 -13.87 1.59
C TYR B 28 -14.06 -12.52 1.01
N LEU B 29 -13.17 -11.89 0.26
CA LEU B 29 -13.48 -10.60 -0.34
C LEU B 29 -14.09 -10.78 -1.72
N MET B 30 -15.38 -10.51 -1.85
CA MET B 30 -16.05 -10.62 -3.13
C MET B 30 -15.94 -9.31 -3.87
N ALA B 31 -16.11 -9.37 -5.19
CA ALA B 31 -16.01 -8.20 -6.05
C ALA B 31 -16.76 -6.98 -5.52
N GLU B 32 -17.87 -7.20 -4.82
CA GLU B 32 -18.69 -6.10 -4.32
C GLU B 32 -18.67 -5.99 -2.79
N ARG B 33 -18.33 -7.06 -2.08
CA ARG B 33 -18.39 -7.02 -0.63
C ARG B 33 -17.35 -7.90 0.06
N ILE B 34 -16.98 -7.46 1.26
CA ILE B 34 -16.08 -8.21 2.10
C ILE B 34 -16.95 -9.07 3.01
N ALA B 35 -16.92 -10.36 2.81
CA ALA B 35 -17.75 -11.26 3.59
C ALA B 35 -16.91 -12.22 4.38
N TRP B 36 -17.37 -12.51 5.57
CA TRP B 36 -16.67 -13.43 6.44
C TRP B 36 -17.64 -14.48 6.97
N ALA B 37 -17.16 -15.71 7.05
CA ALA B 37 -17.97 -16.81 7.53
C ALA B 37 -17.18 -17.66 8.51
N PRO B 38 -17.84 -18.33 9.45
CA PRO B 38 -17.19 -19.19 10.43
C PRO B 38 -16.67 -20.46 9.74
N GLU B 39 -15.55 -20.97 10.20
CA GLU B 39 -14.98 -22.17 9.60
C GLU B 39 -15.87 -23.37 9.87
N GLY B 40 -16.35 -23.98 8.80
CA GLY B 40 -17.23 -25.12 8.93
C GLY B 40 -18.68 -24.73 8.73
N LYS B 41 -18.93 -23.45 8.49
CA LYS B 41 -20.28 -22.97 8.27
C LYS B 41 -20.51 -22.70 6.79
N ASP B 42 -21.63 -23.20 6.29
CA ASP B 42 -21.99 -23.06 4.89
C ASP B 42 -22.67 -21.71 4.64
N ARG B 43 -22.50 -20.77 5.55
CA ARG B 43 -23.14 -19.47 5.39
C ARG B 43 -22.36 -18.35 6.07
N PHE B 44 -22.07 -17.31 5.29
CA PHE B 44 -21.36 -16.13 5.80
C PHE B 44 -22.20 -15.50 6.89
N THR B 45 -21.55 -14.86 7.85
CA THR B 45 -22.25 -14.23 8.94
C THR B 45 -22.00 -12.73 8.97
N ILE B 46 -21.15 -12.30 8.07
CA ILE B 46 -20.79 -10.90 7.95
C ILE B 46 -20.51 -10.56 6.51
N SER B 47 -21.17 -9.55 6.00
CA SER B 47 -20.89 -9.13 4.65
C SER B 47 -21.10 -7.63 4.52
N HIS B 48 -20.01 -6.91 4.26
CA HIS B 48 -20.09 -5.46 4.11
C HIS B 48 -19.77 -5.05 2.70
N MET B 49 -20.55 -4.15 2.15
CA MET B 49 -20.28 -3.66 0.82
C MET B 49 -19.17 -2.64 0.97
N TYR B 50 -18.26 -2.59 0.03
CA TYR B 50 -17.15 -1.64 0.13
C TYR B 50 -17.69 -0.22 0.15
N ALA B 51 -18.93 -0.08 -0.32
CA ALA B 51 -19.61 1.20 -0.37
C ALA B 51 -19.85 1.73 1.02
N ASP B 52 -20.16 0.83 1.96
CA ASP B 52 -20.50 1.23 3.32
C ASP B 52 -19.30 1.23 4.22
N ILE B 53 -18.15 0.84 3.70
CA ILE B 53 -16.96 0.85 4.50
C ILE B 53 -16.33 2.23 4.36
N LYS B 54 -16.25 2.95 5.46
CA LYS B 54 -15.70 4.31 5.44
C LYS B 54 -14.17 4.30 5.47
N CYS B 55 -13.58 3.33 6.17
CA CYS B 55 -12.13 3.25 6.28
C CYS B 55 -11.70 1.89 6.81
N GLN B 56 -10.50 1.43 6.43
CA GLN B 56 -9.99 0.14 6.88
C GLN B 56 -8.70 0.34 7.67
N LYS B 57 -8.65 -0.16 8.89
CA LYS B 57 -7.46 -0.03 9.73
C LYS B 57 -6.96 -1.43 10.03
N ILE B 58 -5.66 -1.61 10.23
CA ILE B 58 -5.17 -2.96 10.42
C ILE B 58 -3.94 -3.10 11.31
N SER B 59 -4.10 -3.79 12.44
CA SER B 59 -3.00 -4.02 13.36
C SER B 59 -1.99 -4.98 12.72
N PRO B 60 -0.77 -4.49 12.47
CA PRO B 60 0.34 -5.21 11.85
C PRO B 60 1.16 -6.02 12.84
N GLU B 61 2.19 -6.70 12.31
CA GLU B 61 3.08 -7.50 13.14
C GLU B 61 3.68 -6.64 14.26
N GLY B 62 4.07 -7.29 15.33
CA GLY B 62 4.61 -6.60 16.48
C GLY B 62 3.76 -6.91 17.69
N LYS B 63 2.45 -6.91 17.47
CA LYS B 63 1.50 -7.26 18.50
C LYS B 63 1.02 -8.68 18.23
N ALA B 64 0.23 -9.21 19.13
CA ALA B 64 -0.27 -10.57 18.98
C ALA B 64 -1.64 -10.56 18.34
N LYS B 65 -2.00 -9.42 17.77
CA LYS B 65 -3.28 -9.27 17.13
C LYS B 65 -3.15 -8.68 15.74
N ILE B 66 -3.44 -9.48 14.74
CA ILE B 66 -3.44 -9.00 13.38
C ILE B 66 -4.87 -8.75 13.03
N GLN B 67 -5.30 -7.51 13.13
CA GLN B 67 -6.70 -7.25 12.93
C GLN B 67 -7.00 -6.24 11.83
N LEU B 68 -8.14 -6.46 11.20
CA LEU B 68 -8.66 -5.59 10.17
C LEU B 68 -9.93 -4.96 10.73
N GLN B 69 -9.87 -3.67 10.99
CA GLN B 69 -11.00 -2.97 11.57
C GLN B 69 -11.67 -2.13 10.49
N LEU B 70 -12.85 -2.55 10.08
CA LEU B 70 -13.61 -1.83 9.06
C LEU B 70 -14.51 -0.81 9.71
N VAL B 71 -14.09 0.44 9.72
CA VAL B 71 -14.90 1.49 10.31
C VAL B 71 -15.86 2.02 9.26
N LEU B 72 -17.12 1.79 9.51
CA LEU B 72 -18.17 2.17 8.61
C LEU B 72 -18.55 3.64 8.77
N HIS B 73 -19.39 4.14 7.87
CA HIS B 73 -19.81 5.55 7.86
C HIS B 73 -20.39 6.02 9.18
N ALA B 74 -21.38 5.28 9.68
CA ALA B 74 -22.08 5.65 10.91
C ALA B 74 -21.15 5.65 12.12
N GLY B 75 -20.02 4.99 11.99
CA GLY B 75 -19.09 4.88 13.09
C GLY B 75 -18.96 3.45 13.51
N ASP B 76 -19.65 2.60 12.76
CA ASP B 76 -19.65 1.17 12.98
C ASP B 76 -18.29 0.62 12.67
N THR B 77 -18.08 -0.64 12.96
CA THR B 77 -16.81 -1.28 12.72
C THR B 77 -16.94 -2.79 12.64
N THR B 78 -15.92 -3.41 12.07
CA THR B 78 -15.86 -4.84 11.95
C THR B 78 -14.44 -5.29 12.28
N ASN B 79 -14.30 -6.15 13.27
CA ASN B 79 -12.98 -6.62 13.69
C ASN B 79 -12.67 -8.01 13.16
N PHE B 80 -11.85 -8.07 12.12
CA PHE B 80 -11.44 -9.35 11.55
C PHE B 80 -10.00 -9.64 11.96
N HIS B 81 -9.84 -10.64 12.80
CA HIS B 81 -8.53 -11.01 13.30
C HIS B 81 -7.92 -12.13 12.46
N PHE B 82 -6.87 -11.78 11.73
CA PHE B 82 -6.15 -12.74 10.91
C PHE B 82 -5.33 -13.61 11.86
N SER B 83 -5.77 -14.84 12.08
CA SER B 83 -5.07 -15.69 13.04
C SER B 83 -4.33 -16.85 12.40
N ASN B 84 -4.05 -16.77 11.10
CA ASN B 84 -3.30 -17.83 10.45
C ASN B 84 -1.82 -17.62 10.73
N GLU B 85 -1.29 -18.39 11.67
CA GLU B 85 0.08 -18.27 12.14
C GLU B 85 1.12 -18.01 11.06
N SER B 86 1.04 -18.75 9.99
CA SER B 86 2.02 -18.66 8.93
C SER B 86 2.04 -17.30 8.20
N THR B 87 0.88 -16.79 7.84
CA THR B 87 0.83 -15.55 7.08
C THR B 87 -0.15 -14.54 7.65
N ALA B 88 -0.49 -14.67 8.92
CA ALA B 88 -1.46 -13.81 9.62
C ALA B 88 -1.34 -12.33 9.22
N VAL B 89 -0.15 -11.78 9.31
CA VAL B 89 0.02 -10.37 8.98
C VAL B 89 0.07 -10.14 7.49
N LYS B 90 0.67 -11.08 6.77
CA LYS B 90 0.79 -10.95 5.33
C LYS B 90 -0.58 -11.06 4.70
N GLU B 91 -1.47 -11.79 5.36
CA GLU B 91 -2.84 -11.90 4.92
C GLU B 91 -3.45 -10.52 5.01
N ARG B 92 -3.36 -9.95 6.21
CA ARG B 92 -3.86 -8.60 6.50
C ARG B 92 -3.44 -7.62 5.41
N ASP B 93 -2.18 -7.73 5.02
CA ASP B 93 -1.60 -6.87 4.00
C ASP B 93 -2.29 -7.03 2.64
N ALA B 94 -2.52 -8.26 2.21
CA ALA B 94 -3.17 -8.51 0.93
C ALA B 94 -4.62 -8.01 0.95
N VAL B 95 -5.31 -8.31 2.06
CA VAL B 95 -6.69 -7.85 2.23
C VAL B 95 -6.70 -6.32 2.17
N LYS B 96 -5.67 -5.73 2.77
CA LYS B 96 -5.47 -4.28 2.80
C LYS B 96 -5.33 -3.70 1.40
N ASP B 97 -4.33 -4.18 0.66
CA ASP B 97 -4.06 -3.70 -0.68
C ASP B 97 -5.27 -3.88 -1.60
N LEU B 98 -5.84 -5.06 -1.57
CA LEU B 98 -6.98 -5.38 -2.41
C LEU B 98 -8.23 -4.60 -1.99
N LEU B 99 -8.64 -4.73 -0.73
CA LEU B 99 -9.85 -4.04 -0.23
C LEU B 99 -9.77 -2.56 -0.48
N GLN B 100 -8.60 -2.01 -0.21
CA GLN B 100 -8.38 -0.59 -0.37
C GLN B 100 -8.68 -0.16 -1.80
N GLN B 101 -8.33 -1.01 -2.78
CA GLN B 101 -8.61 -0.70 -4.18
C GLN B 101 -10.08 -0.98 -4.50
N LEU B 102 -10.70 -1.79 -3.66
CA LEU B 102 -12.10 -2.15 -3.82
C LEU B 102 -13.02 -1.06 -3.29
N LEU B 103 -12.52 -0.34 -2.29
CA LEU B 103 -13.28 0.72 -1.64
C LEU B 103 -13.71 1.84 -2.57
N PRO B 104 -12.79 2.57 -3.23
CA PRO B 104 -13.14 3.71 -4.09
C PRO B 104 -14.16 3.31 -5.16
N LYS B 105 -14.10 2.04 -5.51
CA LYS B 105 -14.98 1.46 -6.51
C LYS B 105 -16.44 1.47 -6.03
N PHE B 106 -16.64 1.44 -4.71
CA PHE B 106 -18.01 1.42 -4.18
C PHE B 106 -18.28 2.53 -3.16
N LYS B 107 -17.23 2.95 -2.45
CA LYS B 107 -17.29 3.98 -1.41
C LYS B 107 -18.38 5.01 -1.67
N ARG B 108 -19.33 5.08 -0.76
CA ARG B 108 -20.44 6.01 -0.89
C ARG B 108 -19.93 7.45 -0.80
N LYS B 109 -20.43 8.30 -1.67
CA LYS B 109 -20.03 9.69 -1.71
C LYS B 109 -21.20 10.60 -1.38
N ALA B 110 -21.10 11.31 -0.25
CA ALA B 110 -22.16 12.22 0.19
C ALA B 110 -23.48 11.50 0.39
N ASN B 111 -23.44 10.40 1.12
CA ASN B 111 -24.63 9.59 1.38
C ASN B 111 -24.49 8.92 2.73
N MET A 4 -12.24 -18.55 19.27
CA MET A 4 -11.60 -19.31 20.37
C MET A 4 -11.19 -18.35 21.48
N SER A 5 -10.13 -17.60 21.25
CA SER A 5 -9.66 -16.63 22.22
C SER A 5 -10.56 -15.40 22.20
N ASP A 6 -10.66 -14.72 23.33
CA ASP A 6 -11.50 -13.53 23.41
C ASP A 6 -10.68 -12.26 23.22
N ASN A 7 -9.48 -12.44 22.70
CA ASN A 7 -8.55 -11.32 22.49
C ASN A 7 -9.11 -10.29 21.52
N GLU A 8 -10.17 -10.68 20.81
CA GLU A 8 -10.84 -9.81 19.86
C GLU A 8 -11.33 -8.56 20.54
N ASP A 9 -11.81 -8.78 21.72
CA ASP A 9 -12.34 -7.72 22.58
C ASP A 9 -11.60 -7.70 23.89
N ASN A 10 -10.39 -8.24 23.88
CA ASN A 10 -9.58 -8.30 25.10
C ASN A 10 -8.42 -7.34 24.98
N PHE A 11 -8.29 -6.77 23.82
CA PHE A 11 -7.23 -5.81 23.55
C PHE A 11 -7.74 -4.40 23.81
N ASP A 12 -6.82 -3.47 23.78
CA ASP A 12 -7.11 -2.07 24.00
C ASP A 12 -5.91 -1.30 23.55
N GLY A 13 -6.00 -0.87 22.33
CA GLY A 13 -4.93 -0.12 21.74
C GLY A 13 -4.28 -0.79 20.57
N ASP A 14 -5.04 -1.62 19.85
CA ASP A 14 -4.52 -2.29 18.66
C ASP A 14 -3.68 -1.31 17.85
N ASP A 15 -2.47 -1.72 17.54
CA ASP A 15 -1.51 -0.91 16.78
C ASP A 15 -1.94 -0.74 15.33
N PHE A 16 -3.25 -0.57 15.12
CA PHE A 16 -3.82 -0.42 13.80
C PHE A 16 -3.03 0.53 12.92
N ASP A 17 -2.40 -0.07 11.94
CA ASP A 17 -1.67 0.65 10.94
C ASP A 17 -2.72 1.11 9.95
N ASP A 18 -3.26 2.27 10.26
CA ASP A 18 -4.34 2.86 9.48
C ASP A 18 -3.95 2.94 8.04
N VAL A 19 -4.71 2.24 7.26
CA VAL A 19 -4.48 2.21 5.85
C VAL A 19 -5.63 2.82 5.08
N GLU A 20 -5.45 4.07 4.73
CA GLU A 20 -6.43 4.76 3.92
C GLU A 20 -5.87 4.76 2.50
N GLU A 21 -6.51 4.02 1.61
CA GLU A 21 -6.04 3.90 0.24
C GLU A 21 -6.03 5.24 -0.49
N ASP A 22 -5.17 5.34 -1.50
CA ASP A 22 -5.05 6.54 -2.31
C ASP A 22 -4.15 6.24 -3.50
N GLU A 23 -4.70 5.50 -4.45
CA GLU A 23 -3.96 5.12 -5.65
C GLU A 23 -4.48 5.90 -6.86
N GLY A 24 -3.89 5.65 -8.01
CA GLY A 24 -4.29 6.34 -9.22
C GLY A 24 -3.26 7.34 -9.68
N LEU A 25 -2.08 7.22 -9.08
CA LEU A 25 -0.96 8.08 -9.41
C LEU A 25 0.06 7.28 -10.21
N ASP A 26 1.29 7.75 -10.25
CA ASP A 26 2.37 7.04 -10.95
C ASP A 26 2.76 5.81 -10.14
N ASP A 27 1.80 4.92 -9.96
CA ASP A 27 1.98 3.71 -9.17
C ASP A 27 2.75 2.63 -9.94
N LEU A 28 2.52 2.56 -11.25
CA LEU A 28 3.20 1.57 -12.07
C LEU A 28 3.82 2.25 -13.29
N GLU A 29 3.67 3.56 -13.34
CA GLU A 29 4.18 4.36 -14.44
C GLU A 29 5.68 4.61 -14.29
N ASN A 30 6.47 3.57 -14.51
CA ASN A 30 7.92 3.67 -14.41
C ASN A 30 8.50 4.13 -15.73
N ALA A 31 9.79 4.49 -15.76
CA ALA A 31 10.41 4.95 -16.99
C ALA A 31 11.75 4.28 -17.23
N GLU A 32 11.99 3.19 -16.52
CA GLU A 32 13.24 2.45 -16.65
C GLU A 32 13.09 1.32 -17.65
N GLU A 33 11.91 1.27 -18.22
CA GLU A 33 11.57 0.26 -19.22
C GLU A 33 11.36 0.92 -20.58
N GLU A 34 11.60 2.22 -20.63
CA GLU A 34 11.43 2.98 -21.85
C GLU A 34 12.76 3.10 -22.60
N GLY A 35 12.86 4.10 -23.46
CA GLY A 35 14.04 4.29 -24.25
C GLY A 35 13.76 3.93 -25.69
N GLN A 36 12.49 4.07 -26.06
CA GLN A 36 12.02 3.75 -27.38
C GLN A 36 12.07 4.97 -28.28
N GLU A 37 12.99 4.95 -29.23
CA GLU A 37 13.13 6.04 -30.19
C GLU A 37 11.98 6.06 -31.17
N ASN A 38 10.91 6.76 -30.84
CA ASN A 38 9.77 6.86 -31.74
C ASN A 38 10.16 7.79 -32.88
N VAL A 39 10.34 7.21 -34.06
CA VAL A 39 10.76 7.98 -35.21
C VAL A 39 9.63 8.29 -36.18
N GLU A 40 9.69 9.48 -36.76
CA GLU A 40 8.71 9.96 -37.72
C GLU A 40 9.17 9.69 -39.14
N ILE A 41 8.22 9.53 -40.05
CA ILE A 41 8.53 9.28 -41.45
C ILE A 41 8.09 10.49 -42.28
N LEU A 42 9.07 11.30 -42.67
CA LEU A 42 8.79 12.50 -43.44
C LEU A 42 9.34 12.38 -44.85
N PRO A 43 8.72 13.05 -45.83
CA PRO A 43 9.18 13.01 -47.20
C PRO A 43 10.30 14.04 -47.44
N SER A 44 11.45 13.54 -47.89
CA SER A 44 12.61 14.37 -48.16
C SER A 44 12.35 15.38 -49.26
N GLY A 45 13.26 16.32 -49.36
CA GLY A 45 13.17 17.40 -50.32
C GLY A 45 13.26 18.72 -49.61
N GLU A 46 13.00 18.67 -48.32
CA GLU A 46 13.13 19.84 -47.45
C GLU A 46 14.39 19.61 -46.65
N ARG A 47 14.58 18.35 -46.36
CA ARG A 47 15.73 17.80 -45.65
C ARG A 47 15.74 18.19 -44.16
N PRO A 48 16.33 17.30 -43.33
CA PRO A 48 16.47 17.49 -41.87
C PRO A 48 17.01 18.85 -41.47
N GLN A 49 16.94 19.10 -40.18
CA GLN A 49 17.38 20.32 -39.57
C GLN A 49 18.86 20.50 -39.81
N ALA A 50 19.31 21.72 -39.64
CA ALA A 50 20.71 22.08 -39.79
C ALA A 50 21.66 21.01 -39.25
N ASN A 51 22.91 21.11 -39.64
CA ASN A 51 23.92 20.15 -39.23
C ASN A 51 24.33 20.31 -37.77
N GLN A 52 23.35 20.56 -36.91
CA GLN A 52 23.56 20.71 -35.48
C GLN A 52 24.14 19.42 -34.89
N LYS A 53 24.59 19.49 -33.65
CA LYS A 53 25.19 18.34 -32.97
C LYS A 53 24.31 17.10 -33.02
N ARG A 54 24.62 16.19 -33.93
CA ARG A 54 23.87 14.96 -34.02
C ARG A 54 24.37 14.06 -32.90
N ILE A 55 23.49 13.69 -32.00
CA ILE A 55 23.89 12.87 -30.86
C ILE A 55 23.50 11.41 -31.02
N THR A 56 22.86 11.10 -32.13
CA THR A 56 22.45 9.74 -32.40
C THR A 56 23.42 9.06 -33.35
N THR A 57 23.03 7.94 -33.93
CA THR A 57 23.90 7.19 -34.81
C THR A 57 23.43 7.26 -36.25
N PRO A 58 24.35 7.57 -37.17
CA PRO A 58 24.07 7.66 -38.60
C PRO A 58 23.95 6.27 -39.23
N TYR A 59 23.08 5.45 -38.68
CA TYR A 59 22.88 4.10 -39.16
C TYR A 59 21.40 3.78 -39.14
N MET A 60 20.99 2.85 -39.98
CA MET A 60 19.61 2.46 -40.04
C MET A 60 19.47 0.96 -39.86
N THR A 61 18.89 0.55 -38.74
CA THR A 61 18.71 -0.85 -38.44
C THR A 61 17.39 -1.36 -39.01
N LYS A 62 16.95 -2.53 -38.56
CA LYS A 62 15.71 -3.13 -39.03
C LYS A 62 14.49 -2.33 -38.54
N TYR A 63 14.69 -1.56 -37.48
CA TYR A 63 13.60 -0.76 -36.90
C TYR A 63 13.15 0.35 -37.85
N GLU A 64 14.06 1.27 -38.15
CA GLU A 64 13.76 2.39 -39.03
C GLU A 64 13.40 1.86 -40.41
N ARG A 65 14.09 0.80 -40.81
CA ARG A 65 13.87 0.16 -42.10
C ARG A 65 12.41 -0.23 -42.27
N ALA A 66 11.93 -1.03 -41.33
CA ALA A 66 10.57 -1.53 -41.35
C ALA A 66 9.54 -0.41 -41.32
N ARG A 67 9.85 0.67 -40.61
CA ARG A 67 8.94 1.79 -40.52
C ARG A 67 8.91 2.57 -41.84
N VAL A 68 10.09 2.87 -42.38
CA VAL A 68 10.20 3.60 -43.63
C VAL A 68 9.62 2.77 -44.78
N LEU A 69 10.00 1.51 -44.85
CA LEU A 69 9.54 0.62 -45.90
C LEU A 69 8.06 0.30 -45.73
N GLY A 70 7.59 0.28 -44.49
CA GLY A 70 6.18 0.04 -44.25
C GLY A 70 5.36 1.16 -44.83
N THR A 71 5.89 2.38 -44.75
CA THR A 71 5.24 3.55 -45.28
C THR A 71 5.33 3.54 -46.81
N ARG A 72 6.45 3.04 -47.30
CA ARG A 72 6.68 2.95 -48.73
C ARG A 72 5.78 1.88 -49.34
N ALA A 73 5.57 0.80 -48.61
CA ALA A 73 4.68 -0.28 -49.04
C ALA A 73 3.30 0.30 -49.22
N LEU A 74 2.91 1.18 -48.29
CA LEU A 74 1.62 1.83 -48.37
C LEU A 74 1.56 2.68 -49.63
N GLN A 75 2.71 3.23 -50.03
CA GLN A 75 2.78 4.06 -51.23
C GLN A 75 2.63 3.21 -52.48
N ILE A 76 3.53 2.24 -52.65
CA ILE A 76 3.52 1.35 -53.82
C ILE A 76 2.23 0.56 -53.91
N ALA A 77 1.67 0.22 -52.75
CA ALA A 77 0.42 -0.51 -52.70
C ALA A 77 -0.71 0.32 -53.32
N MET A 78 -0.46 1.61 -53.46
CA MET A 78 -1.40 2.54 -54.07
C MET A 78 -0.99 2.82 -55.51
N CYS A 79 -0.09 1.97 -56.03
CA CYS A 79 0.41 2.05 -57.41
C CYS A 79 1.50 3.12 -57.55
N ALA A 80 2.34 3.26 -56.53
CA ALA A 80 3.43 4.22 -56.55
C ALA A 80 4.54 3.75 -57.49
N PRO A 81 5.17 4.67 -58.23
CA PRO A 81 6.25 4.33 -59.15
C PRO A 81 7.44 3.72 -58.42
N VAL A 82 7.89 2.57 -58.92
CA VAL A 82 9.01 1.85 -58.33
C VAL A 82 10.33 2.44 -58.81
N MET A 83 11.25 2.67 -57.87
CA MET A 83 12.54 3.27 -58.19
C MET A 83 13.60 2.21 -58.51
N VAL A 84 13.29 0.96 -58.25
CA VAL A 84 14.23 -0.12 -58.51
C VAL A 84 13.80 -0.98 -59.67
N GLU A 85 14.72 -1.80 -60.08
CA GLU A 85 14.55 -2.71 -61.17
C GLU A 85 13.69 -3.88 -60.69
N LEU A 86 12.90 -4.45 -61.59
CA LEU A 86 12.02 -5.55 -61.22
C LEU A 86 12.46 -6.86 -61.83
N GLU A 87 12.88 -7.77 -60.96
CA GLU A 87 13.31 -9.10 -61.38
C GLU A 87 12.29 -10.12 -60.89
N GLY A 88 11.04 -9.66 -60.79
CA GLY A 88 9.97 -10.51 -60.32
C GLY A 88 9.24 -9.92 -59.12
N GLU A 89 9.84 -8.91 -58.49
CA GLU A 89 9.23 -8.25 -57.35
C GLU A 89 7.92 -7.58 -57.77
N THR A 90 6.81 -8.16 -57.34
CA THR A 90 5.51 -7.63 -57.67
C THR A 90 4.77 -7.17 -56.41
N ASP A 91 5.46 -7.25 -55.28
CA ASP A 91 4.89 -6.85 -54.00
C ASP A 91 5.58 -5.59 -53.48
N PRO A 92 4.79 -4.63 -52.97
CA PRO A 92 5.29 -3.37 -52.45
C PRO A 92 6.39 -3.54 -51.40
N LEU A 93 6.31 -4.59 -50.61
CA LEU A 93 7.30 -4.84 -49.56
C LEU A 93 8.66 -5.20 -50.19
N LEU A 94 8.62 -6.13 -51.14
CA LEU A 94 9.83 -6.58 -51.82
C LEU A 94 10.53 -5.40 -52.49
N ILE A 95 9.73 -4.60 -53.19
CA ILE A 95 10.25 -3.44 -53.89
C ILE A 95 10.81 -2.40 -52.92
N ALA A 96 10.06 -2.13 -51.84
CA ALA A 96 10.50 -1.17 -50.84
C ALA A 96 11.82 -1.59 -50.22
N MET A 97 11.94 -2.89 -49.93
CA MET A 97 13.16 -3.42 -49.34
C MET A 97 14.31 -3.30 -50.32
N LYS A 98 14.00 -3.45 -51.60
CA LYS A 98 14.98 -3.35 -52.66
C LYS A 98 15.44 -1.90 -52.82
N GLU A 99 14.48 -0.98 -52.84
CA GLU A 99 14.76 0.44 -52.98
C GLU A 99 15.62 0.95 -51.82
N LEU A 100 15.26 0.57 -50.61
CA LEU A 100 16.00 0.99 -49.42
C LEU A 100 17.44 0.46 -49.45
N LYS A 101 17.60 -0.80 -49.84
CA LYS A 101 18.92 -1.41 -49.89
C LYS A 101 19.72 -0.86 -51.07
N ALA A 102 19.03 -0.20 -51.98
CA ALA A 102 19.66 0.37 -53.16
C ALA A 102 19.80 1.88 -53.02
N ARG A 103 19.44 2.39 -51.84
CA ARG A 103 19.52 3.84 -51.55
C ARG A 103 18.64 4.63 -52.50
N LYS A 104 17.55 4.02 -52.93
CA LYS A 104 16.62 4.65 -53.86
C LYS A 104 15.35 5.16 -53.17
N ILE A 105 15.39 5.30 -51.86
CA ILE A 105 14.23 5.79 -51.13
C ILE A 105 14.52 7.10 -50.41
N PRO A 106 13.92 8.19 -50.90
CA PRO A 106 14.08 9.51 -50.32
C PRO A 106 13.05 9.78 -49.22
N ILE A 107 13.47 9.63 -47.98
CA ILE A 107 12.60 9.85 -46.83
C ILE A 107 13.42 10.24 -45.59
N ILE A 108 12.92 11.19 -44.82
CA ILE A 108 13.59 11.63 -43.61
C ILE A 108 12.98 10.96 -42.38
N ILE A 109 13.84 10.41 -41.54
CA ILE A 109 13.42 9.73 -40.32
C ILE A 109 13.77 10.58 -39.10
N ARG A 110 12.77 11.23 -38.52
CA ARG A 110 13.01 12.04 -37.34
C ARG A 110 12.99 11.17 -36.09
N ARG A 111 14.10 11.14 -35.38
CA ARG A 111 14.22 10.33 -34.18
C ARG A 111 13.76 11.12 -32.96
N TYR A 112 13.33 10.41 -31.92
CA TYR A 112 12.87 11.06 -30.69
C TYR A 112 13.52 10.39 -29.48
N LEU A 113 13.97 11.19 -28.54
CA LEU A 113 14.61 10.65 -27.35
C LEU A 113 13.61 10.65 -26.18
N PRO A 114 13.88 9.83 -25.14
CA PRO A 114 13.00 9.72 -23.96
C PRO A 114 12.86 11.02 -23.18
N ASP A 115 13.71 12.00 -23.49
CA ASP A 115 13.67 13.29 -22.82
C ASP A 115 12.66 14.21 -23.48
N GLY A 116 12.24 13.84 -24.69
CA GLY A 116 11.29 14.63 -25.42
C GLY A 116 11.90 15.38 -26.59
N SER A 117 13.21 15.20 -26.79
CA SER A 117 13.90 15.85 -27.88
C SER A 117 13.74 15.06 -29.17
N TYR A 118 14.07 15.69 -30.29
CA TYR A 118 13.96 15.04 -31.58
C TYR A 118 15.07 15.50 -32.52
N GLU A 119 15.47 14.62 -33.41
CA GLU A 119 16.51 14.91 -34.38
C GLU A 119 16.12 14.34 -35.74
N ASP A 120 16.06 15.21 -36.74
CA ASP A 120 15.70 14.80 -38.09
C ASP A 120 16.89 14.10 -38.73
N TRP A 121 16.66 12.91 -39.25
CA TRP A 121 17.74 12.14 -39.88
C TRP A 121 17.29 11.59 -41.23
N GLY A 122 17.98 11.96 -42.29
CA GLY A 122 17.61 11.48 -43.61
C GLY A 122 18.20 10.11 -43.90
N VAL A 123 17.59 9.37 -44.84
CA VAL A 123 18.10 8.05 -45.21
C VAL A 123 19.51 8.21 -45.74
N ASP A 124 19.71 9.34 -46.40
CA ASP A 124 20.98 9.69 -46.99
C ASP A 124 22.05 9.83 -45.90
N GLU A 125 21.63 10.20 -44.69
CA GLU A 125 22.56 10.36 -43.57
C GLU A 125 22.67 9.07 -42.76
N LEU A 126 21.90 8.05 -43.12
CA LEU A 126 21.91 6.80 -42.38
C LEU A 126 22.50 5.64 -43.17
N ILE A 127 23.47 4.96 -42.56
CA ILE A 127 24.08 3.80 -43.18
C ILE A 127 23.21 2.59 -42.84
N ILE A 128 22.54 2.05 -43.84
CA ILE A 128 21.65 0.93 -43.62
C ILE A 128 22.36 -0.41 -43.49
N THR A 129 22.55 -0.83 -42.26
CA THR A 129 23.14 -2.12 -41.99
C THR A 129 22.02 -3.09 -41.70
N ASP A 130 21.72 -3.91 -42.68
CA ASP A 130 20.62 -4.87 -42.59
C ASP A 130 20.60 -5.60 -41.26
N MET B 4 -21.06 -20.60 -0.14
CA MET B 4 -20.12 -21.26 -1.08
C MET B 4 -20.90 -22.05 -2.13
N ALA B 5 -20.48 -21.90 -3.39
CA ALA B 5 -21.12 -22.58 -4.52
C ALA B 5 -22.54 -22.08 -4.75
N THR B 6 -22.82 -20.88 -4.25
CA THR B 6 -24.13 -20.27 -4.39
C THR B 6 -24.18 -19.39 -5.63
N SER B 7 -23.02 -19.24 -6.27
CA SER B 7 -22.89 -18.40 -7.46
C SER B 7 -23.18 -16.95 -7.09
N SER B 8 -22.99 -16.65 -5.81
CA SER B 8 -23.25 -15.32 -5.28
C SER B 8 -22.03 -14.81 -4.52
N GLU B 9 -20.91 -15.46 -4.72
CA GLU B 9 -19.70 -15.08 -4.03
C GLU B 9 -18.48 -15.06 -4.94
N GLU B 10 -18.23 -13.92 -5.57
CA GLU B 10 -17.07 -13.80 -6.42
C GLU B 10 -15.92 -13.42 -5.52
N VAL B 11 -15.18 -14.41 -5.06
CA VAL B 11 -14.09 -14.20 -4.13
C VAL B 11 -12.76 -14.02 -4.82
N LEU B 12 -12.24 -12.80 -4.76
CA LEU B 12 -10.96 -12.47 -5.36
C LEU B 12 -9.84 -12.82 -4.39
N LEU B 13 -10.12 -12.69 -3.09
CA LEU B 13 -9.14 -12.99 -2.06
C LEU B 13 -9.74 -13.88 -0.98
N ILE B 14 -9.21 -15.08 -0.83
CA ILE B 14 -9.68 -15.99 0.19
C ILE B 14 -8.70 -16.01 1.36
N VAL B 15 -9.12 -15.41 2.46
CA VAL B 15 -8.30 -15.32 3.65
C VAL B 15 -8.79 -16.30 4.70
N LYS B 16 -8.02 -17.36 4.93
CA LYS B 16 -8.41 -18.38 5.89
C LYS B 16 -7.93 -18.04 7.29
N LYS B 17 -8.40 -18.83 8.27
CA LYS B 17 -8.07 -18.65 9.67
C LYS B 17 -8.25 -17.21 10.12
N VAL B 18 -9.48 -16.72 10.00
CA VAL B 18 -9.79 -15.36 10.39
C VAL B 18 -10.85 -15.37 11.48
N ARG B 19 -10.62 -14.63 12.53
CA ARG B 19 -11.55 -14.58 13.64
C ARG B 19 -12.33 -13.29 13.69
N GLN B 20 -13.56 -13.40 14.16
CA GLN B 20 -14.42 -12.25 14.34
C GLN B 20 -15.14 -12.41 15.66
N LYS B 21 -14.68 -11.66 16.66
CA LYS B 21 -15.26 -11.68 18.00
C LYS B 21 -15.41 -13.11 18.55
N LYS B 22 -14.26 -13.76 18.77
CA LYS B 22 -14.20 -15.12 19.33
C LYS B 22 -14.63 -16.20 18.35
N GLN B 23 -14.92 -15.83 17.12
CA GLN B 23 -15.35 -16.81 16.13
C GLN B 23 -14.24 -17.10 15.13
N ASP B 24 -13.81 -18.35 15.08
CA ASP B 24 -12.77 -18.76 14.16
C ASP B 24 -13.42 -19.10 12.84
N GLY B 25 -13.12 -18.33 11.82
CA GLY B 25 -13.71 -18.58 10.53
C GLY B 25 -12.78 -18.26 9.38
N ALA B 26 -13.36 -17.71 8.33
CA ALA B 26 -12.62 -17.38 7.13
C ALA B 26 -13.19 -16.16 6.45
N LEU B 27 -12.30 -15.36 5.92
CA LEU B 27 -12.64 -14.12 5.25
C LEU B 27 -12.58 -14.29 3.72
N TYR B 28 -13.64 -13.88 3.05
CA TYR B 28 -13.72 -13.97 1.60
C TYR B 28 -14.02 -12.62 0.97
N LEU B 29 -13.01 -12.05 0.32
CA LEU B 29 -13.16 -10.75 -0.31
C LEU B 29 -13.81 -10.91 -1.67
N MET B 30 -15.01 -10.34 -1.80
CA MET B 30 -15.77 -10.43 -3.03
C MET B 30 -15.67 -9.09 -3.74
N ALA B 31 -15.78 -9.10 -5.06
CA ALA B 31 -15.66 -7.90 -5.87
C ALA B 31 -16.54 -6.73 -5.38
N GLU B 32 -17.68 -7.05 -4.78
CA GLU B 32 -18.61 -6.02 -4.33
C GLU B 32 -18.64 -5.90 -2.80
N ARG B 33 -18.24 -6.95 -2.08
CA ARG B 33 -18.32 -6.93 -0.63
C ARG B 33 -17.24 -7.76 0.05
N ILE B 34 -16.94 -7.40 1.28
CA ILE B 34 -16.00 -8.15 2.09
C ILE B 34 -16.84 -9.02 3.01
N ALA B 35 -16.79 -10.32 2.78
CA ALA B 35 -17.59 -11.23 3.57
C ALA B 35 -16.71 -12.13 4.40
N TRP B 36 -17.27 -12.59 5.50
CA TRP B 36 -16.57 -13.47 6.38
C TRP B 36 -17.53 -14.53 6.91
N ALA B 37 -17.07 -15.76 6.99
CA ALA B 37 -17.90 -16.86 7.46
C ALA B 37 -17.15 -17.68 8.50
N PRO B 38 -17.87 -18.39 9.37
CA PRO B 38 -17.27 -19.24 10.40
C PRO B 38 -16.81 -20.57 9.78
N GLU B 39 -15.68 -21.08 10.22
CA GLU B 39 -15.18 -22.33 9.68
C GLU B 39 -16.13 -23.46 10.04
N GLY B 40 -16.74 -24.04 9.02
CA GLY B 40 -17.69 -25.11 9.23
C GLY B 40 -19.08 -24.69 8.84
N LYS B 41 -19.24 -23.45 8.40
CA LYS B 41 -20.54 -22.95 7.99
C LYS B 41 -20.54 -22.69 6.49
N ASP B 42 -21.67 -22.96 5.88
CA ASP B 42 -21.87 -22.80 4.45
C ASP B 42 -22.23 -21.37 4.08
N ARG B 43 -22.57 -20.57 5.08
CA ARG B 43 -23.00 -19.20 4.83
C ARG B 43 -22.12 -18.18 5.55
N PHE B 44 -21.84 -17.08 4.86
CA PHE B 44 -21.06 -16.00 5.43
C PHE B 44 -21.94 -15.26 6.43
N THR B 45 -21.51 -15.21 7.67
CA THR B 45 -22.28 -14.56 8.71
C THR B 45 -22.07 -13.05 8.69
N ILE B 46 -21.13 -12.61 7.89
CA ILE B 46 -20.83 -11.19 7.78
C ILE B 46 -20.53 -10.83 6.34
N SER B 47 -21.16 -9.80 5.86
CA SER B 47 -20.89 -9.34 4.53
C SER B 47 -21.07 -7.84 4.46
N HIS B 48 -19.99 -7.12 4.21
CA HIS B 48 -20.07 -5.66 4.14
C HIS B 48 -19.79 -5.18 2.74
N MET B 49 -20.67 -4.36 2.22
CA MET B 49 -20.46 -3.80 0.90
C MET B 49 -19.41 -2.73 1.08
N TYR B 50 -18.59 -2.51 0.08
CA TYR B 50 -17.56 -1.49 0.21
C TYR B 50 -18.19 -0.12 0.32
N ALA B 51 -19.46 -0.04 -0.06
CA ALA B 51 -20.22 1.20 0.01
C ALA B 51 -20.66 1.49 1.43
N ASP B 52 -20.34 0.57 2.35
CA ASP B 52 -20.71 0.77 3.74
C ASP B 52 -19.47 0.89 4.61
N ILE B 53 -18.32 0.62 4.01
CA ILE B 53 -17.08 0.72 4.76
C ILE B 53 -16.52 2.12 4.54
N LYS B 54 -16.26 2.82 5.62
CA LYS B 54 -15.76 4.18 5.52
C LYS B 54 -14.23 4.21 5.44
N CYS B 55 -13.58 3.29 6.16
CA CYS B 55 -12.12 3.23 6.16
C CYS B 55 -11.63 1.88 6.68
N GLN B 56 -10.46 1.42 6.21
CA GLN B 56 -9.91 0.15 6.66
C GLN B 56 -8.66 0.40 7.49
N LYS B 57 -8.65 -0.14 8.70
CA LYS B 57 -7.52 0.02 9.60
C LYS B 57 -6.97 -1.35 9.90
N ILE B 58 -5.66 -1.48 10.06
CA ILE B 58 -5.12 -2.81 10.25
C ILE B 58 -3.90 -2.92 11.15
N SER B 59 -4.00 -3.71 12.20
CA SER B 59 -2.89 -3.92 13.12
C SER B 59 -1.87 -4.87 12.50
N PRO B 60 -0.64 -4.37 12.30
CA PRO B 60 0.48 -5.10 11.69
C PRO B 60 1.28 -5.94 12.69
N GLU B 61 2.30 -6.62 12.17
CA GLU B 61 3.18 -7.45 13.00
C GLU B 61 3.75 -6.66 14.17
N GLY B 62 4.09 -7.37 15.23
CA GLY B 62 4.60 -6.75 16.43
C GLY B 62 3.69 -7.11 17.59
N LYS B 63 2.40 -7.08 17.31
CA LYS B 63 1.40 -7.47 18.29
C LYS B 63 1.02 -8.91 18.02
N ALA B 64 0.42 -9.56 18.98
CA ALA B 64 0.00 -10.94 18.82
C ALA B 64 -1.39 -10.99 18.21
N LYS B 65 -1.80 -9.85 17.70
CA LYS B 65 -3.10 -9.71 17.07
C LYS B 65 -2.98 -8.89 15.81
N ILE B 66 -3.18 -9.54 14.69
CA ILE B 66 -3.17 -8.88 13.40
C ILE B 66 -4.62 -8.71 13.02
N GLN B 67 -5.09 -7.49 13.03
CA GLN B 67 -6.51 -7.28 12.78
C GLN B 67 -6.81 -6.30 11.67
N LEU B 68 -7.96 -6.53 11.05
CA LEU B 68 -8.49 -5.68 10.02
C LEU B 68 -9.76 -5.06 10.59
N GLN B 69 -9.72 -3.77 10.80
CA GLN B 69 -10.83 -3.04 11.39
C GLN B 69 -11.57 -2.25 10.32
N LEU B 70 -12.76 -2.71 9.99
CA LEU B 70 -13.58 -2.03 8.98
C LEU B 70 -14.44 -0.99 9.66
N VAL B 71 -14.01 0.25 9.61
CA VAL B 71 -14.75 1.32 10.21
C VAL B 71 -15.77 1.82 9.23
N LEU B 72 -17.03 1.62 9.58
CA LEU B 72 -18.13 1.98 8.74
C LEU B 72 -18.48 3.46 8.90
N HIS B 73 -19.31 3.96 8.00
CA HIS B 73 -19.71 5.38 7.97
C HIS B 73 -20.26 5.88 9.30
N ALA B 74 -21.23 5.16 9.85
CA ALA B 74 -21.88 5.54 11.10
C ALA B 74 -20.92 5.56 12.27
N GLY B 75 -19.80 4.88 12.12
CA GLY B 75 -18.83 4.80 13.19
C GLY B 75 -18.68 3.38 13.64
N ASP B 76 -19.39 2.50 12.94
CA ASP B 76 -19.36 1.08 13.22
C ASP B 76 -18.03 0.51 12.82
N THR B 77 -17.84 -0.76 13.08
CA THR B 77 -16.59 -1.43 12.77
C THR B 77 -16.78 -2.94 12.67
N THR B 78 -15.81 -3.59 12.04
CA THR B 78 -15.82 -5.03 11.90
C THR B 78 -14.40 -5.57 12.13
N ASN B 79 -14.20 -6.19 13.29
CA ASN B 79 -12.88 -6.71 13.66
C ASN B 79 -12.60 -8.08 13.07
N PHE B 80 -11.74 -8.14 12.07
CA PHE B 80 -11.35 -9.40 11.47
C PHE B 80 -9.91 -9.68 11.87
N HIS B 81 -9.74 -10.61 12.77
CA HIS B 81 -8.44 -10.98 13.28
C HIS B 81 -7.81 -12.09 12.46
N PHE B 82 -6.75 -11.74 11.74
CA PHE B 82 -6.01 -12.69 10.94
C PHE B 82 -5.28 -13.60 11.92
N SER B 83 -5.73 -14.82 12.08
CA SER B 83 -5.13 -15.69 13.08
C SER B 83 -4.31 -16.82 12.48
N ASN B 84 -3.96 -16.74 11.20
CA ASN B 84 -3.15 -17.77 10.59
C ASN B 84 -1.71 -17.59 11.05
N GLU B 85 -1.24 -18.46 11.92
CA GLU B 85 0.11 -18.37 12.48
C GLU B 85 1.19 -18.46 11.40
N SER B 86 0.79 -18.74 10.18
CA SER B 86 1.72 -18.84 9.08
C SER B 86 1.94 -17.47 8.42
N THR B 87 0.87 -16.85 7.92
CA THR B 87 1.00 -15.58 7.24
C THR B 87 -0.03 -14.55 7.73
N ALA B 88 -0.47 -14.66 8.98
CA ALA B 88 -1.46 -13.75 9.56
C ALA B 88 -1.26 -12.29 9.17
N VAL B 89 -0.04 -11.80 9.28
CA VAL B 89 0.22 -10.40 8.96
C VAL B 89 0.25 -10.19 7.45
N LYS B 90 0.86 -11.13 6.75
CA LYS B 90 0.98 -11.05 5.30
C LYS B 90 -0.41 -11.10 4.67
N GLU B 91 -1.32 -11.80 5.33
CA GLU B 91 -2.69 -11.88 4.89
C GLU B 91 -3.26 -10.47 4.96
N ARG B 92 -3.10 -9.87 6.14
CA ARG B 92 -3.58 -8.51 6.40
C ARG B 92 -3.22 -7.55 5.27
N ASP B 93 -1.96 -7.54 4.90
CA ASP B 93 -1.44 -6.66 3.85
C ASP B 93 -2.14 -6.92 2.52
N ALA B 94 -2.30 -8.18 2.13
CA ALA B 94 -2.96 -8.52 0.87
C ALA B 94 -4.43 -8.10 0.90
N VAL B 95 -5.12 -8.45 1.99
CA VAL B 95 -6.52 -8.09 2.16
C VAL B 95 -6.63 -6.56 2.12
N LYS B 96 -5.63 -5.91 2.71
CA LYS B 96 -5.53 -4.46 2.76
C LYS B 96 -5.42 -3.86 1.36
N ASP B 97 -4.36 -4.19 0.64
CA ASP B 97 -4.12 -3.65 -0.69
C ASP B 97 -5.31 -3.88 -1.62
N LEU B 98 -5.83 -5.09 -1.60
CA LEU B 98 -6.96 -5.43 -2.45
C LEU B 98 -8.23 -4.70 -2.00
N LEU B 99 -8.60 -4.86 -0.73
CA LEU B 99 -9.82 -4.23 -0.19
C LEU B 99 -9.80 -2.75 -0.40
N GLN B 100 -8.65 -2.16 -0.10
CA GLN B 100 -8.47 -0.73 -0.21
C GLN B 100 -8.74 -0.29 -1.64
N GLN B 101 -8.40 -1.15 -2.60
CA GLN B 101 -8.65 -0.85 -4.01
C GLN B 101 -10.08 -1.18 -4.39
N LEU B 102 -10.73 -2.02 -3.58
CA LEU B 102 -12.11 -2.41 -3.82
C LEU B 102 -13.06 -1.32 -3.35
N LEU B 103 -12.61 -0.60 -2.33
CA LEU B 103 -13.41 0.46 -1.72
C LEU B 103 -13.77 1.58 -2.68
N PRO B 104 -12.80 2.27 -3.32
CA PRO B 104 -13.08 3.40 -4.21
C PRO B 104 -14.16 3.09 -5.25
N LYS B 105 -14.33 1.81 -5.52
CA LYS B 105 -15.33 1.34 -6.46
C LYS B 105 -16.73 1.63 -5.93
N PHE B 106 -16.86 1.67 -4.61
CA PHE B 106 -18.15 1.92 -3.98
C PHE B 106 -18.09 3.13 -3.04
N LYS B 107 -16.94 3.31 -2.42
CA LYS B 107 -16.69 4.39 -1.49
C LYS B 107 -16.28 5.64 -2.27
N ARG B 108 -16.84 6.79 -1.91
CA ARG B 108 -16.53 8.03 -2.58
C ARG B 108 -15.47 8.81 -1.83
N LYS B 109 -14.25 8.81 -2.36
CA LYS B 109 -13.14 9.51 -1.76
C LYS B 109 -12.71 10.66 -2.67
N ALA B 110 -13.06 11.88 -2.27
CA ALA B 110 -12.71 13.06 -3.05
C ALA B 110 -11.87 14.00 -2.21
N ASN B 111 -11.21 13.44 -1.22
CA ASN B 111 -10.36 14.18 -0.31
C ASN B 111 -9.45 13.21 0.42
N MET A 4 -9.80 -19.42 24.64
CA MET A 4 -9.31 -19.40 23.25
C MET A 4 -8.58 -18.09 22.99
N SER A 5 -8.74 -17.54 21.78
CA SER A 5 -8.12 -16.26 21.47
C SER A 5 -8.98 -15.15 22.06
N ASP A 6 -9.04 -15.16 23.39
CA ASP A 6 -9.85 -14.23 24.16
C ASP A 6 -9.22 -12.85 24.29
N ASN A 7 -8.40 -12.48 23.31
CA ASN A 7 -7.75 -11.18 23.33
C ASN A 7 -8.50 -10.27 22.38
N GLU A 8 -9.61 -10.81 21.90
CA GLU A 8 -10.49 -10.12 20.97
C GLU A 8 -11.08 -8.88 21.60
N ASP A 9 -11.41 -9.04 22.85
CA ASP A 9 -11.98 -7.98 23.66
C ASP A 9 -11.18 -7.83 24.93
N ASN A 10 -9.92 -8.25 24.85
CA ASN A 10 -9.01 -8.17 25.99
C ASN A 10 -7.85 -7.25 25.66
N PHE A 11 -7.86 -6.75 24.44
CA PHE A 11 -6.82 -5.84 24.01
C PHE A 11 -7.30 -4.42 24.24
N ASP A 12 -6.41 -3.47 24.12
CA ASP A 12 -6.72 -2.08 24.32
C ASP A 12 -5.60 -1.28 23.75
N GLY A 13 -5.81 -0.88 22.55
CA GLY A 13 -4.84 -0.09 21.86
C GLY A 13 -4.26 -0.74 20.64
N ASP A 14 -5.05 -1.61 20.02
CA ASP A 14 -4.63 -2.28 18.79
C ASP A 14 -3.91 -1.28 17.91
N ASP A 15 -2.62 -1.53 17.70
CA ASP A 15 -1.72 -0.69 16.89
C ASP A 15 -2.14 -0.64 15.43
N PHE A 16 -3.44 -0.55 15.20
CA PHE A 16 -4.01 -0.49 13.86
C PHE A 16 -3.23 0.44 12.96
N ASP A 17 -2.56 -0.17 12.00
CA ASP A 17 -1.82 0.54 11.00
C ASP A 17 -2.86 1.07 10.05
N ASP A 18 -3.36 2.25 10.38
CA ASP A 18 -4.39 2.89 9.60
C ASP A 18 -3.98 2.98 8.16
N VAL A 19 -4.66 2.19 7.39
CA VAL A 19 -4.39 2.13 5.98
C VAL A 19 -5.53 2.76 5.22
N GLU A 20 -5.34 3.98 4.82
CA GLU A 20 -6.32 4.65 4.03
C GLU A 20 -5.94 4.48 2.57
N GLU A 21 -6.91 4.12 1.75
CA GLU A 21 -6.66 3.91 0.33
C GLU A 21 -6.24 5.19 -0.37
N ASP A 22 -5.21 5.07 -1.19
CA ASP A 22 -4.69 6.18 -1.98
C ASP A 22 -4.25 5.62 -3.32
N GLU A 23 -5.24 5.34 -4.17
CA GLU A 23 -4.98 4.76 -5.47
C GLU A 23 -5.01 5.82 -6.56
N GLY A 24 -4.72 5.39 -7.78
CA GLY A 24 -4.69 6.32 -8.90
C GLY A 24 -3.30 6.83 -9.16
N LEU A 25 -2.33 6.26 -8.44
CA LEU A 25 -0.94 6.64 -8.60
C LEU A 25 -0.26 5.72 -9.60
N ASP A 26 -0.60 5.92 -10.87
CA ASP A 26 -0.02 5.12 -11.94
C ASP A 26 0.47 6.02 -13.06
N ASP A 27 1.32 6.97 -12.69
CA ASP A 27 1.88 7.93 -13.63
C ASP A 27 3.10 7.33 -14.32
N LEU A 28 3.75 6.40 -13.64
CA LEU A 28 4.93 5.75 -14.18
C LEU A 28 4.54 4.69 -15.21
N GLU A 29 4.36 5.13 -16.44
CA GLU A 29 4.00 4.24 -17.53
C GLU A 29 5.26 3.82 -18.31
N ASN A 30 5.53 4.50 -19.41
CA ASN A 30 6.70 4.20 -20.22
C ASN A 30 7.97 4.55 -19.47
N ALA A 31 8.86 3.59 -19.37
CA ALA A 31 10.13 3.78 -18.68
C ALA A 31 11.21 2.90 -19.31
N GLU A 32 10.94 2.47 -20.54
CA GLU A 32 11.87 1.63 -21.27
C GLU A 32 12.18 2.27 -22.62
N GLU A 33 13.28 3.00 -22.68
CA GLU A 33 13.71 3.66 -23.90
C GLU A 33 15.01 3.04 -24.39
N GLU A 34 15.93 2.82 -23.46
CA GLU A 34 17.22 2.23 -23.77
C GLU A 34 17.43 0.97 -22.93
N GLY A 35 18.39 0.16 -23.32
CA GLY A 35 18.67 -1.06 -22.59
C GLY A 35 19.61 -0.80 -21.43
N GLN A 36 19.10 -0.13 -20.41
CA GLN A 36 19.89 0.19 -19.23
C GLN A 36 19.31 -0.49 -18.00
N GLU A 37 19.60 -1.78 -17.84
CA GLU A 37 19.12 -2.54 -16.70
C GLU A 37 20.11 -2.52 -15.55
N ASN A 38 19.84 -3.32 -14.53
CA ASN A 38 20.70 -3.39 -13.37
C ASN A 38 21.22 -4.81 -13.17
N VAL A 39 22.54 -4.95 -13.17
CA VAL A 39 23.18 -6.25 -12.98
C VAL A 39 24.40 -6.11 -12.06
N GLU A 40 24.87 -7.24 -11.57
CA GLU A 40 26.03 -7.26 -10.68
C GLU A 40 27.23 -7.88 -11.38
N ILE A 41 28.42 -7.47 -10.97
CA ILE A 41 29.65 -8.00 -11.54
C ILE A 41 30.45 -8.70 -10.45
N LEU A 42 30.39 -10.02 -10.44
CA LEU A 42 31.10 -10.81 -9.44
C LEU A 42 32.20 -11.64 -10.11
N PRO A 43 33.30 -11.88 -9.41
CA PRO A 43 34.39 -12.68 -9.95
C PRO A 43 34.15 -14.16 -9.71
N SER A 44 34.10 -14.94 -10.79
CA SER A 44 33.85 -16.37 -10.71
C SER A 44 34.92 -17.07 -9.88
N GLY A 45 34.60 -18.29 -9.52
CA GLY A 45 35.46 -19.10 -8.68
C GLY A 45 34.69 -19.53 -7.47
N GLU A 46 33.69 -18.73 -7.13
CA GLU A 46 32.80 -19.03 -6.03
C GLU A 46 31.51 -19.56 -6.62
N ARG A 47 31.29 -19.05 -7.81
CA ARG A 47 30.16 -19.33 -8.68
C ARG A 47 28.85 -19.51 -7.94
N PRO A 48 28.15 -18.41 -7.65
CA PRO A 48 26.85 -18.49 -7.02
C PRO A 48 25.84 -18.85 -8.09
N GLN A 49 25.15 -19.94 -7.86
CA GLN A 49 24.17 -20.43 -8.81
C GLN A 49 22.80 -20.49 -8.19
N ALA A 50 21.79 -20.19 -8.99
CA ALA A 50 20.41 -20.23 -8.53
C ALA A 50 19.84 -21.63 -8.68
N ASN A 51 18.53 -21.78 -8.55
CA ASN A 51 17.92 -23.10 -8.66
C ASN A 51 16.67 -23.09 -9.53
N GLN A 52 16.71 -22.31 -10.61
CA GLN A 52 15.59 -22.22 -11.53
C GLN A 52 16.10 -22.24 -12.96
N LYS A 53 15.19 -22.42 -13.91
CA LYS A 53 15.57 -22.42 -15.31
C LYS A 53 15.84 -20.99 -15.77
N ARG A 54 16.82 -20.83 -16.65
CA ARG A 54 17.20 -19.52 -17.16
C ARG A 54 16.00 -18.75 -17.68
N ILE A 55 15.84 -17.54 -17.19
CA ILE A 55 14.75 -16.69 -17.60
C ILE A 55 15.21 -15.63 -18.59
N THR A 56 16.52 -15.59 -18.85
CA THR A 56 17.05 -14.62 -19.79
C THR A 56 17.77 -15.29 -20.95
N THR A 57 18.50 -14.52 -21.73
CA THR A 57 19.20 -15.02 -22.89
C THR A 57 20.69 -15.15 -22.63
N PRO A 58 21.29 -16.22 -23.13
CA PRO A 58 22.71 -16.50 -22.99
C PRO A 58 23.55 -15.68 -23.97
N TYR A 59 23.38 -14.37 -23.93
CA TYR A 59 24.09 -13.46 -24.80
C TYR A 59 24.48 -12.24 -23.99
N MET A 60 25.49 -11.54 -24.44
CA MET A 60 25.94 -10.35 -23.75
C MET A 60 25.89 -9.16 -24.68
N THR A 61 25.15 -8.15 -24.27
CA THR A 61 24.98 -6.95 -25.06
C THR A 61 25.95 -5.84 -24.63
N LYS A 62 25.60 -4.62 -24.97
CA LYS A 62 26.41 -3.44 -24.68
C LYS A 62 26.55 -3.19 -23.18
N TYR A 63 25.52 -3.50 -22.40
CA TYR A 63 25.53 -3.24 -20.97
C TYR A 63 26.52 -4.13 -20.22
N GLU A 64 26.29 -5.43 -20.25
CA GLU A 64 27.15 -6.37 -19.53
C GLU A 64 28.58 -6.30 -20.06
N ARG A 65 28.73 -6.09 -21.36
CA ARG A 65 30.05 -5.99 -21.98
C ARG A 65 30.85 -4.89 -21.32
N ALA A 66 30.30 -3.70 -21.33
CA ALA A 66 30.94 -2.53 -20.76
C ALA A 66 31.11 -2.67 -19.25
N ARG A 67 30.19 -3.38 -18.62
CA ARG A 67 30.25 -3.59 -17.18
C ARG A 67 31.43 -4.49 -16.81
N VAL A 68 31.51 -5.64 -17.47
CA VAL A 68 32.58 -6.60 -17.22
C VAL A 68 33.93 -6.03 -17.65
N LEU A 69 33.98 -5.46 -18.84
CA LEU A 69 35.21 -4.91 -19.38
C LEU A 69 35.64 -3.67 -18.62
N GLY A 70 34.67 -2.89 -18.15
CA GLY A 70 34.99 -1.70 -17.38
C GLY A 70 35.69 -2.09 -16.10
N THR A 71 35.24 -3.19 -15.52
CA THR A 71 35.82 -3.71 -14.29
C THR A 71 37.16 -4.37 -14.58
N ARG A 72 37.25 -5.02 -15.74
CA ARG A 72 38.46 -5.70 -16.17
C ARG A 72 39.55 -4.68 -16.48
N ALA A 73 39.16 -3.55 -17.05
CA ALA A 73 40.11 -2.48 -17.35
C ALA A 73 40.71 -2.01 -16.06
N LEU A 74 39.89 -1.94 -15.01
CA LEU A 74 40.36 -1.53 -13.71
C LEU A 74 41.35 -2.56 -13.18
N GLN A 75 41.15 -3.83 -13.57
CA GLN A 75 42.03 -4.90 -13.15
C GLN A 75 43.37 -4.80 -13.88
N ILE A 76 43.32 -4.81 -15.21
CA ILE A 76 44.51 -4.75 -16.04
C ILE A 76 45.28 -3.45 -15.80
N ALA A 77 44.55 -2.40 -15.53
CA ALA A 77 45.14 -1.10 -15.26
C ALA A 77 46.00 -1.17 -13.99
N MET A 78 45.76 -2.22 -13.20
CA MET A 78 46.51 -2.46 -11.98
C MET A 78 47.58 -3.52 -12.23
N CYS A 79 47.83 -3.80 -13.52
CA CYS A 79 48.83 -4.77 -13.97
C CYS A 79 48.31 -6.21 -13.89
N ALA A 80 47.04 -6.39 -14.19
CA ALA A 80 46.44 -7.73 -14.19
C ALA A 80 46.96 -8.55 -15.37
N PRO A 81 47.17 -9.85 -15.16
CA PRO A 81 47.66 -10.75 -16.21
C PRO A 81 46.69 -10.85 -17.39
N VAL A 82 47.22 -10.62 -18.58
CA VAL A 82 46.43 -10.69 -19.81
C VAL A 82 46.43 -12.13 -20.33
N MET A 83 45.25 -12.65 -20.65
CA MET A 83 45.12 -14.02 -21.13
C MET A 83 44.88 -14.09 -22.64
N VAL A 84 45.01 -12.97 -23.32
CA VAL A 84 44.81 -12.93 -24.76
C VAL A 84 46.08 -12.62 -25.50
N GLU A 85 45.94 -12.61 -26.79
CA GLU A 85 47.00 -12.34 -27.71
C GLU A 85 47.05 -10.83 -27.96
N LEU A 86 48.24 -10.29 -28.09
CA LEU A 86 48.39 -8.85 -28.30
C LEU A 86 48.99 -8.54 -29.67
N GLU A 87 48.16 -7.97 -30.54
CA GLU A 87 48.58 -7.59 -31.88
C GLU A 87 48.71 -6.07 -31.94
N GLY A 88 49.07 -5.49 -30.81
CA GLY A 88 49.22 -4.06 -30.72
C GLY A 88 48.36 -3.45 -29.63
N GLU A 89 47.47 -4.26 -29.06
CA GLU A 89 46.61 -3.79 -27.99
C GLU A 89 47.41 -3.58 -26.71
N THR A 90 47.60 -2.33 -26.34
CA THR A 90 48.34 -2.01 -25.13
C THR A 90 47.41 -1.53 -24.02
N ASP A 91 46.41 -0.75 -24.41
CA ASP A 91 45.43 -0.21 -23.48
C ASP A 91 44.61 -1.32 -22.84
N PRO A 92 44.40 -1.24 -21.52
CA PRO A 92 43.63 -2.25 -20.78
C PRO A 92 42.25 -2.48 -21.36
N LEU A 93 41.67 -1.43 -21.94
CA LEU A 93 40.35 -1.51 -22.54
C LEU A 93 40.39 -2.38 -23.80
N LEU A 94 41.49 -2.34 -24.52
CA LEU A 94 41.64 -3.12 -25.73
C LEU A 94 41.76 -4.60 -25.39
N ILE A 95 42.61 -4.89 -24.41
CA ILE A 95 42.81 -6.26 -23.96
C ILE A 95 41.51 -6.84 -23.41
N ALA A 96 40.83 -6.04 -22.61
CA ALA A 96 39.56 -6.48 -22.02
C ALA A 96 38.57 -6.88 -23.10
N MET A 97 38.53 -6.09 -24.17
CA MET A 97 37.62 -6.38 -25.28
C MET A 97 38.04 -7.66 -25.99
N LYS A 98 39.36 -7.80 -26.17
CA LYS A 98 39.93 -8.98 -26.82
C LYS A 98 39.60 -10.23 -26.01
N GLU A 99 39.72 -10.11 -24.69
CA GLU A 99 39.44 -11.22 -23.79
C GLU A 99 37.95 -11.54 -23.74
N LEU A 100 37.12 -10.50 -23.78
CA LEU A 100 35.67 -10.67 -23.74
C LEU A 100 35.16 -11.45 -24.94
N LYS A 101 35.54 -11.03 -26.15
CA LYS A 101 35.07 -11.71 -27.35
C LYS A 101 35.68 -13.10 -27.44
N ALA A 102 36.83 -13.28 -26.79
CA ALA A 102 37.50 -14.56 -26.80
C ALA A 102 37.01 -15.44 -25.64
N ARG A 103 36.07 -14.89 -24.85
CA ARG A 103 35.49 -15.61 -23.70
C ARG A 103 36.59 -16.02 -22.73
N LYS A 104 37.59 -15.17 -22.60
CA LYS A 104 38.73 -15.43 -21.74
C LYS A 104 38.64 -14.68 -20.42
N ILE A 105 37.46 -14.14 -20.12
CA ILE A 105 37.26 -13.40 -18.88
C ILE A 105 36.31 -14.15 -17.96
N PRO A 106 36.81 -14.60 -16.81
CA PRO A 106 36.00 -15.31 -15.83
C PRO A 106 35.32 -14.34 -14.86
N ILE A 107 34.05 -14.06 -15.12
CA ILE A 107 33.26 -13.16 -14.27
C ILE A 107 31.78 -13.52 -14.36
N ILE A 108 31.12 -13.58 -13.20
CA ILE A 108 29.70 -13.88 -13.15
C ILE A 108 28.88 -12.59 -13.08
N ILE A 109 27.98 -12.42 -14.02
CA ILE A 109 27.12 -11.25 -14.09
C ILE A 109 25.74 -11.58 -13.58
N ARG A 110 25.42 -11.14 -12.37
CA ARG A 110 24.10 -11.40 -11.82
C ARG A 110 23.10 -10.44 -12.41
N ARG A 111 22.18 -10.96 -13.20
CA ARG A 111 21.17 -10.15 -13.86
C ARG A 111 19.98 -9.94 -12.94
N TYR A 112 19.47 -8.71 -12.92
CA TYR A 112 18.30 -8.40 -12.10
C TYR A 112 17.15 -7.99 -12.99
N LEU A 113 15.95 -8.39 -12.63
CA LEU A 113 14.77 -8.03 -13.40
C LEU A 113 13.97 -6.96 -12.66
N PRO A 114 13.16 -6.18 -13.40
CA PRO A 114 12.34 -5.10 -12.80
C PRO A 114 11.33 -5.59 -11.77
N ASP A 115 11.15 -6.91 -11.68
CA ASP A 115 10.23 -7.50 -10.72
C ASP A 115 10.93 -7.72 -9.38
N GLY A 116 12.25 -7.64 -9.40
CA GLY A 116 13.03 -7.84 -8.19
C GLY A 116 13.77 -9.17 -8.16
N SER A 117 13.65 -9.94 -9.23
CA SER A 117 14.33 -11.23 -9.30
C SER A 117 15.76 -11.05 -9.83
N TYR A 118 16.55 -12.11 -9.73
CA TYR A 118 17.93 -12.07 -10.19
C TYR A 118 18.40 -13.46 -10.60
N GLU A 119 19.22 -13.50 -11.63
CA GLU A 119 19.76 -14.75 -12.15
C GLU A 119 21.28 -14.67 -12.26
N ASP A 120 21.95 -15.79 -12.10
CA ASP A 120 23.40 -15.86 -12.21
C ASP A 120 23.77 -16.11 -13.65
N TRP A 121 24.59 -15.24 -14.23
CA TRP A 121 24.98 -15.39 -15.61
C TRP A 121 26.46 -15.08 -15.82
N GLY A 122 27.26 -16.10 -16.02
CA GLY A 122 28.68 -15.88 -16.21
C GLY A 122 29.01 -15.66 -17.67
N VAL A 123 30.23 -15.22 -17.95
CA VAL A 123 30.66 -14.98 -19.33
C VAL A 123 30.65 -16.31 -20.08
N ASP A 124 30.73 -17.37 -19.29
CA ASP A 124 30.70 -18.73 -19.80
C ASP A 124 29.33 -19.02 -20.41
N GLU A 125 28.29 -18.46 -19.81
CA GLU A 125 26.92 -18.64 -20.27
C GLU A 125 26.48 -17.51 -21.19
N LEU A 126 27.34 -16.53 -21.43
CA LEU A 126 26.98 -15.42 -22.29
C LEU A 126 27.77 -15.40 -23.58
N ILE A 127 27.06 -15.33 -24.69
CA ILE A 127 27.67 -15.26 -26.00
C ILE A 127 27.70 -13.81 -26.43
N ILE A 128 28.89 -13.28 -26.64
CA ILE A 128 29.03 -11.89 -27.04
C ILE A 128 29.29 -11.76 -28.52
N THR A 129 28.45 -11.00 -29.19
CA THR A 129 28.67 -10.74 -30.57
C THR A 129 29.57 -9.52 -30.64
N ASP A 130 30.84 -9.80 -30.80
CA ASP A 130 31.84 -8.76 -30.84
C ASP A 130 32.82 -9.00 -31.99
N MET B 4 -15.54 -18.88 -8.46
CA MET B 4 -16.30 -19.69 -7.48
C MET B 4 -17.74 -19.84 -7.94
N ALA B 5 -18.60 -20.32 -7.03
CA ALA B 5 -20.02 -20.50 -7.36
C ALA B 5 -20.69 -19.14 -7.51
N THR B 6 -21.61 -19.05 -8.47
CA THR B 6 -22.31 -17.81 -8.74
C THR B 6 -23.44 -17.53 -7.74
N SER B 7 -23.16 -17.75 -6.46
CA SER B 7 -24.12 -17.47 -5.41
C SER B 7 -23.93 -16.02 -4.96
N SER B 8 -22.88 -15.43 -5.53
CA SER B 8 -22.48 -14.07 -5.27
C SER B 8 -21.44 -13.69 -6.33
N GLU B 9 -20.71 -12.62 -6.11
CA GLU B 9 -19.67 -12.23 -7.05
C GLU B 9 -18.44 -13.11 -6.83
N GLU B 10 -17.43 -12.95 -7.66
CA GLU B 10 -16.22 -13.74 -7.54
C GLU B 10 -15.41 -13.30 -6.32
N VAL B 11 -14.89 -14.26 -5.58
CA VAL B 11 -14.09 -13.98 -4.41
C VAL B 11 -12.63 -13.83 -4.84
N LEU B 12 -12.18 -12.59 -4.92
CA LEU B 12 -10.82 -12.29 -5.34
C LEU B 12 -9.79 -12.68 -4.29
N LEU B 13 -10.12 -12.49 -3.02
CA LEU B 13 -9.19 -12.83 -1.95
C LEU B 13 -9.86 -13.70 -0.90
N ILE B 14 -9.29 -14.88 -0.66
CA ILE B 14 -9.82 -15.77 0.35
C ILE B 14 -8.85 -15.83 1.53
N VAL B 15 -9.30 -15.33 2.66
CA VAL B 15 -8.50 -15.28 3.86
C VAL B 15 -9.04 -16.25 4.92
N LYS B 16 -8.31 -17.33 5.16
CA LYS B 16 -8.73 -18.34 6.12
C LYS B 16 -8.21 -18.02 7.53
N LYS B 17 -8.71 -18.77 8.52
CA LYS B 17 -8.33 -18.59 9.91
C LYS B 17 -8.52 -17.13 10.34
N VAL B 18 -9.75 -16.67 10.26
CA VAL B 18 -10.06 -15.29 10.62
C VAL B 18 -11.16 -15.26 11.66
N ARG B 19 -10.95 -14.49 12.72
CA ARG B 19 -11.94 -14.39 13.78
C ARG B 19 -12.67 -13.07 13.76
N GLN B 20 -13.86 -13.10 14.34
CA GLN B 20 -14.70 -11.94 14.48
C GLN B 20 -15.40 -12.05 15.83
N LYS B 21 -14.91 -11.27 16.79
CA LYS B 21 -15.44 -11.28 18.14
C LYS B 21 -15.36 -12.67 18.78
N LYS B 22 -14.18 -13.29 18.63
CA LYS B 22 -13.86 -14.62 19.17
C LYS B 22 -14.49 -15.74 18.38
N GLN B 23 -15.08 -15.41 17.24
CA GLN B 23 -15.67 -16.42 16.40
C GLN B 23 -14.70 -16.75 15.29
N ASP B 24 -14.26 -17.99 15.25
CA ASP B 24 -13.31 -18.42 14.22
C ASP B 24 -14.03 -18.70 12.92
N GLY B 25 -13.40 -18.34 11.84
CA GLY B 25 -13.98 -18.56 10.55
C GLY B 25 -13.06 -18.24 9.41
N ALA B 26 -13.60 -17.56 8.42
CA ALA B 26 -12.85 -17.23 7.24
C ALA B 26 -13.40 -15.99 6.56
N LEU B 27 -12.49 -15.17 6.10
CA LEU B 27 -12.81 -13.93 5.44
C LEU B 27 -12.68 -14.07 3.92
N TYR B 28 -13.72 -13.74 3.19
CA TYR B 28 -13.69 -13.82 1.74
C TYR B 28 -14.00 -12.46 1.14
N LEU B 29 -13.10 -11.96 0.31
CA LEU B 29 -13.31 -10.67 -0.33
C LEU B 29 -13.90 -10.86 -1.71
N MET B 30 -15.21 -10.66 -1.82
CA MET B 30 -15.88 -10.79 -3.10
C MET B 30 -15.73 -9.48 -3.87
N ALA B 31 -15.86 -9.55 -5.17
CA ALA B 31 -15.69 -8.40 -6.06
C ALA B 31 -16.37 -7.11 -5.57
N GLU B 32 -17.55 -7.23 -4.97
CA GLU B 32 -18.27 -6.04 -4.53
C GLU B 32 -18.46 -5.96 -3.00
N ARG B 33 -18.15 -7.04 -2.29
CA ARG B 33 -18.35 -7.04 -0.83
C ARG B 33 -17.41 -7.96 -0.08
N ILE B 34 -17.05 -7.52 1.12
CA ILE B 34 -16.21 -8.29 2.02
C ILE B 34 -17.12 -9.09 2.93
N ALA B 35 -17.13 -10.39 2.77
CA ALA B 35 -18.00 -11.24 3.57
C ALA B 35 -17.19 -12.24 4.36
N TRP B 36 -17.43 -12.27 5.64
CA TRP B 36 -16.76 -13.19 6.51
C TRP B 36 -17.75 -14.23 7.02
N ALA B 37 -17.33 -15.48 6.95
CA ALA B 37 -18.15 -16.58 7.41
C ALA B 37 -17.38 -17.39 8.43
N PRO B 38 -18.07 -18.07 9.34
CA PRO B 38 -17.41 -18.88 10.35
C PRO B 38 -16.92 -20.19 9.74
N GLU B 39 -16.00 -20.85 10.39
CA GLU B 39 -15.48 -22.10 9.86
C GLU B 39 -16.56 -23.19 9.89
N GLY B 40 -16.56 -24.01 8.85
CA GLY B 40 -17.55 -25.08 8.75
C GLY B 40 -18.94 -24.54 8.47
N LYS B 41 -19.00 -23.40 7.80
CA LYS B 41 -20.28 -22.77 7.46
C LYS B 41 -20.34 -22.43 5.98
N ASP B 42 -21.54 -22.52 5.42
CA ASP B 42 -21.76 -22.19 4.02
C ASP B 42 -22.43 -20.83 3.93
N ARG B 43 -22.66 -20.24 5.09
CA ARG B 43 -23.33 -18.97 5.18
C ARG B 43 -22.43 -17.88 5.77
N PHE B 44 -22.26 -16.80 5.03
CA PHE B 44 -21.48 -15.67 5.50
C PHE B 44 -22.28 -14.97 6.59
N THR B 45 -21.76 -14.94 7.80
CA THR B 45 -22.45 -14.33 8.91
C THR B 45 -22.24 -12.82 8.92
N ILE B 46 -21.38 -12.36 8.03
CA ILE B 46 -21.07 -10.95 7.90
C ILE B 46 -20.81 -10.62 6.46
N SER B 47 -21.44 -9.58 5.97
CA SER B 47 -21.20 -9.17 4.63
C SER B 47 -21.31 -7.66 4.51
N HIS B 48 -20.23 -7.01 4.13
CA HIS B 48 -20.23 -5.57 3.98
C HIS B 48 -19.89 -5.16 2.58
N MET B 49 -20.71 -4.31 1.99
CA MET B 49 -20.42 -3.80 0.68
C MET B 49 -19.35 -2.76 0.87
N TYR B 50 -18.43 -2.62 -0.06
CA TYR B 50 -17.39 -1.62 0.13
C TYR B 50 -17.99 -0.22 0.11
N ALA B 51 -19.25 -0.15 -0.31
CA ALA B 51 -19.99 1.10 -0.37
C ALA B 51 -20.44 1.51 1.01
N ASP B 52 -20.25 0.64 1.99
CA ASP B 52 -20.65 0.93 3.35
C ASP B 52 -19.43 1.03 4.25
N ILE B 53 -18.26 0.72 3.70
CA ILE B 53 -17.05 0.81 4.47
C ILE B 53 -16.46 2.18 4.23
N LYS B 54 -16.17 2.91 5.30
CA LYS B 54 -15.63 4.25 5.18
C LYS B 54 -14.11 4.23 5.14
N CYS B 55 -13.51 3.36 5.94
CA CYS B 55 -12.05 3.26 5.99
C CYS B 55 -11.61 1.92 6.59
N GLN B 56 -10.43 1.44 6.20
CA GLN B 56 -9.92 0.18 6.72
C GLN B 56 -8.71 0.45 7.61
N LYS B 57 -8.77 -0.04 8.83
CA LYS B 57 -7.69 0.12 9.79
C LYS B 57 -7.17 -1.25 10.09
N ILE B 58 -5.86 -1.41 10.20
CA ILE B 58 -5.34 -2.76 10.35
C ILE B 58 -4.07 -2.88 11.17
N SER B 59 -4.14 -3.62 12.27
CA SER B 59 -2.99 -3.83 13.13
C SER B 59 -1.99 -4.78 12.47
N PRO B 60 -0.76 -4.27 12.29
CA PRO B 60 0.36 -4.98 11.67
C PRO B 60 1.13 -5.84 12.66
N GLU B 61 2.16 -6.52 12.17
CA GLU B 61 3.01 -7.37 12.99
C GLU B 61 3.53 -6.62 14.22
N GLY B 62 3.94 -7.38 15.22
CA GLY B 62 4.42 -6.81 16.47
C GLY B 62 3.57 -7.26 17.62
N LYS B 63 2.27 -7.29 17.40
CA LYS B 63 1.33 -7.77 18.40
C LYS B 63 0.96 -9.20 18.08
N ALA B 64 0.29 -9.85 19.00
CA ALA B 64 -0.15 -11.22 18.80
C ALA B 64 -1.55 -11.20 18.22
N LYS B 65 -1.92 -10.02 17.76
CA LYS B 65 -3.21 -9.80 17.14
C LYS B 65 -3.06 -8.97 15.89
N ILE B 66 -3.31 -9.59 14.76
CA ILE B 66 -3.28 -8.91 13.48
C ILE B 66 -4.73 -8.70 13.10
N GLN B 67 -5.19 -7.48 13.06
CA GLN B 67 -6.61 -7.26 12.81
C GLN B 67 -6.93 -6.32 11.66
N LEU B 68 -8.10 -6.56 11.08
CA LEU B 68 -8.67 -5.76 10.03
C LEU B 68 -9.92 -5.13 10.60
N GLN B 69 -9.90 -3.83 10.79
CA GLN B 69 -11.05 -3.14 11.36
C GLN B 69 -11.71 -2.30 10.28
N LEU B 70 -12.92 -2.68 9.90
CA LEU B 70 -13.66 -1.97 8.87
C LEU B 70 -14.50 -0.87 9.49
N VAL B 71 -14.02 0.34 9.44
CA VAL B 71 -14.76 1.46 9.99
C VAL B 71 -15.75 1.95 8.96
N LEU B 72 -17.02 1.81 9.29
CA LEU B 72 -18.09 2.17 8.41
C LEU B 72 -18.41 3.67 8.49
N HIS B 73 -19.24 4.14 7.58
CA HIS B 73 -19.60 5.56 7.49
C HIS B 73 -20.15 6.13 8.79
N ALA B 74 -21.15 5.46 9.35
CA ALA B 74 -21.81 5.92 10.57
C ALA B 74 -20.87 5.96 11.77
N GLY B 75 -19.76 5.25 11.65
CA GLY B 75 -18.80 5.20 12.73
C GLY B 75 -18.68 3.79 13.25
N ASP B 76 -19.40 2.90 12.58
CA ASP B 76 -19.42 1.50 12.91
C ASP B 76 -18.09 0.89 12.55
N THR B 77 -17.94 -0.38 12.87
CA THR B 77 -16.70 -1.07 12.58
C THR B 77 -16.91 -2.59 12.54
N THR B 78 -15.97 -3.27 11.93
CA THR B 78 -16.00 -4.71 11.84
C THR B 78 -14.58 -5.23 12.12
N ASN B 79 -14.43 -5.97 13.20
CA ASN B 79 -13.12 -6.48 13.60
C ASN B 79 -12.87 -7.91 13.14
N PHE B 80 -11.95 -8.06 12.20
CA PHE B 80 -11.56 -9.37 11.68
C PHE B 80 -10.11 -9.63 12.06
N HIS B 81 -9.90 -10.61 12.89
CA HIS B 81 -8.57 -10.94 13.35
C HIS B 81 -7.95 -12.06 12.51
N PHE B 82 -6.88 -11.72 11.80
CA PHE B 82 -6.14 -12.66 10.99
C PHE B 82 -5.39 -13.57 11.96
N SER B 83 -5.77 -14.83 12.05
CA SER B 83 -5.12 -15.70 13.02
C SER B 83 -4.40 -16.88 12.38
N ASN B 84 -4.14 -16.81 11.09
CA ASN B 84 -3.42 -17.87 10.40
C ASN B 84 -1.95 -17.80 10.80
N GLU B 85 -1.53 -18.72 11.68
CA GLU B 85 -0.16 -18.74 12.20
C GLU B 85 0.91 -18.74 11.09
N SER B 86 0.52 -19.03 9.87
CA SER B 86 1.45 -19.05 8.76
C SER B 86 1.68 -17.65 8.17
N THR B 87 0.61 -17.02 7.69
CA THR B 87 0.76 -15.70 7.06
C THR B 87 -0.22 -14.65 7.59
N ALA B 88 -0.76 -14.84 8.80
CA ALA B 88 -1.73 -13.90 9.40
C ALA B 88 -1.40 -12.43 9.14
N VAL B 89 -0.16 -12.07 9.36
CA VAL B 89 0.27 -10.68 9.16
C VAL B 89 0.27 -10.31 7.68
N LYS B 90 0.86 -11.16 6.86
CA LYS B 90 0.93 -10.88 5.44
C LYS B 90 -0.46 -10.93 4.82
N GLU B 91 -1.36 -11.65 5.47
CA GLU B 91 -2.74 -11.70 5.04
C GLU B 91 -3.30 -10.31 5.19
N ARG B 92 -3.01 -9.72 6.36
CA ARG B 92 -3.44 -8.36 6.70
C ARG B 92 -3.16 -7.42 5.54
N ASP B 93 -1.91 -7.43 5.11
CA ASP B 93 -1.43 -6.57 4.03
C ASP B 93 -2.14 -6.86 2.70
N ALA B 94 -2.35 -8.13 2.39
CA ALA B 94 -3.01 -8.50 1.13
C ALA B 94 -4.47 -8.06 1.12
N VAL B 95 -5.20 -8.41 2.19
CA VAL B 95 -6.61 -8.02 2.33
C VAL B 95 -6.71 -6.50 2.27
N LYS B 96 -5.67 -5.85 2.80
CA LYS B 96 -5.54 -4.40 2.80
C LYS B 96 -5.45 -3.86 1.40
N ASP B 97 -4.41 -4.23 0.67
CA ASP B 97 -4.19 -3.76 -0.70
C ASP B 97 -5.39 -4.06 -1.59
N LEU B 98 -5.95 -5.23 -1.39
CA LEU B 98 -7.09 -5.69 -2.16
C LEU B 98 -8.33 -4.84 -1.85
N LEU B 99 -8.77 -4.83 -0.59
CA LEU B 99 -9.96 -4.08 -0.19
C LEU B 99 -9.79 -2.61 -0.45
N GLN B 100 -8.60 -2.11 -0.21
CA GLN B 100 -8.31 -0.70 -0.38
C GLN B 100 -8.56 -0.29 -1.83
N GLN B 101 -8.25 -1.18 -2.77
CA GLN B 101 -8.48 -0.91 -4.19
C GLN B 101 -9.96 -1.06 -4.54
N LEU B 102 -10.67 -1.81 -3.72
CA LEU B 102 -12.10 -2.02 -3.92
C LEU B 102 -12.92 -0.85 -3.39
N LEU B 103 -12.33 -0.14 -2.43
CA LEU B 103 -13.01 0.98 -1.78
C LEU B 103 -13.36 2.12 -2.72
N PRO B 104 -12.41 2.69 -3.50
CA PRO B 104 -12.70 3.83 -4.37
C PRO B 104 -13.85 3.51 -5.33
N LYS B 105 -14.00 2.23 -5.61
CA LYS B 105 -15.03 1.73 -6.49
C LYS B 105 -16.40 1.83 -5.85
N PHE B 106 -16.44 1.92 -4.52
CA PHE B 106 -17.73 2.00 -3.82
C PHE B 106 -17.85 3.20 -2.88
N LYS B 107 -16.71 3.70 -2.41
CA LYS B 107 -16.65 4.84 -1.48
C LYS B 107 -17.60 5.94 -1.88
N ARG B 108 -18.33 6.46 -0.89
CA ARG B 108 -19.30 7.51 -1.13
C ARG B 108 -18.60 8.83 -1.44
N LYS B 109 -18.48 9.10 -2.74
CA LYS B 109 -17.85 10.32 -3.23
C LYS B 109 -18.85 11.03 -4.14
N ALA B 110 -18.36 11.57 -5.25
CA ALA B 110 -19.22 12.24 -6.22
C ALA B 110 -19.77 11.21 -7.19
N ASN B 111 -19.62 9.95 -6.79
CA ASN B 111 -20.07 8.80 -7.57
C ASN B 111 -19.84 7.54 -6.74
N MET A 4 -12.63 -20.70 19.60
CA MET A 4 -13.09 -19.45 20.25
C MET A 4 -12.20 -19.10 21.44
N SER A 5 -11.77 -17.84 21.48
CA SER A 5 -10.93 -17.35 22.57
C SER A 5 -11.21 -15.86 22.77
N ASP A 6 -11.28 -15.42 24.02
CA ASP A 6 -11.58 -14.02 24.31
C ASP A 6 -10.37 -13.12 24.16
N ASN A 7 -9.44 -13.50 23.28
CA ASN A 7 -8.25 -12.69 23.04
C ASN A 7 -8.57 -11.63 22.01
N GLU A 8 -9.86 -11.56 21.67
CA GLU A 8 -10.38 -10.58 20.71
C GLU A 8 -10.70 -9.30 21.42
N ASP A 9 -11.16 -9.47 22.61
CA ASP A 9 -11.51 -8.37 23.49
C ASP A 9 -10.54 -8.34 24.66
N ASN A 10 -9.35 -8.87 24.42
CA ASN A 10 -8.31 -8.91 25.45
C ASN A 10 -7.25 -7.86 25.20
N PHE A 11 -7.51 -7.03 24.21
CA PHE A 11 -6.59 -5.96 23.86
C PHE A 11 -7.31 -4.64 24.08
N ASP A 12 -6.58 -3.56 23.96
CA ASP A 12 -7.10 -2.24 24.13
C ASP A 12 -6.06 -1.28 23.64
N GLY A 13 -6.20 -0.94 22.41
CA GLY A 13 -5.26 -0.03 21.81
C GLY A 13 -4.46 -0.62 20.69
N ASP A 14 -5.02 -1.62 19.99
CA ASP A 14 -4.34 -2.25 18.85
C ASP A 14 -3.61 -1.18 18.03
N ASP A 15 -2.36 -1.48 17.69
CA ASP A 15 -1.50 -0.56 16.94
C ASP A 15 -1.94 -0.42 15.49
N PHE A 16 -3.25 -0.37 15.29
CA PHE A 16 -3.84 -0.25 13.96
C PHE A 16 -3.14 0.76 13.07
N ASP A 17 -2.46 0.24 12.05
CA ASP A 17 -1.81 1.05 11.07
C ASP A 17 -2.88 1.45 10.09
N ASP A 18 -3.49 2.58 10.39
CA ASP A 18 -4.57 3.10 9.59
C ASP A 18 -4.14 3.19 8.15
N VAL A 19 -4.81 2.39 7.37
CA VAL A 19 -4.55 2.32 5.96
C VAL A 19 -5.74 2.77 5.18
N GLU A 20 -5.71 4.01 4.76
CA GLU A 20 -6.76 4.50 3.93
C GLU A 20 -6.34 4.31 2.49
N GLU A 21 -7.27 3.93 1.64
CA GLU A 21 -6.96 3.70 0.23
C GLU A 21 -6.29 4.92 -0.40
N ASP A 22 -5.16 4.67 -1.04
CA ASP A 22 -4.38 5.70 -1.70
C ASP A 22 -3.67 5.09 -2.90
N GLU A 23 -4.04 5.53 -4.09
CA GLU A 23 -3.45 5.02 -5.31
C GLU A 23 -2.54 6.06 -5.94
N GLY A 24 -1.44 5.61 -6.53
CA GLY A 24 -0.49 6.51 -7.14
C GLY A 24 0.65 6.85 -6.20
N LEU A 25 0.72 6.11 -5.10
CA LEU A 25 1.76 6.32 -4.09
C LEU A 25 3.08 5.70 -4.56
N ASP A 26 4.17 6.09 -3.90
CA ASP A 26 5.50 5.57 -4.22
C ASP A 26 5.71 4.22 -3.55
N ASP A 27 6.94 3.70 -3.63
CA ASP A 27 7.26 2.41 -3.04
C ASP A 27 7.43 2.52 -1.52
N LEU A 28 8.44 3.29 -1.11
CA LEU A 28 8.71 3.48 0.31
C LEU A 28 9.01 4.95 0.59
N GLU A 29 9.01 5.33 1.85
CA GLU A 29 9.28 6.71 2.23
C GLU A 29 10.57 6.81 3.06
N ASN A 30 10.73 5.91 4.01
CA ASN A 30 11.90 5.91 4.87
C ASN A 30 12.56 4.53 4.86
N ALA A 31 12.03 3.63 5.68
CA ALA A 31 12.54 2.27 5.81
C ALA A 31 11.66 1.47 6.76
N GLU A 32 10.81 0.64 6.20
CA GLU A 32 9.89 -0.19 6.98
C GLU A 32 9.04 -1.04 6.03
N GLU A 33 9.63 -2.14 5.58
CA GLU A 33 8.95 -3.03 4.66
C GLU A 33 8.31 -4.21 5.39
N GLU A 34 8.81 -4.50 6.59
CA GLU A 34 8.31 -5.61 7.39
C GLU A 34 8.98 -5.63 8.76
N GLY A 35 8.23 -5.99 9.79
CA GLY A 35 8.77 -6.03 11.14
C GLY A 35 9.12 -7.44 11.53
N GLN A 36 8.62 -8.38 10.75
CA GLN A 36 8.86 -9.79 10.97
C GLN A 36 10.26 -10.14 10.50
N GLU A 37 10.81 -11.25 11.00
CA GLU A 37 12.14 -11.68 10.60
C GLU A 37 12.12 -12.31 9.21
N ASN A 38 12.18 -11.47 8.18
CA ASN A 38 12.22 -11.99 6.81
C ASN A 38 13.59 -12.60 6.58
N VAL A 39 13.62 -13.79 6.02
CA VAL A 39 14.87 -14.47 5.83
C VAL A 39 15.10 -14.90 4.38
N GLU A 40 16.37 -15.10 4.05
CA GLU A 40 16.77 -15.53 2.72
C GLU A 40 17.54 -16.84 2.85
N ILE A 41 17.47 -17.68 1.83
CA ILE A 41 18.16 -18.97 1.87
C ILE A 41 19.37 -18.97 0.95
N LEU A 42 20.52 -19.28 1.52
CA LEU A 42 21.75 -19.34 0.79
C LEU A 42 22.33 -20.75 0.87
N PRO A 43 22.98 -21.22 -0.20
CA PRO A 43 23.55 -22.56 -0.21
C PRO A 43 24.82 -22.63 0.63
N SER A 44 24.81 -23.50 1.62
CA SER A 44 25.92 -23.69 2.51
C SER A 44 27.10 -24.38 1.83
N GLY A 45 28.22 -24.34 2.50
CA GLY A 45 29.45 -24.90 2.00
C GLY A 45 30.53 -23.86 2.03
N GLU A 46 30.11 -22.60 2.08
CA GLU A 46 31.03 -21.48 2.19
C GLU A 46 30.87 -20.89 3.58
N ARG A 47 29.66 -21.05 4.05
CA ARG A 47 29.16 -20.61 5.34
C ARG A 47 29.72 -19.27 5.80
N PRO A 48 29.11 -18.16 5.35
CA PRO A 48 29.54 -16.86 5.79
C PRO A 48 28.80 -16.50 7.07
N GLN A 49 29.55 -16.26 8.11
CA GLN A 49 28.98 -15.89 9.40
C GLN A 49 29.76 -14.77 10.03
N ALA A 50 29.14 -14.08 10.96
CA ALA A 50 29.78 -12.99 11.67
C ALA A 50 30.54 -13.53 12.87
N ASN A 51 31.11 -12.64 13.69
CA ASN A 51 31.87 -13.07 14.85
C ASN A 51 31.48 -12.29 16.11
N GLN A 52 30.20 -12.03 16.25
CA GLN A 52 29.69 -11.32 17.41
C GLN A 52 28.43 -12.01 17.90
N LYS A 53 27.95 -11.64 19.09
CA LYS A 53 26.74 -12.24 19.62
C LYS A 53 25.58 -11.99 18.67
N ARG A 54 24.87 -13.03 18.32
CA ARG A 54 23.75 -12.90 17.42
C ARG A 54 22.68 -12.04 18.05
N ILE A 55 22.11 -11.14 17.27
CA ILE A 55 21.09 -10.24 17.75
C ILE A 55 19.71 -10.71 17.30
N THR A 56 19.69 -11.76 16.50
CA THR A 56 18.45 -12.33 16.01
C THR A 56 18.02 -13.53 16.84
N THR A 57 17.06 -14.30 16.35
CA THR A 57 16.54 -15.45 17.07
C THR A 57 16.94 -16.77 16.43
N PRO A 58 17.47 -17.69 17.24
CA PRO A 58 17.89 -19.02 16.80
C PRO A 58 16.70 -19.97 16.70
N TYR A 59 15.73 -19.63 15.87
CA TYR A 59 14.53 -20.45 15.72
C TYR A 59 14.12 -20.52 14.27
N MET A 60 13.42 -21.59 13.92
CA MET A 60 12.93 -21.76 12.58
C MET A 60 11.46 -22.14 12.64
N THR A 61 10.61 -21.14 12.42
CA THR A 61 9.18 -21.34 12.48
C THR A 61 8.64 -21.73 11.10
N LYS A 62 7.32 -21.67 10.95
CA LYS A 62 6.65 -22.01 9.71
C LYS A 62 7.16 -21.17 8.53
N TYR A 63 7.67 -19.98 8.82
CA TYR A 63 8.16 -19.09 7.78
C TYR A 63 9.48 -19.57 7.21
N GLU A 64 10.50 -19.61 8.05
CA GLU A 64 11.82 -20.04 7.64
C GLU A 64 11.81 -21.51 7.21
N ARG A 65 11.02 -22.32 7.90
CA ARG A 65 10.91 -23.74 7.60
C ARG A 65 10.48 -23.94 6.15
N ALA A 66 9.33 -23.35 5.81
CA ALA A 66 8.78 -23.46 4.47
C ALA A 66 9.68 -22.79 3.45
N ARG A 67 10.35 -21.73 3.86
CA ARG A 67 11.26 -21.01 2.98
C ARG A 67 12.41 -21.93 2.56
N VAL A 68 12.99 -22.63 3.53
CA VAL A 68 14.07 -23.55 3.27
C VAL A 68 13.56 -24.76 2.48
N LEU A 69 12.42 -25.28 2.92
CA LEU A 69 11.80 -26.44 2.30
C LEU A 69 11.44 -26.17 0.84
N GLY A 70 10.89 -24.99 0.57
CA GLY A 70 10.54 -24.63 -0.79
C GLY A 70 11.75 -24.59 -1.69
N THR A 71 12.84 -24.05 -1.16
CA THR A 71 14.08 -23.95 -1.91
C THR A 71 14.72 -25.33 -2.08
N ARG A 72 14.60 -26.17 -1.06
CA ARG A 72 15.15 -27.51 -1.10
C ARG A 72 14.38 -28.37 -2.08
N ALA A 73 13.06 -28.17 -2.14
CA ALA A 73 12.21 -28.90 -3.07
C ALA A 73 12.67 -28.57 -4.47
N LEU A 74 13.06 -27.33 -4.68
CA LEU A 74 13.55 -26.89 -5.98
C LEU A 74 14.86 -27.61 -6.29
N GLN A 75 15.65 -27.88 -5.25
CA GLN A 75 16.93 -28.58 -5.43
C GLN A 75 16.69 -30.03 -5.81
N ILE A 76 15.93 -30.75 -4.98
CA ILE A 76 15.65 -32.17 -5.22
C ILE A 76 14.87 -32.36 -6.51
N ALA A 77 14.02 -31.39 -6.82
CA ALA A 77 13.23 -31.43 -8.03
C ALA A 77 14.15 -31.38 -9.25
N MET A 78 15.40 -30.99 -9.02
CA MET A 78 16.41 -30.92 -10.07
C MET A 78 17.26 -32.18 -10.04
N CYS A 79 16.78 -33.18 -9.28
CA CYS A 79 17.44 -34.48 -9.13
C CYS A 79 18.55 -34.45 -8.08
N ALA A 80 18.31 -33.67 -7.01
CA ALA A 80 19.27 -33.57 -5.92
C ALA A 80 19.22 -34.83 -5.06
N PRO A 81 20.38 -35.28 -4.55
CA PRO A 81 20.46 -36.47 -3.70
C PRO A 81 19.66 -36.28 -2.40
N VAL A 82 19.02 -37.35 -1.97
CA VAL A 82 18.21 -37.33 -0.76
C VAL A 82 19.07 -37.71 0.45
N MET A 83 19.05 -36.87 1.49
CA MET A 83 19.84 -37.11 2.69
C MET A 83 19.06 -37.94 3.72
N VAL A 84 17.79 -38.14 3.47
CA VAL A 84 16.95 -38.91 4.39
C VAL A 84 16.53 -40.25 3.82
N GLU A 85 15.63 -40.86 4.54
CA GLU A 85 15.09 -42.15 4.20
C GLU A 85 13.80 -41.94 3.42
N LEU A 86 13.31 -42.99 2.78
CA LEU A 86 12.09 -42.88 1.99
C LEU A 86 11.07 -43.94 2.39
N GLU A 87 10.01 -43.49 3.05
CA GLU A 87 8.94 -44.38 3.49
C GLU A 87 7.83 -44.33 2.46
N GLY A 88 8.19 -43.91 1.27
CA GLY A 88 7.24 -43.79 0.19
C GLY A 88 7.22 -42.38 -0.36
N GLU A 89 7.98 -41.49 0.26
CA GLU A 89 8.06 -40.10 -0.17
C GLU A 89 8.78 -40.01 -1.51
N THR A 90 8.06 -39.63 -2.54
CA THR A 90 8.64 -39.50 -3.87
C THR A 90 8.83 -38.04 -4.24
N ASP A 91 7.85 -37.23 -3.88
CA ASP A 91 7.87 -35.80 -4.18
C ASP A 91 8.99 -35.11 -3.43
N PRO A 92 9.72 -34.23 -4.12
CA PRO A 92 10.84 -33.48 -3.53
C PRO A 92 10.44 -32.73 -2.27
N LEU A 93 9.20 -32.27 -2.23
CA LEU A 93 8.68 -31.54 -1.07
C LEU A 93 8.57 -32.46 0.15
N LEU A 94 8.26 -33.73 -0.10
CA LEU A 94 8.12 -34.71 0.98
C LEU A 94 9.48 -35.02 1.57
N ILE A 95 10.43 -35.30 0.69
CA ILE A 95 11.80 -35.60 1.11
C ILE A 95 12.39 -34.42 1.88
N ALA A 96 12.23 -33.24 1.31
CA ALA A 96 12.74 -32.03 1.93
C ALA A 96 12.18 -31.85 3.33
N MET A 97 10.87 -32.06 3.47
CA MET A 97 10.21 -31.93 4.76
C MET A 97 10.77 -32.93 5.76
N LYS A 98 11.12 -34.11 5.26
CA LYS A 98 11.68 -35.17 6.09
C LYS A 98 13.09 -34.76 6.54
N GLU A 99 13.87 -34.22 5.60
CA GLU A 99 15.23 -33.79 5.89
C GLU A 99 15.26 -32.67 6.91
N LEU A 100 14.36 -31.70 6.76
CA LEU A 100 14.29 -30.56 7.66
C LEU A 100 14.05 -30.99 9.11
N LYS A 101 13.03 -31.81 9.34
CA LYS A 101 12.71 -32.26 10.69
C LYS A 101 13.77 -33.23 11.21
N ALA A 102 14.54 -33.79 10.28
CA ALA A 102 15.59 -34.73 10.64
C ALA A 102 16.92 -34.00 10.79
N ARG A 103 16.88 -32.67 10.60
CA ARG A 103 18.07 -31.82 10.71
C ARG A 103 19.13 -32.25 9.70
N LYS A 104 18.67 -32.70 8.54
CA LYS A 104 19.57 -33.18 7.49
C LYS A 104 19.65 -32.20 6.33
N ILE A 105 19.18 -30.97 6.53
CA ILE A 105 19.24 -29.97 5.47
C ILE A 105 20.38 -28.98 5.71
N PRO A 106 21.40 -29.03 4.85
CA PRO A 106 22.53 -28.13 4.92
C PRO A 106 22.24 -26.85 4.13
N ILE A 107 21.90 -25.78 4.85
CA ILE A 107 21.59 -24.52 4.20
C ILE A 107 21.76 -23.34 5.17
N ILE A 108 22.11 -22.19 4.63
CA ILE A 108 22.27 -20.98 5.42
C ILE A 108 21.05 -20.08 5.27
N ILE A 109 20.48 -19.68 6.41
CA ILE A 109 19.31 -18.82 6.44
C ILE A 109 19.66 -17.45 7.00
N ARG A 110 19.65 -16.45 6.15
CA ARG A 110 19.97 -15.11 6.59
C ARG A 110 18.70 -14.40 7.05
N ARG A 111 18.70 -13.94 8.28
CA ARG A 111 17.55 -13.25 8.85
C ARG A 111 17.74 -11.74 8.79
N TYR A 112 16.75 -11.03 8.27
CA TYR A 112 16.82 -9.57 8.15
C TYR A 112 15.84 -8.91 9.10
N LEU A 113 16.24 -7.78 9.69
CA LEU A 113 15.38 -7.05 10.60
C LEU A 113 14.85 -5.78 9.95
N PRO A 114 13.72 -5.24 10.45
CA PRO A 114 13.08 -4.01 9.92
C PRO A 114 14.00 -2.80 9.89
N ASP A 115 15.02 -2.80 10.74
CA ASP A 115 15.96 -1.67 10.80
C ASP A 115 16.95 -1.71 9.65
N GLY A 116 17.00 -2.85 8.95
CA GLY A 116 17.90 -3.00 7.84
C GLY A 116 19.06 -3.91 8.15
N SER A 117 19.11 -4.42 9.38
CA SER A 117 20.18 -5.30 9.79
C SER A 117 19.92 -6.72 9.29
N TYR A 118 20.94 -7.55 9.29
CA TYR A 118 20.81 -8.92 8.83
C TYR A 118 21.94 -9.78 9.39
N GLU A 119 21.61 -11.02 9.70
CA GLU A 119 22.58 -11.97 10.22
C GLU A 119 22.42 -13.30 9.52
N ASP A 120 23.54 -13.91 9.18
CA ASP A 120 23.53 -15.20 8.51
C ASP A 120 23.49 -16.31 9.55
N TRP A 121 22.64 -17.29 9.34
CA TRP A 121 22.48 -18.39 10.28
C TRP A 121 22.45 -19.74 9.58
N GLY A 122 22.87 -20.78 10.28
CA GLY A 122 22.80 -22.10 9.71
C GLY A 122 21.59 -22.85 10.24
N VAL A 123 21.12 -23.86 9.52
CA VAL A 123 19.96 -24.65 9.95
C VAL A 123 20.26 -25.25 11.31
N ASP A 124 21.52 -25.56 11.50
CA ASP A 124 22.02 -26.12 12.74
C ASP A 124 21.83 -25.16 13.91
N GLU A 125 22.01 -23.87 13.64
CA GLU A 125 21.88 -22.83 14.67
C GLU A 125 20.43 -22.41 14.89
N LEU A 126 19.51 -23.04 14.17
CA LEU A 126 18.10 -22.69 14.30
C LEU A 126 17.29 -23.81 14.92
N ILE A 127 16.54 -23.46 15.96
CA ILE A 127 15.67 -24.43 16.62
C ILE A 127 14.38 -24.50 15.83
N ILE A 128 14.23 -25.57 15.08
CA ILE A 128 13.07 -25.74 14.24
C ILE A 128 11.90 -26.35 14.99
N THR A 129 10.73 -25.77 14.78
CA THR A 129 9.52 -26.26 15.37
C THR A 129 8.69 -26.94 14.30
N ASP A 130 8.72 -28.25 14.32
CA ASP A 130 7.99 -29.05 13.34
C ASP A 130 6.53 -29.20 13.75
N MET B 4 -14.09 -16.95 -10.37
CA MET B 4 -14.16 -16.34 -11.72
C MET B 4 -15.19 -17.05 -12.58
N ALA B 5 -16.46 -16.73 -12.35
CA ALA B 5 -17.57 -17.33 -13.08
C ALA B 5 -18.88 -16.63 -12.71
N THR B 6 -18.88 -15.97 -11.56
CA THR B 6 -20.04 -15.26 -11.03
C THR B 6 -21.23 -16.20 -10.81
N SER B 7 -20.92 -17.44 -10.43
CA SER B 7 -21.97 -18.42 -10.16
C SER B 7 -22.58 -18.12 -8.79
N SER B 8 -21.92 -17.24 -8.07
CA SER B 8 -22.33 -16.80 -6.75
C SER B 8 -21.65 -15.48 -6.46
N GLU B 9 -21.44 -15.18 -5.19
CA GLU B 9 -20.76 -13.98 -4.79
C GLU B 9 -19.27 -14.15 -5.11
N GLU B 10 -18.89 -13.65 -6.28
CA GLU B 10 -17.52 -13.76 -6.78
C GLU B 10 -16.48 -13.29 -5.77
N VAL B 11 -15.76 -14.24 -5.21
CA VAL B 11 -14.73 -13.94 -4.23
C VAL B 11 -13.38 -13.79 -4.92
N LEU B 12 -12.73 -12.66 -4.70
CA LEU B 12 -11.44 -12.38 -5.30
C LEU B 12 -10.31 -12.77 -4.34
N LEU B 13 -10.51 -12.50 -3.07
CA LEU B 13 -9.49 -12.81 -2.07
C LEU B 13 -10.08 -13.68 -0.97
N ILE B 14 -9.56 -14.89 -0.82
CA ILE B 14 -10.00 -15.78 0.23
C ILE B 14 -8.96 -15.84 1.34
N VAL B 15 -9.33 -15.31 2.48
CA VAL B 15 -8.45 -15.27 3.64
C VAL B 15 -8.93 -16.25 4.69
N LYS B 16 -8.19 -17.32 4.88
CA LYS B 16 -8.56 -18.35 5.85
C LYS B 16 -8.04 -18.00 7.24
N LYS B 17 -8.48 -18.79 8.22
CA LYS B 17 -8.12 -18.60 9.62
C LYS B 17 -8.32 -17.16 10.06
N VAL B 18 -9.55 -16.69 9.97
CA VAL B 18 -9.88 -15.33 10.36
C VAL B 18 -10.97 -15.35 11.41
N ARG B 19 -10.79 -14.58 12.46
CA ARG B 19 -11.75 -14.54 13.53
C ARG B 19 -12.47 -13.20 13.60
N GLN B 20 -13.65 -13.23 14.19
CA GLN B 20 -14.43 -12.04 14.39
C GLN B 20 -15.06 -12.11 15.78
N LYS B 21 -14.47 -11.35 16.70
CA LYS B 21 -14.94 -11.29 18.09
C LYS B 21 -15.27 -12.66 18.68
N LYS B 22 -14.23 -13.50 18.82
CA LYS B 22 -14.33 -14.84 19.40
C LYS B 22 -14.87 -15.89 18.43
N GLN B 23 -15.16 -15.51 17.20
CA GLN B 23 -15.67 -16.45 16.22
C GLN B 23 -14.57 -16.84 15.25
N ASP B 24 -14.23 -18.11 15.23
CA ASP B 24 -13.21 -18.62 14.31
C ASP B 24 -13.86 -18.92 12.98
N GLY B 25 -13.35 -18.32 11.92
CA GLY B 25 -13.92 -18.56 10.62
C GLY B 25 -12.99 -18.25 9.48
N ALA B 26 -13.54 -17.66 8.44
CA ALA B 26 -12.80 -17.34 7.24
C ALA B 26 -13.34 -16.08 6.58
N LEU B 27 -12.43 -15.30 6.05
CA LEU B 27 -12.75 -14.05 5.40
C LEU B 27 -12.71 -14.19 3.88
N TYR B 28 -13.79 -13.83 3.21
CA TYR B 28 -13.85 -13.91 1.75
C TYR B 28 -14.22 -12.55 1.16
N LEU B 29 -13.33 -11.98 0.36
CA LEU B 29 -13.59 -10.68 -0.25
C LEU B 29 -14.22 -10.85 -1.63
N MET B 30 -15.50 -10.54 -1.74
CA MET B 30 -16.19 -10.63 -3.03
C MET B 30 -16.01 -9.30 -3.76
N ALA B 31 -16.17 -9.34 -5.07
CA ALA B 31 -15.99 -8.15 -5.90
C ALA B 31 -16.85 -6.97 -5.44
N GLU B 32 -17.92 -7.25 -4.70
CA GLU B 32 -18.82 -6.19 -4.23
C GLU B 32 -18.75 -5.97 -2.72
N ARG B 33 -18.36 -7.00 -1.98
CA ARG B 33 -18.36 -6.89 -0.52
C ARG B 33 -17.35 -7.80 0.17
N ILE B 34 -16.95 -7.38 1.35
CA ILE B 34 -16.07 -8.17 2.19
C ILE B 34 -16.97 -8.98 3.11
N ALA B 35 -17.01 -10.27 2.91
CA ALA B 35 -17.88 -11.12 3.69
C ALA B 35 -17.10 -12.17 4.43
N TRP B 36 -17.26 -12.18 5.73
CA TRP B 36 -16.60 -13.13 6.57
C TRP B 36 -17.60 -14.19 7.01
N ALA B 37 -17.17 -15.45 7.01
CA ALA B 37 -18.02 -16.56 7.40
C ALA B 37 -17.37 -17.40 8.49
N PRO B 38 -18.17 -18.13 9.27
CA PRO B 38 -17.65 -18.99 10.32
C PRO B 38 -17.13 -20.28 9.70
N GLU B 39 -16.00 -20.77 10.17
CA GLU B 39 -15.40 -21.98 9.61
C GLU B 39 -16.40 -23.14 9.60
N GLY B 40 -16.44 -23.84 8.47
CA GLY B 40 -17.33 -24.96 8.31
C GLY B 40 -18.70 -24.53 7.81
N LYS B 41 -18.81 -23.28 7.37
CA LYS B 41 -20.07 -22.76 6.85
C LYS B 41 -19.86 -22.11 5.49
N ASP B 42 -20.83 -22.30 4.61
CA ASP B 42 -20.77 -21.72 3.27
C ASP B 42 -21.39 -20.34 3.26
N ARG B 43 -22.04 -20.00 4.36
CA ARG B 43 -22.73 -18.73 4.46
C ARG B 43 -22.00 -17.77 5.38
N PHE B 44 -21.70 -16.61 4.81
CA PHE B 44 -21.01 -15.56 5.52
C PHE B 44 -21.97 -14.86 6.48
N THR B 45 -21.61 -14.86 7.75
CA THR B 45 -22.45 -14.26 8.77
C THR B 45 -22.21 -12.75 8.87
N ILE B 46 -21.28 -12.29 8.05
CA ILE B 46 -20.93 -10.87 8.00
C ILE B 46 -20.65 -10.47 6.58
N SER B 47 -21.28 -9.41 6.13
CA SER B 47 -21.01 -8.96 4.79
C SER B 47 -21.14 -7.45 4.72
N HIS B 48 -20.07 -6.78 4.31
CA HIS B 48 -20.09 -5.33 4.19
C HIS B 48 -19.76 -4.91 2.77
N MET B 49 -20.62 -4.09 2.20
CA MET B 49 -20.38 -3.59 0.87
C MET B 49 -19.26 -2.57 0.99
N TYR B 50 -18.37 -2.51 0.03
CA TYR B 50 -17.27 -1.56 0.10
C TYR B 50 -17.80 -0.13 0.13
N ALA B 51 -19.04 0.03 -0.31
CA ALA B 51 -19.70 1.32 -0.32
C ALA B 51 -19.96 1.80 1.09
N ASP B 52 -20.20 0.87 2.00
CA ASP B 52 -20.54 1.20 3.38
C ASP B 52 -19.32 1.21 4.27
N ILE B 53 -18.17 0.90 3.70
CA ILE B 53 -16.96 0.92 4.47
C ILE B 53 -16.34 2.31 4.34
N LYS B 54 -16.30 3.04 5.43
CA LYS B 54 -15.77 4.40 5.42
C LYS B 54 -14.24 4.41 5.41
N CYS B 55 -13.63 3.41 6.02
CA CYS B 55 -12.18 3.33 6.09
C CYS B 55 -11.72 1.95 6.60
N GLN B 56 -10.52 1.52 6.22
CA GLN B 56 -10.02 0.23 6.67
C GLN B 56 -8.78 0.43 7.52
N LYS B 57 -8.81 -0.11 8.72
CA LYS B 57 -7.70 0.00 9.64
C LYS B 57 -7.14 -1.38 9.89
N ILE B 58 -5.88 -1.48 10.23
CA ILE B 58 -5.29 -2.79 10.39
C ILE B 58 -4.28 -2.91 11.51
N SER B 59 -4.18 -4.09 12.10
CA SER B 59 -3.21 -4.33 13.16
C SER B 59 -2.01 -5.06 12.56
N PRO B 60 -0.88 -4.34 12.42
CA PRO B 60 0.37 -4.85 11.85
C PRO B 60 1.27 -5.55 12.86
N GLU B 61 2.41 -6.05 12.37
CA GLU B 61 3.40 -6.72 13.21
C GLU B 61 3.72 -5.88 14.46
N GLY B 62 4.10 -6.57 15.52
CA GLY B 62 4.39 -5.92 16.78
C GLY B 62 3.47 -6.45 17.85
N LYS B 63 2.22 -6.63 17.47
CA LYS B 63 1.22 -7.21 18.36
C LYS B 63 1.01 -8.66 17.95
N ALA B 64 0.58 -9.47 18.89
CA ALA B 64 0.34 -10.87 18.62
C ALA B 64 -1.05 -11.05 18.02
N LYS B 65 -1.61 -9.95 17.59
CA LYS B 65 -2.92 -9.92 17.00
C LYS B 65 -2.93 -9.07 15.75
N ILE B 66 -3.09 -9.71 14.61
CA ILE B 66 -3.17 -9.01 13.36
C ILE B 66 -4.63 -8.88 13.00
N GLN B 67 -5.10 -7.67 12.80
CA GLN B 67 -6.52 -7.49 12.55
C GLN B 67 -6.81 -6.50 11.44
N LEU B 68 -8.02 -6.61 10.93
CA LEU B 68 -8.56 -5.72 9.93
C LEU B 68 -9.83 -5.14 10.51
N GLN B 69 -9.81 -3.85 10.80
CA GLN B 69 -10.97 -3.21 11.39
C GLN B 69 -11.64 -2.33 10.35
N LEU B 70 -12.85 -2.72 9.97
CA LEU B 70 -13.61 -1.97 8.98
C LEU B 70 -14.45 -0.90 9.64
N VAL B 71 -13.98 0.32 9.62
CA VAL B 71 -14.72 1.42 10.21
C VAL B 71 -15.69 1.96 9.20
N LEU B 72 -16.96 1.76 9.50
CA LEU B 72 -18.02 2.16 8.61
C LEU B 72 -18.39 3.63 8.80
N HIS B 73 -19.36 4.08 8.01
CA HIS B 73 -19.79 5.48 8.01
C HIS B 73 -20.29 5.98 9.36
N ALA B 74 -21.25 5.26 9.94
CA ALA B 74 -21.85 5.64 11.22
C ALA B 74 -20.85 5.66 12.35
N GLY B 75 -19.71 5.04 12.12
CA GLY B 75 -18.70 4.93 13.13
C GLY B 75 -18.59 3.49 13.54
N ASP B 76 -19.34 2.68 12.80
CA ASP B 76 -19.40 1.25 12.99
C ASP B 76 -18.06 0.66 12.68
N THR B 77 -17.87 -0.59 13.03
CA THR B 77 -16.61 -1.25 12.77
C THR B 77 -16.77 -2.76 12.74
N THR B 78 -15.79 -3.42 12.14
CA THR B 78 -15.77 -4.85 12.05
C THR B 78 -14.33 -5.33 12.30
N ASN B 79 -14.12 -6.04 13.39
CA ASN B 79 -12.78 -6.51 13.75
C ASN B 79 -12.52 -7.92 13.26
N PHE B 80 -11.73 -8.04 12.19
CA PHE B 80 -11.35 -9.33 11.65
C PHE B 80 -9.92 -9.65 12.01
N HIS B 81 -9.76 -10.60 12.91
CA HIS B 81 -8.45 -11.01 13.38
C HIS B 81 -7.88 -12.12 12.50
N PHE B 82 -6.74 -11.82 11.90
CA PHE B 82 -6.04 -12.75 11.03
C PHE B 82 -5.31 -13.75 11.91
N SER B 83 -5.97 -14.83 12.29
CA SER B 83 -5.40 -15.80 13.20
C SER B 83 -4.55 -16.87 12.49
N ASN B 84 -4.19 -16.62 11.25
CA ASN B 84 -3.36 -17.57 10.51
C ASN B 84 -1.92 -17.42 10.99
N GLU B 85 -1.50 -18.25 11.94
CA GLU B 85 -0.15 -18.17 12.51
C GLU B 85 0.94 -18.26 11.45
N SER B 86 0.59 -18.76 10.27
CA SER B 86 1.54 -18.90 9.19
C SER B 86 1.87 -17.53 8.56
N THR B 87 0.86 -16.86 8.03
CA THR B 87 1.06 -15.60 7.35
C THR B 87 0.10 -14.51 7.83
N ALA B 88 -0.34 -14.61 9.08
CA ALA B 88 -1.30 -13.67 9.69
C ALA B 88 -1.15 -12.23 9.21
N VAL B 89 0.07 -11.73 9.26
CA VAL B 89 0.33 -10.34 8.85
C VAL B 89 0.27 -10.20 7.33
N LYS B 90 0.77 -11.21 6.63
CA LYS B 90 0.77 -11.19 5.17
C LYS B 90 -0.66 -11.27 4.67
N GLU B 91 -1.50 -12.03 5.37
CA GLU B 91 -2.92 -12.12 5.04
C GLU B 91 -3.46 -10.70 5.05
N ARG B 92 -3.24 -10.06 6.19
CA ARG B 92 -3.66 -8.69 6.46
C ARG B 92 -3.37 -7.76 5.29
N ASP B 93 -2.11 -7.74 4.88
CA ASP B 93 -1.65 -6.87 3.80
C ASP B 93 -2.37 -7.13 2.48
N ALA B 94 -2.57 -8.39 2.12
CA ALA B 94 -3.26 -8.72 0.87
C ALA B 94 -4.70 -8.22 0.91
N VAL B 95 -5.39 -8.49 2.01
CA VAL B 95 -6.77 -8.05 2.20
C VAL B 95 -6.81 -6.52 2.13
N LYS B 96 -5.80 -5.91 2.74
CA LYS B 96 -5.61 -4.45 2.78
C LYS B 96 -5.49 -3.87 1.38
N ASP B 97 -4.53 -4.35 0.62
CA ASP B 97 -4.29 -3.86 -0.74
C ASP B 97 -5.48 -4.15 -1.63
N LEU B 98 -6.07 -5.30 -1.43
CA LEU B 98 -7.23 -5.74 -2.21
C LEU B 98 -8.46 -4.89 -1.90
N LEU B 99 -8.89 -4.89 -0.64
CA LEU B 99 -10.08 -4.13 -0.24
C LEU B 99 -9.92 -2.66 -0.54
N GLN B 100 -8.72 -2.16 -0.28
CA GLN B 100 -8.43 -0.77 -0.50
C GLN B 100 -8.65 -0.40 -1.96
N GLN B 101 -8.39 -1.35 -2.86
CA GLN B 101 -8.60 -1.12 -4.29
C GLN B 101 -10.07 -1.35 -4.65
N LEU B 102 -10.78 -2.02 -3.75
CA LEU B 102 -12.19 -2.31 -3.93
C LEU B 102 -13.06 -1.15 -3.45
N LEU B 103 -12.55 -0.42 -2.47
CA LEU B 103 -13.27 0.71 -1.88
C LEU B 103 -13.61 1.80 -2.86
N PRO B 104 -12.64 2.39 -3.60
CA PRO B 104 -12.92 3.50 -4.51
C PRO B 104 -14.01 3.14 -5.51
N LYS B 105 -14.10 1.85 -5.78
CA LYS B 105 -15.07 1.30 -6.70
C LYS B 105 -16.49 1.40 -6.13
N PHE B 106 -16.62 1.44 -4.80
CA PHE B 106 -17.94 1.49 -4.19
C PHE B 106 -18.14 2.67 -3.25
N LYS B 107 -17.04 3.23 -2.74
CA LYS B 107 -17.07 4.36 -1.80
C LYS B 107 -18.12 5.40 -2.19
N ARG B 108 -18.76 5.94 -1.17
CA ARG B 108 -19.81 6.93 -1.36
C ARG B 108 -19.32 8.20 -2.03
N LYS B 109 -19.62 8.34 -3.31
CA LYS B 109 -19.25 9.52 -4.08
C LYS B 109 -20.53 10.17 -4.60
N ALA B 110 -21.64 9.50 -4.28
CA ALA B 110 -22.99 9.91 -4.69
C ALA B 110 -23.91 8.71 -4.53
N ASN B 111 -23.27 7.57 -4.58
CA ASN B 111 -23.92 6.28 -4.43
C ASN B 111 -23.79 5.78 -3.00
N MET A 4 -13.56 -20.20 19.63
CA MET A 4 -13.93 -18.93 20.30
C MET A 4 -12.70 -18.30 20.93
N SER A 5 -12.39 -17.08 20.52
CA SER A 5 -11.24 -16.36 21.04
C SER A 5 -11.68 -14.98 21.53
N ASP A 6 -11.71 -14.78 22.84
CA ASP A 6 -12.13 -13.51 23.41
C ASP A 6 -11.06 -12.45 23.32
N ASN A 7 -10.07 -12.69 22.47
CA ASN A 7 -8.96 -11.76 22.30
C ASN A 7 -9.38 -10.57 21.46
N GLU A 8 -10.52 -10.71 20.79
CA GLU A 8 -11.08 -9.67 19.93
C GLU A 8 -11.24 -8.37 20.66
N ASP A 9 -11.78 -8.50 21.82
CA ASP A 9 -12.03 -7.37 22.70
C ASP A 9 -11.26 -7.53 23.99
N ASN A 10 -10.08 -8.12 23.88
CA ASN A 10 -9.23 -8.34 25.05
C ASN A 10 -7.97 -7.49 24.96
N PHE A 11 -7.97 -6.61 23.97
CA PHE A 11 -6.87 -5.71 23.77
C PHE A 11 -7.36 -4.30 24.03
N ASP A 12 -6.42 -3.36 24.03
CA ASP A 12 -6.73 -1.98 24.28
C ASP A 12 -5.56 -1.17 23.80
N GLY A 13 -5.64 -0.82 22.56
CA GLY A 13 -4.59 -0.03 21.96
C GLY A 13 -3.85 -0.73 20.84
N ASP A 14 -4.53 -1.65 20.15
CA ASP A 14 -3.91 -2.33 19.02
C ASP A 14 -3.15 -1.32 18.17
N ASP A 15 -1.95 -1.68 17.77
CA ASP A 15 -1.08 -0.81 16.98
C ASP A 15 -1.58 -0.65 15.55
N PHE A 16 -2.91 -0.57 15.41
CA PHE A 16 -3.55 -0.44 14.11
C PHE A 16 -2.85 0.57 13.21
N ASP A 17 -2.23 0.05 12.16
CA ASP A 17 -1.61 0.89 11.17
C ASP A 17 -2.72 1.32 10.25
N ASP A 18 -3.36 2.39 10.65
CA ASP A 18 -4.50 2.93 9.93
C ASP A 18 -4.15 3.11 8.49
N VAL A 19 -4.84 2.34 7.69
CA VAL A 19 -4.64 2.36 6.27
C VAL A 19 -5.88 2.88 5.56
N GLU A 20 -5.85 4.14 5.24
CA GLU A 20 -6.92 4.75 4.50
C GLU A 20 -6.54 4.59 3.04
N GLU A 21 -7.50 4.27 2.18
CA GLU A 21 -7.21 4.07 0.78
C GLU A 21 -6.58 5.32 0.15
N ASP A 22 -5.34 5.15 -0.24
CA ASP A 22 -4.54 6.20 -0.87
C ASP A 22 -3.22 5.61 -1.33
N GLU A 23 -3.11 5.38 -2.63
CA GLU A 23 -1.89 4.81 -3.19
C GLU A 23 -1.09 5.85 -3.96
N GLY A 24 0.22 5.67 -3.97
CA GLY A 24 1.09 6.61 -4.64
C GLY A 24 1.90 7.42 -3.66
N LEU A 25 1.44 7.45 -2.42
CA LEU A 25 2.13 8.18 -1.36
C LEU A 25 3.35 7.40 -0.89
N ASP A 26 4.52 7.86 -1.30
CA ASP A 26 5.77 7.22 -0.92
C ASP A 26 6.64 8.20 -0.15
N ASP A 27 7.60 7.68 0.62
CA ASP A 27 8.49 8.52 1.42
C ASP A 27 9.95 8.08 1.23
N LEU A 28 10.22 7.36 0.15
CA LEU A 28 11.58 6.90 -0.13
C LEU A 28 12.40 8.06 -0.70
N GLU A 29 11.73 8.88 -1.49
CA GLU A 29 12.33 10.06 -2.09
C GLU A 29 11.53 11.27 -1.65
N ASN A 30 12.02 11.96 -0.62
CA ASN A 30 11.30 13.12 -0.09
C ASN A 30 12.20 13.98 0.79
N ALA A 31 12.81 13.38 1.80
CA ALA A 31 13.67 14.12 2.72
C ALA A 31 14.92 13.33 3.08
N GLU A 32 15.88 13.33 2.18
CA GLU A 32 17.13 12.62 2.39
C GLU A 32 18.13 13.51 3.14
N GLU A 33 18.88 12.92 4.04
CA GLU A 33 19.86 13.66 4.82
C GLU A 33 21.16 13.81 4.02
N GLU A 34 21.22 14.86 3.22
CA GLU A 34 22.38 15.15 2.41
C GLU A 34 22.25 16.54 1.79
N GLY A 35 23.37 17.13 1.42
CA GLY A 35 23.36 18.45 0.83
C GLY A 35 24.68 18.79 0.17
N GLN A 36 25.16 20.00 0.40
CA GLN A 36 26.43 20.42 -0.18
C GLN A 36 27.32 21.04 0.88
N GLU A 37 27.94 20.18 1.69
CA GLU A 37 28.85 20.59 2.75
C GLU A 37 29.69 19.40 3.20
N ASN A 38 30.76 19.12 2.49
CA ASN A 38 31.62 18.02 2.88
C ASN A 38 32.28 18.38 4.20
N VAL A 39 31.86 17.72 5.26
CA VAL A 39 32.38 18.01 6.59
C VAL A 39 33.08 16.81 7.20
N GLU A 40 34.20 17.07 7.84
CA GLU A 40 34.99 16.04 8.51
C GLU A 40 34.54 15.87 9.95
N ILE A 41 34.37 14.63 10.37
CA ILE A 41 33.98 14.34 11.74
C ILE A 41 35.19 13.80 12.49
N LEU A 42 35.82 14.66 13.28
CA LEU A 42 37.01 14.28 14.02
C LEU A 42 36.74 14.28 15.52
N PRO A 43 37.43 13.42 16.28
CA PRO A 43 37.27 13.36 17.71
C PRO A 43 38.14 14.40 18.39
N SER A 44 37.51 15.28 19.15
CA SER A 44 38.22 16.35 19.85
C SER A 44 39.21 15.83 20.87
N GLY A 45 40.04 16.74 21.31
CA GLY A 45 41.10 16.44 22.25
C GLY A 45 42.43 16.87 21.67
N GLU A 46 42.45 16.99 20.36
CA GLU A 46 43.62 17.48 19.65
C GLU A 46 43.33 18.90 19.19
N ARG A 47 42.02 19.12 19.11
CA ARG A 47 41.37 20.35 18.70
C ARG A 47 42.19 21.26 17.80
N PRO A 48 42.18 21.01 16.50
CA PRO A 48 42.87 21.86 15.56
C PRO A 48 41.90 22.96 15.12
N GLN A 49 42.28 24.19 15.36
CA GLN A 49 41.43 25.30 14.98
C GLN A 49 42.25 26.43 14.39
N ALA A 50 41.60 27.24 13.58
CA ALA A 50 42.26 28.39 12.97
C ALA A 50 42.22 29.55 13.94
N ASN A 51 43.22 30.40 13.90
CA ASN A 51 43.25 31.53 14.81
C ASN A 51 42.71 32.79 14.14
N GLN A 52 41.67 32.59 13.37
CA GLN A 52 41.01 33.69 12.67
C GLN A 52 39.52 33.61 12.89
N LYS A 53 38.82 34.66 12.52
CA LYS A 53 37.38 34.71 12.67
C LYS A 53 36.73 33.75 11.67
N ARG A 54 36.12 32.68 12.17
CA ARG A 54 35.45 31.72 11.31
C ARG A 54 34.44 32.47 10.43
N ILE A 55 34.37 32.10 9.18
CA ILE A 55 33.49 32.78 8.25
C ILE A 55 32.14 32.10 8.14
N THR A 56 32.02 30.94 8.74
CA THR A 56 30.77 30.20 8.71
C THR A 56 29.90 30.52 9.94
N THR A 57 28.88 29.72 10.18
CA THR A 57 27.96 29.97 11.28
C THR A 57 28.07 28.91 12.38
N PRO A 58 28.07 29.36 13.63
CA PRO A 58 28.14 28.50 14.81
C PRO A 58 26.80 27.84 15.14
N TYR A 59 26.25 27.14 14.16
CA TYR A 59 24.97 26.47 14.30
C TYR A 59 25.08 25.11 13.68
N MET A 60 24.34 24.16 14.20
CA MET A 60 24.37 22.82 13.65
C MET A 60 22.98 22.38 13.24
N THR A 61 22.85 22.10 11.95
CA THR A 61 21.58 21.65 11.41
C THR A 61 21.49 20.13 11.52
N LYS A 62 20.56 19.52 10.80
CA LYS A 62 20.40 18.07 10.87
C LYS A 62 21.53 17.38 10.11
N TYR A 63 22.19 18.13 9.22
CA TYR A 63 23.29 17.61 8.42
C TYR A 63 24.45 17.13 9.30
N GLU A 64 25.03 18.06 10.01
CA GLU A 64 26.14 17.76 10.91
C GLU A 64 25.63 16.94 12.08
N ARG A 65 24.38 17.18 12.45
CA ARG A 65 23.72 16.48 13.53
C ARG A 65 23.78 14.97 13.30
N ALA A 66 23.24 14.55 12.16
CA ALA A 66 23.20 13.14 11.81
C ALA A 66 24.59 12.60 11.51
N ARG A 67 25.42 13.41 10.88
CA ARG A 67 26.78 13.00 10.54
C ARG A 67 27.60 12.67 11.79
N VAL A 68 27.58 13.57 12.76
CA VAL A 68 28.32 13.39 14.00
C VAL A 68 27.76 12.21 14.79
N LEU A 69 26.44 12.12 14.85
CA LEU A 69 25.79 11.06 15.61
C LEU A 69 25.96 9.71 14.95
N GLY A 70 25.99 9.69 13.63
CA GLY A 70 26.20 8.44 12.93
C GLY A 70 27.58 7.89 13.24
N THR A 71 28.53 8.80 13.41
CA THR A 71 29.89 8.44 13.73
C THR A 71 30.01 8.08 15.22
N ARG A 72 29.29 8.82 16.07
CA ARG A 72 29.32 8.58 17.50
C ARG A 72 28.60 7.28 17.84
N ALA A 73 27.57 6.93 17.09
CA ALA A 73 26.86 5.68 17.32
C ALA A 73 27.83 4.54 17.14
N LEU A 74 28.71 4.67 16.16
CA LEU A 74 29.73 3.67 15.92
C LEU A 74 30.70 3.63 17.09
N GLN A 75 30.95 4.79 17.70
CA GLN A 75 31.84 4.88 18.84
C GLN A 75 31.21 4.25 20.07
N ILE A 76 29.98 4.63 20.39
CA ILE A 76 29.27 4.08 21.54
C ILE A 76 29.01 2.60 21.36
N ALA A 77 28.77 2.23 20.11
CA ALA A 77 28.53 0.83 19.76
C ALA A 77 29.79 0.00 20.04
N MET A 78 30.90 0.70 20.23
CA MET A 78 32.18 0.07 20.55
C MET A 78 32.40 0.12 22.06
N CYS A 79 31.33 0.46 22.79
CA CYS A 79 31.32 0.54 24.25
C CYS A 79 31.84 1.89 24.75
N ALA A 80 31.55 2.95 24.01
CA ALA A 80 31.96 4.29 24.42
C ALA A 80 31.09 4.78 25.58
N PRO A 81 31.70 5.48 26.55
CA PRO A 81 30.97 6.00 27.72
C PRO A 81 29.87 6.99 27.33
N VAL A 82 28.83 7.06 28.16
CA VAL A 82 27.71 7.95 27.93
C VAL A 82 27.79 9.15 28.86
N MET A 83 27.70 10.35 28.29
CA MET A 83 27.80 11.59 29.07
C MET A 83 26.43 12.14 29.43
N VAL A 84 25.37 11.49 28.96
CA VAL A 84 24.02 11.94 29.24
C VAL A 84 23.33 11.00 30.19
N GLU A 85 22.26 11.52 30.74
CA GLU A 85 21.42 10.83 31.67
C GLU A 85 20.63 9.76 30.93
N LEU A 86 20.36 8.64 31.59
CA LEU A 86 19.65 7.56 30.94
C LEU A 86 18.25 7.37 31.53
N GLU A 87 17.25 7.64 30.71
CA GLU A 87 15.86 7.48 31.09
C GLU A 87 15.26 6.34 30.30
N GLY A 88 16.12 5.38 29.94
CA GLY A 88 15.70 4.24 29.18
C GLY A 88 16.49 4.07 27.89
N GLU A 89 17.21 5.11 27.50
CA GLU A 89 18.02 5.06 26.28
C GLU A 89 19.12 4.01 26.42
N THR A 90 18.95 2.90 25.74
CA THR A 90 19.93 1.82 25.79
C THR A 90 20.60 1.64 24.43
N ASP A 91 20.19 2.45 23.47
CA ASP A 91 20.73 2.38 22.12
C ASP A 91 21.70 3.55 21.89
N PRO A 92 22.85 3.26 21.25
CA PRO A 92 23.89 4.26 20.96
C PRO A 92 23.36 5.49 20.23
N LEU A 93 22.36 5.31 19.36
CA LEU A 93 21.81 6.42 18.60
C LEU A 93 21.05 7.38 19.52
N LEU A 94 20.23 6.81 20.41
CA LEU A 94 19.46 7.62 21.36
C LEU A 94 20.38 8.45 22.23
N ILE A 95 21.40 7.79 22.77
CA ILE A 95 22.37 8.44 23.62
C ILE A 95 23.12 9.53 22.85
N ALA A 96 23.54 9.19 21.63
CA ALA A 96 24.25 10.15 20.79
C ALA A 96 23.39 11.38 20.53
N MET A 97 22.12 11.15 20.23
CA MET A 97 21.18 12.25 19.96
C MET A 97 21.03 13.14 21.19
N LYS A 98 20.93 12.50 22.33
CA LYS A 98 20.79 13.18 23.61
C LYS A 98 22.03 14.03 23.89
N GLU A 99 23.19 13.40 23.79
CA GLU A 99 24.47 14.07 24.03
C GLU A 99 24.70 15.21 23.05
N LEU A 100 24.33 15.01 21.80
CA LEU A 100 24.54 16.02 20.77
C LEU A 100 23.78 17.32 21.06
N LYS A 101 22.48 17.22 21.32
CA LYS A 101 21.70 18.42 21.57
C LYS A 101 22.03 19.00 22.95
N ALA A 102 22.72 18.22 23.76
CA ALA A 102 23.13 18.68 25.08
C ALA A 102 24.58 19.17 25.05
N ARG A 103 25.19 19.07 23.86
CA ARG A 103 26.59 19.47 23.64
C ARG A 103 27.53 18.73 24.56
N LYS A 104 27.21 17.48 24.80
CA LYS A 104 28.00 16.61 25.65
C LYS A 104 28.92 15.74 24.81
N ILE A 105 28.82 15.88 23.50
CA ILE A 105 29.63 15.11 22.57
C ILE A 105 30.90 15.84 22.18
N PRO A 106 32.06 15.29 22.52
CA PRO A 106 33.34 15.88 22.17
C PRO A 106 33.77 15.47 20.76
N ILE A 107 33.53 16.34 19.79
CA ILE A 107 33.88 16.08 18.41
C ILE A 107 34.01 17.40 17.62
N ILE A 108 34.99 17.44 16.72
CA ILE A 108 35.20 18.61 15.88
C ILE A 108 34.67 18.37 14.46
N ILE A 109 33.89 19.31 13.97
CA ILE A 109 33.30 19.23 12.63
C ILE A 109 33.99 20.21 11.69
N ARG A 110 34.79 19.69 10.76
CA ARG A 110 35.48 20.54 9.81
C ARG A 110 34.68 20.67 8.52
N ARG A 111 34.14 21.85 8.28
CA ARG A 111 33.35 22.10 7.07
C ARG A 111 34.28 22.42 5.91
N TYR A 112 33.84 22.10 4.70
CA TYR A 112 34.62 22.39 3.49
C TYR A 112 33.78 23.17 2.51
N LEU A 113 34.33 24.23 1.96
CA LEU A 113 33.60 25.04 1.00
C LEU A 113 33.98 24.64 -0.42
N PRO A 114 33.11 24.92 -1.41
CA PRO A 114 33.35 24.57 -2.82
C PRO A 114 34.60 25.22 -3.43
N ASP A 115 35.17 26.19 -2.72
CA ASP A 115 36.36 26.88 -3.19
C ASP A 115 37.61 26.12 -2.77
N GLY A 116 37.44 25.17 -1.85
CA GLY A 116 38.56 24.37 -1.39
C GLY A 116 38.99 24.74 0.02
N SER A 117 38.30 25.69 0.63
CA SER A 117 38.62 26.09 1.98
C SER A 117 37.98 25.17 3.01
N TYR A 118 38.43 25.25 4.25
CA TYR A 118 37.89 24.42 5.31
C TYR A 118 37.96 25.14 6.64
N GLU A 119 36.93 24.96 7.45
CA GLU A 119 36.86 25.59 8.76
C GLU A 119 36.47 24.56 9.81
N ASP A 120 37.23 24.51 10.89
CA ASP A 120 36.98 23.55 11.95
C ASP A 120 35.93 24.12 12.89
N TRP A 121 35.07 23.26 13.41
CA TRP A 121 34.01 23.71 14.30
C TRP A 121 33.71 22.66 15.38
N GLY A 122 33.92 23.03 16.63
CA GLY A 122 33.63 22.10 17.71
C GLY A 122 32.15 22.07 18.02
N VAL A 123 31.66 20.97 18.60
CA VAL A 123 30.24 20.86 18.94
C VAL A 123 29.88 21.94 19.94
N ASP A 124 30.88 22.29 20.74
CA ASP A 124 30.74 23.32 21.75
C ASP A 124 30.52 24.69 21.12
N GLU A 125 31.07 24.88 19.92
CA GLU A 125 30.94 26.13 19.20
C GLU A 125 29.69 26.15 18.34
N LEU A 126 28.98 25.03 18.29
CA LEU A 126 27.78 24.93 17.47
C LEU A 126 26.51 24.80 18.28
N ILE A 127 25.50 25.55 17.88
CA ILE A 127 24.20 25.49 18.51
C ILE A 127 23.34 24.51 17.71
N ILE A 128 23.17 23.32 18.25
CA ILE A 128 22.41 22.29 17.57
C ILE A 128 20.92 22.45 17.76
N THR A 129 20.25 22.95 16.74
CA THR A 129 18.82 23.06 16.80
C THR A 129 18.25 21.70 16.45
N ASP A 130 17.94 20.97 17.49
CA ASP A 130 17.45 19.62 17.32
C ASP A 130 16.00 19.49 17.71
N MET B 4 -23.07 -15.97 -15.44
CA MET B 4 -23.65 -17.14 -16.14
C MET B 4 -24.84 -17.65 -15.35
N ALA B 5 -25.35 -18.83 -15.70
CA ALA B 5 -26.48 -19.42 -14.99
C ALA B 5 -26.17 -19.56 -13.51
N THR B 6 -25.02 -20.15 -13.23
CA THR B 6 -24.56 -20.31 -11.86
C THR B 6 -23.35 -19.42 -11.62
N SER B 7 -23.56 -18.32 -10.92
CA SER B 7 -22.49 -17.39 -10.63
C SER B 7 -22.75 -16.68 -9.30
N SER B 8 -22.02 -17.10 -8.28
CA SER B 8 -22.14 -16.52 -6.96
C SER B 8 -21.24 -15.28 -6.85
N GLU B 9 -21.05 -14.81 -5.62
CA GLU B 9 -20.20 -13.65 -5.36
C GLU B 9 -18.79 -13.88 -5.91
N GLU B 10 -18.23 -12.86 -6.54
CA GLU B 10 -16.90 -12.96 -7.10
C GLU B 10 -15.85 -12.90 -5.99
N VAL B 11 -15.44 -14.06 -5.52
CA VAL B 11 -14.44 -14.13 -4.46
C VAL B 11 -13.05 -13.87 -5.03
N LEU B 12 -12.51 -12.70 -4.72
CA LEU B 12 -11.21 -12.30 -5.20
C LEU B 12 -10.11 -12.74 -4.24
N LEU B 13 -10.40 -12.66 -2.94
CA LEU B 13 -9.42 -13.02 -1.92
C LEU B 13 -10.03 -13.93 -0.87
N ILE B 14 -9.40 -15.06 -0.62
CA ILE B 14 -9.87 -15.97 0.42
C ILE B 14 -8.86 -16.01 1.55
N VAL B 15 -9.27 -15.49 2.69
CA VAL B 15 -8.43 -15.44 3.85
C VAL B 15 -8.97 -16.39 4.92
N LYS B 16 -8.26 -17.49 5.15
CA LYS B 16 -8.70 -18.48 6.13
C LYS B 16 -8.17 -18.12 7.51
N LYS B 17 -8.64 -18.84 8.52
CA LYS B 17 -8.26 -18.61 9.90
C LYS B 17 -8.44 -17.14 10.29
N VAL B 18 -9.67 -16.68 10.18
CA VAL B 18 -9.99 -15.29 10.51
C VAL B 18 -11.07 -15.27 11.57
N ARG B 19 -10.95 -14.40 12.54
CA ARG B 19 -11.92 -14.33 13.61
C ARG B 19 -12.60 -12.98 13.71
N GLN B 20 -13.88 -13.01 14.03
CA GLN B 20 -14.65 -11.80 14.18
C GLN B 20 -15.48 -11.88 15.44
N LYS B 21 -15.17 -11.00 16.38
CA LYS B 21 -15.87 -10.92 17.66
C LYS B 21 -16.03 -12.28 18.35
N LYS B 22 -14.90 -12.88 18.71
CA LYS B 22 -14.86 -14.15 19.43
C LYS B 22 -15.33 -15.32 18.58
N GLN B 23 -15.43 -15.12 17.29
CA GLN B 23 -15.89 -16.17 16.39
C GLN B 23 -14.80 -16.57 15.40
N ASP B 24 -14.40 -17.82 15.46
CA ASP B 24 -13.37 -18.36 14.57
C ASP B 24 -14.00 -18.70 13.23
N GLY B 25 -13.43 -18.18 12.15
CA GLY B 25 -13.98 -18.45 10.85
C GLY B 25 -13.04 -18.20 9.71
N ALA B 26 -13.60 -17.71 8.61
CA ALA B 26 -12.86 -17.44 7.40
C ALA B 26 -13.39 -16.22 6.67
N LEU B 27 -12.47 -15.47 6.10
CA LEU B 27 -12.78 -14.25 5.40
C LEU B 27 -12.73 -14.46 3.88
N TYR B 28 -13.74 -13.96 3.18
CA TYR B 28 -13.80 -14.06 1.73
C TYR B 28 -14.17 -12.69 1.13
N LEU B 29 -13.25 -12.11 0.38
CA LEU B 29 -13.49 -10.80 -0.23
C LEU B 29 -14.12 -10.96 -1.61
N MET B 30 -15.31 -10.43 -1.77
CA MET B 30 -15.99 -10.48 -3.05
C MET B 30 -15.84 -9.15 -3.75
N ALA B 31 -15.95 -9.15 -5.06
CA ALA B 31 -15.80 -7.95 -5.86
C ALA B 31 -16.71 -6.82 -5.38
N GLU B 32 -17.80 -7.15 -4.71
CA GLU B 32 -18.74 -6.14 -4.23
C GLU B 32 -18.71 -5.96 -2.71
N ARG B 33 -18.32 -7.01 -1.98
CA ARG B 33 -18.36 -6.92 -0.52
C ARG B 33 -17.35 -7.83 0.16
N ILE B 34 -16.94 -7.43 1.35
CA ILE B 34 -16.05 -8.23 2.17
C ILE B 34 -16.93 -9.07 3.08
N ALA B 35 -16.92 -10.36 2.85
CA ALA B 35 -17.75 -11.25 3.63
C ALA B 35 -16.90 -12.17 4.48
N TRP B 36 -17.43 -12.52 5.62
CA TRP B 36 -16.74 -13.40 6.53
C TRP B 36 -17.71 -14.46 7.04
N ALA B 37 -17.23 -15.69 7.15
CA ALA B 37 -18.06 -16.80 7.60
C ALA B 37 -17.38 -17.54 8.74
N PRO B 38 -18.14 -18.32 9.53
CA PRO B 38 -17.58 -19.09 10.64
C PRO B 38 -16.97 -20.38 10.12
N GLU B 39 -15.78 -20.73 10.61
CA GLU B 39 -15.07 -21.92 10.14
C GLU B 39 -15.96 -23.16 10.21
N GLY B 40 -15.88 -23.96 9.18
CA GLY B 40 -16.70 -25.16 9.09
C GLY B 40 -17.97 -24.87 8.33
N LYS B 41 -18.24 -23.58 8.12
CA LYS B 41 -19.42 -23.14 7.40
C LYS B 41 -19.01 -22.16 6.32
N ASP B 42 -19.27 -22.50 5.07
CA ASP B 42 -18.94 -21.65 3.95
C ASP B 42 -20.05 -20.63 3.72
N ARG B 43 -20.85 -20.40 4.75
CA ARG B 43 -21.95 -19.46 4.66
C ARG B 43 -21.57 -18.21 5.43
N PHE B 44 -21.39 -17.13 4.69
CA PHE B 44 -20.99 -15.84 5.25
C PHE B 44 -22.00 -15.33 6.26
N THR B 45 -21.53 -15.06 7.46
CA THR B 45 -22.37 -14.55 8.52
C THR B 45 -22.25 -13.05 8.60
N ILE B 46 -21.31 -12.53 7.82
CA ILE B 46 -21.05 -11.10 7.75
C ILE B 46 -20.77 -10.70 6.33
N SER B 47 -21.35 -9.63 5.89
CA SER B 47 -21.10 -9.16 4.56
C SER B 47 -21.21 -7.64 4.51
N HIS B 48 -20.08 -6.97 4.32
CA HIS B 48 -20.07 -5.52 4.26
C HIS B 48 -19.79 -5.05 2.86
N MET B 49 -20.67 -4.22 2.33
CA MET B 49 -20.46 -3.68 1.00
C MET B 49 -19.38 -2.64 1.13
N TYR B 50 -18.50 -2.54 0.16
CA TYR B 50 -17.43 -1.54 0.25
C TYR B 50 -18.02 -0.14 0.28
N ALA B 51 -19.28 -0.05 -0.14
CA ALA B 51 -19.99 1.21 -0.16
C ALA B 51 -20.35 1.67 1.24
N ASP B 52 -20.24 0.76 2.22
CA ASP B 52 -20.58 1.11 3.59
C ASP B 52 -19.36 1.08 4.49
N ILE B 53 -18.21 0.81 3.91
CA ILE B 53 -16.99 0.80 4.68
C ILE B 53 -16.26 2.10 4.39
N LYS B 54 -16.14 2.97 5.38
CA LYS B 54 -15.48 4.25 5.16
C LYS B 54 -13.97 4.11 5.18
N CYS B 55 -13.46 3.05 5.79
CA CYS B 55 -12.03 2.84 5.87
C CYS B 55 -11.68 1.51 6.49
N GLN B 56 -10.41 1.12 6.35
CA GLN B 56 -9.94 -0.13 6.92
C GLN B 56 -8.68 0.14 7.75
N LYS B 57 -8.70 -0.27 9.00
CA LYS B 57 -7.55 -0.11 9.88
C LYS B 57 -6.98 -1.48 10.08
N ILE B 58 -5.71 -1.59 10.41
CA ILE B 58 -5.13 -2.90 10.54
C ILE B 58 -4.11 -3.06 11.63
N SER B 59 -3.99 -4.26 12.17
CA SER B 59 -3.00 -4.54 13.20
C SER B 59 -1.84 -5.30 12.60
N PRO B 60 -0.69 -4.62 12.45
CA PRO B 60 0.54 -5.15 11.87
C PRO B 60 1.42 -5.87 12.88
N GLU B 61 2.57 -6.38 12.42
CA GLU B 61 3.52 -7.07 13.27
C GLU B 61 3.81 -6.26 14.54
N GLY B 62 4.19 -6.95 15.60
CA GLY B 62 4.45 -6.29 16.87
C GLY B 62 3.52 -6.83 17.93
N LYS B 63 2.29 -7.06 17.52
CA LYS B 63 1.29 -7.63 18.40
C LYS B 63 1.04 -9.06 17.95
N ALA B 64 0.56 -9.89 18.86
CA ALA B 64 0.26 -11.27 18.55
C ALA B 64 -1.12 -11.40 17.95
N LYS B 65 -1.65 -10.26 17.56
CA LYS B 65 -2.97 -10.18 16.97
C LYS B 65 -2.94 -9.30 15.73
N ILE B 66 -3.12 -9.92 14.59
CA ILE B 66 -3.17 -9.19 13.34
C ILE B 66 -4.63 -8.97 13.02
N GLN B 67 -5.05 -7.73 12.88
CA GLN B 67 -6.46 -7.48 12.65
C GLN B 67 -6.75 -6.53 11.53
N LEU B 68 -7.98 -6.61 11.07
CA LEU B 68 -8.53 -5.73 10.06
C LEU B 68 -9.77 -5.11 10.68
N GLN B 69 -9.71 -3.81 10.92
CA GLN B 69 -10.80 -3.10 11.54
C GLN B 69 -11.52 -2.27 10.49
N LEU B 70 -12.71 -2.70 10.13
CA LEU B 70 -13.51 -2.02 9.13
C LEU B 70 -14.37 -0.95 9.76
N VAL B 71 -13.92 0.29 9.69
CA VAL B 71 -14.70 1.37 10.25
C VAL B 71 -15.66 1.87 9.21
N LEU B 72 -16.93 1.69 9.51
CA LEU B 72 -18.00 2.06 8.62
C LEU B 72 -18.33 3.55 8.78
N HIS B 73 -19.27 4.04 7.97
CA HIS B 73 -19.62 5.47 7.99
C HIS B 73 -20.32 5.90 9.27
N ALA B 74 -21.13 5.02 9.83
CA ALA B 74 -21.88 5.33 11.05
C ALA B 74 -21.01 5.24 12.29
N GLY B 75 -19.72 5.02 12.09
CA GLY B 75 -18.81 4.87 13.21
C GLY B 75 -18.71 3.42 13.61
N ASP B 76 -19.38 2.58 12.83
CA ASP B 76 -19.41 1.15 13.05
C ASP B 76 -18.05 0.57 12.74
N THR B 77 -17.88 -0.70 13.04
CA THR B 77 -16.63 -1.37 12.79
C THR B 77 -16.80 -2.88 12.72
N THR B 78 -15.81 -3.55 12.14
CA THR B 78 -15.82 -4.99 12.02
C THR B 78 -14.40 -5.52 12.24
N ASN B 79 -14.19 -6.21 13.36
CA ASN B 79 -12.86 -6.73 13.69
C ASN B 79 -12.59 -8.10 13.08
N PHE B 80 -11.74 -8.14 12.07
CA PHE B 80 -11.36 -9.40 11.44
C PHE B 80 -9.93 -9.71 11.79
N HIS B 81 -9.77 -10.60 12.74
CA HIS B 81 -8.45 -11.01 13.21
C HIS B 81 -7.89 -12.12 12.34
N PHE B 82 -6.74 -11.84 11.76
CA PHE B 82 -6.04 -12.80 10.91
C PHE B 82 -5.26 -13.71 11.84
N SER B 83 -5.76 -14.90 12.09
CA SER B 83 -5.12 -15.80 13.03
C SER B 83 -4.44 -16.99 12.37
N ASN B 84 -3.93 -16.79 11.16
CA ASN B 84 -3.21 -17.85 10.47
C ASN B 84 -1.74 -17.71 10.80
N GLU B 85 -1.26 -18.52 11.74
CA GLU B 85 0.14 -18.47 12.20
C GLU B 85 1.16 -18.50 11.06
N SER B 86 0.75 -18.92 9.87
CA SER B 86 1.64 -18.99 8.75
C SER B 86 1.85 -17.62 8.08
N THR B 87 0.78 -17.00 7.62
CA THR B 87 0.88 -15.71 6.94
C THR B 87 -0.10 -14.66 7.47
N ALA B 88 -0.51 -14.80 8.73
CA ALA B 88 -1.48 -13.88 9.36
C ALA B 88 -1.29 -12.42 8.97
N VAL B 89 -0.07 -11.93 9.07
CA VAL B 89 0.20 -10.53 8.74
C VAL B 89 0.17 -10.30 7.23
N LYS B 90 0.72 -11.24 6.48
CA LYS B 90 0.77 -11.12 5.04
C LYS B 90 -0.64 -11.19 4.47
N GLU B 91 -1.50 -11.95 5.13
CA GLU B 91 -2.90 -12.03 4.73
C GLU B 91 -3.47 -10.64 4.86
N ARG B 92 -3.30 -10.08 6.06
CA ARG B 92 -3.75 -8.74 6.41
C ARG B 92 -3.46 -7.74 5.30
N ASP B 93 -2.22 -7.75 4.86
CA ASP B 93 -1.75 -6.82 3.82
C ASP B 93 -2.49 -7.01 2.50
N ALA B 94 -2.61 -8.24 2.02
CA ALA B 94 -3.30 -8.50 0.76
C ALA B 94 -4.77 -8.08 0.86
N VAL B 95 -5.42 -8.43 1.97
CA VAL B 95 -6.80 -8.06 2.21
C VAL B 95 -6.90 -6.53 2.19
N LYS B 96 -5.92 -5.90 2.83
CA LYS B 96 -5.78 -4.44 2.92
C LYS B 96 -5.67 -3.81 1.55
N ASP B 97 -4.62 -4.16 0.81
CA ASP B 97 -4.37 -3.60 -0.50
C ASP B 97 -5.55 -3.82 -1.43
N LEU B 98 -6.08 -5.03 -1.42
CA LEU B 98 -7.20 -5.38 -2.28
C LEU B 98 -8.48 -4.64 -1.88
N LEU B 99 -8.89 -4.77 -0.61
CA LEU B 99 -10.12 -4.12 -0.13
C LEU B 99 -10.08 -2.62 -0.34
N GLN B 100 -8.93 -2.05 -0.03
CA GLN B 100 -8.73 -0.62 -0.15
C GLN B 100 -8.90 -0.19 -1.61
N GLN B 101 -8.61 -1.11 -2.54
CA GLN B 101 -8.78 -0.83 -3.96
C GLN B 101 -10.22 -1.12 -4.37
N LEU B 102 -10.92 -1.84 -3.50
CA LEU B 102 -12.31 -2.20 -3.73
C LEU B 102 -13.25 -1.10 -3.26
N LEU B 103 -12.83 -0.39 -2.21
CA LEU B 103 -13.63 0.69 -1.63
C LEU B 103 -13.95 1.81 -2.62
N PRO B 104 -12.96 2.37 -3.35
CA PRO B 104 -13.22 3.47 -4.27
C PRO B 104 -14.18 3.06 -5.37
N LYS B 105 -14.25 1.75 -5.60
CA LYS B 105 -15.13 1.19 -6.60
C LYS B 105 -16.58 1.28 -6.14
N PHE B 106 -16.77 1.40 -4.82
CA PHE B 106 -18.11 1.50 -4.25
C PHE B 106 -18.23 2.71 -3.35
N LYS B 107 -17.34 3.70 -3.52
CA LYS B 107 -17.37 4.88 -2.68
C LYS B 107 -18.70 5.61 -2.82
N ARG B 108 -19.48 5.60 -1.75
CA ARG B 108 -20.77 6.24 -1.75
C ARG B 108 -20.71 7.58 -1.03
N LYS B 109 -20.59 8.64 -1.81
CA LYS B 109 -20.52 9.99 -1.25
C LYS B 109 -21.91 10.61 -1.19
N ALA B 110 -22.47 10.67 0.01
CA ALA B 110 -23.80 11.24 0.21
C ALA B 110 -23.68 12.67 0.73
N ASN B 111 -22.61 13.33 0.31
CA ASN B 111 -22.33 14.70 0.71
C ASN B 111 -21.32 15.29 -0.27
N MET A 4 -13.64 -16.24 27.64
CA MET A 4 -12.97 -17.29 26.85
C MET A 4 -11.93 -16.66 25.93
N SER A 5 -11.96 -17.00 24.65
CA SER A 5 -11.03 -16.42 23.70
C SER A 5 -11.51 -15.01 23.34
N ASP A 6 -11.39 -14.12 24.29
CA ASP A 6 -11.84 -12.74 24.14
C ASP A 6 -10.69 -11.79 23.83
N ASN A 7 -9.65 -12.30 23.20
CA ASN A 7 -8.47 -11.48 22.89
C ASN A 7 -8.83 -10.38 21.90
N GLU A 8 -9.84 -10.64 21.09
CA GLU A 8 -10.29 -9.68 20.09
C GLU A 8 -11.03 -8.52 20.74
N ASP A 9 -11.24 -8.67 22.02
CA ASP A 9 -11.93 -7.67 22.83
C ASP A 9 -11.21 -7.52 24.16
N ASN A 10 -9.94 -7.90 24.18
CA ASN A 10 -9.13 -7.83 25.38
C ASN A 10 -7.98 -6.87 25.18
N PHE A 11 -8.02 -6.17 24.07
CA PHE A 11 -6.99 -5.22 23.74
C PHE A 11 -7.54 -3.81 23.92
N ASP A 12 -6.64 -2.86 23.93
CA ASP A 12 -6.98 -1.46 24.07
C ASP A 12 -5.81 -0.69 23.56
N GLY A 13 -5.87 -0.44 22.29
CA GLY A 13 -4.82 0.29 21.65
C GLY A 13 -4.08 -0.50 20.60
N ASP A 14 -4.76 -1.47 19.98
CA ASP A 14 -4.14 -2.26 18.92
C ASP A 14 -3.38 -1.32 17.99
N ASP A 15 -2.17 -1.71 17.65
CA ASP A 15 -1.27 -0.90 16.81
C ASP A 15 -1.75 -0.82 15.37
N PHE A 16 -3.07 -0.71 15.19
CA PHE A 16 -3.69 -0.65 13.86
C PHE A 16 -2.94 0.28 12.93
N ASP A 17 -2.31 -0.33 11.95
CA ASP A 17 -1.61 0.37 10.91
C ASP A 17 -2.69 0.85 9.96
N ASP A 18 -3.19 2.02 10.27
CA ASP A 18 -4.25 2.64 9.50
C ASP A 18 -3.88 2.70 8.06
N VAL A 19 -4.62 1.96 7.29
CA VAL A 19 -4.40 1.91 5.88
C VAL A 19 -5.57 2.51 5.15
N GLU A 20 -5.43 3.75 4.76
CA GLU A 20 -6.46 4.37 4.01
C GLU A 20 -6.08 4.27 2.54
N GLU A 21 -7.05 4.00 1.69
CA GLU A 21 -6.80 3.85 0.27
C GLU A 21 -6.21 5.12 -0.33
N ASP A 22 -5.16 4.94 -1.11
CA ASP A 22 -4.48 6.03 -1.79
C ASP A 22 -4.27 5.64 -3.24
N GLU A 23 -5.30 5.86 -4.05
CA GLU A 23 -5.24 5.53 -5.45
C GLU A 23 -5.05 6.79 -6.29
N GLY A 24 -4.68 6.60 -7.55
CA GLY A 24 -4.45 7.72 -8.44
C GLY A 24 -3.03 8.23 -8.34
N LEU A 25 -2.21 7.51 -7.58
CA LEU A 25 -0.82 7.88 -7.39
C LEU A 25 0.02 7.41 -8.57
N ASP A 26 0.37 8.33 -9.45
CA ASP A 26 1.17 8.01 -10.63
C ASP A 26 2.66 8.15 -10.33
N ASP A 27 3.49 7.67 -11.23
CA ASP A 27 4.94 7.72 -11.06
C ASP A 27 5.55 8.90 -11.84
N LEU A 28 4.90 9.26 -12.94
CA LEU A 28 5.38 10.35 -13.78
C LEU A 28 4.55 11.61 -13.54
N GLU A 29 3.24 11.44 -13.40
CA GLU A 29 2.35 12.56 -13.18
C GLU A 29 2.26 12.92 -11.70
N ASN A 30 2.17 14.21 -11.41
CA ASN A 30 2.09 14.70 -10.04
C ASN A 30 0.91 15.65 -9.89
N ALA A 31 0.21 15.91 -11.01
CA ALA A 31 -0.94 16.80 -11.03
C ALA A 31 -0.52 18.23 -10.70
N GLU A 32 0.48 18.72 -11.43
CA GLU A 32 1.00 20.07 -11.23
C GLU A 32 -0.07 21.12 -11.52
N GLU A 33 -0.06 22.18 -10.74
CA GLU A 33 -1.03 23.26 -10.89
C GLU A 33 -0.64 24.20 -12.03
N GLU A 34 -0.73 23.70 -13.25
CA GLU A 34 -0.41 24.48 -14.43
C GLU A 34 -1.29 24.07 -15.61
N GLY A 35 -0.87 24.41 -16.82
CA GLY A 35 -1.66 24.09 -18.00
C GLY A 35 -1.34 22.72 -18.57
N GLN A 36 -1.40 21.70 -17.73
CA GLN A 36 -1.14 20.34 -18.17
C GLN A 36 -2.42 19.68 -18.66
N GLU A 37 -2.81 20.03 -19.89
CA GLU A 37 -4.01 19.47 -20.48
C GLU A 37 -3.77 18.02 -20.93
N ASN A 38 -4.69 17.13 -20.58
CA ASN A 38 -4.57 15.74 -20.96
C ASN A 38 -4.89 15.58 -22.45
N VAL A 39 -4.04 14.86 -23.16
CA VAL A 39 -4.21 14.68 -24.61
C VAL A 39 -3.79 13.28 -25.06
N GLU A 40 -4.18 12.93 -26.27
CA GLU A 40 -3.83 11.64 -26.85
C GLU A 40 -3.20 11.86 -28.23
N ILE A 41 -2.34 10.94 -28.63
CA ILE A 41 -1.68 11.06 -29.92
C ILE A 41 -2.36 10.19 -30.97
N LEU A 42 -2.73 10.81 -32.08
CA LEU A 42 -3.39 10.13 -33.17
C LEU A 42 -2.52 10.18 -34.42
N PRO A 43 -2.50 9.11 -35.22
CA PRO A 43 -1.71 9.05 -36.44
C PRO A 43 -2.31 9.92 -37.54
N SER A 44 -1.52 10.87 -38.01
CA SER A 44 -1.91 11.78 -39.07
C SER A 44 -1.86 11.14 -40.45
N GLY A 45 -2.45 11.84 -41.40
CA GLY A 45 -2.54 11.37 -42.76
C GLY A 45 -3.97 11.39 -43.22
N GLU A 46 -4.86 11.52 -42.26
CA GLU A 46 -6.29 11.65 -42.50
C GLU A 46 -6.73 13.01 -41.98
N ARG A 47 -6.11 13.32 -40.88
CA ARG A 47 -6.27 14.55 -40.11
C ARG A 47 -7.71 14.94 -39.87
N PRO A 48 -8.33 14.40 -38.81
CA PRO A 48 -9.67 14.79 -38.45
C PRO A 48 -9.58 16.13 -37.74
N GLN A 49 -10.26 17.10 -38.27
CA GLN A 49 -10.23 18.42 -37.70
C GLN A 49 -11.61 19.05 -37.66
N ALA A 50 -11.74 20.03 -36.78
CA ALA A 50 -12.99 20.76 -36.63
C ALA A 50 -12.82 22.15 -37.21
N ASN A 51 -13.91 22.90 -37.32
CA ASN A 51 -13.81 24.24 -37.90
C ASN A 51 -14.45 25.30 -37.01
N GLN A 52 -14.42 25.07 -35.70
CA GLN A 52 -14.98 26.03 -34.77
C GLN A 52 -13.84 26.66 -33.98
N LYS A 53 -14.14 27.72 -33.24
CA LYS A 53 -13.12 28.39 -32.45
C LYS A 53 -12.54 27.40 -31.45
N ARG A 54 -11.26 27.09 -31.61
CA ARG A 54 -10.56 26.16 -30.74
C ARG A 54 -10.79 26.52 -29.27
N ILE A 55 -11.13 25.53 -28.48
CA ILE A 55 -11.42 25.74 -27.08
C ILE A 55 -10.24 25.41 -26.18
N THR A 56 -9.18 24.89 -26.78
CA THR A 56 -7.99 24.55 -26.02
C THR A 56 -6.82 25.49 -26.36
N THR A 57 -5.61 25.10 -26.00
CA THR A 57 -4.44 25.94 -26.24
C THR A 57 -3.59 25.43 -27.38
N PRO A 58 -3.09 26.36 -28.20
CA PRO A 58 -2.22 26.08 -29.33
C PRO A 58 -0.76 26.02 -28.89
N TYR A 59 -0.53 25.43 -27.72
CA TYR A 59 0.80 25.34 -27.17
C TYR A 59 1.03 23.93 -26.68
N MET A 60 2.22 23.43 -26.93
CA MET A 60 2.56 22.08 -26.54
C MET A 60 3.62 22.06 -25.46
N THR A 61 3.24 21.53 -24.31
CA THR A 61 4.14 21.44 -23.19
C THR A 61 4.84 20.07 -23.17
N LYS A 62 5.50 19.78 -22.06
CA LYS A 62 6.22 18.53 -21.91
C LYS A 62 5.28 17.31 -21.91
N TYR A 63 4.01 17.54 -21.58
CA TYR A 63 3.03 16.45 -21.55
C TYR A 63 2.82 15.85 -22.92
N GLU A 64 2.35 16.65 -23.86
CA GLU A 64 2.09 16.20 -25.22
C GLU A 64 3.38 15.79 -25.90
N ARG A 65 4.47 16.48 -25.56
CA ARG A 65 5.78 16.18 -26.12
C ARG A 65 6.15 14.73 -25.88
N ALA A 66 6.13 14.35 -24.62
CA ALA A 66 6.48 13.00 -24.21
C ALA A 66 5.59 11.97 -24.91
N ARG A 67 4.33 12.33 -25.13
CA ARG A 67 3.39 11.45 -25.81
C ARG A 67 3.82 11.25 -27.27
N VAL A 68 4.14 12.35 -27.94
CA VAL A 68 4.57 12.30 -29.34
C VAL A 68 5.94 11.62 -29.44
N LEU A 69 6.84 12.02 -28.56
CA LEU A 69 8.19 11.48 -28.51
C LEU A 69 8.19 9.96 -28.37
N GLY A 70 7.39 9.46 -27.42
CA GLY A 70 7.30 8.03 -27.21
C GLY A 70 6.81 7.31 -28.44
N THR A 71 5.85 7.92 -29.13
CA THR A 71 5.26 7.34 -30.33
C THR A 71 6.27 7.38 -31.49
N ARG A 72 6.94 8.51 -31.67
CA ARG A 72 7.91 8.66 -32.75
C ARG A 72 9.12 7.77 -32.54
N ALA A 73 9.58 7.67 -31.30
CA ALA A 73 10.71 6.80 -30.97
C ALA A 73 10.32 5.38 -31.30
N LEU A 74 9.06 5.04 -31.05
CA LEU A 74 8.55 3.72 -31.35
C LEU A 74 8.54 3.53 -32.86
N GLN A 75 8.31 4.62 -33.60
CA GLN A 75 8.28 4.56 -35.05
C GLN A 75 9.68 4.37 -35.62
N ILE A 76 10.58 5.28 -35.26
CA ILE A 76 11.96 5.23 -35.75
C ILE A 76 12.65 3.94 -35.32
N ALA A 77 12.28 3.47 -34.16
CA ALA A 77 12.82 2.23 -33.63
C ALA A 77 12.41 1.05 -34.53
N MET A 78 11.43 1.31 -35.39
CA MET A 78 10.94 0.33 -36.34
C MET A 78 11.44 0.68 -37.74
N CYS A 79 12.42 1.60 -37.79
CA CYS A 79 13.07 2.04 -39.03
C CYS A 79 12.24 3.11 -39.76
N ALA A 80 11.58 3.98 -39.00
CA ALA A 80 10.78 5.06 -39.58
C ALA A 80 11.68 6.15 -40.14
N PRO A 81 11.24 6.83 -41.21
CA PRO A 81 12.00 7.91 -41.83
C PRO A 81 12.22 9.10 -40.90
N VAL A 82 13.38 9.72 -40.99
CA VAL A 82 13.74 10.86 -40.17
C VAL A 82 13.55 12.15 -40.97
N MET A 83 13.00 13.19 -40.34
CA MET A 83 12.76 14.45 -41.02
C MET A 83 13.70 15.55 -40.55
N VAL A 84 14.61 15.23 -39.64
CA VAL A 84 15.57 16.20 -39.14
C VAL A 84 16.95 15.88 -39.63
N GLU A 85 17.80 16.85 -39.47
CA GLU A 85 19.19 16.77 -39.85
C GLU A 85 19.93 15.92 -38.82
N LEU A 86 20.93 15.18 -39.27
CA LEU A 86 21.67 14.31 -38.37
C LEU A 86 23.09 14.81 -38.16
N GLU A 87 23.35 15.30 -36.95
CA GLU A 87 24.67 15.80 -36.58
C GLU A 87 25.31 14.80 -35.61
N GLY A 88 24.89 13.56 -35.75
CA GLY A 88 25.39 12.50 -34.89
C GLY A 88 24.28 11.77 -34.15
N GLU A 89 23.06 12.28 -34.27
CA GLU A 89 21.91 11.66 -33.61
C GLU A 89 21.55 10.35 -34.31
N THR A 90 21.78 9.24 -33.65
CA THR A 90 21.46 7.93 -34.20
C THR A 90 20.27 7.31 -33.46
N ASP A 91 20.23 7.53 -32.16
CA ASP A 91 19.17 7.00 -31.32
C ASP A 91 17.82 7.58 -31.71
N PRO A 92 16.78 6.72 -31.76
CA PRO A 92 15.42 7.12 -32.12
C PRO A 92 14.91 8.30 -31.29
N LEU A 93 15.30 8.34 -30.02
CA LEU A 93 14.87 9.42 -29.14
C LEU A 93 15.54 10.73 -29.52
N LEU A 94 16.77 10.66 -30.00
CA LEU A 94 17.51 11.86 -30.37
C LEU A 94 16.83 12.52 -31.56
N ILE A 95 16.48 11.71 -32.55
CA ILE A 95 15.81 12.20 -33.74
C ILE A 95 14.42 12.72 -33.40
N ALA A 96 13.66 11.93 -32.65
CA ALA A 96 12.32 12.31 -32.24
C ALA A 96 12.34 13.59 -31.42
N MET A 97 13.32 13.71 -30.53
CA MET A 97 13.46 14.87 -29.67
C MET A 97 13.88 16.08 -30.48
N LYS A 98 14.49 15.81 -31.63
CA LYS A 98 14.94 16.86 -32.54
C LYS A 98 13.78 17.37 -33.37
N GLU A 99 13.04 16.44 -33.97
CA GLU A 99 11.90 16.77 -34.80
C GLU A 99 10.79 17.46 -34.01
N LEU A 100 10.52 16.95 -32.83
CA LEU A 100 9.47 17.48 -31.97
C LEU A 100 9.65 18.96 -31.65
N LYS A 101 10.84 19.34 -31.20
CA LYS A 101 11.10 20.74 -30.85
C LYS A 101 11.18 21.59 -32.12
N ALA A 102 11.49 20.94 -33.24
CA ALA A 102 11.59 21.63 -34.51
C ALA A 102 10.26 21.59 -35.27
N ARG A 103 9.24 21.00 -34.64
CA ARG A 103 7.91 20.89 -35.22
C ARG A 103 7.94 20.10 -36.53
N LYS A 104 8.90 19.20 -36.65
CA LYS A 104 9.06 18.39 -37.84
C LYS A 104 8.40 17.03 -37.68
N ILE A 105 7.43 16.94 -36.79
CA ILE A 105 6.71 15.69 -36.56
C ILE A 105 5.27 15.80 -37.00
N PRO A 106 4.89 15.06 -38.04
CA PRO A 106 3.53 15.04 -38.54
C PRO A 106 2.67 14.09 -37.70
N ILE A 107 1.89 14.66 -36.79
CA ILE A 107 1.02 13.87 -35.93
C ILE A 107 -0.09 14.74 -35.35
N ILE A 108 -1.22 14.10 -35.05
CA ILE A 108 -2.35 14.81 -34.48
C ILE A 108 -2.44 14.59 -32.97
N ILE A 109 -2.68 15.68 -32.25
CA ILE A 109 -2.80 15.66 -30.81
C ILE A 109 -4.23 15.97 -30.40
N ARG A 110 -4.89 15.01 -29.78
CA ARG A 110 -6.26 15.18 -29.35
C ARG A 110 -6.32 15.74 -27.93
N ARG A 111 -6.74 16.99 -27.80
CA ARG A 111 -6.87 17.66 -26.51
C ARG A 111 -8.19 17.26 -25.85
N TYR A 112 -8.16 16.88 -24.57
CA TYR A 112 -9.38 16.50 -23.87
C TYR A 112 -9.72 17.51 -22.78
N LEU A 113 -11.00 17.82 -22.64
CA LEU A 113 -11.44 18.77 -21.62
C LEU A 113 -11.98 18.01 -20.40
N PRO A 114 -12.07 18.68 -19.24
CA PRO A 114 -12.55 18.07 -17.99
C PRO A 114 -14.02 17.61 -18.06
N ASP A 115 -14.73 18.02 -19.10
CA ASP A 115 -16.13 17.65 -19.27
C ASP A 115 -16.24 16.35 -20.07
N GLY A 116 -15.13 15.95 -20.68
CA GLY A 116 -15.13 14.74 -21.47
C GLY A 116 -15.07 15.01 -22.96
N SER A 117 -15.06 16.29 -23.34
CA SER A 117 -15.00 16.65 -24.74
C SER A 117 -13.56 16.58 -25.24
N TYR A 118 -13.37 16.72 -26.54
CA TYR A 118 -12.04 16.65 -27.12
C TYR A 118 -11.95 17.46 -28.41
N GLU A 119 -10.78 18.03 -28.64
CA GLU A 119 -10.52 18.80 -29.84
C GLU A 119 -9.23 18.31 -30.48
N ASP A 120 -9.26 18.11 -31.79
CA ASP A 120 -8.08 17.60 -32.50
C ASP A 120 -7.19 18.75 -32.93
N TRP A 121 -5.90 18.58 -32.70
CA TRP A 121 -4.91 19.60 -33.04
C TRP A 121 -3.70 18.98 -33.73
N GLY A 122 -3.03 19.75 -34.56
CA GLY A 122 -1.85 19.25 -35.21
C GLY A 122 -0.60 19.81 -34.53
N VAL A 123 0.53 19.11 -34.66
CA VAL A 123 1.79 19.57 -34.07
C VAL A 123 2.14 20.92 -34.66
N ASP A 124 1.67 21.10 -35.88
CA ASP A 124 1.87 22.33 -36.62
C ASP A 124 1.15 23.50 -35.95
N GLU A 125 -0.03 23.21 -35.39
CA GLU A 125 -0.84 24.24 -34.72
C GLU A 125 -0.41 24.46 -33.28
N LEU A 126 0.54 23.67 -32.79
CA LEU A 126 0.99 23.81 -31.42
C LEU A 126 2.42 24.30 -31.32
N ILE A 127 2.61 25.36 -30.55
CA ILE A 127 3.92 25.93 -30.32
C ILE A 127 4.42 25.41 -28.98
N ILE A 128 5.64 24.91 -28.94
CA ILE A 128 6.16 24.35 -27.70
C ILE A 128 6.55 25.44 -26.72
N THR A 129 5.94 25.38 -25.57
CA THR A 129 6.28 26.29 -24.52
C THR A 129 6.64 25.48 -23.30
N ASP A 130 7.94 25.26 -23.17
CA ASP A 130 8.54 24.50 -22.08
C ASP A 130 8.11 23.03 -22.07
N MET B 4 -24.10 -10.22 -5.49
CA MET B 4 -24.26 -9.45 -4.23
C MET B 4 -25.08 -10.22 -3.21
N ALA B 5 -25.29 -11.52 -3.43
CA ALA B 5 -26.06 -12.34 -2.52
C ALA B 5 -25.20 -13.50 -2.01
N THR B 6 -25.84 -14.59 -1.62
CA THR B 6 -25.12 -15.75 -1.13
C THR B 6 -24.95 -16.77 -2.26
N SER B 7 -24.81 -16.26 -3.48
CA SER B 7 -24.66 -17.08 -4.65
C SER B 7 -23.19 -17.48 -4.85
N SER B 8 -22.34 -17.04 -3.92
CA SER B 8 -20.91 -17.33 -3.97
C SER B 8 -20.29 -16.73 -5.22
N GLU B 9 -20.51 -15.43 -5.38
CA GLU B 9 -20.00 -14.68 -6.52
C GLU B 9 -18.47 -14.60 -6.49
N GLU B 10 -17.90 -13.97 -7.51
CA GLU B 10 -16.46 -13.85 -7.64
C GLU B 10 -15.79 -13.29 -6.37
N VAL B 11 -14.90 -14.09 -5.81
CA VAL B 11 -14.16 -13.74 -4.62
C VAL B 11 -12.72 -13.43 -5.00
N LEU B 12 -12.39 -12.14 -5.03
CA LEU B 12 -11.06 -11.69 -5.42
C LEU B 12 -9.99 -12.11 -4.41
N LEU B 13 -10.35 -12.14 -3.14
CA LEU B 13 -9.38 -12.53 -2.12
C LEU B 13 -9.98 -13.50 -1.11
N ILE B 14 -9.28 -14.58 -0.83
CA ILE B 14 -9.74 -15.56 0.14
C ILE B 14 -8.73 -15.67 1.29
N VAL B 15 -9.14 -15.16 2.44
CA VAL B 15 -8.33 -15.17 3.64
C VAL B 15 -8.86 -16.24 4.59
N LYS B 16 -8.00 -16.85 5.39
CA LYS B 16 -8.45 -17.91 6.28
C LYS B 16 -8.02 -17.70 7.71
N LYS B 17 -8.53 -18.57 8.59
CA LYS B 17 -8.28 -18.50 10.01
C LYS B 17 -8.45 -17.06 10.48
N VAL B 18 -9.64 -16.56 10.25
CA VAL B 18 -9.97 -15.20 10.59
C VAL B 18 -11.05 -15.19 11.65
N ARG B 19 -10.87 -14.37 12.66
CA ARG B 19 -11.82 -14.31 13.75
C ARG B 19 -12.57 -13.00 13.79
N GLN B 20 -13.76 -13.07 14.34
CA GLN B 20 -14.62 -11.92 14.51
C GLN B 20 -15.46 -12.13 15.76
N LYS B 21 -15.08 -11.45 16.84
CA LYS B 21 -15.80 -11.55 18.11
C LYS B 21 -15.99 -12.99 18.58
N LYS B 22 -14.86 -13.65 18.89
CA LYS B 22 -14.82 -15.02 19.39
C LYS B 22 -15.21 -16.05 18.36
N GLN B 23 -15.36 -15.64 17.11
CA GLN B 23 -15.73 -16.57 16.07
C GLN B 23 -14.58 -16.77 15.10
N ASP B 24 -14.09 -18.00 15.03
CA ASP B 24 -13.01 -18.33 14.11
C ASP B 24 -13.61 -18.74 12.78
N GLY B 25 -12.89 -18.49 11.69
CA GLY B 25 -13.42 -18.84 10.40
C GLY B 25 -12.52 -18.45 9.24
N ALA B 26 -13.13 -17.88 8.22
CA ALA B 26 -12.43 -17.49 7.00
C ALA B 26 -13.04 -16.24 6.40
N LEU B 27 -12.20 -15.40 5.82
CA LEU B 27 -12.62 -14.15 5.23
C LEU B 27 -12.56 -14.20 3.70
N TYR B 28 -13.69 -13.93 3.05
CA TYR B 28 -13.74 -13.94 1.59
C TYR B 28 -14.14 -12.56 1.06
N LEU B 29 -13.31 -11.99 0.21
CA LEU B 29 -13.59 -10.69 -0.36
C LEU B 29 -14.20 -10.82 -1.74
N MET B 30 -15.52 -10.70 -1.83
CA MET B 30 -16.20 -10.78 -3.10
C MET B 30 -16.12 -9.42 -3.78
N ALA B 31 -16.22 -9.41 -5.10
CA ALA B 31 -16.12 -8.18 -5.90
C ALA B 31 -16.93 -7.00 -5.33
N GLU B 32 -18.09 -7.27 -4.75
CA GLU B 32 -18.94 -6.19 -4.24
C GLU B 32 -18.86 -6.03 -2.72
N ARG B 33 -18.54 -7.10 -1.99
CA ARG B 33 -18.53 -7.01 -0.54
C ARG B 33 -17.54 -7.95 0.14
N ILE B 34 -17.12 -7.55 1.32
CA ILE B 34 -16.23 -8.35 2.14
C ILE B 34 -17.11 -9.22 3.03
N ALA B 35 -17.10 -10.51 2.78
CA ALA B 35 -17.94 -11.42 3.54
C ALA B 35 -17.11 -12.43 4.28
N TRP B 36 -17.26 -12.43 5.58
CA TRP B 36 -16.53 -13.36 6.41
C TRP B 36 -17.45 -14.48 6.86
N ALA B 37 -16.94 -15.69 6.85
CA ALA B 37 -17.70 -16.87 7.24
C ALA B 37 -16.99 -17.60 8.37
N PRO B 38 -17.76 -18.25 9.25
CA PRO B 38 -17.22 -19.00 10.38
C PRO B 38 -16.60 -20.32 9.94
N GLU B 39 -15.74 -20.87 10.77
CA GLU B 39 -15.08 -22.14 10.46
C GLU B 39 -16.11 -23.24 10.26
N GLY B 40 -15.98 -23.97 9.15
CA GLY B 40 -16.90 -25.04 8.85
C GLY B 40 -18.28 -24.53 8.50
N LYS B 41 -18.35 -23.33 7.93
CA LYS B 41 -19.61 -22.74 7.54
C LYS B 41 -19.59 -22.27 6.09
N ASP B 42 -20.64 -22.58 5.36
CA ASP B 42 -20.77 -22.19 3.96
C ASP B 42 -21.53 -20.87 3.90
N ARG B 43 -22.00 -20.44 5.05
CA ARG B 43 -22.78 -19.23 5.15
C ARG B 43 -22.01 -18.10 5.80
N PHE B 44 -21.79 -17.03 5.04
CA PHE B 44 -21.09 -15.87 5.55
C PHE B 44 -21.96 -15.19 6.58
N THR B 45 -21.49 -15.11 7.81
CA THR B 45 -22.25 -14.49 8.88
C THR B 45 -22.05 -12.98 8.89
N ILE B 46 -21.15 -12.51 8.05
CA ILE B 46 -20.86 -11.10 7.93
C ILE B 46 -20.61 -10.72 6.51
N SER B 47 -21.25 -9.66 6.06
CA SER B 47 -21.02 -9.21 4.72
C SER B 47 -21.16 -7.69 4.65
N HIS B 48 -20.08 -7.00 4.34
CA HIS B 48 -20.11 -5.54 4.25
C HIS B 48 -19.82 -5.09 2.84
N MET B 49 -20.67 -4.22 2.31
CA MET B 49 -20.43 -3.69 1.00
C MET B 49 -19.29 -2.71 1.14
N TYR B 50 -18.40 -2.64 0.17
CA TYR B 50 -17.27 -1.72 0.27
C TYR B 50 -17.77 -0.29 0.34
N ALA B 51 -19.01 -0.10 -0.08
CA ALA B 51 -19.64 1.20 -0.07
C ALA B 51 -19.90 1.67 1.35
N ASP B 52 -20.06 0.72 2.26
CA ASP B 52 -20.37 1.04 3.66
C ASP B 52 -19.12 1.07 4.51
N ILE B 53 -18.01 0.67 3.95
CA ILE B 53 -16.78 0.69 4.69
C ILE B 53 -16.17 2.09 4.53
N LYS B 54 -16.15 2.85 5.60
CA LYS B 54 -15.62 4.21 5.53
C LYS B 54 -14.09 4.22 5.51
N CYS B 55 -13.48 3.25 6.18
CA CYS B 55 -12.02 3.16 6.24
C CYS B 55 -11.57 1.80 6.77
N GLN B 56 -10.41 1.32 6.32
CA GLN B 56 -9.91 0.04 6.78
C GLN B 56 -8.63 0.24 7.60
N LYS B 57 -8.63 -0.29 8.80
CA LYS B 57 -7.47 -0.16 9.69
C LYS B 57 -6.94 -1.54 9.95
N ILE B 58 -5.64 -1.71 10.14
CA ILE B 58 -5.13 -3.05 10.30
C ILE B 58 -3.92 -3.19 11.23
N SER B 59 -4.07 -3.99 12.28
CA SER B 59 -2.98 -4.24 13.23
C SER B 59 -1.90 -5.12 12.61
N PRO B 60 -0.72 -4.53 12.36
CA PRO B 60 0.46 -5.18 11.78
C PRO B 60 1.33 -5.86 12.83
N GLU B 61 2.43 -6.47 12.39
CA GLU B 61 3.38 -7.13 13.29
C GLU B 61 3.70 -6.25 14.50
N GLY B 62 4.05 -6.90 15.59
CA GLY B 62 4.33 -6.19 16.83
C GLY B 62 3.37 -6.67 17.90
N LYS B 63 2.15 -6.92 17.49
CA LYS B 63 1.13 -7.45 18.37
C LYS B 63 0.85 -8.88 17.96
N ALA B 64 0.41 -9.69 18.89
CA ALA B 64 0.10 -11.09 18.62
C ALA B 64 -1.28 -11.21 17.99
N LYS B 65 -1.79 -10.08 17.55
CA LYS B 65 -3.09 -10.01 16.93
C LYS B 65 -3.03 -9.15 15.69
N ILE B 66 -3.18 -9.78 14.54
CA ILE B 66 -3.22 -9.08 13.28
C ILE B 66 -4.67 -8.87 12.93
N GLN B 67 -5.14 -7.66 13.02
CA GLN B 67 -6.56 -7.42 12.80
C GLN B 67 -6.85 -6.46 11.66
N LEU B 68 -8.03 -6.66 11.08
CA LEU B 68 -8.57 -5.82 10.06
C LEU B 68 -9.81 -5.16 10.66
N GLN B 69 -9.73 -3.87 10.88
CA GLN B 69 -10.82 -3.14 11.48
C GLN B 69 -11.54 -2.32 10.43
N LEU B 70 -12.74 -2.74 10.09
CA LEU B 70 -13.53 -2.04 9.09
C LEU B 70 -14.37 -0.99 9.78
N VAL B 71 -13.93 0.24 9.74
CA VAL B 71 -14.64 1.33 10.36
C VAL B 71 -15.63 1.91 9.37
N LEU B 72 -16.88 1.61 9.61
CA LEU B 72 -17.96 2.02 8.74
C LEU B 72 -18.31 3.50 8.93
N HIS B 73 -19.36 3.95 8.26
CA HIS B 73 -19.77 5.35 8.29
C HIS B 73 -20.37 5.78 9.62
N ALA B 74 -21.19 4.93 10.23
CA ALA B 74 -21.84 5.27 11.49
C ALA B 74 -20.89 5.16 12.67
N GLY B 75 -19.62 4.92 12.37
CA GLY B 75 -18.64 4.74 13.42
C GLY B 75 -18.54 3.29 13.76
N ASP B 76 -19.27 2.50 12.98
CA ASP B 76 -19.32 1.06 13.12
C ASP B 76 -17.97 0.48 12.80
N THR B 77 -17.79 -0.79 13.12
CA THR B 77 -16.54 -1.45 12.86
C THR B 77 -16.72 -2.96 12.78
N THR B 78 -15.76 -3.61 12.16
CA THR B 78 -15.78 -5.05 12.02
C THR B 78 -14.38 -5.60 12.24
N ASN B 79 -14.15 -6.24 13.39
CA ASN B 79 -12.84 -6.77 13.74
C ASN B 79 -12.58 -8.12 13.10
N PHE B 80 -11.75 -8.14 12.07
CA PHE B 80 -11.38 -9.39 11.40
C PHE B 80 -9.93 -9.72 11.74
N HIS B 81 -9.75 -10.62 12.69
CA HIS B 81 -8.44 -11.01 13.14
C HIS B 81 -7.87 -12.15 12.28
N PHE B 82 -6.78 -11.84 11.60
CA PHE B 82 -6.06 -12.80 10.76
C PHE B 82 -5.24 -13.70 11.68
N SER B 83 -5.89 -14.66 12.31
CA SER B 83 -5.22 -15.54 13.26
C SER B 83 -4.58 -16.76 12.60
N ASN B 84 -4.36 -16.69 11.30
CA ASN B 84 -3.72 -17.80 10.59
C ASN B 84 -2.21 -17.73 10.80
N GLU B 85 -1.72 -18.51 11.75
CA GLU B 85 -0.29 -18.51 12.11
C GLU B 85 0.68 -18.51 10.92
N SER B 86 0.31 -19.13 9.82
CA SER B 86 1.16 -19.21 8.65
C SER B 86 1.32 -17.87 7.90
N THR B 87 0.22 -17.22 7.57
CA THR B 87 0.28 -15.98 6.81
C THR B 87 -0.55 -14.87 7.45
N ALA B 88 -0.78 -14.99 8.74
CA ALA B 88 -1.58 -14.04 9.52
C ALA B 88 -1.43 -12.59 9.05
N VAL B 89 -0.23 -12.08 9.11
CA VAL B 89 0.00 -10.70 8.74
C VAL B 89 0.01 -10.51 7.23
N LYS B 90 0.61 -11.47 6.54
CA LYS B 90 0.72 -11.37 5.09
C LYS B 90 -0.66 -11.41 4.45
N GLU B 91 -1.59 -12.14 5.07
CA GLU B 91 -2.94 -12.19 4.58
C GLU B 91 -3.54 -10.80 4.75
N ARG B 92 -3.32 -10.21 5.94
CA ARG B 92 -3.81 -8.86 6.25
C ARG B 92 -3.46 -7.87 5.14
N ASP B 93 -2.18 -7.84 4.79
CA ASP B 93 -1.65 -6.94 3.76
C ASP B 93 -2.37 -7.11 2.43
N ALA B 94 -2.66 -8.35 2.06
CA ALA B 94 -3.36 -8.62 0.81
C ALA B 94 -4.79 -8.11 0.88
N VAL B 95 -5.49 -8.41 1.97
CA VAL B 95 -6.86 -7.95 2.18
C VAL B 95 -6.86 -6.42 2.12
N LYS B 96 -5.82 -5.86 2.69
CA LYS B 96 -5.60 -4.42 2.73
C LYS B 96 -5.52 -3.84 1.33
N ASP B 97 -4.51 -4.25 0.57
CA ASP B 97 -4.31 -3.75 -0.79
C ASP B 97 -5.52 -4.03 -1.67
N LEU B 98 -6.10 -5.19 -1.48
CA LEU B 98 -7.26 -5.60 -2.25
C LEU B 98 -8.49 -4.75 -1.90
N LEU B 99 -8.90 -4.78 -0.64
CA LEU B 99 -10.09 -4.03 -0.20
C LEU B 99 -9.91 -2.55 -0.44
N GLN B 100 -8.71 -2.07 -0.21
CA GLN B 100 -8.40 -0.66 -0.37
C GLN B 100 -8.67 -0.23 -1.81
N GLN B 101 -8.40 -1.10 -2.78
CA GLN B 101 -8.67 -0.78 -4.19
C GLN B 101 -10.16 -0.99 -4.49
N LEU B 102 -10.82 -1.74 -3.62
CA LEU B 102 -12.24 -2.03 -3.78
C LEU B 102 -13.09 -0.91 -3.22
N LEU B 103 -12.52 -0.12 -2.34
CA LEU B 103 -13.23 0.97 -1.69
C LEU B 103 -13.54 2.13 -2.62
N PRO B 104 -12.55 2.71 -3.34
CA PRO B 104 -12.79 3.87 -4.20
C PRO B 104 -13.84 3.62 -5.26
N LYS B 105 -14.06 2.35 -5.56
CA LYS B 105 -15.03 1.96 -6.56
C LYS B 105 -16.43 1.86 -5.94
N PHE B 106 -16.51 1.90 -4.61
CA PHE B 106 -17.82 1.82 -3.93
C PHE B 106 -18.04 2.98 -2.96
N LYS B 107 -16.97 3.69 -2.61
CA LYS B 107 -17.05 4.80 -1.68
C LYS B 107 -18.06 5.83 -2.13
N ARG B 108 -18.99 6.13 -1.24
CA ARG B 108 -20.04 7.10 -1.53
C ARG B 108 -19.47 8.48 -1.78
N LYS B 109 -19.59 8.93 -3.02
CA LYS B 109 -19.09 10.23 -3.43
C LYS B 109 -20.03 11.34 -2.94
N ALA B 110 -19.86 11.73 -1.69
CA ALA B 110 -20.68 12.78 -1.11
C ALA B 110 -19.92 14.10 -1.11
N ASN B 111 -18.85 14.11 -1.86
CA ASN B 111 -17.98 15.27 -2.01
C ASN B 111 -17.01 14.99 -3.14
N MET A 4 -14.42 -19.30 19.22
CA MET A 4 -13.71 -19.23 20.52
C MET A 4 -12.47 -18.38 20.41
N SER A 5 -12.63 -17.08 20.62
CA SER A 5 -11.54 -16.13 20.55
C SER A 5 -11.91 -14.85 21.28
N ASP A 6 -11.84 -14.87 22.61
CA ASP A 6 -12.20 -13.70 23.40
C ASP A 6 -11.05 -12.72 23.51
N ASN A 7 -10.15 -12.74 22.54
CA ASN A 7 -9.03 -11.83 22.55
C ASN A 7 -9.34 -10.65 21.63
N GLU A 8 -10.52 -10.69 21.02
CA GLU A 8 -10.96 -9.61 20.13
C GLU A 8 -11.44 -8.43 20.95
N ASP A 9 -11.66 -8.72 22.21
CA ASP A 9 -12.12 -7.73 23.18
C ASP A 9 -11.17 -7.72 24.37
N ASN A 10 -9.99 -8.27 24.15
CA ASN A 10 -8.98 -8.35 25.19
C ASN A 10 -7.83 -7.41 24.88
N PHE A 11 -8.05 -6.59 23.87
CA PHE A 11 -7.08 -5.60 23.47
C PHE A 11 -7.65 -4.22 23.71
N ASP A 12 -6.77 -3.26 23.84
CA ASP A 12 -7.16 -1.89 24.07
C ASP A 12 -6.02 -1.03 23.62
N GLY A 13 -6.07 -0.73 22.37
CA GLY A 13 -5.04 0.09 21.78
C GLY A 13 -4.25 -0.64 20.72
N ASP A 14 -4.88 -1.59 20.05
CA ASP A 14 -4.22 -2.34 18.97
C ASP A 14 -3.44 -1.36 18.10
N ASP A 15 -2.24 -1.76 17.72
CA ASP A 15 -1.36 -0.94 16.90
C ASP A 15 -1.85 -0.83 15.47
N PHE A 16 -3.17 -0.74 15.30
CA PHE A 16 -3.79 -0.65 13.99
C PHE A 16 -3.05 0.31 13.08
N ASP A 17 -2.41 -0.27 12.09
CA ASP A 17 -1.71 0.48 11.09
C ASP A 17 -2.78 0.97 10.15
N ASP A 18 -3.29 2.15 10.47
CA ASP A 18 -4.34 2.77 9.70
C ASP A 18 -3.93 2.87 8.27
N VAL A 19 -4.59 2.09 7.48
CA VAL A 19 -4.33 2.05 6.08
C VAL A 19 -5.50 2.59 5.31
N GLU A 20 -5.40 3.83 4.91
CA GLU A 20 -6.43 4.37 4.09
C GLU A 20 -6.09 3.97 2.68
N GLU A 21 -7.08 3.75 1.85
CA GLU A 21 -6.86 3.29 0.49
C GLU A 21 -5.78 4.10 -0.23
N ASP A 22 -4.71 3.39 -0.55
CA ASP A 22 -3.59 3.97 -1.26
C ASP A 22 -3.62 3.51 -2.71
N GLU A 23 -4.54 4.09 -3.47
CA GLU A 23 -4.69 3.76 -4.87
C GLU A 23 -3.94 4.73 -5.75
N GLY A 24 -3.35 4.21 -6.82
CA GLY A 24 -2.59 5.04 -7.74
C GLY A 24 -1.31 5.55 -7.12
N LEU A 25 -0.88 4.89 -6.05
CA LEU A 25 0.34 5.28 -5.35
C LEU A 25 1.59 4.81 -6.09
N ASP A 26 2.40 5.77 -6.51
CA ASP A 26 3.63 5.47 -7.23
C ASP A 26 4.84 5.83 -6.37
N ASP A 27 5.99 5.25 -6.68
CA ASP A 27 7.22 5.50 -5.92
C ASP A 27 8.39 5.80 -6.86
N LEU A 28 8.07 6.19 -8.09
CA LEU A 28 9.10 6.48 -9.08
C LEU A 28 9.10 7.95 -9.50
N GLU A 29 7.92 8.56 -9.53
CA GLU A 29 7.77 9.95 -9.92
C GLU A 29 8.26 10.91 -8.82
N ASN A 30 7.39 11.21 -7.88
CA ASN A 30 7.72 12.11 -6.79
C ASN A 30 8.67 11.44 -5.81
N ALA A 31 9.84 12.04 -5.67
CA ALA A 31 10.88 11.54 -4.78
C ALA A 31 11.92 12.60 -4.47
N GLU A 32 11.57 13.85 -4.69
CA GLU A 32 12.49 14.95 -4.44
C GLU A 32 12.34 15.46 -3.01
N GLU A 33 13.08 14.84 -2.09
CA GLU A 33 13.04 15.22 -0.69
C GLU A 33 13.90 16.46 -0.45
N GLU A 34 13.29 17.62 -0.67
CA GLU A 34 13.94 18.91 -0.48
C GLU A 34 12.92 20.02 -0.72
N GLY A 35 13.40 21.24 -0.94
CA GLY A 35 12.51 22.36 -1.16
C GLY A 35 12.11 22.97 0.15
N GLN A 36 12.84 22.61 1.18
CA GLN A 36 12.62 23.08 2.53
C GLN A 36 13.74 24.03 2.93
N GLU A 37 13.77 24.41 4.20
CA GLU A 37 14.81 25.32 4.69
C GLU A 37 16.18 24.63 4.65
N ASN A 38 16.81 24.67 3.48
CA ASN A 38 18.12 24.06 3.29
C ASN A 38 19.16 24.74 4.16
N VAL A 39 19.81 23.94 5.00
CA VAL A 39 20.81 24.46 5.92
C VAL A 39 22.08 23.59 5.94
N GLU A 40 23.14 24.18 6.45
CA GLU A 40 24.44 23.52 6.55
C GLU A 40 24.69 23.14 8.01
N ILE A 41 25.47 22.09 8.23
CA ILE A 41 25.77 21.64 9.59
C ILE A 41 27.25 21.85 9.89
N LEU A 42 27.53 22.74 10.83
CA LEU A 42 28.89 23.04 11.23
C LEU A 42 29.13 22.72 12.70
N PRO A 43 30.36 22.35 13.06
CA PRO A 43 30.69 22.06 14.44
C PRO A 43 31.06 23.33 15.20
N SER A 44 30.33 23.60 16.28
CA SER A 44 30.56 24.79 17.10
C SER A 44 31.96 24.82 17.67
N GLY A 45 32.31 25.98 18.16
CA GLY A 45 33.63 26.20 18.72
C GLY A 45 34.27 27.38 18.03
N GLU A 46 33.78 27.67 16.84
CA GLU A 46 34.24 28.81 16.07
C GLU A 46 33.18 29.89 16.16
N ARG A 47 31.97 29.38 16.30
CA ARG A 47 30.74 30.15 16.44
C ARG A 47 30.36 30.90 15.16
N PRO A 48 29.05 31.10 14.94
CA PRO A 48 28.50 31.81 13.79
C PRO A 48 29.15 33.16 13.52
N GLN A 49 28.83 33.68 12.37
CA GLN A 49 29.28 34.96 11.89
C GLN A 49 28.79 36.07 12.79
N ALA A 50 29.41 37.21 12.66
CA ALA A 50 29.05 38.41 13.41
C ALA A 50 27.53 38.59 13.53
N ASN A 51 27.14 39.58 14.32
CA ASN A 51 25.74 39.86 14.56
C ASN A 51 25.07 40.53 13.35
N GLN A 52 25.40 40.07 12.16
CA GLN A 52 24.83 40.59 10.92
C GLN A 52 23.32 40.37 10.91
N LYS A 53 22.66 40.97 9.93
CA LYS A 53 21.21 40.91 9.81
C LYS A 53 20.66 39.48 9.87
N ARG A 54 20.17 39.12 11.04
CA ARG A 54 19.54 37.85 11.25
C ARG A 54 18.11 37.99 10.73
N ILE A 55 17.73 37.21 9.74
CA ILE A 55 16.39 37.35 9.17
C ILE A 55 15.49 36.17 9.50
N THR A 56 16.08 35.06 9.91
CA THR A 56 15.28 33.90 10.24
C THR A 56 14.77 33.99 11.67
N THR A 57 14.28 32.89 12.20
CA THR A 57 13.74 32.87 13.52
C THR A 57 14.56 31.95 14.40
N PRO A 58 14.85 32.42 15.61
CA PRO A 58 15.61 31.66 16.62
C PRO A 58 14.83 30.41 17.10
N TYR A 59 14.38 29.61 16.16
CA TYR A 59 13.60 28.41 16.42
C TYR A 59 14.08 27.36 15.47
N MET A 60 14.21 26.13 15.92
CA MET A 60 14.68 25.08 15.06
C MET A 60 13.54 24.18 14.63
N THR A 61 13.44 23.96 13.33
CA THR A 61 12.38 23.15 12.76
C THR A 61 12.74 21.66 12.79
N LYS A 62 11.92 20.86 12.13
CA LYS A 62 12.15 19.42 12.07
C LYS A 62 13.25 19.10 11.08
N TYR A 63 13.42 19.95 10.08
CA TYR A 63 14.45 19.76 9.06
C TYR A 63 15.83 19.84 9.68
N GLU A 64 16.11 20.98 10.30
CA GLU A 64 17.39 21.21 10.95
C GLU A 64 17.63 20.17 12.05
N ARG A 65 16.58 19.92 12.83
CA ARG A 65 16.64 18.96 13.92
C ARG A 65 17.16 17.62 13.43
N ALA A 66 16.47 17.08 12.43
CA ALA A 66 16.82 15.79 11.85
C ALA A 66 18.25 15.78 11.31
N ARG A 67 18.66 16.86 10.67
CA ARG A 67 20.00 16.95 10.12
C ARG A 67 21.04 16.94 11.23
N VAL A 68 20.77 17.69 12.29
CA VAL A 68 21.67 17.75 13.44
C VAL A 68 21.69 16.39 14.14
N LEU A 69 20.52 15.81 14.30
CA LEU A 69 20.36 14.51 14.93
C LEU A 69 21.13 13.44 14.19
N GLY A 70 20.99 13.40 12.87
CA GLY A 70 21.69 12.42 12.06
C GLY A 70 23.20 12.55 12.21
N THR A 71 23.66 13.79 12.25
CA THR A 71 25.08 14.07 12.38
C THR A 71 25.57 13.73 13.79
N ARG A 72 24.75 14.04 14.78
CA ARG A 72 25.10 13.77 16.17
C ARG A 72 25.10 12.28 16.46
N ALA A 73 24.13 11.57 15.89
CA ALA A 73 24.07 10.12 16.05
C ALA A 73 25.31 9.52 15.47
N LEU A 74 25.76 10.09 14.35
CA LEU A 74 26.97 9.66 13.70
C LEU A 74 28.16 9.91 14.63
N GLN A 75 28.07 10.98 15.42
CA GLN A 75 29.14 11.32 16.35
C GLN A 75 29.14 10.36 17.54
N ILE A 76 28.00 10.24 18.21
CA ILE A 76 27.87 9.36 19.38
C ILE A 76 28.12 7.92 19.01
N ALA A 77 27.73 7.56 17.80
CA ALA A 77 27.93 6.21 17.29
C ALA A 77 29.43 5.91 17.17
N MET A 78 30.22 6.98 17.22
CA MET A 78 31.67 6.88 17.15
C MET A 78 32.25 7.01 18.55
N CYS A 79 31.37 6.91 19.55
CA CYS A 79 31.74 6.99 20.97
C CYS A 79 31.89 8.45 21.44
N ALA A 80 31.04 9.33 20.92
CA ALA A 80 31.07 10.73 21.32
C ALA A 80 30.55 10.89 22.74
N PRO A 81 31.18 11.78 23.53
CA PRO A 81 30.77 12.03 24.92
C PRO A 81 29.34 12.57 25.01
N VAL A 82 28.52 11.90 25.81
CA VAL A 82 27.14 12.30 26.01
C VAL A 82 27.07 13.38 27.07
N MET A 83 26.36 14.46 26.80
CA MET A 83 26.25 15.58 27.73
C MET A 83 24.85 15.70 28.33
N VAL A 84 24.08 14.62 28.28
CA VAL A 84 22.74 14.64 28.83
C VAL A 84 22.56 13.57 29.88
N GLU A 85 21.34 13.53 30.35
CA GLU A 85 20.91 12.61 31.36
C GLU A 85 20.43 11.34 30.67
N LEU A 86 20.70 10.19 31.27
CA LEU A 86 20.31 8.92 30.67
C LEU A 86 19.30 8.16 31.52
N GLU A 87 18.08 8.06 31.00
CA GLU A 87 17.02 7.35 31.68
C GLU A 87 16.68 6.10 30.88
N GLY A 88 17.71 5.50 30.31
CA GLY A 88 17.54 4.32 29.49
C GLY A 88 18.10 4.50 28.09
N GLU A 89 18.33 5.74 27.69
CA GLU A 89 18.89 6.02 26.37
C GLU A 89 20.28 5.42 26.24
N THR A 90 20.38 4.32 25.53
CA THR A 90 21.65 3.66 25.33
C THR A 90 22.07 3.69 23.86
N ASP A 91 21.17 4.17 23.01
CA ASP A 91 21.42 4.27 21.59
C ASP A 91 21.73 5.71 21.20
N PRO A 92 22.68 5.90 20.27
CA PRO A 92 23.10 7.22 19.80
C PRO A 92 21.93 8.12 19.37
N LEU A 93 20.91 7.54 18.76
CA LEU A 93 19.76 8.33 18.30
C LEU A 93 18.95 8.84 19.48
N LEU A 94 18.71 7.97 20.47
CA LEU A 94 17.96 8.34 21.65
C LEU A 94 18.68 9.46 22.40
N ILE A 95 19.98 9.29 22.60
CA ILE A 95 20.77 10.28 23.30
C ILE A 95 20.81 11.58 22.51
N ALA A 96 21.00 11.48 21.20
CA ALA A 96 21.04 12.64 20.33
C ALA A 96 19.73 13.42 20.43
N MET A 97 18.62 12.69 20.54
CA MET A 97 17.32 13.31 20.66
C MET A 97 17.21 14.04 21.99
N LYS A 98 17.76 13.42 23.02
CA LYS A 98 17.76 13.99 24.36
C LYS A 98 18.60 15.26 24.38
N GLU A 99 19.79 15.18 23.78
CA GLU A 99 20.70 16.31 23.72
C GLU A 99 20.13 17.44 22.87
N LEU A 100 19.57 17.10 21.72
CA LEU A 100 19.00 18.09 20.81
C LEU A 100 17.82 18.83 21.46
N LYS A 101 17.01 18.10 22.20
CA LYS A 101 15.85 18.69 22.85
C LYS A 101 16.26 19.52 24.06
N ALA A 102 17.43 19.23 24.59
CA ALA A 102 17.94 19.94 25.75
C ALA A 102 19.04 20.93 25.39
N ARG A 103 19.30 21.06 24.10
CA ARG A 103 20.33 21.98 23.59
C ARG A 103 21.73 21.60 24.09
N LYS A 104 21.96 20.31 24.27
CA LYS A 104 23.26 19.83 24.72
C LYS A 104 24.13 19.47 23.53
N ILE A 105 23.59 19.67 22.33
CA ILE A 105 24.32 19.38 21.11
C ILE A 105 25.06 20.61 20.62
N PRO A 106 26.40 20.60 20.68
CA PRO A 106 27.19 21.72 20.21
C PRO A 106 27.37 21.66 18.69
N ILE A 107 26.55 22.42 17.98
CA ILE A 107 26.59 22.47 16.53
C ILE A 107 25.96 23.77 16.01
N ILE A 108 26.55 24.33 14.97
CA ILE A 108 26.02 25.54 14.36
C ILE A 108 25.34 25.20 13.04
N ILE A 109 24.14 25.73 12.87
CA ILE A 109 23.34 25.49 11.67
C ILE A 109 23.39 26.69 10.74
N ARG A 110 24.04 26.54 9.60
CA ARG A 110 24.13 27.63 8.63
C ARG A 110 22.91 27.61 7.73
N ARG A 111 22.04 28.58 7.89
CA ARG A 111 20.83 28.65 7.09
C ARG A 111 21.06 29.44 5.82
N TYR A 112 20.79 28.83 4.67
CA TYR A 112 20.94 29.52 3.39
C TYR A 112 19.68 30.32 3.14
N LEU A 113 19.83 31.54 2.66
CA LEU A 113 18.66 32.37 2.41
C LEU A 113 18.31 32.36 0.93
N PRO A 114 17.04 32.64 0.60
CA PRO A 114 16.55 32.64 -0.79
C PRO A 114 17.23 33.68 -1.69
N ASP A 115 17.98 34.59 -1.07
CA ASP A 115 18.69 35.62 -1.81
C ASP A 115 20.06 35.10 -2.26
N GLY A 116 20.45 33.97 -1.71
CA GLY A 116 21.73 33.38 -2.04
C GLY A 116 22.75 33.52 -0.94
N SER A 117 22.34 34.16 0.15
CA SER A 117 23.22 34.36 1.29
C SER A 117 23.03 33.26 2.32
N TYR A 118 23.61 33.43 3.48
CA TYR A 118 23.49 32.45 4.54
C TYR A 118 23.81 33.08 5.89
N GLU A 119 23.16 32.57 6.93
CA GLU A 119 23.39 33.04 8.28
C GLU A 119 23.54 31.84 9.20
N ASP A 120 24.65 31.80 9.92
CA ASP A 120 24.91 30.70 10.83
C ASP A 120 24.10 30.90 12.10
N TRP A 121 23.49 29.83 12.55
CA TRP A 121 22.67 29.86 13.75
C TRP A 121 23.04 28.70 14.68
N GLY A 122 23.38 29.01 15.92
CA GLY A 122 23.75 27.96 16.84
C GLY A 122 22.54 27.30 17.48
N VAL A 123 22.70 26.07 17.97
CA VAL A 123 21.61 25.36 18.61
C VAL A 123 21.19 26.14 19.85
N ASP A 124 22.17 26.81 20.42
CA ASP A 124 21.98 27.63 21.60
C ASP A 124 21.09 28.83 21.27
N GLU A 125 21.11 29.26 20.02
CA GLU A 125 20.30 30.39 19.57
C GLU A 125 18.96 29.91 19.03
N LEU A 126 18.78 28.59 18.95
CA LEU A 126 17.56 28.04 18.39
C LEU A 126 16.71 27.30 19.41
N ILE A 127 15.42 27.57 19.36
CA ILE A 127 14.46 26.89 20.21
C ILE A 127 13.88 25.76 19.37
N ILE A 128 14.25 24.54 19.69
CA ILE A 128 13.83 23.39 18.91
C ILE A 128 12.38 23.01 19.19
N THR A 129 11.65 22.77 18.11
CA THR A 129 10.27 22.35 18.19
C THR A 129 10.14 20.93 17.68
N ASP A 130 10.01 20.02 18.62
CA ASP A 130 9.91 18.60 18.32
C ASP A 130 8.71 18.31 17.43
N MET B 4 -25.42 -24.75 2.71
CA MET B 4 -26.58 -24.10 2.08
C MET B 4 -26.46 -24.17 0.57
N ALA B 5 -25.81 -23.16 -0.01
CA ALA B 5 -25.60 -23.08 -1.45
C ALA B 5 -24.73 -21.88 -1.76
N THR B 6 -23.65 -22.10 -2.51
CA THR B 6 -22.74 -21.02 -2.86
C THR B 6 -23.31 -20.17 -3.99
N SER B 7 -24.27 -19.33 -3.65
CA SER B 7 -24.89 -18.45 -4.63
C SER B 7 -24.37 -17.02 -4.43
N SER B 8 -23.15 -16.79 -4.88
CA SER B 8 -22.53 -15.48 -4.77
C SER B 8 -21.51 -15.28 -5.88
N GLU B 9 -21.11 -14.02 -6.07
CA GLU B 9 -20.14 -13.66 -7.08
C GLU B 9 -18.73 -14.15 -6.72
N GLU B 10 -17.80 -13.91 -7.62
CA GLU B 10 -16.41 -14.33 -7.45
C GLU B 10 -15.76 -13.69 -6.22
N VAL B 11 -14.90 -14.45 -5.58
CA VAL B 11 -14.16 -14.01 -4.41
C VAL B 11 -12.70 -13.77 -4.80
N LEU B 12 -12.33 -12.50 -4.88
CA LEU B 12 -10.98 -12.12 -5.29
C LEU B 12 -9.93 -12.53 -4.27
N LEU B 13 -10.25 -12.41 -2.98
CA LEU B 13 -9.31 -12.76 -1.94
C LEU B 13 -9.93 -13.66 -0.88
N ILE B 14 -9.36 -14.84 -0.70
CA ILE B 14 -9.83 -15.74 0.33
C ILE B 14 -8.80 -15.82 1.46
N VAL B 15 -9.16 -15.27 2.59
CA VAL B 15 -8.31 -15.25 3.77
C VAL B 15 -8.82 -16.24 4.80
N LYS B 16 -8.08 -17.33 4.98
CA LYS B 16 -8.48 -18.37 5.94
C LYS B 16 -8.00 -18.05 7.34
N LYS B 17 -8.49 -18.85 8.30
CA LYS B 17 -8.16 -18.70 9.71
C LYS B 17 -8.33 -17.25 10.18
N VAL B 18 -9.55 -16.75 10.05
CA VAL B 18 -9.87 -15.39 10.45
C VAL B 18 -10.98 -15.40 11.47
N ARG B 19 -10.88 -14.57 12.48
CA ARG B 19 -11.90 -14.52 13.51
C ARG B 19 -12.54 -13.16 13.61
N GLN B 20 -13.76 -13.15 14.10
CA GLN B 20 -14.51 -11.92 14.28
C GLN B 20 -15.23 -11.96 15.62
N LYS B 21 -14.71 -11.20 16.57
CA LYS B 21 -15.30 -11.09 17.91
C LYS B 21 -15.75 -12.43 18.49
N LYS B 22 -14.77 -13.31 18.74
CA LYS B 22 -14.98 -14.63 19.33
C LYS B 22 -15.46 -15.67 18.32
N GLN B 23 -15.63 -15.27 17.07
CA GLN B 23 -16.09 -16.19 16.05
C GLN B 23 -14.95 -16.61 15.15
N ASP B 24 -14.64 -17.89 15.15
CA ASP B 24 -13.57 -18.41 14.32
C ASP B 24 -14.11 -18.80 12.96
N GLY B 25 -13.52 -18.28 11.90
CA GLY B 25 -14.00 -18.60 10.58
C GLY B 25 -13.02 -18.29 9.47
N ALA B 26 -13.53 -17.70 8.41
CA ALA B 26 -12.74 -17.38 7.24
C ALA B 26 -13.27 -16.14 6.55
N LEU B 27 -12.36 -15.35 6.03
CA LEU B 27 -12.67 -14.12 5.36
C LEU B 27 -12.62 -14.28 3.84
N TYR B 28 -13.65 -13.83 3.15
CA TYR B 28 -13.69 -13.90 1.70
C TYR B 28 -14.06 -12.55 1.11
N LEU B 29 -13.20 -12.00 0.28
CA LEU B 29 -13.47 -10.71 -0.34
C LEU B 29 -14.09 -10.90 -1.72
N MET B 30 -15.39 -10.72 -1.83
CA MET B 30 -16.06 -10.85 -3.11
C MET B 30 -15.91 -9.54 -3.87
N ALA B 31 -16.13 -9.60 -5.17
CA ALA B 31 -16.00 -8.44 -6.05
C ALA B 31 -16.62 -7.16 -5.50
N GLU B 32 -17.79 -7.25 -4.86
CA GLU B 32 -18.47 -6.06 -4.36
C GLU B 32 -18.60 -6.02 -2.83
N ARG B 33 -18.25 -7.10 -2.12
CA ARG B 33 -18.41 -7.10 -0.68
C ARG B 33 -17.44 -8.03 0.05
N ILE B 34 -16.96 -7.56 1.19
CA ILE B 34 -16.09 -8.34 2.05
C ILE B 34 -17.00 -9.17 2.95
N ALA B 35 -17.01 -10.46 2.75
CA ALA B 35 -17.88 -11.31 3.52
C ALA B 35 -17.09 -12.34 4.29
N TRP B 36 -17.29 -12.34 5.59
CA TRP B 36 -16.62 -13.26 6.44
C TRP B 36 -17.61 -14.31 6.93
N ALA B 37 -17.19 -15.56 6.92
CA ALA B 37 -18.04 -16.65 7.33
C ALA B 37 -17.35 -17.49 8.40
N PRO B 38 -18.10 -18.30 9.16
CA PRO B 38 -17.53 -19.15 10.18
C PRO B 38 -16.99 -20.44 9.56
N GLU B 39 -15.87 -20.92 10.07
CA GLU B 39 -15.25 -22.12 9.53
C GLU B 39 -16.20 -23.31 9.59
N GLY B 40 -16.22 -24.07 8.51
CA GLY B 40 -17.09 -25.22 8.43
C GLY B 40 -18.49 -24.86 7.96
N LYS B 41 -18.68 -23.60 7.59
CA LYS B 41 -19.97 -23.13 7.11
C LYS B 41 -19.82 -22.40 5.78
N ASP B 42 -20.80 -22.58 4.91
CA ASP B 42 -20.80 -21.94 3.60
C ASP B 42 -21.68 -20.70 3.63
N ARG B 43 -22.12 -20.32 4.82
CA ARG B 43 -22.97 -19.16 4.99
C ARG B 43 -22.21 -18.01 5.62
N PHE B 44 -21.99 -16.95 4.85
CA PHE B 44 -21.29 -15.78 5.35
C PHE B 44 -22.10 -15.14 6.47
N THR B 45 -21.53 -15.09 7.65
CA THR B 45 -22.22 -14.51 8.79
C THR B 45 -22.11 -12.99 8.78
N ILE B 46 -21.15 -12.51 8.00
CA ILE B 46 -20.91 -11.09 7.86
C ILE B 46 -20.66 -10.75 6.42
N SER B 47 -21.27 -9.71 5.94
CA SER B 47 -21.03 -9.29 4.59
C SER B 47 -21.17 -7.78 4.50
N HIS B 48 -20.07 -7.11 4.22
CA HIS B 48 -20.08 -5.67 4.10
C HIS B 48 -19.78 -5.23 2.69
N MET B 49 -20.62 -4.37 2.16
CA MET B 49 -20.39 -3.84 0.84
C MET B 49 -19.30 -2.80 1.02
N TYR B 50 -18.49 -2.58 0.02
CA TYR B 50 -17.44 -1.58 0.19
C TYR B 50 -18.06 -0.19 0.31
N ALA B 51 -19.34 -0.10 -0.04
CA ALA B 51 -20.08 1.14 0.05
C ALA B 51 -20.53 1.40 1.48
N ASP B 52 -20.18 0.49 2.39
CA ASP B 52 -20.54 0.67 3.78
C ASP B 52 -19.29 0.80 4.63
N ILE B 53 -18.15 0.53 4.03
CA ILE B 53 -16.90 0.65 4.76
C ILE B 53 -16.33 2.04 4.53
N LYS B 54 -16.14 2.77 5.60
CA LYS B 54 -15.63 4.13 5.49
C LYS B 54 -14.10 4.13 5.41
N CYS B 55 -13.46 3.23 6.14
CA CYS B 55 -12.01 3.14 6.15
C CYS B 55 -11.54 1.80 6.71
N GLN B 56 -10.36 1.34 6.28
CA GLN B 56 -9.84 0.05 6.76
C GLN B 56 -8.61 0.29 7.64
N LYS B 57 -8.64 -0.24 8.84
CA LYS B 57 -7.52 -0.11 9.77
C LYS B 57 -6.98 -1.49 10.01
N ILE B 58 -5.68 -1.62 10.23
CA ILE B 58 -5.13 -2.95 10.36
C ILE B 58 -3.91 -3.08 11.25
N SER B 59 -4.04 -3.83 12.35
CA SER B 59 -2.92 -4.05 13.26
C SER B 59 -1.91 -5.00 12.63
N PRO B 60 -0.70 -4.47 12.34
CA PRO B 60 0.40 -5.21 11.73
C PRO B 60 1.25 -5.94 12.76
N GLU B 61 2.28 -6.65 12.28
CA GLU B 61 3.20 -7.38 13.15
C GLU B 61 3.67 -6.50 14.31
N GLY B 62 4.02 -7.15 15.41
CA GLY B 62 4.42 -6.45 16.61
C GLY B 62 3.48 -6.82 17.73
N LYS B 63 2.21 -6.90 17.38
CA LYS B 63 1.17 -7.34 18.30
C LYS B 63 0.88 -8.79 17.98
N ALA B 64 0.32 -9.50 18.93
CA ALA B 64 -0.01 -10.90 18.72
C ALA B 64 -1.39 -11.02 18.09
N LYS B 65 -1.86 -9.89 17.59
CA LYS B 65 -3.15 -9.82 16.96
C LYS B 65 -3.08 -9.06 15.65
N ILE B 66 -3.26 -9.76 14.55
CA ILE B 66 -3.28 -9.14 13.25
C ILE B 66 -4.74 -8.84 12.97
N GLN B 67 -5.13 -7.61 13.14
CA GLN B 67 -6.54 -7.30 13.00
C GLN B 67 -6.86 -6.35 11.87
N LEU B 68 -8.01 -6.58 11.29
CA LEU B 68 -8.56 -5.75 10.25
C LEU B 68 -9.81 -5.10 10.82
N GLN B 69 -9.75 -3.80 11.00
CA GLN B 69 -10.85 -3.05 11.59
C GLN B 69 -11.56 -2.28 10.49
N LEU B 70 -12.76 -2.73 10.14
CA LEU B 70 -13.53 -2.06 9.11
C LEU B 70 -14.38 -0.98 9.75
N VAL B 71 -13.92 0.25 9.69
CA VAL B 71 -14.66 1.34 10.26
C VAL B 71 -15.67 1.83 9.26
N LEU B 72 -16.92 1.70 9.63
CA LEU B 72 -18.02 2.07 8.77
C LEU B 72 -18.37 3.54 8.91
N HIS B 73 -19.18 4.04 7.98
CA HIS B 73 -19.57 5.45 7.93
C HIS B 73 -20.15 5.97 9.24
N ALA B 74 -21.13 5.26 9.78
CA ALA B 74 -21.79 5.66 11.02
C ALA B 74 -20.85 5.70 12.20
N GLY B 75 -19.72 5.02 12.08
CA GLY B 75 -18.77 4.95 13.16
C GLY B 75 -18.63 3.53 13.64
N ASP B 76 -19.31 2.64 12.93
CA ASP B 76 -19.30 1.23 13.24
C ASP B 76 -17.97 0.65 12.86
N THR B 77 -17.80 -0.62 13.16
CA THR B 77 -16.56 -1.31 12.86
C THR B 77 -16.76 -2.81 12.82
N THR B 78 -15.84 -3.48 12.14
CA THR B 78 -15.84 -4.92 12.03
C THR B 78 -14.43 -5.43 12.34
N ASN B 79 -14.30 -6.29 13.33
CA ASN B 79 -12.99 -6.82 13.72
C ASN B 79 -12.69 -8.17 13.11
N PHE B 80 -11.77 -8.21 12.15
CA PHE B 80 -11.35 -9.45 11.52
C PHE B 80 -9.91 -9.73 11.87
N HIS B 81 -9.72 -10.65 12.79
CA HIS B 81 -8.39 -11.02 13.25
C HIS B 81 -7.81 -12.16 12.41
N PHE B 82 -6.80 -11.83 11.62
CA PHE B 82 -6.10 -12.81 10.80
C PHE B 82 -5.31 -13.69 11.76
N SER B 83 -5.80 -14.89 12.04
CA SER B 83 -5.15 -15.73 13.02
C SER B 83 -4.35 -16.87 12.41
N ASN B 84 -3.95 -16.73 11.15
CA ASN B 84 -3.13 -17.76 10.51
C ASN B 84 -1.68 -17.46 10.82
N GLU B 85 -1.18 -18.03 11.92
CA GLU B 85 0.20 -17.80 12.39
C GLU B 85 1.25 -17.81 11.27
N SER B 86 1.00 -18.55 10.21
CA SER B 86 1.92 -18.64 9.09
C SER B 86 2.08 -17.30 8.35
N THR B 87 0.97 -16.74 7.87
CA THR B 87 1.03 -15.49 7.11
C THR B 87 0.04 -14.45 7.62
N ALA B 88 -0.35 -14.58 8.88
CA ALA B 88 -1.32 -13.69 9.52
C ALA B 88 -1.21 -12.22 9.11
N VAL B 89 -0.01 -11.66 9.20
CA VAL B 89 0.16 -10.26 8.86
C VAL B 89 0.20 -10.07 7.36
N LYS B 90 0.81 -11.02 6.67
CA LYS B 90 0.91 -10.94 5.22
C LYS B 90 -0.48 -11.05 4.60
N GLU B 91 -1.37 -11.76 5.30
CA GLU B 91 -2.74 -11.87 4.86
C GLU B 91 -3.34 -10.48 4.91
N ARG B 92 -3.18 -9.85 6.07
CA ARG B 92 -3.68 -8.49 6.32
C ARG B 92 -3.34 -7.55 5.18
N ASP B 93 -2.07 -7.53 4.81
CA ASP B 93 -1.56 -6.67 3.74
C ASP B 93 -2.28 -6.95 2.41
N ALA B 94 -2.50 -8.23 2.11
CA ALA B 94 -3.19 -8.61 0.87
C ALA B 94 -4.65 -8.16 0.90
N VAL B 95 -5.32 -8.38 2.03
CA VAL B 95 -6.71 -7.96 2.20
C VAL B 95 -6.77 -6.44 2.08
N LYS B 96 -5.73 -5.80 2.62
CA LYS B 96 -5.58 -4.35 2.59
C LYS B 96 -5.50 -3.84 1.16
N ASP B 97 -4.47 -4.25 0.44
CA ASP B 97 -4.24 -3.83 -0.94
C ASP B 97 -5.49 -3.99 -1.80
N LEU B 98 -6.05 -5.18 -1.76
CA LEU B 98 -7.23 -5.48 -2.55
C LEU B 98 -8.45 -4.68 -2.08
N LEU B 99 -8.84 -4.82 -0.81
CA LEU B 99 -10.01 -4.11 -0.29
C LEU B 99 -9.92 -2.62 -0.51
N GLN B 100 -8.72 -2.09 -0.30
CA GLN B 100 -8.50 -0.66 -0.43
C GLN B 100 -8.77 -0.21 -1.86
N GLN B 101 -8.49 -1.05 -2.85
CA GLN B 101 -8.75 -0.70 -4.25
C GLN B 101 -10.23 -0.94 -4.55
N LEU B 102 -10.88 -1.71 -3.71
CA LEU B 102 -12.28 -2.03 -3.84
C LEU B 102 -13.16 -0.89 -3.32
N LEU B 103 -12.61 -0.17 -2.33
CA LEU B 103 -13.33 0.94 -1.69
C LEU B 103 -13.68 2.08 -2.63
N PRO B 104 -12.69 2.65 -3.36
CA PRO B 104 -12.95 3.79 -4.25
C PRO B 104 -14.03 3.48 -5.27
N LYS B 105 -14.17 2.19 -5.55
CA LYS B 105 -15.17 1.71 -6.47
C LYS B 105 -16.56 1.96 -5.91
N PHE B 106 -16.67 1.99 -4.58
CA PHE B 106 -17.96 2.21 -3.92
C PHE B 106 -18.02 3.57 -3.23
N LYS B 107 -16.86 4.10 -2.87
CA LYS B 107 -16.76 5.40 -2.21
C LYS B 107 -17.46 6.50 -3.00
N ARG B 108 -17.80 7.57 -2.31
CA ARG B 108 -18.48 8.71 -2.92
C ARG B 108 -17.58 9.41 -3.92
N LYS B 109 -17.96 9.34 -5.20
CA LYS B 109 -17.19 9.98 -6.27
C LYS B 109 -18.10 10.34 -7.44
N ALA B 110 -18.87 9.37 -7.90
CA ALA B 110 -19.79 9.57 -9.01
C ALA B 110 -20.97 8.62 -8.89
N ASN B 111 -21.51 8.53 -7.69
CA ASN B 111 -22.64 7.64 -7.40
C ASN B 111 -23.52 8.29 -6.35
N MET A 4 -11.58 -17.97 28.37
CA MET A 4 -11.38 -18.75 27.12
C MET A 4 -10.55 -17.93 26.15
N SER A 5 -10.85 -18.04 24.86
CA SER A 5 -10.13 -17.27 23.85
C SER A 5 -10.66 -15.84 23.82
N ASP A 6 -10.46 -15.14 24.93
CA ASP A 6 -10.94 -13.78 25.08
C ASP A 6 -9.88 -12.77 24.65
N ASN A 7 -9.01 -13.19 23.75
CA ASN A 7 -7.92 -12.35 23.26
C ASN A 7 -8.48 -11.33 22.28
N GLU A 8 -9.64 -11.68 21.77
CA GLU A 8 -10.36 -10.89 20.79
C GLU A 8 -10.84 -9.57 21.38
N ASP A 9 -10.86 -9.52 22.67
CA ASP A 9 -11.27 -8.31 23.38
C ASP A 9 -10.47 -8.18 24.66
N ASN A 10 -9.25 -8.71 24.62
CA ASN A 10 -8.36 -8.64 25.77
C ASN A 10 -7.34 -7.55 25.57
N PHE A 11 -7.43 -6.94 24.41
CA PHE A 11 -6.58 -5.85 24.04
C PHE A 11 -7.33 -4.55 24.20
N ASP A 12 -6.62 -3.46 24.07
CA ASP A 12 -7.18 -2.14 24.19
C ASP A 12 -6.16 -1.18 23.66
N GLY A 13 -6.29 -0.93 22.40
CA GLY A 13 -5.38 -0.03 21.76
C GLY A 13 -4.53 -0.66 20.69
N ASP A 14 -5.06 -1.70 20.04
CA ASP A 14 -4.34 -2.37 18.95
C ASP A 14 -3.63 -1.34 18.09
N ASP A 15 -2.37 -1.63 17.75
CA ASP A 15 -1.53 -0.71 16.98
C ASP A 15 -1.97 -0.62 15.53
N PHE A 16 -3.29 -0.61 15.32
CA PHE A 16 -3.88 -0.53 13.99
C PHE A 16 -3.21 0.52 13.12
N ASP A 17 -2.51 0.06 12.10
CA ASP A 17 -1.91 0.94 11.15
C ASP A 17 -3.04 1.32 10.21
N ASP A 18 -3.69 2.42 10.56
CA ASP A 18 -4.81 2.93 9.79
C ASP A 18 -4.42 3.06 8.35
N VAL A 19 -5.11 2.30 7.54
CA VAL A 19 -4.85 2.27 6.14
C VAL A 19 -6.09 2.39 5.30
N GLU A 20 -6.40 3.58 4.85
CA GLU A 20 -7.48 3.72 3.93
C GLU A 20 -6.85 3.37 2.58
N GLU A 21 -7.60 3.16 1.53
CA GLU A 21 -6.97 2.79 0.26
C GLU A 21 -5.89 3.80 -0.14
N ASP A 22 -4.79 3.31 -0.67
CA ASP A 22 -3.69 4.18 -1.04
C ASP A 22 -3.13 3.86 -2.43
N GLU A 23 -3.87 4.25 -3.46
CA GLU A 23 -3.41 4.04 -4.82
C GLU A 23 -3.00 5.36 -5.43
N GLY A 24 -1.70 5.50 -5.68
CA GLY A 24 -1.18 6.73 -6.25
C GLY A 24 -1.29 7.88 -5.26
N LEU A 25 -1.56 7.53 -4.01
CA LEU A 25 -1.73 8.51 -2.95
C LEU A 25 -0.41 9.16 -2.55
N ASP A 26 -0.45 10.48 -2.38
CA ASP A 26 0.69 11.27 -1.96
C ASP A 26 0.24 12.21 -0.84
N ASP A 27 1.19 12.79 -0.14
CA ASP A 27 0.87 13.71 0.95
C ASP A 27 0.23 14.97 0.37
N LEU A 28 0.98 15.68 -0.48
CA LEU A 28 0.54 16.91 -1.12
C LEU A 28 1.74 17.65 -1.70
N GLU A 29 2.66 16.88 -2.29
CA GLU A 29 3.91 17.42 -2.85
C GLU A 29 4.83 17.91 -1.72
N ASN A 30 6.13 17.68 -1.88
CA ASN A 30 7.14 18.06 -0.88
C ASN A 30 6.99 17.18 0.36
N ALA A 31 8.11 16.61 0.80
CA ALA A 31 8.11 15.73 1.96
C ALA A 31 9.42 15.80 2.72
N GLU A 32 10.08 16.95 2.62
CA GLU A 32 11.34 17.17 3.30
C GLU A 32 11.12 17.18 4.80
N GLU A 33 11.68 16.16 5.48
CA GLU A 33 11.55 15.99 6.93
C GLU A 33 10.13 15.53 7.30
N GLU A 34 9.14 16.33 6.89
CA GLU A 34 7.74 16.03 7.16
C GLU A 34 6.87 16.74 6.13
N GLY A 35 5.59 16.46 6.15
CA GLY A 35 4.68 17.08 5.23
C GLY A 35 3.27 17.12 5.75
N GLN A 36 2.93 16.17 6.62
CA GLN A 36 1.59 16.12 7.16
C GLN A 36 1.51 16.85 8.48
N GLU A 37 1.46 18.16 8.40
CA GLU A 37 1.36 19.01 9.58
C GLU A 37 0.00 19.68 9.58
N ASN A 38 -0.97 19.03 10.20
CA ASN A 38 -2.33 19.57 10.28
C ASN A 38 -2.31 20.86 11.08
N VAL A 39 -2.91 21.91 10.52
CA VAL A 39 -2.94 23.21 11.15
C VAL A 39 -4.34 23.80 11.15
N GLU A 40 -4.58 24.75 12.03
CA GLU A 40 -5.86 25.42 12.11
C GLU A 40 -5.65 26.93 11.98
N ILE A 41 -6.65 27.62 11.48
CA ILE A 41 -6.56 29.06 11.29
C ILE A 41 -7.26 29.78 12.44
N LEU A 42 -6.54 30.70 13.07
CA LEU A 42 -7.07 31.46 14.18
C LEU A 42 -6.99 32.94 13.88
N PRO A 43 -7.97 33.71 14.36
CA PRO A 43 -7.99 35.16 14.15
C PRO A 43 -6.86 35.84 14.91
N SER A 44 -6.18 36.75 14.24
CA SER A 44 -5.10 37.51 14.86
C SER A 44 -5.54 38.91 15.22
N GLY A 45 -4.72 39.56 16.01
CA GLY A 45 -5.00 40.89 16.51
C GLY A 45 -4.92 40.89 18.01
N GLU A 46 -5.12 39.71 18.56
CA GLU A 46 -5.01 39.50 20.00
C GLU A 46 -3.80 38.62 20.25
N ARG A 47 -3.61 37.76 19.26
CA ARG A 47 -2.51 36.81 19.17
C ARG A 47 -2.30 36.00 20.44
N PRO A 48 -3.05 34.90 20.61
CA PRO A 48 -2.85 34.05 21.76
C PRO A 48 -1.63 33.17 21.52
N GLN A 49 -0.69 33.28 22.41
CA GLN A 49 0.53 32.54 22.33
C GLN A 49 0.93 31.98 23.69
N ALA A 50 1.76 30.96 23.67
CA ALA A 50 2.25 30.35 24.89
C ALA A 50 3.46 31.13 25.40
N ASN A 51 4.07 30.66 26.49
CA ASN A 51 5.20 31.40 27.05
C ASN A 51 6.50 30.59 27.04
N GLN A 52 6.71 29.83 25.98
CA GLN A 52 7.94 29.04 25.84
C GLN A 52 8.45 29.14 24.41
N LYS A 53 9.68 28.71 24.18
CA LYS A 53 10.25 28.73 22.85
C LYS A 53 9.52 27.72 21.98
N ARG A 54 9.25 28.07 20.73
CA ARG A 54 8.54 27.15 19.86
C ARG A 54 9.47 26.07 19.35
N ILE A 55 8.88 24.94 19.04
CA ILE A 55 9.63 23.77 18.62
C ILE A 55 9.53 23.48 17.14
N THR A 56 8.57 24.10 16.46
CA THR A 56 8.41 23.86 15.04
C THR A 56 9.25 24.81 14.19
N THR A 57 8.97 24.87 12.90
CA THR A 57 9.74 25.68 11.99
C THR A 57 8.95 26.86 11.47
N PRO A 58 9.60 28.02 11.38
CA PRO A 58 9.00 29.26 10.88
C PRO A 58 8.92 29.25 9.35
N TYR A 59 8.27 28.23 8.82
CA TYR A 59 8.12 28.05 7.40
C TYR A 59 6.73 27.56 7.11
N MET A 60 6.22 27.89 5.95
CA MET A 60 4.89 27.46 5.59
C MET A 60 4.94 26.59 4.34
N THR A 61 4.47 25.37 4.48
CA THR A 61 4.47 24.43 3.37
C THR A 61 3.17 24.50 2.59
N LYS A 62 2.97 23.52 1.72
CA LYS A 62 1.78 23.43 0.88
C LYS A 62 0.50 23.28 1.71
N TYR A 63 0.63 22.74 2.92
CA TYR A 63 -0.52 22.50 3.79
C TYR A 63 -1.12 23.81 4.29
N GLU A 64 -0.35 24.56 5.05
CA GLU A 64 -0.82 25.82 5.61
C GLU A 64 -1.08 26.84 4.50
N ARG A 65 -0.24 26.81 3.47
CA ARG A 65 -0.37 27.73 2.33
C ARG A 65 -1.77 27.68 1.75
N ALA A 66 -2.21 26.48 1.40
CA ALA A 66 -3.51 26.28 0.80
C ALA A 66 -4.65 26.46 1.80
N ARG A 67 -4.44 25.99 3.02
CA ARG A 67 -5.48 26.09 4.05
C ARG A 67 -5.75 27.54 4.45
N VAL A 68 -4.69 28.29 4.74
CA VAL A 68 -4.84 29.69 5.13
C VAL A 68 -5.47 30.51 4.00
N LEU A 69 -5.05 30.22 2.77
CA LEU A 69 -5.57 30.93 1.62
C LEU A 69 -7.01 30.55 1.36
N GLY A 70 -7.37 29.32 1.70
CA GLY A 70 -8.74 28.90 1.54
C GLY A 70 -9.64 29.69 2.47
N THR A 71 -9.09 30.06 3.61
CA THR A 71 -9.82 30.84 4.60
C THR A 71 -9.85 32.32 4.19
N ARG A 72 -8.73 32.78 3.63
CA ARG A 72 -8.62 34.16 3.18
C ARG A 72 -9.51 34.41 1.97
N ALA A 73 -9.61 33.43 1.09
CA ALA A 73 -10.48 33.53 -0.07
C ALA A 73 -11.89 33.72 0.41
N LEU A 74 -12.24 33.00 1.47
CA LEU A 74 -13.57 33.12 2.05
C LEU A 74 -13.76 34.53 2.61
N GLN A 75 -12.66 35.13 3.08
CA GLN A 75 -12.72 36.48 3.62
C GLN A 75 -12.95 37.49 2.51
N ILE A 76 -12.07 37.49 1.51
CA ILE A 76 -12.15 38.43 0.39
C ILE A 76 -13.44 38.22 -0.40
N ALA A 77 -13.86 36.96 -0.48
CA ALA A 77 -15.09 36.61 -1.17
C ALA A 77 -16.29 37.25 -0.48
N MET A 78 -16.07 37.71 0.75
CA MET A 78 -17.11 38.37 1.52
C MET A 78 -16.90 39.88 1.44
N CYS A 79 -16.05 40.30 0.50
CA CYS A 79 -15.75 41.71 0.25
C CYS A 79 -14.67 42.24 1.19
N ALA A 80 -13.72 41.37 1.54
CA ALA A 80 -12.61 41.77 2.41
C ALA A 80 -11.64 42.66 1.66
N PRO A 81 -11.10 43.69 2.33
CA PRO A 81 -10.13 44.60 1.71
C PRO A 81 -8.85 43.88 1.30
N VAL A 82 -8.42 44.13 0.07
CA VAL A 82 -7.21 43.53 -0.48
C VAL A 82 -5.97 44.29 0.01
N MET A 83 -5.01 43.55 0.56
CA MET A 83 -3.78 44.15 1.08
C MET A 83 -2.68 44.21 0.03
N VAL A 84 -2.91 43.58 -1.10
CA VAL A 84 -1.92 43.56 -2.17
C VAL A 84 -2.34 44.39 -3.36
N GLU A 85 -1.53 44.27 -4.38
CA GLU A 85 -1.71 44.96 -5.63
C GLU A 85 -2.57 44.09 -6.55
N LEU A 86 -3.10 44.69 -7.61
CA LEU A 86 -3.95 43.94 -8.52
C LEU A 86 -3.46 44.08 -9.96
N GLU A 87 -2.89 43.00 -10.49
CA GLU A 87 -2.39 42.98 -11.86
C GLU A 87 -3.47 42.39 -12.76
N GLY A 88 -4.69 42.45 -12.26
CA GLY A 88 -5.82 41.90 -12.98
C GLY A 88 -6.56 40.90 -12.13
N GLU A 89 -5.97 40.53 -11.00
CA GLU A 89 -6.56 39.57 -10.07
C GLU A 89 -7.89 40.11 -9.56
N THR A 90 -8.97 39.49 -9.98
CA THR A 90 -10.30 39.90 -9.56
C THR A 90 -10.97 38.80 -8.74
N ASP A 91 -10.25 37.70 -8.56
CA ASP A 91 -10.74 36.55 -7.81
C ASP A 91 -10.05 36.49 -6.45
N PRO A 92 -10.82 36.20 -5.39
CA PRO A 92 -10.31 36.12 -4.02
C PRO A 92 -9.13 35.16 -3.87
N LEU A 93 -9.10 34.09 -4.65
CA LEU A 93 -8.03 33.12 -4.58
C LEU A 93 -6.71 33.72 -5.08
N LEU A 94 -6.78 34.38 -6.23
CA LEU A 94 -5.60 35.00 -6.82
C LEU A 94 -5.00 36.03 -5.87
N ILE A 95 -5.87 36.90 -5.35
CA ILE A 95 -5.45 37.95 -4.43
C ILE A 95 -4.88 37.34 -3.15
N ALA A 96 -5.58 36.34 -2.61
CA ALA A 96 -5.13 35.67 -1.39
C ALA A 96 -3.73 35.11 -1.57
N MET A 97 -3.51 34.48 -2.73
CA MET A 97 -2.21 33.90 -3.05
C MET A 97 -1.14 34.98 -3.09
N LYS A 98 -1.50 36.13 -3.65
CA LYS A 98 -0.59 37.26 -3.75
C LYS A 98 -0.26 37.78 -2.35
N GLU A 99 -1.29 37.88 -1.51
CA GLU A 99 -1.12 38.37 -0.14
C GLU A 99 -0.27 37.42 0.69
N LEU A 100 -0.50 36.12 0.53
CA LEU A 100 0.24 35.11 1.27
C LEU A 100 1.74 35.18 0.98
N LYS A 101 2.12 35.17 -0.29
CA LYS A 101 3.53 35.21 -0.65
C LYS A 101 4.13 36.57 -0.35
N ALA A 102 3.28 37.57 -0.19
CA ALA A 102 3.73 38.91 0.13
C ALA A 102 3.72 39.13 1.64
N ARG A 103 3.32 38.07 2.38
CA ARG A 103 3.24 38.12 3.84
C ARG A 103 2.30 39.24 4.29
N LYS A 104 1.24 39.45 3.53
CA LYS A 104 0.29 40.50 3.81
C LYS A 104 -1.01 39.96 4.42
N ILE A 105 -0.95 38.76 4.98
CA ILE A 105 -2.13 38.16 5.60
C ILE A 105 -1.98 38.09 7.11
N PRO A 106 -2.76 38.90 7.84
CA PRO A 106 -2.73 38.91 9.28
C PRO A 106 -3.64 37.82 9.85
N ILE A 107 -3.05 36.70 10.23
CA ILE A 107 -3.80 35.58 10.79
C ILE A 107 -2.86 34.65 11.54
N ILE A 108 -3.38 33.96 12.55
CA ILE A 108 -2.59 33.02 13.34
C ILE A 108 -2.84 31.60 12.86
N ILE A 109 -1.77 30.84 12.72
CA ILE A 109 -1.83 29.45 12.27
C ILE A 109 -1.42 28.50 13.38
N ARG A 110 -2.38 27.78 13.94
CA ARG A 110 -2.08 26.82 14.99
C ARG A 110 -1.63 25.53 14.33
N ARG A 111 -0.35 25.21 14.45
CA ARG A 111 0.21 24.02 13.85
C ARG A 111 0.19 22.85 14.82
N TYR A 112 -0.46 21.76 14.43
CA TYR A 112 -0.54 20.57 15.28
C TYR A 112 0.39 19.50 14.72
N LEU A 113 1.01 18.74 15.61
CA LEU A 113 1.91 17.68 15.18
C LEU A 113 1.24 16.32 15.35
N PRO A 114 1.74 15.29 14.64
CA PRO A 114 1.18 13.92 14.70
C PRO A 114 1.23 13.30 16.10
N ASP A 115 1.96 13.93 17.01
CA ASP A 115 2.08 13.43 18.38
C ASP A 115 0.97 14.00 19.26
N GLY A 116 0.28 15.01 18.75
CA GLY A 116 -0.80 15.63 19.49
C GLY A 116 -0.44 17.00 20.02
N SER A 117 0.79 17.44 19.77
CA SER A 117 1.23 18.75 20.22
C SER A 117 0.73 19.83 19.27
N TYR A 118 0.80 21.09 19.69
CA TYR A 118 0.36 22.19 18.86
C TYR A 118 0.99 23.50 19.30
N GLU A 119 1.36 24.32 18.33
CA GLU A 119 1.96 25.61 18.60
C GLU A 119 1.31 26.68 17.73
N ASP A 120 1.29 27.91 18.19
CA ASP A 120 0.68 29.00 17.44
C ASP A 120 1.74 29.69 16.61
N TRP A 121 1.44 29.93 15.35
CA TRP A 121 2.39 30.57 14.44
C TRP A 121 1.70 31.58 13.54
N GLY A 122 2.18 32.81 13.54
CA GLY A 122 1.59 33.82 12.68
C GLY A 122 2.12 33.73 11.26
N VAL A 123 1.34 34.21 10.30
CA VAL A 123 1.77 34.18 8.90
C VAL A 123 3.02 35.02 8.74
N ASP A 124 3.13 36.01 9.61
CA ASP A 124 4.25 36.91 9.64
C ASP A 124 5.52 36.18 10.10
N GLU A 125 5.33 35.12 10.88
CA GLU A 125 6.46 34.35 11.41
C GLU A 125 6.77 33.14 10.52
N LEU A 126 6.01 32.97 9.45
CA LEU A 126 6.22 31.83 8.57
C LEU A 126 6.72 32.25 7.20
N ILE A 127 7.82 31.62 6.80
CA ILE A 127 8.41 31.88 5.50
C ILE A 127 7.80 30.92 4.50
N ILE A 128 7.01 31.45 3.59
CA ILE A 128 6.34 30.63 2.59
C ILE A 128 7.16 30.52 1.32
N THR A 129 7.43 29.32 0.90
CA THR A 129 8.10 29.13 -0.36
C THR A 129 7.06 29.13 -1.45
N ASP A 130 6.90 30.28 -2.04
CA ASP A 130 5.90 30.48 -3.06
C ASP A 130 6.55 30.85 -4.39
N MET B 4 -27.22 -22.54 -8.06
CA MET B 4 -26.09 -23.34 -8.57
C MET B 4 -25.53 -22.70 -9.83
N ALA B 5 -24.20 -22.71 -9.97
CA ALA B 5 -23.54 -22.10 -11.13
C ALA B 5 -23.89 -20.62 -11.22
N THR B 6 -24.01 -19.99 -10.05
CA THR B 6 -24.37 -18.59 -9.95
C THR B 6 -23.38 -17.87 -9.04
N SER B 7 -22.84 -16.76 -9.51
CA SER B 7 -21.90 -15.98 -8.73
C SER B 7 -22.60 -15.17 -7.63
N SER B 8 -22.91 -15.84 -6.52
CA SER B 8 -23.55 -15.18 -5.39
C SER B 8 -22.58 -14.16 -4.83
N GLU B 9 -21.36 -14.62 -4.63
CA GLU B 9 -20.30 -13.79 -4.11
C GLU B 9 -19.01 -14.11 -4.84
N GLU B 10 -18.63 -13.25 -5.77
CA GLU B 10 -17.41 -13.44 -6.54
C GLU B 10 -16.20 -13.21 -5.64
N VAL B 11 -15.69 -14.29 -5.07
CA VAL B 11 -14.57 -14.23 -4.15
C VAL B 11 -13.24 -14.02 -4.88
N LEU B 12 -12.61 -12.91 -4.59
CA LEU B 12 -11.33 -12.57 -5.19
C LEU B 12 -10.20 -12.93 -4.23
N LEU B 13 -10.45 -12.80 -2.94
CA LEU B 13 -9.46 -13.12 -1.91
C LEU B 13 -10.06 -13.99 -0.82
N ILE B 14 -9.48 -15.16 -0.61
CA ILE B 14 -9.96 -16.06 0.43
C ILE B 14 -8.97 -16.11 1.58
N VAL B 15 -9.33 -15.45 2.67
CA VAL B 15 -8.49 -15.39 3.85
C VAL B 15 -9.01 -16.34 4.93
N LYS B 16 -8.27 -17.42 5.17
CA LYS B 16 -8.68 -18.41 6.18
C LYS B 16 -8.13 -18.05 7.56
N LYS B 17 -8.61 -18.76 8.58
CA LYS B 17 -8.20 -18.54 9.96
C LYS B 17 -8.43 -17.08 10.36
N VAL B 18 -9.68 -16.65 10.29
CA VAL B 18 -10.03 -15.29 10.63
C VAL B 18 -11.14 -15.26 11.67
N ARG B 19 -10.93 -14.48 12.72
CA ARG B 19 -11.92 -14.38 13.78
C ARG B 19 -12.60 -13.04 13.83
N GLN B 20 -13.84 -13.06 14.25
CA GLN B 20 -14.65 -11.87 14.42
C GLN B 20 -15.41 -12.00 15.73
N LYS B 21 -14.96 -11.26 16.75
CA LYS B 21 -15.58 -11.30 18.07
C LYS B 21 -15.77 -12.74 18.58
N LYS B 22 -14.64 -13.42 18.78
CA LYS B 22 -14.59 -14.78 19.28
C LYS B 22 -15.19 -15.81 18.32
N GLN B 23 -15.36 -15.43 17.07
CA GLN B 23 -15.90 -16.35 16.09
C GLN B 23 -14.83 -16.71 15.10
N ASP B 24 -14.47 -17.99 15.03
CA ASP B 24 -13.46 -18.42 14.08
C ASP B 24 -14.10 -18.76 12.76
N GLY B 25 -13.44 -18.40 11.69
CA GLY B 25 -13.97 -18.67 10.39
C GLY B 25 -13.04 -18.29 9.28
N ALA B 26 -13.56 -17.57 8.32
CA ALA B 26 -12.79 -17.18 7.17
C ALA B 26 -13.34 -15.93 6.52
N LEU B 27 -12.44 -15.13 6.02
CA LEU B 27 -12.74 -13.88 5.37
C LEU B 27 -12.66 -14.00 3.86
N TYR B 28 -13.79 -13.82 3.17
CA TYR B 28 -13.81 -13.91 1.72
C TYR B 28 -14.16 -12.56 1.12
N LEU B 29 -13.21 -11.95 0.41
CA LEU B 29 -13.45 -10.67 -0.23
C LEU B 29 -14.07 -10.86 -1.59
N MET B 30 -15.31 -10.40 -1.75
CA MET B 30 -15.98 -10.51 -3.02
C MET B 30 -15.84 -9.21 -3.78
N ALA B 31 -16.01 -9.27 -5.08
CA ALA B 31 -15.87 -8.10 -5.94
C ALA B 31 -16.61 -6.86 -5.42
N GLU B 32 -17.77 -7.05 -4.80
CA GLU B 32 -18.55 -5.91 -4.30
C GLU B 32 -18.69 -5.89 -2.77
N ARG B 33 -18.31 -6.97 -2.09
CA ARG B 33 -18.48 -7.00 -0.63
C ARG B 33 -17.47 -7.88 0.09
N ILE B 34 -17.02 -7.42 1.24
CA ILE B 34 -16.14 -8.20 2.08
C ILE B 34 -17.06 -9.02 2.97
N ALA B 35 -17.06 -10.32 2.75
CA ALA B 35 -17.94 -11.19 3.51
C ALA B 35 -17.16 -12.22 4.29
N TRP B 36 -17.31 -12.16 5.58
CA TRP B 36 -16.64 -13.09 6.45
C TRP B 36 -17.64 -14.13 6.93
N ALA B 37 -17.21 -15.37 6.94
CA ALA B 37 -18.06 -16.47 7.36
C ALA B 37 -17.36 -17.28 8.45
N PRO B 38 -18.13 -18.01 9.26
CA PRO B 38 -17.57 -18.83 10.32
C PRO B 38 -17.04 -20.13 9.74
N GLU B 39 -16.14 -20.80 10.44
CA GLU B 39 -15.59 -22.04 9.93
C GLU B 39 -16.66 -23.13 9.88
N GLY B 40 -16.61 -23.93 8.83
CA GLY B 40 -17.57 -25.00 8.64
C GLY B 40 -18.93 -24.48 8.21
N LYS B 41 -18.95 -23.29 7.63
CA LYS B 41 -20.19 -22.69 7.16
C LYS B 41 -20.05 -22.21 5.73
N ASP B 42 -21.12 -22.37 4.95
CA ASP B 42 -21.13 -21.92 3.57
C ASP B 42 -21.82 -20.57 3.50
N ARG B 43 -22.30 -20.13 4.66
CA ARG B 43 -23.02 -18.86 4.75
C ARG B 43 -22.17 -17.82 5.47
N PHE B 44 -21.98 -16.68 4.82
CA PHE B 44 -21.23 -15.59 5.40
C PHE B 44 -22.10 -14.89 6.43
N THR B 45 -21.65 -14.90 7.68
CA THR B 45 -22.40 -14.29 8.76
C THR B 45 -22.20 -12.78 8.78
N ILE B 46 -21.29 -12.31 7.94
CA ILE B 46 -20.99 -10.90 7.82
C ILE B 46 -20.72 -10.54 6.38
N SER B 47 -21.33 -9.49 5.92
CA SER B 47 -21.10 -9.06 4.57
C SER B 47 -21.22 -7.54 4.48
N HIS B 48 -20.13 -6.88 4.14
CA HIS B 48 -20.12 -5.43 4.03
C HIS B 48 -19.82 -4.99 2.62
N MET B 49 -20.64 -4.11 2.09
CA MET B 49 -20.41 -3.58 0.78
C MET B 49 -19.32 -2.55 0.93
N TYR B 50 -18.42 -2.46 -0.03
CA TYR B 50 -17.34 -1.48 0.07
C TYR B 50 -17.89 -0.07 0.09
N ALA B 51 -19.14 0.04 -0.36
CA ALA B 51 -19.83 1.31 -0.40
C ALA B 51 -20.12 1.80 1.00
N ASP B 52 -20.19 0.88 1.96
CA ASP B 52 -20.50 1.22 3.34
C ASP B 52 -19.28 1.23 4.22
N ILE B 53 -18.15 0.88 3.68
CA ILE B 53 -16.93 0.88 4.46
C ILE B 53 -16.22 2.20 4.19
N LYS B 54 -16.17 3.07 5.18
CA LYS B 54 -15.53 4.36 4.98
C LYS B 54 -14.01 4.25 5.00
N CYS B 55 -13.48 3.21 5.66
CA CYS B 55 -12.04 3.01 5.76
C CYS B 55 -11.69 1.68 6.41
N GLN B 56 -10.46 1.22 6.21
CA GLN B 56 -10.01 -0.03 6.81
C GLN B 56 -8.80 0.25 7.68
N LYS B 57 -8.76 -0.37 8.83
CA LYS B 57 -7.65 -0.22 9.75
C LYS B 57 -7.04 -1.57 9.95
N ILE B 58 -5.77 -1.65 10.24
CA ILE B 58 -5.16 -2.95 10.34
C ILE B 58 -4.12 -3.08 11.44
N SER B 59 -4.14 -4.19 12.17
CA SER B 59 -3.17 -4.42 13.22
C SER B 59 -2.00 -5.21 12.63
N PRO B 60 -0.85 -4.54 12.46
CA PRO B 60 0.36 -5.12 11.88
C PRO B 60 1.23 -5.85 12.91
N GLU B 61 2.33 -6.42 12.43
CA GLU B 61 3.27 -7.14 13.30
C GLU B 61 3.68 -6.25 14.48
N GLY B 62 4.01 -6.90 15.58
CA GLY B 62 4.37 -6.21 16.80
C GLY B 62 3.42 -6.63 17.90
N LYS B 63 2.15 -6.73 17.52
CA LYS B 63 1.13 -7.21 18.43
C LYS B 63 0.85 -8.66 18.11
N ALA B 64 0.32 -9.40 19.07
CA ALA B 64 0.02 -10.80 18.88
C ALA B 64 -1.34 -10.99 18.26
N LYS B 65 -1.88 -9.90 17.74
CA LYS B 65 -3.18 -9.91 17.11
C LYS B 65 -3.13 -9.13 15.82
N ILE B 66 -3.26 -9.84 14.71
CA ILE B 66 -3.28 -9.21 13.41
C ILE B 66 -4.73 -8.97 13.06
N GLN B 67 -5.13 -7.75 12.89
CA GLN B 67 -6.54 -7.51 12.62
C GLN B 67 -6.80 -6.52 11.51
N LEU B 68 -8.02 -6.61 11.01
CA LEU B 68 -8.54 -5.73 10.00
C LEU B 68 -9.83 -5.15 10.56
N GLN B 69 -9.81 -3.86 10.86
CA GLN B 69 -10.96 -3.21 11.43
C GLN B 69 -11.63 -2.33 10.37
N LEU B 70 -12.82 -2.70 9.96
CA LEU B 70 -13.53 -1.95 8.93
C LEU B 70 -14.39 -0.86 9.56
N VAL B 71 -13.93 0.37 9.48
CA VAL B 71 -14.69 1.48 10.03
C VAL B 71 -15.66 1.98 8.98
N LEU B 72 -16.92 1.86 9.29
CA LEU B 72 -17.98 2.24 8.40
C LEU B 72 -18.28 3.74 8.52
N HIS B 73 -19.30 4.20 7.83
CA HIS B 73 -19.63 5.63 7.81
C HIS B 73 -20.27 6.12 9.11
N ALA B 74 -21.07 5.28 9.74
CA ALA B 74 -21.75 5.66 10.97
C ALA B 74 -20.84 5.55 12.18
N GLY B 75 -19.57 5.29 11.92
CA GLY B 75 -18.62 5.10 13.00
C GLY B 75 -18.60 3.65 13.40
N ASP B 76 -19.31 2.86 12.61
CA ASP B 76 -19.41 1.43 12.81
C ASP B 76 -18.08 0.81 12.50
N THR B 77 -17.93 -0.45 12.86
CA THR B 77 -16.68 -1.14 12.62
C THR B 77 -16.86 -2.65 12.59
N THR B 78 -15.87 -3.33 12.03
CA THR B 78 -15.88 -4.77 11.95
C THR B 78 -14.46 -5.28 12.21
N ASN B 79 -14.28 -6.06 13.27
CA ASN B 79 -12.96 -6.58 13.62
C ASN B 79 -12.73 -7.98 13.08
N PHE B 80 -11.71 -8.12 12.23
CA PHE B 80 -11.35 -9.42 11.66
C PHE B 80 -9.90 -9.72 12.00
N HIS B 81 -9.72 -10.69 12.87
CA HIS B 81 -8.39 -11.08 13.31
C HIS B 81 -7.81 -12.16 12.38
N PHE B 82 -6.70 -11.82 11.76
CA PHE B 82 -5.99 -12.73 10.86
C PHE B 82 -5.16 -13.68 11.71
N SER B 83 -5.77 -14.73 12.19
CA SER B 83 -5.08 -15.66 13.07
C SER B 83 -4.33 -16.77 12.34
N ASN B 84 -4.03 -16.56 11.06
CA ASN B 84 -3.27 -17.55 10.30
C ASN B 84 -1.80 -17.36 10.63
N GLU B 85 -1.34 -18.08 11.65
CA GLU B 85 0.05 -17.99 12.16
C GLU B 85 1.12 -17.92 11.06
N SER B 86 0.90 -18.61 9.95
CA SER B 86 1.86 -18.64 8.86
C SER B 86 2.07 -17.27 8.20
N THR B 87 1.00 -16.60 7.79
CA THR B 87 1.10 -15.33 7.10
C THR B 87 0.19 -14.29 7.71
N ALA B 88 -0.12 -14.45 9.00
CA ALA B 88 -1.03 -13.58 9.73
C ALA B 88 -0.99 -12.12 9.31
N VAL B 89 0.18 -11.50 9.37
CA VAL B 89 0.29 -10.09 9.02
C VAL B 89 0.30 -9.90 7.52
N LYS B 90 0.95 -10.80 6.80
CA LYS B 90 1.03 -10.70 5.36
C LYS B 90 -0.35 -10.84 4.75
N GLU B 91 -1.20 -11.61 5.43
CA GLU B 91 -2.59 -11.76 5.02
C GLU B 91 -3.21 -10.39 5.07
N ARG B 92 -3.07 -9.76 6.24
CA ARG B 92 -3.58 -8.42 6.48
C ARG B 92 -3.21 -7.45 5.34
N ASP B 93 -1.96 -7.49 4.93
CA ASP B 93 -1.45 -6.63 3.85
C ASP B 93 -2.17 -6.91 2.53
N ALA B 94 -2.29 -8.18 2.17
CA ALA B 94 -2.96 -8.56 0.92
C ALA B 94 -4.42 -8.13 0.94
N VAL B 95 -5.12 -8.48 2.01
CA VAL B 95 -6.52 -8.11 2.20
C VAL B 95 -6.64 -6.59 2.14
N LYS B 96 -5.66 -5.91 2.75
CA LYS B 96 -5.58 -4.44 2.77
C LYS B 96 -5.51 -3.87 1.37
N ASP B 97 -4.46 -4.20 0.64
CA ASP B 97 -4.23 -3.69 -0.71
C ASP B 97 -5.42 -3.96 -1.63
N LEU B 98 -5.99 -5.13 -1.48
CA LEU B 98 -7.12 -5.53 -2.31
C LEU B 98 -8.42 -4.84 -1.88
N LEU B 99 -8.81 -5.00 -0.61
CA LEU B 99 -10.04 -4.41 -0.09
C LEU B 99 -10.07 -2.93 -0.37
N GLN B 100 -8.93 -2.32 -0.13
CA GLN B 100 -8.77 -0.90 -0.32
C GLN B 100 -9.05 -0.54 -1.78
N GLN B 101 -8.55 -1.34 -2.71
CA GLN B 101 -8.78 -1.09 -4.14
C GLN B 101 -10.26 -1.30 -4.47
N LEU B 102 -10.95 -1.97 -3.58
CA LEU B 102 -12.37 -2.24 -3.74
C LEU B 102 -13.22 -1.08 -3.22
N LEU B 103 -12.68 -0.34 -2.25
CA LEU B 103 -13.41 0.76 -1.61
C LEU B 103 -13.77 1.91 -2.55
N PRO B 104 -12.80 2.65 -3.14
CA PRO B 104 -13.10 3.80 -4.00
C PRO B 104 -14.00 3.42 -5.16
N LYS B 105 -14.01 2.13 -5.45
CA LYS B 105 -14.81 1.55 -6.51
C LYS B 105 -16.28 1.55 -6.13
N PHE B 106 -16.57 1.56 -4.82
CA PHE B 106 -17.95 1.55 -4.36
C PHE B 106 -18.22 2.70 -3.39
N LYS B 107 -17.16 3.38 -2.98
CA LYS B 107 -17.24 4.51 -2.05
C LYS B 107 -18.26 5.54 -2.53
N ARG B 108 -19.29 5.73 -1.74
CA ARG B 108 -20.34 6.69 -2.07
C ARG B 108 -19.83 8.11 -1.89
N LYS B 109 -19.90 8.90 -2.95
CA LYS B 109 -19.45 10.27 -2.92
C LYS B 109 -20.04 11.03 -4.11
N ALA B 110 -19.50 12.21 -4.39
CA ALA B 110 -19.98 13.02 -5.51
C ALA B 110 -19.18 12.71 -6.77
N ASN B 111 -18.66 11.48 -6.83
CA ASN B 111 -17.86 11.01 -7.95
C ASN B 111 -17.56 9.54 -7.72
N MET A 4 -10.73 -18.56 22.10
CA MET A 4 -9.81 -18.57 20.94
C MET A 4 -9.29 -17.16 20.69
N SER A 5 -10.04 -16.38 19.94
CA SER A 5 -9.66 -15.01 19.66
C SER A 5 -10.33 -14.12 20.72
N ASP A 6 -9.93 -14.34 21.96
CA ASP A 6 -10.52 -13.63 23.09
C ASP A 6 -9.70 -12.39 23.45
N ASN A 7 -8.75 -12.09 22.59
CA ASN A 7 -7.88 -10.93 22.80
C ASN A 7 -8.26 -9.81 21.85
N GLU A 8 -9.14 -10.12 20.90
CA GLU A 8 -9.57 -9.13 19.91
C GLU A 8 -10.57 -8.16 20.50
N ASP A 9 -10.94 -8.45 21.71
CA ASP A 9 -11.88 -7.64 22.47
C ASP A 9 -11.34 -7.50 23.88
N ASN A 10 -10.03 -7.69 24.01
CA ASN A 10 -9.36 -7.61 25.30
C ASN A 10 -8.14 -6.71 25.20
N PHE A 11 -8.02 -6.05 24.07
CA PHE A 11 -6.92 -5.14 23.84
C PHE A 11 -7.38 -3.72 24.08
N ASP A 12 -6.43 -2.81 24.00
CA ASP A 12 -6.67 -1.40 24.18
C ASP A 12 -5.47 -0.67 23.67
N GLY A 13 -5.54 -0.39 22.41
CA GLY A 13 -4.45 0.31 21.77
C GLY A 13 -3.75 -0.48 20.69
N ASP A 14 -4.46 -1.40 20.04
CA ASP A 14 -3.88 -2.18 18.95
C ASP A 14 -3.14 -1.21 18.02
N ASP A 15 -1.92 -1.56 17.65
CA ASP A 15 -1.06 -0.72 16.81
C ASP A 15 -1.58 -0.63 15.37
N PHE A 16 -2.89 -0.54 15.21
CA PHE A 16 -3.53 -0.48 13.91
C PHE A 16 -2.82 0.42 12.92
N ASP A 17 -2.23 -0.20 11.91
CA ASP A 17 -1.59 0.51 10.84
C ASP A 17 -2.71 0.97 9.94
N ASP A 18 -3.26 2.12 10.28
CA ASP A 18 -4.36 2.71 9.57
C ASP A 18 -4.03 2.78 8.10
N VAL A 19 -4.81 2.05 7.35
CA VAL A 19 -4.62 1.98 5.92
C VAL A 19 -5.78 2.59 5.16
N GLU A 20 -5.59 3.81 4.76
CA GLU A 20 -6.54 4.50 3.94
C GLU A 20 -5.88 4.63 2.57
N GLU A 21 -6.37 3.84 1.62
CA GLU A 21 -5.78 3.78 0.29
C GLU A 21 -5.63 5.15 -0.39
N ASP A 22 -4.53 5.27 -1.13
CA ASP A 22 -4.19 6.47 -1.87
C ASP A 22 -3.20 6.07 -2.95
N GLU A 23 -3.73 5.60 -4.07
CA GLU A 23 -2.89 5.15 -5.17
C GLU A 23 -2.93 6.13 -6.33
N GLY A 24 -1.96 6.01 -7.22
CA GLY A 24 -1.86 6.91 -8.35
C GLY A 24 -0.68 7.83 -8.18
N LEU A 25 -0.29 8.04 -6.94
CA LEU A 25 0.85 8.87 -6.60
C LEU A 25 2.02 7.98 -6.19
N ASP A 26 3.22 8.50 -6.26
CA ASP A 26 4.40 7.74 -5.89
C ASP A 26 5.06 8.33 -4.65
N ASP A 27 5.70 7.46 -3.88
CA ASP A 27 6.39 7.86 -2.66
C ASP A 27 7.88 7.61 -2.82
N LEU A 28 8.22 6.37 -3.20
CA LEU A 28 9.60 5.97 -3.38
C LEU A 28 9.67 4.66 -4.16
N GLU A 29 8.73 4.46 -5.08
CA GLU A 29 8.68 3.24 -5.88
C GLU A 29 8.86 3.56 -7.35
N ASN A 30 9.67 4.57 -7.63
CA ASN A 30 9.95 5.00 -9.01
C ASN A 30 10.75 3.93 -9.76
N ALA A 31 12.01 3.73 -9.35
CA ALA A 31 12.86 2.73 -9.99
C ALA A 31 14.14 2.51 -9.19
N GLU A 32 14.07 2.79 -7.90
CA GLU A 32 15.22 2.63 -7.04
C GLU A 32 14.82 2.05 -5.69
N GLU A 33 15.81 1.55 -4.96
CA GLU A 33 15.60 0.96 -3.64
C GLU A 33 16.95 0.81 -2.96
N GLU A 34 16.95 0.82 -1.63
CA GLU A 34 18.18 0.69 -0.86
C GLU A 34 18.52 -0.79 -0.65
N GLY A 35 19.80 -1.09 -0.65
CA GLY A 35 20.24 -2.45 -0.46
C GLY A 35 21.24 -2.55 0.66
N GLN A 36 21.06 -1.72 1.68
CA GLN A 36 21.95 -1.71 2.83
C GLN A 36 21.16 -1.77 4.12
N GLU A 37 21.35 -2.83 4.89
CA GLU A 37 20.69 -3.00 6.17
C GLU A 37 21.27 -2.01 7.18
N ASN A 38 20.79 -2.08 8.41
CA ASN A 38 21.27 -1.19 9.45
C ASN A 38 22.07 -1.93 10.52
N VAL A 39 23.38 -1.68 10.52
CA VAL A 39 24.29 -2.29 11.48
C VAL A 39 25.38 -1.29 11.87
N GLU A 40 25.79 -1.33 13.13
CA GLU A 40 26.81 -0.42 13.63
C GLU A 40 28.19 -1.07 13.62
N ILE A 41 29.19 -0.26 13.33
CA ILE A 41 30.57 -0.73 13.31
C ILE A 41 31.31 -0.13 14.50
N LEU A 42 31.63 -0.96 15.47
CA LEU A 42 32.29 -0.48 16.68
C LEU A 42 33.67 -1.10 16.81
N PRO A 43 34.62 -0.34 17.38
CA PRO A 43 35.97 -0.82 17.59
C PRO A 43 35.99 -1.85 18.72
N SER A 44 36.65 -2.96 18.50
CA SER A 44 36.78 -4.00 19.50
C SER A 44 38.04 -3.85 20.33
N GLY A 45 38.07 -4.61 21.41
CA GLY A 45 39.17 -4.57 22.35
C GLY A 45 38.66 -4.29 23.74
N GLU A 46 37.48 -3.71 23.79
CA GLU A 46 36.80 -3.43 25.05
C GLU A 46 35.51 -4.22 25.08
N ARG A 47 34.99 -4.38 23.89
CA ARG A 47 33.78 -5.12 23.59
C ARG A 47 32.58 -4.67 24.42
N PRO A 48 31.89 -3.61 23.99
CA PRO A 48 30.70 -3.16 24.67
C PRO A 48 29.48 -3.88 24.10
N GLN A 49 28.78 -4.58 24.95
CA GLN A 49 27.60 -5.33 24.54
C GLN A 49 26.47 -5.16 25.54
N ALA A 50 25.26 -5.43 25.08
CA ALA A 50 24.09 -5.34 25.95
C ALA A 50 23.83 -6.69 26.63
N ASN A 51 22.67 -6.84 27.23
CA ASN A 51 22.34 -8.07 27.94
C ASN A 51 21.24 -8.88 27.23
N GLN A 52 21.29 -8.93 25.91
CA GLN A 52 20.29 -9.69 25.17
C GLN A 52 20.88 -11.02 24.70
N LYS A 53 20.01 -11.93 24.28
CA LYS A 53 20.45 -13.23 23.80
C LYS A 53 20.59 -13.22 22.29
N ARG A 54 21.45 -14.08 21.75
CA ARG A 54 21.66 -14.16 20.32
C ARG A 54 20.40 -14.60 19.60
N ILE A 55 19.95 -13.77 18.67
CA ILE A 55 18.77 -14.08 17.88
C ILE A 55 19.13 -14.11 16.40
N THR A 56 20.37 -13.78 16.10
CA THR A 56 20.83 -13.77 14.72
C THR A 56 21.70 -14.98 14.41
N THR A 57 22.38 -14.93 13.27
CA THR A 57 23.21 -16.04 12.84
C THR A 57 24.68 -15.70 12.93
N PRO A 58 25.48 -16.63 13.43
CA PRO A 58 26.93 -16.47 13.57
C PRO A 58 27.64 -16.60 12.21
N TYR A 59 27.18 -15.79 11.26
CA TYR A 59 27.71 -15.79 9.90
C TYR A 59 27.73 -14.37 9.42
N MET A 60 28.71 -14.02 8.61
CA MET A 60 28.81 -12.68 8.10
C MET A 60 28.50 -12.67 6.61
N THR A 61 27.58 -11.82 6.25
CA THR A 61 27.13 -11.67 4.88
C THR A 61 28.06 -10.77 4.08
N LYS A 62 27.76 -10.61 2.79
CA LYS A 62 28.57 -9.78 1.93
C LYS A 62 28.40 -8.31 2.30
N TYR A 63 27.25 -7.98 2.90
CA TYR A 63 26.97 -6.61 3.32
C TYR A 63 27.90 -6.19 4.45
N GLU A 64 27.80 -6.91 5.56
CA GLU A 64 28.62 -6.63 6.73
C GLU A 64 30.08 -6.75 6.39
N ARG A 65 30.38 -7.68 5.48
CA ARG A 65 31.74 -7.90 5.01
C ARG A 65 32.32 -6.61 4.46
N ALA A 66 31.60 -6.02 3.52
CA ALA A 66 32.03 -4.78 2.88
C ALA A 66 31.90 -3.58 3.82
N ARG A 67 30.89 -3.59 4.68
CA ARG A 67 30.68 -2.50 5.62
C ARG A 67 31.85 -2.38 6.60
N VAL A 68 32.22 -3.51 7.20
CA VAL A 68 33.32 -3.54 8.15
C VAL A 68 34.63 -3.19 7.46
N LEU A 69 34.85 -3.76 6.28
CA LEU A 69 36.07 -3.52 5.52
C LEU A 69 36.13 -2.10 5.01
N GLY A 70 34.97 -1.52 4.69
CA GLY A 70 34.93 -0.15 4.23
C GLY A 70 35.43 0.78 5.32
N THR A 71 35.12 0.41 6.56
CA THR A 71 35.54 1.18 7.71
C THR A 71 37.01 0.91 8.00
N ARG A 72 37.45 -0.31 7.70
CA ARG A 72 38.84 -0.70 7.91
C ARG A 72 39.73 -0.02 6.87
N ALA A 73 39.23 0.09 5.65
CA ALA A 73 39.96 0.78 4.59
C ALA A 73 40.14 2.21 5.01
N LEU A 74 39.13 2.76 5.65
CA LEU A 74 39.20 4.12 6.15
C LEU A 74 40.30 4.21 7.20
N GLN A 75 40.49 3.12 7.96
CA GLN A 75 41.53 3.09 8.98
C GLN A 75 42.92 3.01 8.34
N ILE A 76 43.12 2.03 7.48
CA ILE A 76 44.40 1.82 6.80
C ILE A 76 44.74 3.01 5.91
N ALA A 77 43.73 3.59 5.31
CA ALA A 77 43.90 4.75 4.45
C ALA A 77 44.47 5.91 5.25
N MET A 78 44.37 5.81 6.57
CA MET A 78 44.90 6.81 7.47
C MET A 78 46.27 6.37 7.98
N CYS A 79 46.84 5.37 7.29
CA CYS A 79 48.16 4.81 7.60
C CYS A 79 48.12 3.79 8.74
N ALA A 80 47.03 3.03 8.80
CA ALA A 80 46.89 1.99 9.83
C ALA A 80 47.76 0.78 9.47
N PRO A 81 48.36 0.14 10.50
CA PRO A 81 49.20 -1.04 10.28
C PRO A 81 48.41 -2.23 9.72
N VAL A 82 48.99 -2.87 8.72
CA VAL A 82 48.36 -4.02 8.07
C VAL A 82 48.64 -5.29 8.88
N MET A 83 47.59 -6.07 9.14
CA MET A 83 47.72 -7.29 9.92
C MET A 83 47.92 -8.52 9.04
N VAL A 84 47.85 -8.34 7.73
CA VAL A 84 48.01 -9.46 6.81
C VAL A 84 49.25 -9.34 5.96
N GLU A 85 49.36 -10.33 5.10
CA GLU A 85 50.43 -10.47 4.16
C GLU A 85 50.03 -9.76 2.88
N LEU A 86 50.99 -9.14 2.21
CA LEU A 86 50.71 -8.40 0.99
C LEU A 86 51.37 -9.06 -0.21
N GLU A 87 50.56 -9.47 -1.18
CA GLU A 87 51.06 -10.10 -2.39
C GLU A 87 51.13 -9.06 -3.52
N GLY A 88 51.31 -7.81 -3.13
CA GLY A 88 51.38 -6.74 -4.10
C GLY A 88 50.35 -5.66 -3.85
N GLU A 89 49.36 -5.97 -3.01
CA GLU A 89 48.31 -5.03 -2.68
C GLU A 89 48.88 -3.82 -1.97
N THR A 90 48.57 -2.64 -2.48
CA THR A 90 49.04 -1.41 -1.89
C THR A 90 47.88 -0.48 -1.57
N ASP A 91 46.66 -1.02 -1.70
CA ASP A 91 45.45 -0.26 -1.43
C ASP A 91 44.78 -0.79 -0.16
N PRO A 92 44.35 0.12 0.72
CA PRO A 92 43.70 -0.23 1.98
C PRO A 92 42.51 -1.17 1.82
N LEU A 93 41.79 -1.08 0.71
CA LEU A 93 40.63 -1.94 0.49
C LEU A 93 41.05 -3.38 0.23
N LEU A 94 42.09 -3.56 -0.59
CA LEU A 94 42.58 -4.89 -0.91
C LEU A 94 43.07 -5.58 0.34
N ILE A 95 43.85 -4.85 1.13
CA ILE A 95 44.40 -5.37 2.36
C ILE A 95 43.29 -5.69 3.36
N ALA A 96 42.31 -4.79 3.47
CA ALA A 96 41.20 -4.98 4.38
C ALA A 96 40.46 -6.27 4.02
N MET A 97 40.28 -6.49 2.73
CA MET A 97 39.60 -7.68 2.24
C MET A 97 40.39 -8.93 2.62
N LYS A 98 41.71 -8.83 2.51
CA LYS A 98 42.59 -9.94 2.85
C LYS A 98 42.51 -10.22 4.35
N GLU A 99 42.56 -9.16 5.15
CA GLU A 99 42.50 -9.27 6.60
C GLU A 99 41.21 -9.95 7.06
N LEU A 100 40.11 -9.55 6.46
CA LEU A 100 38.81 -10.11 6.82
C LEU A 100 38.74 -11.63 6.56
N LYS A 101 39.12 -12.05 5.36
CA LYS A 101 39.07 -13.46 5.03
C LYS A 101 40.17 -14.23 5.75
N ALA A 102 41.09 -13.49 6.36
CA ALA A 102 42.17 -14.09 7.12
C ALA A 102 41.83 -14.09 8.60
N ARG A 103 40.61 -13.61 8.91
CA ARG A 103 40.10 -13.54 10.28
C ARG A 103 40.95 -12.61 11.13
N LYS A 104 41.51 -11.60 10.49
CA LYS A 104 42.38 -10.64 11.17
C LYS A 104 41.71 -9.28 11.31
N ILE A 105 40.39 -9.27 11.36
CA ILE A 105 39.64 -8.03 11.49
C ILE A 105 39.01 -7.90 12.87
N PRO A 106 39.59 -7.06 13.74
CA PRO A 106 39.08 -6.83 15.07
C PRO A 106 38.06 -5.70 15.09
N ILE A 107 36.77 -6.05 15.09
CA ILE A 107 35.71 -5.07 15.11
C ILE A 107 34.39 -5.70 15.57
N ILE A 108 33.59 -4.92 16.30
CA ILE A 108 32.29 -5.38 16.75
C ILE A 108 31.18 -4.83 15.85
N ILE A 109 30.34 -5.72 15.36
CA ILE A 109 29.24 -5.35 14.48
C ILE A 109 27.92 -5.42 15.22
N ARG A 110 27.29 -4.27 15.43
CA ARG A 110 26.01 -4.25 16.11
C ARG A 110 24.89 -4.31 15.08
N ARG A 111 24.21 -5.42 15.03
CA ARG A 111 23.12 -5.63 14.08
C ARG A 111 21.81 -5.08 14.63
N TYR A 112 21.04 -4.42 13.79
CA TYR A 112 19.76 -3.88 14.22
C TYR A 112 18.64 -4.57 13.46
N LEU A 113 17.55 -4.85 14.14
CA LEU A 113 16.42 -5.52 13.51
C LEU A 113 15.30 -4.51 13.22
N PRO A 114 14.38 -4.84 12.30
CA PRO A 114 13.26 -3.95 11.93
C PRO A 114 12.32 -3.62 13.09
N ASP A 115 12.45 -4.34 14.19
CA ASP A 115 11.61 -4.11 15.36
C ASP A 115 12.22 -3.02 16.25
N GLY A 116 13.48 -2.71 16.00
CA GLY A 116 14.17 -1.70 16.78
C GLY A 116 15.18 -2.30 17.75
N SER A 117 15.32 -3.61 17.74
CA SER A 117 16.26 -4.28 18.62
C SER A 117 17.67 -4.23 18.03
N TYR A 118 18.66 -4.57 18.83
CA TYR A 118 20.04 -4.56 18.39
C TYR A 118 20.84 -5.66 19.08
N GLU A 119 21.85 -6.16 18.39
CA GLU A 119 22.71 -7.20 18.90
C GLU A 119 24.16 -6.88 18.59
N ASP A 120 25.03 -7.05 19.57
CA ASP A 120 26.45 -6.74 19.38
C ASP A 120 27.19 -8.02 19.06
N TRP A 121 27.62 -8.14 17.81
CA TRP A 121 28.30 -9.34 17.35
C TRP A 121 29.71 -9.04 16.89
N GLY A 122 30.67 -9.83 17.35
CA GLY A 122 32.05 -9.60 16.94
C GLY A 122 32.36 -10.35 15.65
N VAL A 123 33.40 -9.93 14.94
CA VAL A 123 33.78 -10.59 13.69
C VAL A 123 34.15 -12.03 13.99
N ASP A 124 34.68 -12.22 15.18
CA ASP A 124 35.08 -13.52 15.66
C ASP A 124 33.86 -14.44 15.81
N GLU A 125 32.71 -13.84 16.11
CA GLU A 125 31.46 -14.58 16.28
C GLU A 125 30.76 -14.80 14.94
N LEU A 126 31.29 -14.19 13.89
CA LEU A 126 30.67 -14.30 12.57
C LEU A 126 31.53 -15.08 11.59
N ILE A 127 30.92 -16.09 10.97
CA ILE A 127 31.61 -16.87 9.97
C ILE A 127 31.41 -16.15 8.63
N ILE A 128 32.46 -15.51 8.17
CA ILE A 128 32.39 -14.72 6.95
C ILE A 128 32.38 -15.59 5.70
N THR A 129 31.44 -15.32 4.82
CA THR A 129 31.37 -16.02 3.56
C THR A 129 32.04 -15.18 2.50
N ASP A 130 33.27 -15.58 2.20
CA ASP A 130 34.12 -14.90 1.22
C ASP A 130 33.35 -14.56 -0.05
N MET B 4 -24.47 -21.58 -13.32
CA MET B 4 -23.75 -22.83 -12.96
C MET B 4 -24.16 -23.27 -11.56
N ALA B 5 -23.36 -24.12 -10.95
CA ALA B 5 -23.64 -24.58 -9.59
C ALA B 5 -23.48 -23.44 -8.61
N THR B 6 -24.60 -23.04 -7.99
CA THR B 6 -24.62 -21.94 -7.02
C THR B 6 -24.48 -20.58 -7.72
N SER B 7 -23.39 -20.41 -8.46
CA SER B 7 -23.10 -19.17 -9.20
C SER B 7 -22.98 -17.98 -8.24
N SER B 8 -22.21 -18.16 -7.19
CA SER B 8 -21.98 -17.11 -6.21
C SER B 8 -21.01 -16.08 -6.76
N GLU B 9 -20.93 -14.95 -6.07
CA GLU B 9 -20.05 -13.87 -6.49
C GLU B 9 -18.59 -14.30 -6.43
N GLU B 10 -17.80 -13.76 -7.34
CA GLU B 10 -16.39 -14.07 -7.41
C GLU B 10 -15.64 -13.52 -6.21
N VAL B 11 -14.95 -14.41 -5.50
CA VAL B 11 -14.18 -14.03 -4.34
C VAL B 11 -12.73 -13.85 -4.76
N LEU B 12 -12.32 -12.59 -4.89
CA LEU B 12 -10.97 -12.25 -5.31
C LEU B 12 -9.93 -12.66 -4.27
N LEU B 13 -10.27 -12.51 -3.00
CA LEU B 13 -9.34 -12.84 -1.93
C LEU B 13 -9.98 -13.73 -0.87
N ILE B 14 -9.44 -14.91 -0.66
CA ILE B 14 -9.93 -15.81 0.36
C ILE B 14 -8.94 -15.87 1.52
N VAL B 15 -9.37 -15.38 2.65
CA VAL B 15 -8.54 -15.33 3.85
C VAL B 15 -9.07 -16.31 4.89
N LYS B 16 -8.35 -17.40 5.11
CA LYS B 16 -8.76 -18.41 6.08
C LYS B 16 -8.23 -18.11 7.47
N LYS B 17 -8.70 -18.89 8.45
CA LYS B 17 -8.32 -18.74 9.85
C LYS B 17 -8.48 -17.28 10.30
N VAL B 18 -9.70 -16.79 10.22
CA VAL B 18 -10.02 -15.42 10.60
C VAL B 18 -11.18 -15.41 11.58
N ARG B 19 -11.01 -14.72 12.69
CA ARG B 19 -12.07 -14.65 13.68
C ARG B 19 -12.75 -13.30 13.70
N GLN B 20 -13.99 -13.31 14.17
CA GLN B 20 -14.78 -12.11 14.33
C GLN B 20 -15.45 -12.16 15.69
N LYS B 21 -14.91 -11.40 16.63
CA LYS B 21 -15.41 -11.37 18.00
C LYS B 21 -15.53 -12.76 18.60
N LYS B 22 -14.37 -13.44 18.66
CA LYS B 22 -14.25 -14.79 19.22
C LYS B 22 -14.91 -15.85 18.35
N GLN B 23 -15.38 -15.48 17.17
CA GLN B 23 -15.98 -16.44 16.28
C GLN B 23 -14.94 -16.86 15.27
N ASP B 24 -14.59 -18.14 15.28
CA ASP B 24 -13.59 -18.65 14.37
C ASP B 24 -14.20 -18.92 13.02
N GLY B 25 -13.62 -18.32 11.98
CA GLY B 25 -14.16 -18.51 10.66
C GLY B 25 -13.18 -18.22 9.55
N ALA B 26 -13.71 -17.69 8.47
CA ALA B 26 -12.93 -17.38 7.30
C ALA B 26 -13.47 -16.16 6.59
N LEU B 27 -12.56 -15.34 6.13
CA LEU B 27 -12.88 -14.11 5.46
C LEU B 27 -12.78 -14.27 3.94
N TYR B 28 -13.82 -13.86 3.23
CA TYR B 28 -13.81 -13.94 1.77
C TYR B 28 -14.14 -12.58 1.17
N LEU B 29 -13.24 -12.06 0.35
CA LEU B 29 -13.46 -10.76 -0.28
C LEU B 29 -14.07 -10.95 -1.66
N MET B 30 -15.36 -10.71 -1.78
CA MET B 30 -16.03 -10.83 -3.07
C MET B 30 -15.90 -9.51 -3.82
N ALA B 31 -16.06 -9.57 -5.13
CA ALA B 31 -15.91 -8.40 -6.00
C ALA B 31 -16.59 -7.13 -5.48
N GLU B 32 -17.79 -7.25 -4.92
CA GLU B 32 -18.52 -6.07 -4.45
C GLU B 32 -18.66 -6.02 -2.92
N ARG B 33 -18.36 -7.10 -2.21
CA ARG B 33 -18.53 -7.09 -0.75
C ARG B 33 -17.58 -8.03 -0.01
N ILE B 34 -17.16 -7.57 1.16
CA ILE B 34 -16.29 -8.33 2.05
C ILE B 34 -17.20 -9.15 2.96
N ALA B 35 -17.19 -10.45 2.78
CA ALA B 35 -18.04 -11.31 3.57
C ALA B 35 -17.24 -12.34 4.33
N TRP B 36 -17.51 -12.42 5.61
CA TRP B 36 -16.83 -13.35 6.48
C TRP B 36 -17.82 -14.43 6.92
N ALA B 37 -17.34 -15.66 6.98
CA ALA B 37 -18.16 -16.79 7.38
C ALA B 37 -17.49 -17.56 8.53
N PRO B 38 -18.27 -18.35 9.29
CA PRO B 38 -17.73 -19.13 10.38
C PRO B 38 -17.16 -20.46 9.89
N GLU B 39 -15.97 -20.81 10.36
CA GLU B 39 -15.29 -22.02 9.92
C GLU B 39 -16.20 -23.24 10.01
N GLY B 40 -16.11 -24.07 8.98
CA GLY B 40 -16.95 -25.25 8.91
C GLY B 40 -18.20 -24.97 8.13
N LYS B 41 -18.50 -23.68 7.96
CA LYS B 41 -19.66 -23.23 7.22
C LYS B 41 -19.24 -22.20 6.19
N ASP B 42 -19.47 -22.50 4.93
CA ASP B 42 -19.11 -21.60 3.84
C ASP B 42 -20.19 -20.55 3.61
N ARG B 43 -21.02 -20.34 4.62
CA ARG B 43 -22.10 -19.37 4.53
C ARG B 43 -21.74 -18.14 5.32
N PHE B 44 -21.53 -17.06 4.60
CA PHE B 44 -21.15 -15.77 5.17
C PHE B 44 -22.15 -15.30 6.21
N THR B 45 -21.66 -15.09 7.42
CA THR B 45 -22.50 -14.63 8.51
C THR B 45 -22.39 -13.11 8.62
N ILE B 46 -21.45 -12.58 7.84
CA ILE B 46 -21.20 -11.15 7.78
C ILE B 46 -20.89 -10.76 6.37
N SER B 47 -21.50 -9.70 5.90
CA SER B 47 -21.21 -9.25 4.57
C SER B 47 -21.35 -7.75 4.50
N HIS B 48 -20.27 -7.08 4.14
CA HIS B 48 -20.28 -5.63 4.05
C HIS B 48 -19.96 -5.18 2.65
N MET B 49 -20.80 -4.33 2.10
CA MET B 49 -20.55 -3.79 0.79
C MET B 49 -19.46 -2.78 0.97
N TYR B 50 -18.56 -2.64 0.02
CA TYR B 50 -17.49 -1.65 0.19
C TYR B 50 -18.09 -0.25 0.22
N ALA B 51 -19.35 -0.17 -0.21
CA ALA B 51 -20.08 1.09 -0.23
C ALA B 51 -20.56 1.46 1.16
N ASP B 52 -20.25 0.64 2.15
CA ASP B 52 -20.65 0.94 3.51
C ASP B 52 -19.44 1.01 4.42
N ILE B 53 -18.28 0.71 3.88
CA ILE B 53 -17.07 0.80 4.65
C ILE B 53 -16.48 2.19 4.45
N LYS B 54 -16.29 2.92 5.52
CA LYS B 54 -15.77 4.28 5.42
C LYS B 54 -14.24 4.30 5.45
N CYS B 55 -13.65 3.31 6.11
CA CYS B 55 -12.20 3.23 6.23
C CYS B 55 -11.78 1.87 6.78
N GLN B 56 -10.60 1.38 6.38
CA GLN B 56 -10.13 0.10 6.86
C GLN B 56 -8.82 0.28 7.64
N LYS B 57 -8.79 -0.20 8.86
CA LYS B 57 -7.60 -0.11 9.68
C LYS B 57 -7.14 -1.51 9.99
N ILE B 58 -5.87 -1.68 10.32
CA ILE B 58 -5.37 -3.02 10.53
C ILE B 58 -4.31 -3.16 11.59
N SER B 59 -4.37 -4.23 12.37
CA SER B 59 -3.36 -4.48 13.38
C SER B 59 -2.21 -5.26 12.75
N PRO B 60 -1.04 -4.60 12.63
CA PRO B 60 0.16 -5.15 12.00
C PRO B 60 1.02 -5.99 12.94
N GLU B 61 2.11 -6.51 12.37
CA GLU B 61 3.07 -7.31 13.12
C GLU B 61 3.58 -6.52 14.32
N GLY B 62 3.94 -7.24 15.36
CA GLY B 62 4.40 -6.64 16.59
C GLY B 62 3.47 -7.06 17.72
N LYS B 63 2.19 -7.08 17.40
CA LYS B 63 1.19 -7.55 18.32
C LYS B 63 0.84 -8.97 17.92
N ALA B 64 0.36 -9.75 18.87
CA ALA B 64 -0.01 -11.13 18.60
C ALA B 64 -1.38 -11.21 17.98
N LYS B 65 -1.84 -10.06 17.53
CA LYS B 65 -3.14 -9.94 16.92
C LYS B 65 -3.08 -9.17 15.61
N ILE B 66 -3.43 -9.84 14.54
CA ILE B 66 -3.48 -9.21 13.23
C ILE B 66 -4.93 -8.93 12.95
N GLN B 67 -5.36 -7.69 13.07
CA GLN B 67 -6.77 -7.41 12.90
C GLN B 67 -7.06 -6.50 11.72
N LEU B 68 -8.31 -6.57 11.28
CA LEU B 68 -8.83 -5.75 10.22
C LEU B 68 -10.08 -5.08 10.77
N GLN B 69 -10.02 -3.78 10.96
CA GLN B 69 -11.14 -3.05 11.53
C GLN B 69 -11.81 -2.21 10.45
N LEU B 70 -13.00 -2.64 10.03
CA LEU B 70 -13.75 -1.92 9.01
C LEU B 70 -14.64 -0.87 9.66
N VAL B 71 -14.20 0.38 9.66
CA VAL B 71 -15.00 1.43 10.25
C VAL B 71 -15.95 1.96 9.21
N LEU B 72 -17.20 1.66 9.41
CA LEU B 72 -18.25 2.02 8.51
C LEU B 72 -18.58 3.52 8.61
N HIS B 73 -19.41 4.01 7.70
CA HIS B 73 -19.76 5.43 7.63
C HIS B 73 -20.35 5.97 8.93
N ALA B 74 -21.36 5.29 9.45
CA ALA B 74 -22.04 5.72 10.67
C ALA B 74 -21.12 5.75 11.89
N GLY B 75 -20.03 5.02 11.80
CA GLY B 75 -19.10 4.95 12.91
C GLY B 75 -18.99 3.52 13.38
N ASP B 76 -19.70 2.66 12.67
CA ASP B 76 -19.73 1.24 12.95
C ASP B 76 -18.38 0.64 12.63
N THR B 77 -18.23 -0.63 12.92
CA THR B 77 -16.98 -1.31 12.68
C THR B 77 -17.16 -2.82 12.59
N THR B 78 -16.18 -3.46 12.01
CA THR B 78 -16.15 -4.91 11.88
C THR B 78 -14.72 -5.37 12.10
N ASN B 79 -14.50 -6.18 13.13
CA ASN B 79 -13.16 -6.64 13.45
C ASN B 79 -12.92 -8.08 13.02
N PHE B 80 -11.97 -8.26 12.11
CA PHE B 80 -11.58 -9.58 11.64
C PHE B 80 -10.13 -9.81 11.99
N HIS B 81 -9.90 -10.72 12.91
CA HIS B 81 -8.58 -11.02 13.37
C HIS B 81 -7.97 -12.18 12.57
N PHE B 82 -7.03 -11.82 11.69
CA PHE B 82 -6.30 -12.79 10.89
C PHE B 82 -5.48 -13.62 11.85
N SER B 83 -5.82 -14.87 12.02
CA SER B 83 -5.11 -15.68 12.99
C SER B 83 -4.59 -16.99 12.40
N ASN B 84 -3.86 -16.87 11.30
CA ASN B 84 -3.22 -18.02 10.68
C ASN B 84 -1.74 -17.91 11.00
N GLU B 85 -1.26 -18.75 11.92
CA GLU B 85 0.14 -18.69 12.36
C GLU B 85 1.16 -18.75 11.21
N SER B 86 0.72 -19.13 10.02
CA SER B 86 1.61 -19.20 8.88
C SER B 86 1.82 -17.82 8.24
N THR B 87 0.74 -17.19 7.78
CA THR B 87 0.83 -15.91 7.11
C THR B 87 -0.16 -14.87 7.65
N ALA B 88 -0.58 -15.02 8.89
CA ALA B 88 -1.55 -14.11 9.53
C ALA B 88 -1.39 -12.64 9.15
N VAL B 89 -0.17 -12.14 9.21
CA VAL B 89 0.06 -10.74 8.90
C VAL B 89 0.05 -10.48 7.41
N LYS B 90 0.60 -11.40 6.66
CA LYS B 90 0.66 -11.25 5.22
C LYS B 90 -0.73 -11.41 4.62
N GLU B 91 -1.59 -12.14 5.32
CA GLU B 91 -2.98 -12.27 4.91
C GLU B 91 -3.56 -10.89 5.02
N ARG B 92 -3.40 -10.31 6.21
CA ARG B 92 -3.86 -8.96 6.53
C ARG B 92 -3.50 -8.01 5.41
N ASP B 93 -2.23 -8.05 5.03
CA ASP B 93 -1.68 -7.19 3.98
C ASP B 93 -2.44 -7.34 2.67
N ALA B 94 -2.63 -8.56 2.20
CA ALA B 94 -3.33 -8.80 0.95
C ALA B 94 -4.77 -8.27 1.02
N VAL B 95 -5.44 -8.55 2.14
CA VAL B 95 -6.81 -8.08 2.35
C VAL B 95 -6.80 -6.54 2.33
N LYS B 96 -5.75 -5.99 2.92
CA LYS B 96 -5.52 -4.55 2.98
C LYS B 96 -5.39 -3.95 1.59
N ASP B 97 -4.40 -4.42 0.83
CA ASP B 97 -4.16 -3.92 -0.51
C ASP B 97 -5.38 -4.12 -1.41
N LEU B 98 -5.97 -5.29 -1.31
CA LEU B 98 -7.15 -5.63 -2.11
C LEU B 98 -8.36 -4.78 -1.73
N LEU B 99 -8.78 -4.87 -0.47
CA LEU B 99 -9.94 -4.14 0.02
C LEU B 99 -9.80 -2.64 -0.19
N GLN B 100 -8.61 -2.14 0.08
CA GLN B 100 -8.34 -0.73 -0.05
C GLN B 100 -8.61 -0.28 -1.48
N GLN B 101 -8.30 -1.13 -2.46
CA GLN B 101 -8.55 -0.81 -3.86
C GLN B 101 -10.03 -0.98 -4.18
N LEU B 102 -10.66 -1.91 -3.46
CA LEU B 102 -12.08 -2.20 -3.61
C LEU B 102 -12.94 -1.05 -3.13
N LEU B 103 -12.43 -0.33 -2.13
CA LEU B 103 -13.16 0.78 -1.51
C LEU B 103 -13.51 1.90 -2.48
N PRO B 104 -12.53 2.52 -3.19
CA PRO B 104 -12.82 3.64 -4.09
C PRO B 104 -13.88 3.30 -5.12
N LYS B 105 -14.07 2.01 -5.34
CA LYS B 105 -15.06 1.51 -6.27
C LYS B 105 -16.46 1.69 -5.70
N PHE B 106 -16.56 1.74 -4.37
CA PHE B 106 -17.87 1.89 -3.72
C PHE B 106 -17.95 3.05 -2.72
N LYS B 107 -16.79 3.62 -2.39
CA LYS B 107 -16.71 4.71 -1.40
C LYS B 107 -17.70 5.82 -1.68
N ARG B 108 -18.66 5.94 -0.77
CA ARG B 108 -19.70 6.95 -0.87
C ARG B 108 -19.26 8.25 -0.21
N LYS B 109 -19.73 9.36 -0.74
CA LYS B 109 -19.40 10.68 -0.20
C LYS B 109 -20.27 11.00 1.01
N ALA B 110 -20.25 10.09 1.98
CA ALA B 110 -21.03 10.22 3.22
C ALA B 110 -22.52 10.14 2.91
N ASN B 111 -22.82 9.55 1.75
CA ASN B 111 -24.18 9.38 1.28
C ASN B 111 -24.19 8.38 0.14
N MET A 4 -10.56 -20.19 17.79
CA MET A 4 -11.26 -19.06 18.44
C MET A 4 -10.34 -18.44 19.48
N SER A 5 -10.63 -17.21 19.87
CA SER A 5 -9.84 -16.52 20.88
C SER A 5 -10.65 -15.36 21.45
N ASP A 6 -10.23 -14.84 22.58
CA ASP A 6 -10.92 -13.71 23.19
C ASP A 6 -10.12 -12.44 22.99
N ASN A 7 -8.98 -12.61 22.34
CA ASN A 7 -8.03 -11.53 22.11
C ASN A 7 -8.59 -10.44 21.20
N GLU A 8 -9.57 -10.79 20.39
CA GLU A 8 -10.18 -9.83 19.48
C GLU A 8 -11.12 -8.90 20.22
N ASP A 9 -11.28 -9.18 21.48
CA ASP A 9 -12.15 -8.42 22.34
C ASP A 9 -11.59 -8.37 23.75
N ASN A 10 -10.28 -8.57 23.84
CA ASN A 10 -9.58 -8.55 25.13
C ASN A 10 -8.34 -7.70 25.02
N PHE A 11 -8.27 -6.95 23.93
CA PHE A 11 -7.17 -6.08 23.69
C PHE A 11 -7.56 -4.65 24.01
N ASP A 12 -6.57 -3.80 24.11
CA ASP A 12 -6.76 -2.40 24.42
C ASP A 12 -5.56 -1.67 23.93
N GLY A 13 -5.64 -1.27 22.71
CA GLY A 13 -4.55 -0.56 22.11
C GLY A 13 -3.89 -1.25 20.95
N ASP A 14 -4.64 -2.09 20.23
CA ASP A 14 -4.09 -2.76 19.05
C ASP A 14 -3.34 -1.73 18.22
N ASP A 15 -2.13 -2.09 17.81
CA ASP A 15 -1.25 -1.22 17.04
C ASP A 15 -1.76 -0.99 15.63
N PHE A 16 -3.08 -0.83 15.50
CA PHE A 16 -3.72 -0.64 14.20
C PHE A 16 -2.96 0.32 13.31
N ASP A 17 -2.40 -0.27 12.27
CA ASP A 17 -1.69 0.45 11.25
C ASP A 17 -2.76 1.05 10.38
N ASP A 18 -3.27 2.18 10.82
CA ASP A 18 -4.32 2.88 10.11
C ASP A 18 -3.90 3.10 8.70
N VAL A 19 -4.48 2.32 7.86
CA VAL A 19 -4.19 2.37 6.46
C VAL A 19 -5.29 3.09 5.73
N GLU A 20 -5.05 4.36 5.46
CA GLU A 20 -6.00 5.11 4.70
C GLU A 20 -5.79 4.76 3.25
N GLU A 21 -6.80 4.17 2.64
CA GLU A 21 -6.72 3.71 1.26
C GLU A 21 -6.17 4.80 0.33
N ASP A 22 -5.29 4.35 -0.57
CA ASP A 22 -4.66 5.21 -1.55
C ASP A 22 -4.89 4.63 -2.95
N GLU A 23 -5.82 5.21 -3.68
CA GLU A 23 -6.14 4.75 -5.02
C GLU A 23 -5.63 5.73 -6.06
N GLY A 24 -5.32 5.22 -7.24
CA GLY A 24 -4.81 6.07 -8.30
C GLY A 24 -3.30 6.09 -8.34
N LEU A 25 -2.69 5.20 -7.57
CA LEU A 25 -1.24 5.09 -7.50
C LEU A 25 -0.67 4.49 -8.78
N ASP A 26 0.13 5.26 -9.49
CA ASP A 26 0.75 4.80 -10.72
C ASP A 26 2.05 4.07 -10.40
N ASP A 27 2.64 3.44 -11.41
CA ASP A 27 3.88 2.68 -11.24
C ASP A 27 5.05 3.60 -10.87
N LEU A 28 5.13 4.76 -11.51
CA LEU A 28 6.23 5.69 -11.24
C LEU A 28 5.84 7.15 -11.43
N GLU A 29 4.74 7.40 -12.11
CA GLU A 29 4.31 8.78 -12.35
C GLU A 29 3.09 9.14 -11.51
N ASN A 30 2.59 10.35 -11.71
CA ASN A 30 1.42 10.84 -10.99
C ASN A 30 0.86 12.07 -11.70
N ALA A 31 1.76 12.93 -12.19
CA ALA A 31 1.40 14.16 -12.89
C ALA A 31 0.51 15.08 -12.07
N GLU A 32 0.69 15.07 -10.75
CA GLU A 32 -0.11 15.90 -9.86
C GLU A 32 0.70 16.34 -8.64
N GLU A 33 0.10 17.19 -7.83
CA GLU A 33 0.76 17.67 -6.62
C GLU A 33 0.28 16.87 -5.41
N GLU A 34 -1.02 16.65 -5.34
CA GLU A 34 -1.66 15.90 -4.26
C GLU A 34 -3.11 15.64 -4.60
N GLY A 35 -3.58 14.42 -4.32
CA GLY A 35 -4.95 14.07 -4.60
C GLY A 35 -5.93 14.71 -3.65
N GLN A 36 -5.45 15.12 -2.48
CA GLN A 36 -6.29 15.75 -1.48
C GLN A 36 -5.74 17.12 -1.12
N GLU A 37 -6.34 17.73 -0.11
CA GLU A 37 -5.90 19.04 0.34
C GLU A 37 -5.06 18.90 1.59
N ASN A 38 -3.75 19.03 1.44
CA ASN A 38 -2.83 18.93 2.55
C ASN A 38 -3.08 20.07 3.52
N VAL A 39 -3.48 19.73 4.73
CA VAL A 39 -3.78 20.72 5.74
C VAL A 39 -3.04 20.44 7.04
N GLU A 40 -2.86 21.48 7.84
CA GLU A 40 -2.17 21.38 9.12
C GLU A 40 -3.15 21.69 10.25
N ILE A 41 -2.90 21.13 11.43
CA ILE A 41 -3.77 21.34 12.57
C ILE A 41 -3.26 22.52 13.40
N LEU A 42 -4.15 23.46 13.69
CA LEU A 42 -3.79 24.64 14.46
C LEU A 42 -4.66 24.76 15.68
N PRO A 43 -4.06 25.12 16.82
CA PRO A 43 -4.80 25.29 18.08
C PRO A 43 -5.73 26.49 18.01
N SER A 44 -6.96 26.29 18.45
CA SER A 44 -7.95 27.36 18.50
C SER A 44 -8.10 27.92 19.91
N GLY A 45 -8.78 29.05 19.96
CA GLY A 45 -8.99 29.77 21.20
C GLY A 45 -8.49 31.19 21.06
N GLU A 46 -7.58 31.35 20.12
CA GLU A 46 -7.02 32.65 19.77
C GLU A 46 -7.41 32.96 18.34
N ARG A 47 -7.51 31.87 17.60
CA ARG A 47 -7.90 31.83 16.20
C ARG A 47 -7.16 32.83 15.33
N PRO A 48 -5.95 32.47 14.87
CA PRO A 48 -5.21 33.32 13.97
C PRO A 48 -5.77 33.16 12.57
N GLN A 49 -6.23 34.25 12.00
CA GLN A 49 -6.82 34.22 10.67
C GLN A 49 -6.33 35.39 9.83
N ALA A 50 -6.46 35.23 8.53
CA ALA A 50 -6.05 36.27 7.59
C ALA A 50 -7.22 37.20 7.31
N ASN A 51 -7.10 38.05 6.29
CA ASN A 51 -8.15 39.00 5.97
C ASN A 51 -8.49 39.02 4.48
N GLN A 52 -8.49 37.86 3.84
CA GLN A 52 -8.84 37.80 2.42
C GLN A 52 -10.05 36.88 2.25
N LYS A 53 -10.65 36.91 1.07
CA LYS A 53 -11.81 36.07 0.80
C LYS A 53 -11.36 34.62 0.67
N ARG A 54 -12.12 33.70 1.28
CA ARG A 54 -11.81 32.29 1.25
C ARG A 54 -11.53 31.80 -0.16
N ILE A 55 -10.39 31.16 -0.33
CA ILE A 55 -10.00 30.64 -1.62
C ILE A 55 -10.25 29.15 -1.74
N THR A 56 -10.71 28.53 -0.65
CA THR A 56 -10.97 27.10 -0.68
C THR A 56 -12.45 26.80 -0.40
N THR A 57 -12.75 25.53 -0.15
CA THR A 57 -14.10 25.08 0.08
C THR A 57 -14.36 24.81 1.56
N PRO A 58 -15.50 25.25 2.05
CA PRO A 58 -15.92 25.06 3.44
C PRO A 58 -16.41 23.64 3.69
N TYR A 59 -15.56 22.67 3.41
CA TYR A 59 -15.91 21.27 3.56
C TYR A 59 -14.72 20.52 4.15
N MET A 60 -15.00 19.38 4.74
CA MET A 60 -13.96 18.57 5.32
C MET A 60 -14.07 17.15 4.82
N THR A 61 -13.07 16.73 4.07
CA THR A 61 -13.04 15.40 3.49
C THR A 61 -12.21 14.44 4.35
N LYS A 62 -11.85 13.30 3.75
CA LYS A 62 -11.08 12.26 4.43
C LYS A 62 -9.78 12.80 5.03
N TYR A 63 -9.13 13.70 4.31
CA TYR A 63 -7.85 14.26 4.75
C TYR A 63 -7.97 15.06 6.05
N GLU A 64 -8.72 16.14 6.01
CA GLU A 64 -8.87 17.01 7.17
C GLU A 64 -9.59 16.31 8.32
N ARG A 65 -10.62 15.53 8.01
CA ARG A 65 -11.40 14.81 9.02
C ARG A 65 -10.49 13.95 9.87
N ALA A 66 -9.70 13.12 9.20
CA ALA A 66 -8.79 12.21 9.86
C ALA A 66 -7.65 12.95 10.56
N ARG A 67 -7.15 14.01 9.96
CA ARG A 67 -6.06 14.77 10.55
C ARG A 67 -6.47 15.44 11.87
N VAL A 68 -7.61 16.10 11.85
CA VAL A 68 -8.13 16.78 13.04
C VAL A 68 -8.38 15.76 14.15
N LEU A 69 -8.91 14.62 13.77
CA LEU A 69 -9.23 13.58 14.73
C LEU A 69 -8.00 12.82 15.18
N GLY A 70 -6.99 12.78 14.33
CA GLY A 70 -5.75 12.13 14.71
C GLY A 70 -5.14 12.86 15.88
N THR A 71 -5.35 14.17 15.89
CA THR A 71 -4.86 15.03 16.95
C THR A 71 -5.81 14.95 18.16
N ARG A 72 -7.11 14.89 17.88
CA ARG A 72 -8.12 14.82 18.92
C ARG A 72 -8.06 13.48 19.66
N ALA A 73 -7.78 12.40 18.92
CA ALA A 73 -7.65 11.09 19.52
C ALA A 73 -6.52 11.12 20.51
N LEU A 74 -5.45 11.84 20.16
CA LEU A 74 -4.32 11.99 21.04
C LEU A 74 -4.76 12.72 22.30
N GLN A 75 -5.71 13.64 22.15
CA GLN A 75 -6.22 14.40 23.27
C GLN A 75 -7.07 13.51 24.18
N ILE A 76 -8.10 12.91 23.60
CA ILE A 76 -9.02 12.05 24.35
C ILE A 76 -8.28 10.86 24.96
N ALA A 77 -7.29 10.38 24.25
CA ALA A 77 -6.48 9.27 24.71
C ALA A 77 -5.73 9.66 25.99
N MET A 78 -5.66 10.97 26.23
CA MET A 78 -5.02 11.51 27.42
C MET A 78 -6.07 11.87 28.45
N CYS A 79 -7.31 11.39 28.22
CA CYS A 79 -8.45 11.61 29.11
C CYS A 79 -9.10 12.98 28.87
N ALA A 80 -9.14 13.40 27.61
CA ALA A 80 -9.76 14.68 27.25
C ALA A 80 -11.27 14.60 27.42
N PRO A 81 -11.89 15.68 27.90
CA PRO A 81 -13.34 15.73 28.09
C PRO A 81 -14.11 15.62 26.78
N VAL A 82 -15.04 14.68 26.74
CA VAL A 82 -15.88 14.46 25.57
C VAL A 82 -17.04 15.45 25.58
N MET A 83 -17.30 16.09 24.45
CA MET A 83 -18.36 17.08 24.36
C MET A 83 -19.54 16.59 23.53
N VAL A 84 -19.65 15.28 23.37
CA VAL A 84 -20.75 14.70 22.59
C VAL A 84 -21.47 13.62 23.36
N GLU A 85 -22.43 13.06 22.67
CA GLU A 85 -23.25 12.00 23.17
C GLU A 85 -22.51 10.69 22.96
N LEU A 86 -22.83 9.67 23.73
CA LEU A 86 -22.15 8.40 23.60
C LEU A 86 -23.12 7.26 23.34
N GLU A 87 -23.07 6.71 22.13
CA GLU A 87 -23.93 5.60 21.74
C GLU A 87 -23.13 4.31 21.89
N GLY A 88 -22.09 4.39 22.71
CA GLY A 88 -21.22 3.27 22.93
C GLY A 88 -19.78 3.61 22.61
N GLU A 89 -19.55 4.78 22.03
CA GLU A 89 -18.21 5.23 21.69
C GLU A 89 -17.38 5.38 22.95
N THR A 90 -16.46 4.46 23.15
CA THR A 90 -15.59 4.48 24.32
C THR A 90 -14.14 4.74 23.92
N ASP A 91 -13.86 4.61 22.62
CA ASP A 91 -12.53 4.81 22.10
C ASP A 91 -12.38 6.24 21.58
N PRO A 92 -11.20 6.86 21.82
CA PRO A 92 -10.90 8.23 21.40
C PRO A 92 -11.23 8.50 19.92
N LEU A 93 -10.99 7.53 19.06
CA LEU A 93 -11.26 7.70 17.63
C LEU A 93 -12.77 7.78 17.38
N LEU A 94 -13.52 6.87 17.99
CA LEU A 94 -14.97 6.85 17.84
C LEU A 94 -15.59 8.15 18.31
N ILE A 95 -15.18 8.59 19.50
CA ILE A 95 -15.69 9.83 20.06
C ILE A 95 -15.29 11.01 19.19
N ALA A 96 -14.03 11.05 18.79
CA ALA A 96 -13.54 12.13 17.93
C ALA A 96 -14.35 12.19 16.65
N MET A 97 -14.65 11.02 16.09
CA MET A 97 -15.44 10.93 14.87
C MET A 97 -16.81 11.56 15.10
N LYS A 98 -17.39 11.24 16.24
CA LYS A 98 -18.70 11.75 16.62
C LYS A 98 -18.66 13.27 16.80
N GLU A 99 -17.73 13.74 17.63
CA GLU A 99 -17.58 15.17 17.91
C GLU A 99 -17.38 15.98 16.64
N LEU A 100 -16.40 15.58 15.84
CA LEU A 100 -16.08 16.28 14.60
C LEU A 100 -17.27 16.36 13.64
N LYS A 101 -17.95 15.25 13.41
CA LYS A 101 -19.08 15.26 12.47
C LYS A 101 -20.28 15.93 13.10
N ALA A 102 -20.20 16.19 14.39
CA ALA A 102 -21.28 16.85 15.11
C ALA A 102 -20.93 18.32 15.29
N ARG A 103 -19.76 18.69 14.74
CA ARG A 103 -19.25 20.05 14.79
C ARG A 103 -19.07 20.50 16.23
N LYS A 104 -18.58 19.59 17.05
CA LYS A 104 -18.38 19.86 18.46
C LYS A 104 -16.89 19.82 18.82
N ILE A 105 -16.04 20.17 17.86
CA ILE A 105 -14.60 20.18 18.10
C ILE A 105 -14.02 21.54 17.78
N PRO A 106 -13.53 22.26 18.80
CA PRO A 106 -12.93 23.56 18.65
C PRO A 106 -11.46 23.45 18.22
N ILE A 107 -11.21 23.64 16.93
CA ILE A 107 -9.86 23.58 16.41
C ILE A 107 -9.78 24.26 15.04
N ILE A 108 -8.62 24.80 14.72
CA ILE A 108 -8.40 25.45 13.43
C ILE A 108 -7.59 24.56 12.50
N ILE A 109 -7.87 24.64 11.22
CA ILE A 109 -7.16 23.85 10.22
C ILE A 109 -6.54 24.79 9.18
N ARG A 110 -5.32 24.50 8.77
CA ARG A 110 -4.64 25.31 7.78
C ARG A 110 -4.59 24.58 6.45
N ARG A 111 -5.36 25.04 5.48
CA ARG A 111 -5.39 24.41 4.16
C ARG A 111 -4.26 24.97 3.29
N TYR A 112 -3.43 24.10 2.75
CA TYR A 112 -2.31 24.53 1.91
C TYR A 112 -2.66 24.33 0.44
N LEU A 113 -2.21 25.26 -0.40
CA LEU A 113 -2.47 25.17 -1.82
C LEU A 113 -1.19 24.74 -2.56
N PRO A 114 -1.31 24.25 -3.81
CA PRO A 114 -0.17 23.79 -4.62
C PRO A 114 0.87 24.89 -4.88
N ASP A 115 0.51 26.14 -4.65
CA ASP A 115 1.42 27.26 -4.87
C ASP A 115 2.29 27.49 -3.64
N GLY A 116 1.88 26.91 -2.52
CA GLY A 116 2.63 27.04 -1.29
C GLY A 116 1.95 27.94 -0.28
N SER A 117 0.76 28.44 -0.64
CA SER A 117 0.02 29.31 0.27
C SER A 117 -0.77 28.48 1.28
N TYR A 118 -1.33 29.15 2.27
CA TYR A 118 -2.10 28.47 3.31
C TYR A 118 -3.21 29.36 3.84
N GLU A 119 -4.42 28.84 3.90
CA GLU A 119 -5.55 29.59 4.41
C GLU A 119 -6.06 29.00 5.73
N ASP A 120 -6.53 29.87 6.60
CA ASP A 120 -7.05 29.47 7.92
C ASP A 120 -8.49 29.03 7.80
N TRP A 121 -8.80 27.87 8.33
CA TRP A 121 -10.17 27.34 8.28
C TRP A 121 -10.52 26.62 9.57
N GLY A 122 -11.53 27.10 10.26
CA GLY A 122 -11.93 26.44 11.49
C GLY A 122 -12.85 25.27 11.22
N VAL A 123 -13.06 24.41 12.22
CA VAL A 123 -13.94 23.26 12.07
C VAL A 123 -15.35 23.75 11.80
N ASP A 124 -15.64 24.88 12.40
CA ASP A 124 -16.94 25.54 12.26
C ASP A 124 -17.14 26.02 10.82
N GLU A 125 -16.04 26.22 10.11
CA GLU A 125 -16.09 26.67 8.72
C GLU A 125 -16.07 25.48 7.76
N LEU A 126 -15.90 24.28 8.30
CA LEU A 126 -15.84 23.08 7.46
C LEU A 126 -17.02 22.15 7.67
N ILE A 127 -17.67 21.81 6.56
CA ILE A 127 -18.80 20.88 6.58
C ILE A 127 -18.28 19.48 6.29
N ILE A 128 -18.45 18.58 7.23
CA ILE A 128 -17.95 17.22 7.06
C ILE A 128 -18.99 16.28 6.51
N THR A 129 -18.63 15.59 5.45
CA THR A 129 -19.48 14.58 4.89
C THR A 129 -18.93 13.26 5.37
N ASP A 130 -19.52 12.76 6.42
CA ASP A 130 -19.06 11.53 7.04
C ASP A 130 -20.23 10.65 7.45
N MET B 4 -18.20 -26.48 2.27
CA MET B 4 -17.22 -25.42 1.96
C MET B 4 -16.87 -25.48 0.48
N ALA B 5 -16.17 -24.46 -0.01
CA ALA B 5 -15.78 -24.38 -1.42
C ALA B 5 -17.01 -24.25 -2.31
N THR B 6 -17.99 -23.51 -1.82
CA THR B 6 -19.23 -23.28 -2.52
C THR B 6 -19.02 -22.44 -3.77
N SER B 7 -19.75 -22.76 -4.83
CA SER B 7 -19.64 -22.02 -6.08
C SER B 7 -20.54 -20.78 -6.03
N SER B 8 -20.20 -19.87 -5.13
CA SER B 8 -20.96 -18.64 -4.95
C SER B 8 -20.40 -17.53 -5.84
N GLU B 9 -20.55 -16.28 -5.39
CA GLU B 9 -20.07 -15.12 -6.13
C GLU B 9 -18.56 -15.14 -6.27
N GLU B 10 -18.04 -14.29 -7.16
CA GLU B 10 -16.62 -14.20 -7.42
C GLU B 10 -15.85 -13.64 -6.22
N VAL B 11 -15.06 -14.49 -5.60
CA VAL B 11 -14.24 -14.09 -4.46
C VAL B 11 -12.81 -13.90 -4.92
N LEU B 12 -12.38 -12.65 -4.93
CA LEU B 12 -11.04 -12.29 -5.38
C LEU B 12 -9.98 -12.70 -4.35
N LEU B 13 -10.28 -12.50 -3.08
CA LEU B 13 -9.33 -12.83 -2.03
C LEU B 13 -9.94 -13.73 -0.97
N ILE B 14 -9.36 -14.90 -0.77
CA ILE B 14 -9.85 -15.82 0.25
C ILE B 14 -8.83 -15.89 1.38
N VAL B 15 -9.20 -15.30 2.50
CA VAL B 15 -8.34 -15.26 3.67
C VAL B 15 -8.87 -16.23 4.73
N LYS B 16 -8.15 -17.33 4.93
CA LYS B 16 -8.56 -18.34 5.89
C LYS B 16 -8.07 -18.01 7.29
N LYS B 17 -8.58 -18.77 8.27
CA LYS B 17 -8.23 -18.60 9.67
C LYS B 17 -8.39 -17.15 10.12
N VAL B 18 -9.60 -16.65 10.03
CA VAL B 18 -9.90 -15.29 10.42
C VAL B 18 -10.99 -15.30 11.47
N ARG B 19 -10.76 -14.61 12.56
CA ARG B 19 -11.72 -14.57 13.64
C ARG B 19 -12.45 -13.25 13.72
N GLN B 20 -13.69 -13.32 14.16
CA GLN B 20 -14.50 -12.15 14.35
C GLN B 20 -15.24 -12.27 15.67
N LYS B 21 -14.76 -11.52 16.66
CA LYS B 21 -15.33 -11.50 17.98
C LYS B 21 -15.57 -12.91 18.55
N LYS B 22 -14.47 -13.64 18.77
CA LYS B 22 -14.48 -14.98 19.34
C LYS B 22 -14.93 -16.06 18.35
N GLN B 23 -15.16 -15.67 17.11
CA GLN B 23 -15.59 -16.63 16.10
C GLN B 23 -14.46 -16.94 15.13
N ASP B 24 -14.05 -18.20 15.09
CA ASP B 24 -12.99 -18.61 14.17
C ASP B 24 -13.61 -18.96 12.85
N GLY B 25 -13.33 -18.17 11.84
CA GLY B 25 -13.89 -18.41 10.54
C GLY B 25 -12.94 -18.15 9.42
N ALA B 26 -13.47 -17.62 8.34
CA ALA B 26 -12.71 -17.32 7.17
C ALA B 26 -13.25 -16.09 6.45
N LEU B 27 -12.34 -15.29 5.99
CA LEU B 27 -12.66 -14.05 5.32
C LEU B 27 -12.59 -14.22 3.81
N TYR B 28 -13.64 -13.80 3.11
CA TYR B 28 -13.66 -13.89 1.66
C TYR B 28 -14.01 -12.53 1.06
N LEU B 29 -13.17 -12.03 0.19
CA LEU B 29 -13.43 -10.75 -0.45
C LEU B 29 -14.07 -10.96 -1.81
N MET B 30 -15.38 -10.80 -1.88
CA MET B 30 -16.11 -10.95 -3.13
C MET B 30 -15.99 -9.65 -3.92
N ALA B 31 -16.11 -9.73 -5.23
CA ALA B 31 -15.99 -8.57 -6.12
C ALA B 31 -16.85 -7.37 -5.70
N GLU B 32 -17.87 -7.60 -4.88
CA GLU B 32 -18.76 -6.52 -4.47
C GLU B 32 -18.63 -6.21 -2.98
N ARG B 33 -18.34 -7.23 -2.18
CA ARG B 33 -18.27 -7.01 -0.73
C ARG B 33 -17.33 -7.98 -0.02
N ILE B 34 -16.88 -7.55 1.14
CA ILE B 34 -16.04 -8.37 1.99
C ILE B 34 -16.97 -9.16 2.90
N ALA B 35 -17.03 -10.44 2.69
CA ALA B 35 -17.91 -11.28 3.47
C ALA B 35 -17.12 -12.32 4.24
N TRP B 36 -17.30 -12.31 5.54
CA TRP B 36 -16.62 -13.24 6.39
C TRP B 36 -17.60 -14.29 6.89
N ALA B 37 -17.17 -15.53 6.89
CA ALA B 37 -18.00 -16.64 7.34
C ALA B 37 -17.26 -17.45 8.41
N PRO B 38 -17.98 -18.25 9.21
CA PRO B 38 -17.38 -19.06 10.25
C PRO B 38 -16.88 -20.40 9.70
N GLU B 39 -15.74 -20.86 10.20
CA GLU B 39 -15.15 -22.11 9.73
C GLU B 39 -16.13 -23.26 9.89
N GLY B 40 -16.20 -24.11 8.87
CA GLY B 40 -17.09 -25.25 8.90
C GLY B 40 -18.49 -24.91 8.41
N LYS B 41 -18.69 -23.67 7.99
CA LYS B 41 -19.98 -23.23 7.49
C LYS B 41 -19.82 -22.53 6.14
N ASP B 42 -20.82 -22.69 5.29
CA ASP B 42 -20.81 -22.08 3.96
C ASP B 42 -21.69 -20.84 3.93
N ARG B 43 -22.09 -20.39 5.10
CA ARG B 43 -22.96 -19.23 5.20
C ARG B 43 -22.20 -18.03 5.75
N PHE B 44 -22.04 -17.00 4.93
CA PHE B 44 -21.35 -15.78 5.35
C PHE B 44 -22.12 -15.14 6.50
N THR B 45 -21.48 -15.04 7.65
CA THR B 45 -22.10 -14.45 8.82
C THR B 45 -22.00 -12.93 8.77
N ILE B 46 -21.10 -12.44 7.94
CA ILE B 46 -20.89 -11.01 7.79
C ILE B 46 -20.67 -10.66 6.33
N SER B 47 -21.28 -9.59 5.89
CA SER B 47 -21.09 -9.18 4.53
C SER B 47 -21.17 -7.65 4.43
N HIS B 48 -20.05 -7.02 4.15
CA HIS B 48 -20.01 -5.56 4.04
C HIS B 48 -19.66 -5.13 2.64
N MET B 49 -20.53 -4.33 2.04
CA MET B 49 -20.27 -3.82 0.71
C MET B 49 -19.15 -2.82 0.82
N TYR B 50 -18.28 -2.78 -0.17
CA TYR B 50 -17.17 -1.82 -0.10
C TYR B 50 -17.74 -0.41 -0.11
N ALA B 51 -18.98 -0.32 -0.56
CA ALA B 51 -19.68 0.95 -0.64
C ALA B 51 -20.02 1.47 0.74
N ASP B 52 -20.04 0.58 1.73
CA ASP B 52 -20.40 0.97 3.09
C ASP B 52 -19.19 1.03 4.00
N ILE B 53 -18.03 0.67 3.51
CA ILE B 53 -16.85 0.73 4.32
C ILE B 53 -16.17 2.07 4.07
N LYS B 54 -16.03 2.86 5.11
CA LYS B 54 -15.44 4.19 4.97
C LYS B 54 -13.91 4.14 4.99
N CYS B 55 -13.35 3.31 5.85
CA CYS B 55 -11.90 3.21 5.97
C CYS B 55 -11.47 1.85 6.53
N GLN B 56 -10.23 1.47 6.30
CA GLN B 56 -9.72 0.20 6.79
C GLN B 56 -8.55 0.44 7.76
N LYS B 57 -8.66 -0.10 8.95
CA LYS B 57 -7.61 0.02 9.96
C LYS B 57 -7.06 -1.36 10.18
N ILE B 58 -5.76 -1.49 10.43
CA ILE B 58 -5.22 -2.83 10.51
C ILE B 58 -4.00 -3.00 11.41
N SER B 59 -4.14 -3.80 12.47
CA SER B 59 -3.04 -4.05 13.40
C SER B 59 -1.99 -4.98 12.77
N PRO B 60 -0.78 -4.42 12.50
CA PRO B 60 0.37 -5.11 11.94
C PRO B 60 1.22 -5.79 13.02
N GLU B 61 2.31 -6.43 12.60
CA GLU B 61 3.24 -7.11 13.51
C GLU B 61 3.53 -6.26 14.77
N GLY B 62 4.00 -6.93 15.80
CA GLY B 62 4.28 -6.26 17.06
C GLY B 62 3.46 -6.87 18.16
N LYS B 63 2.21 -7.18 17.83
CA LYS B 63 1.31 -7.84 18.77
C LYS B 63 0.91 -9.17 18.17
N ALA B 64 0.45 -10.08 19.02
CA ALA B 64 0.03 -11.40 18.58
C ALA B 64 -1.35 -11.35 17.96
N LYS B 65 -1.79 -10.14 17.64
CA LYS B 65 -3.08 -9.92 17.06
C LYS B 65 -3.00 -9.07 15.81
N ILE B 66 -3.28 -9.68 14.68
CA ILE B 66 -3.30 -8.98 13.42
C ILE B 66 -4.75 -8.77 13.07
N GLN B 67 -5.22 -7.54 13.13
CA GLN B 67 -6.64 -7.29 12.91
C GLN B 67 -6.94 -6.34 11.78
N LEU B 68 -8.10 -6.58 11.17
CA LEU B 68 -8.63 -5.75 10.11
C LEU B 68 -9.89 -5.10 10.65
N GLN B 69 -9.85 -3.81 10.85
CA GLN B 69 -10.99 -3.09 11.39
C GLN B 69 -11.65 -2.28 10.29
N LEU B 70 -12.85 -2.67 9.91
CA LEU B 70 -13.59 -1.98 8.86
C LEU B 70 -14.43 -0.87 9.45
N VAL B 71 -13.94 0.34 9.37
CA VAL B 71 -14.66 1.48 9.89
C VAL B 71 -15.63 1.97 8.85
N LEU B 72 -16.90 1.84 9.17
CA LEU B 72 -17.95 2.21 8.28
C LEU B 72 -18.28 3.70 8.37
N HIS B 73 -19.10 4.17 7.44
CA HIS B 73 -19.47 5.60 7.35
C HIS B 73 -20.04 6.17 8.65
N ALA B 74 -21.04 5.50 9.20
CA ALA B 74 -21.70 5.96 10.41
C ALA B 74 -20.76 6.03 11.61
N GLY B 75 -19.67 5.28 11.52
CA GLY B 75 -18.71 5.22 12.59
C GLY B 75 -18.61 3.81 13.10
N ASP B 76 -19.32 2.93 12.42
CA ASP B 76 -19.35 1.52 12.76
C ASP B 76 -18.03 0.91 12.43
N THR B 77 -17.87 -0.35 12.77
CA THR B 77 -16.63 -1.07 12.54
C THR B 77 -16.84 -2.57 12.55
N THR B 78 -15.88 -3.28 11.97
CA THR B 78 -15.89 -4.72 11.93
C THR B 78 -14.48 -5.21 12.24
N ASN B 79 -14.33 -6.02 13.28
CA ASN B 79 -13.02 -6.51 13.68
C ASN B 79 -12.75 -7.93 13.21
N PHE B 80 -11.88 -8.07 12.22
CA PHE B 80 -11.48 -9.37 11.70
C PHE B 80 -10.05 -9.65 12.09
N HIS B 81 -9.85 -10.66 12.90
CA HIS B 81 -8.53 -11.01 13.37
C HIS B 81 -7.92 -12.11 12.51
N PHE B 82 -6.87 -11.74 11.78
CA PHE B 82 -6.14 -12.69 10.94
C PHE B 82 -5.38 -13.60 11.90
N SER B 83 -5.84 -14.83 12.06
CA SER B 83 -5.23 -15.71 13.03
C SER B 83 -4.48 -16.88 12.40
N ASN B 84 -4.22 -16.81 11.10
CA ASN B 84 -3.47 -17.87 10.43
C ASN B 84 -1.99 -17.70 10.74
N GLU B 85 -1.51 -18.47 11.71
CA GLU B 85 -0.12 -18.39 12.18
C GLU B 85 0.93 -18.29 11.07
N SER B 86 0.65 -18.89 9.92
CA SER B 86 1.60 -18.88 8.81
C SER B 86 1.72 -17.51 8.13
N THR B 87 0.61 -16.93 7.69
CA THR B 87 0.67 -15.65 6.98
C THR B 87 -0.31 -14.61 7.53
N ALA B 88 -0.69 -14.77 8.80
CA ALA B 88 -1.65 -13.86 9.45
C ALA B 88 -1.44 -12.38 9.09
N VAL B 89 -0.21 -11.92 9.20
CA VAL B 89 0.05 -10.51 8.91
C VAL B 89 0.10 -10.27 7.41
N LYS B 90 0.66 -11.21 6.68
CA LYS B 90 0.78 -11.07 5.24
C LYS B 90 -0.61 -11.07 4.62
N GLU B 91 -1.54 -11.75 5.28
CA GLU B 91 -2.92 -11.76 4.86
C GLU B 91 -3.43 -10.34 4.96
N ARG B 92 -3.23 -9.76 6.15
CA ARG B 92 -3.62 -8.38 6.46
C ARG B 92 -3.28 -7.43 5.32
N ASP B 93 -2.02 -7.43 4.94
CA ASP B 93 -1.49 -6.54 3.91
C ASP B 93 -2.21 -6.76 2.56
N ALA B 94 -2.46 -8.01 2.20
CA ALA B 94 -3.12 -8.32 0.93
C ALA B 94 -4.58 -7.87 0.96
N VAL B 95 -5.30 -8.25 2.02
CA VAL B 95 -6.70 -7.86 2.18
C VAL B 95 -6.79 -6.33 2.19
N LYS B 96 -5.75 -5.72 2.77
CA LYS B 96 -5.61 -4.26 2.86
C LYS B 96 -5.54 -3.62 1.48
N ASP B 97 -4.49 -3.95 0.73
CA ASP B 97 -4.28 -3.36 -0.59
C ASP B 97 -5.45 -3.61 -1.51
N LEU B 98 -5.96 -4.82 -1.49
CA LEU B 98 -7.08 -5.19 -2.32
C LEU B 98 -8.35 -4.44 -1.92
N LEU B 99 -8.78 -4.62 -0.66
CA LEU B 99 -10.01 -3.96 -0.17
C LEU B 99 -9.94 -2.46 -0.37
N GLN B 100 -8.79 -1.90 -0.05
CA GLN B 100 -8.57 -0.47 -0.16
C GLN B 100 -8.82 0.01 -1.60
N GLN B 101 -8.52 -0.84 -2.58
CA GLN B 101 -8.75 -0.51 -3.98
C GLN B 101 -10.22 -0.77 -4.34
N LEU B 102 -10.81 -1.72 -3.62
CA LEU B 102 -12.20 -2.11 -3.82
C LEU B 102 -13.16 -1.03 -3.32
N LEU B 103 -12.76 -0.38 -2.24
CA LEU B 103 -13.57 0.66 -1.60
C LEU B 103 -13.98 1.80 -2.52
N PRO B 104 -13.03 2.57 -3.10
CA PRO B 104 -13.36 3.70 -3.96
C PRO B 104 -14.22 3.28 -5.14
N LYS B 105 -14.10 2.01 -5.49
CA LYS B 105 -14.83 1.44 -6.60
C LYS B 105 -16.30 1.22 -6.23
N PHE B 106 -16.62 1.29 -4.93
CA PHE B 106 -18.01 1.12 -4.50
C PHE B 106 -18.51 2.27 -3.63
N LYS B 107 -17.60 2.86 -2.85
CA LYS B 107 -17.92 3.96 -1.93
C LYS B 107 -18.95 4.94 -2.49
N ARG B 108 -19.89 5.31 -1.65
CA ARG B 108 -20.95 6.22 -2.05
C ARG B 108 -20.43 7.64 -2.16
N LYS B 109 -20.40 8.16 -3.38
CA LYS B 109 -19.94 9.52 -3.64
C LYS B 109 -20.88 10.19 -4.64
N ALA B 110 -20.37 10.51 -5.83
CA ALA B 110 -21.19 11.14 -6.86
C ALA B 110 -21.84 10.07 -7.72
N ASN B 111 -21.82 8.86 -7.18
CA ASN B 111 -22.37 7.67 -7.81
C ASN B 111 -22.07 6.49 -6.93
N MET A 4 -14.22 -18.73 19.23
CA MET A 4 -14.19 -19.46 20.51
C MET A 4 -13.59 -18.59 21.61
N SER A 5 -12.32 -18.22 21.44
CA SER A 5 -11.62 -17.39 22.40
C SER A 5 -12.06 -15.93 22.27
N ASP A 6 -11.82 -15.16 23.33
CA ASP A 6 -12.17 -13.74 23.35
C ASP A 6 -10.91 -12.90 23.17
N ASN A 7 -9.90 -13.51 22.56
CA ASN A 7 -8.62 -12.89 22.36
C ASN A 7 -8.71 -11.64 21.50
N GLU A 8 -9.72 -11.59 20.63
CA GLU A 8 -9.93 -10.46 19.75
C GLU A 8 -10.40 -9.22 20.48
N ASP A 9 -10.63 -9.39 21.76
CA ASP A 9 -11.06 -8.31 22.64
C ASP A 9 -10.33 -8.41 23.96
N ASN A 10 -9.18 -9.08 23.91
CA ASN A 10 -8.35 -9.27 25.11
C ASN A 10 -7.14 -8.37 25.04
N PHE A 11 -7.23 -7.38 24.19
CA PHE A 11 -6.17 -6.40 24.02
C PHE A 11 -6.71 -5.02 24.37
N ASP A 12 -5.86 -4.01 24.31
CA ASP A 12 -6.24 -2.65 24.62
C ASP A 12 -5.19 -1.72 24.10
N GLY A 13 -5.47 -1.21 22.94
CA GLY A 13 -4.56 -0.27 22.31
C GLY A 13 -3.96 -0.75 21.04
N ASP A 14 -4.69 -1.60 20.34
CA ASP A 14 -4.23 -2.13 19.06
C ASP A 14 -3.57 -1.05 18.23
N ASP A 15 -2.28 -1.26 17.96
CA ASP A 15 -1.43 -0.38 17.17
C ASP A 15 -1.87 -0.31 15.71
N PHE A 16 -3.18 -0.26 15.50
CA PHE A 16 -3.78 -0.22 14.18
C PHE A 16 -3.06 0.73 13.23
N ASP A 17 -2.41 0.12 12.24
CA ASP A 17 -1.74 0.86 11.21
C ASP A 17 -2.83 1.29 10.26
N ASP A 18 -3.40 2.43 10.58
CA ASP A 18 -4.49 2.98 9.79
C ASP A 18 -4.07 3.08 8.36
N VAL A 19 -4.78 2.30 7.57
CA VAL A 19 -4.52 2.25 6.15
C VAL A 19 -5.72 2.66 5.35
N GLU A 20 -5.75 3.88 4.94
CA GLU A 20 -6.80 4.32 4.09
C GLU A 20 -6.33 4.01 2.68
N GLU A 21 -7.26 3.80 1.75
CA GLU A 21 -6.90 3.44 0.39
C GLU A 21 -5.80 4.35 -0.17
N ASP A 22 -4.66 3.71 -0.36
CA ASP A 22 -3.47 4.38 -0.85
C ASP A 22 -3.31 4.20 -2.36
N GLU A 23 -4.12 4.94 -3.10
CA GLU A 23 -4.07 4.91 -4.56
C GLU A 23 -3.45 6.20 -5.08
N GLY A 24 -2.92 6.16 -6.29
CA GLY A 24 -2.30 7.34 -6.87
C GLY A 24 -0.95 7.65 -6.28
N LEU A 25 -0.30 6.62 -5.75
CA LEU A 25 1.02 6.78 -5.13
C LEU A 25 2.08 7.18 -6.14
N ASP A 26 2.72 8.31 -5.89
CA ASP A 26 3.79 8.82 -6.74
C ASP A 26 4.89 9.42 -5.86
N ASP A 27 6.12 9.37 -6.33
CA ASP A 27 7.26 9.89 -5.56
C ASP A 27 7.91 11.07 -6.27
N LEU A 28 8.36 10.83 -7.50
CA LEU A 28 9.01 11.87 -8.28
C LEU A 28 8.47 11.89 -9.70
N GLU A 29 7.37 11.20 -9.92
CA GLU A 29 6.74 11.12 -11.23
C GLU A 29 5.76 12.28 -11.42
N ASN A 30 5.67 13.12 -10.40
CA ASN A 30 4.78 14.28 -10.43
C ASN A 30 5.37 15.38 -11.31
N ALA A 31 6.71 15.39 -11.42
CA ALA A 31 7.42 16.39 -12.21
C ALA A 31 8.91 16.11 -12.17
N GLU A 32 9.41 15.50 -13.22
CA GLU A 32 10.82 15.18 -13.33
C GLU A 32 11.59 16.35 -13.95
N GLU A 33 12.84 16.11 -14.33
CA GLU A 33 13.67 17.14 -14.94
C GLU A 33 14.42 16.57 -16.13
N GLU A 34 14.52 17.37 -17.18
CA GLU A 34 15.20 16.99 -18.41
C GLU A 34 15.11 18.15 -19.41
N GLY A 35 16.21 18.42 -20.08
CA GLY A 35 16.26 19.51 -21.03
C GLY A 35 15.94 20.84 -20.38
N GLN A 36 16.57 21.07 -19.23
CA GLN A 36 16.38 22.29 -18.46
C GLN A 36 16.47 23.55 -19.31
N GLU A 37 15.60 24.50 -19.04
CA GLU A 37 15.55 25.76 -19.76
C GLU A 37 16.84 26.55 -19.65
N ASN A 38 17.23 27.16 -20.76
CA ASN A 38 18.39 28.01 -20.81
C ASN A 38 17.91 29.35 -21.35
N VAL A 39 17.96 30.37 -20.52
CA VAL A 39 17.46 31.68 -20.92
C VAL A 39 18.56 32.68 -21.28
N GLU A 40 18.26 33.49 -22.28
CA GLU A 40 19.16 34.52 -22.77
C GLU A 40 18.76 35.86 -22.17
N ILE A 41 19.73 36.72 -21.93
CA ILE A 41 19.46 38.03 -21.34
C ILE A 41 19.70 39.13 -22.36
N LEU A 42 18.63 39.80 -22.76
CA LEU A 42 18.71 40.86 -23.74
C LEU A 42 18.34 42.20 -23.10
N PRO A 43 18.92 43.29 -23.59
CA PRO A 43 18.61 44.62 -23.08
C PRO A 43 17.37 45.16 -23.76
N SER A 44 16.36 45.47 -22.97
CA SER A 44 15.11 45.98 -23.49
C SER A 44 15.23 47.37 -24.08
N GLY A 45 14.19 47.74 -24.80
CA GLY A 45 14.13 49.01 -25.49
C GLY A 45 13.84 48.79 -26.95
N GLU A 46 14.15 47.60 -27.41
CA GLU A 46 13.86 47.22 -28.80
C GLU A 46 12.75 46.17 -28.78
N ARG A 47 12.75 45.49 -27.66
CA ARG A 47 11.84 44.42 -27.28
C ARG A 47 11.50 43.47 -28.43
N PRO A 48 12.39 42.50 -28.70
CA PRO A 48 12.13 41.50 -29.70
C PRO A 48 11.43 40.30 -29.07
N GLN A 49 10.26 39.97 -29.56
CA GLN A 49 9.53 38.83 -29.04
C GLN A 49 8.88 38.06 -30.18
N ALA A 50 8.86 36.75 -30.06
CA ALA A 50 8.22 35.91 -31.06
C ALA A 50 6.76 36.28 -31.17
N ASN A 51 6.24 36.33 -32.39
CA ASN A 51 4.85 36.70 -32.57
C ASN A 51 3.93 35.48 -32.54
N GLN A 52 4.22 34.56 -31.65
CA GLN A 52 3.42 33.35 -31.52
C GLN A 52 2.74 33.30 -30.17
N LYS A 53 1.80 32.39 -30.01
CA LYS A 53 1.09 32.23 -28.75
C LYS A 53 2.00 31.58 -27.71
N ARG A 54 2.44 32.35 -26.73
CA ARG A 54 3.30 31.84 -25.68
C ARG A 54 2.77 30.56 -25.09
N ILE A 55 3.68 29.68 -24.73
CA ILE A 55 3.32 28.41 -24.16
C ILE A 55 3.87 28.29 -22.74
N THR A 56 4.67 29.27 -22.35
CA THR A 56 5.26 29.27 -21.01
C THR A 56 4.41 30.07 -20.03
N THR A 57 4.96 30.33 -18.86
CA THR A 57 4.24 31.04 -17.81
C THR A 57 4.89 32.37 -17.52
N PRO A 58 4.07 33.40 -17.31
CA PRO A 58 4.53 34.76 -17.00
C PRO A 58 5.02 34.88 -15.56
N TYR A 59 5.95 34.02 -15.18
CA TYR A 59 6.49 33.98 -13.85
C TYR A 59 7.99 33.82 -13.94
N MET A 60 8.68 34.27 -12.92
CA MET A 60 10.12 34.15 -12.90
C MET A 60 10.58 33.50 -11.62
N THR A 61 11.18 32.33 -11.76
CA THR A 61 11.69 31.61 -10.60
C THR A 61 13.04 32.19 -10.21
N LYS A 62 13.72 31.55 -9.27
CA LYS A 62 15.02 32.04 -8.83
C LYS A 62 16.10 31.75 -9.87
N TYR A 63 15.74 30.98 -10.90
CA TYR A 63 16.68 30.64 -11.97
C TYR A 63 16.88 31.87 -12.86
N GLU A 64 15.80 32.33 -13.48
CA GLU A 64 15.86 33.49 -14.35
C GLU A 64 16.24 34.71 -13.52
N ARG A 65 15.77 34.72 -12.27
CA ARG A 65 16.06 35.77 -11.32
C ARG A 65 17.56 35.96 -11.21
N ALA A 66 18.25 34.88 -10.89
CA ALA A 66 19.68 34.88 -10.74
C ALA A 66 20.39 35.16 -12.06
N ARG A 67 19.78 34.72 -13.16
CA ARG A 67 20.35 34.94 -14.48
C ARG A 67 20.36 36.43 -14.83
N VAL A 68 19.21 37.08 -14.64
CA VAL A 68 19.08 38.49 -14.92
C VAL A 68 19.95 39.31 -13.97
N LEU A 69 19.91 38.96 -12.69
CA LEU A 69 20.67 39.66 -11.67
C LEU A 69 22.16 39.44 -11.82
N GLY A 70 22.55 38.26 -12.28
CA GLY A 70 23.95 37.98 -12.49
C GLY A 70 24.50 38.89 -13.58
N THR A 71 23.64 39.18 -14.56
CA THR A 71 24.01 40.05 -15.66
C THR A 71 23.89 41.52 -15.24
N ARG A 72 22.92 41.79 -14.36
CA ARG A 72 22.70 43.15 -13.87
C ARG A 72 23.80 43.56 -12.90
N ALA A 73 24.31 42.60 -12.13
CA ALA A 73 25.41 42.87 -11.21
C ALA A 73 26.59 43.35 -12.01
N LEU A 74 26.79 42.74 -13.16
CA LEU A 74 27.87 43.14 -14.05
C LEU A 74 27.63 44.56 -14.51
N GLN A 75 26.36 44.89 -14.77
CA GLN A 75 26.00 46.23 -15.21
C GLN A 75 26.32 47.27 -14.13
N ILE A 76 25.75 47.07 -12.94
CA ILE A 76 25.95 48.00 -11.83
C ILE A 76 27.42 48.05 -11.42
N ALA A 77 28.07 46.91 -11.51
CA ALA A 77 29.49 46.81 -11.18
C ALA A 77 30.31 47.65 -12.17
N MET A 78 29.68 47.99 -13.29
CA MET A 78 30.30 48.82 -14.31
C MET A 78 29.79 50.26 -14.18
N CYS A 79 29.15 50.53 -13.04
CA CYS A 79 28.62 51.86 -12.69
C CYS A 79 27.25 52.12 -13.33
N ALA A 80 26.43 51.08 -13.44
CA ALA A 80 25.09 51.23 -13.99
C ALA A 80 24.19 52.01 -13.01
N PRO A 81 23.32 52.87 -13.54
CA PRO A 81 22.41 53.67 -12.71
C PRO A 81 21.43 52.79 -11.93
N VAL A 82 21.40 52.99 -10.62
CA VAL A 82 20.51 52.25 -9.74
C VAL A 82 19.14 52.92 -9.73
N MET A 83 18.08 52.13 -9.93
CA MET A 83 16.72 52.68 -9.97
C MET A 83 15.94 52.38 -8.70
N VAL A 84 16.61 51.79 -7.72
CA VAL A 84 15.96 51.45 -6.46
C VAL A 84 16.46 52.31 -5.33
N GLU A 85 15.80 52.12 -4.22
CA GLU A 85 16.10 52.80 -3.00
C GLU A 85 17.20 52.03 -2.28
N LEU A 86 18.08 52.75 -1.61
CA LEU A 86 19.21 52.09 -0.93
C LEU A 86 19.09 52.22 0.58
N GLU A 87 18.93 51.08 1.24
CA GLU A 87 18.84 51.02 2.69
C GLU A 87 20.06 50.31 3.23
N GLY A 88 21.19 50.52 2.57
CA GLY A 88 22.43 49.90 2.96
C GLY A 88 23.07 49.12 1.82
N GLU A 89 22.28 48.80 0.79
CA GLU A 89 22.79 48.08 -0.36
C GLU A 89 23.86 48.90 -1.07
N THR A 90 25.10 48.50 -0.92
CA THR A 90 26.22 49.19 -1.54
C THR A 90 26.92 48.29 -2.55
N ASP A 91 26.42 47.06 -2.66
CA ASP A 91 26.99 46.09 -3.57
C ASP A 91 26.05 45.85 -4.75
N PRO A 92 26.60 45.74 -5.97
CA PRO A 92 25.82 45.52 -7.20
C PRO A 92 24.84 44.35 -7.10
N LEU A 93 25.22 43.30 -6.39
CA LEU A 93 24.36 42.14 -6.25
C LEU A 93 23.12 42.48 -5.40
N LEU A 94 23.35 43.12 -4.27
CA LEU A 94 22.27 43.52 -3.38
C LEU A 94 21.30 44.45 -4.08
N ILE A 95 21.85 45.45 -4.75
CA ILE A 95 21.03 46.42 -5.47
C ILE A 95 20.26 45.75 -6.60
N ALA A 96 20.95 44.89 -7.35
CA ALA A 96 20.31 44.17 -8.45
C ALA A 96 19.10 43.40 -7.95
N MET A 97 19.27 42.74 -6.81
CA MET A 97 18.20 41.96 -6.22
C MET A 97 17.04 42.86 -5.82
N LYS A 98 17.38 44.01 -5.26
CA LYS A 98 16.38 45.00 -4.85
C LYS A 98 15.58 45.47 -6.06
N GLU A 99 16.28 45.72 -7.16
CA GLU A 99 15.65 46.18 -8.39
C GLU A 99 14.75 45.11 -9.00
N LEU A 100 15.24 43.88 -9.06
CA LEU A 100 14.47 42.77 -9.63
C LEU A 100 13.16 42.55 -8.90
N LYS A 101 13.20 42.54 -7.57
CA LYS A 101 11.99 42.32 -6.78
C LYS A 101 11.04 43.47 -6.95
N ALA A 102 11.61 44.65 -7.12
CA ALA A 102 10.81 45.85 -7.29
C ALA A 102 10.39 46.04 -8.74
N ARG A 103 10.73 45.06 -9.60
CA ARG A 103 10.41 45.10 -11.02
C ARG A 103 11.02 46.34 -11.69
N LYS A 104 12.15 46.77 -11.16
CA LYS A 104 12.84 47.96 -11.65
C LYS A 104 14.02 47.59 -12.54
N ILE A 105 13.90 46.49 -13.27
CA ILE A 105 14.97 46.06 -14.17
C ILE A 105 14.45 45.84 -15.58
N PRO A 106 14.86 46.70 -16.51
CA PRO A 106 14.47 46.59 -17.91
C PRO A 106 15.38 45.62 -18.66
N ILE A 107 14.90 44.39 -18.83
CA ILE A 107 15.67 43.35 -19.53
C ILE A 107 14.72 42.28 -20.05
N ILE A 108 14.97 41.81 -21.27
CA ILE A 108 14.16 40.75 -21.85
C ILE A 108 14.86 39.40 -21.69
N ILE A 109 14.12 38.44 -21.18
CA ILE A 109 14.62 37.09 -20.92
C ILE A 109 14.07 36.11 -21.95
N ARG A 110 14.90 35.69 -22.89
CA ARG A 110 14.45 34.73 -23.90
C ARG A 110 14.71 33.31 -23.42
N ARG A 111 13.65 32.57 -23.17
CA ARG A 111 13.76 31.18 -22.74
C ARG A 111 14.03 30.28 -23.94
N TYR A 112 14.68 29.15 -23.68
CA TYR A 112 14.96 28.18 -24.73
C TYR A 112 14.56 26.80 -24.24
N LEU A 113 13.69 26.14 -24.98
CA LEU A 113 13.21 24.82 -24.59
C LEU A 113 14.09 23.73 -25.18
N PRO A 114 14.03 22.50 -24.62
CA PRO A 114 14.85 21.36 -25.09
C PRO A 114 14.58 20.94 -26.54
N ASP A 115 13.50 21.47 -27.11
CA ASP A 115 13.13 21.15 -28.49
C ASP A 115 13.84 22.10 -29.46
N GLY A 116 14.35 23.20 -28.92
CA GLY A 116 15.04 24.18 -29.73
C GLY A 116 14.22 25.45 -29.93
N SER A 117 13.06 25.52 -29.30
CA SER A 117 12.22 26.71 -29.42
C SER A 117 12.70 27.80 -28.49
N TYR A 118 12.20 29.02 -28.70
CA TYR A 118 12.59 30.15 -27.89
C TYR A 118 11.38 31.00 -27.54
N GLU A 119 11.37 31.54 -26.33
CA GLU A 119 10.28 32.38 -25.87
C GLU A 119 10.83 33.65 -25.22
N ASP A 120 10.66 34.78 -25.89
CA ASP A 120 11.14 36.05 -25.36
C ASP A 120 10.18 36.56 -24.29
N TRP A 121 10.68 36.69 -23.07
CA TRP A 121 9.87 37.13 -21.94
C TRP A 121 10.54 38.27 -21.18
N GLY A 122 9.90 39.42 -21.12
CA GLY A 122 10.47 40.54 -20.41
C GLY A 122 10.19 40.47 -18.91
N VAL A 123 10.97 41.21 -18.11
CA VAL A 123 10.78 41.23 -16.66
C VAL A 123 9.42 41.82 -16.34
N ASP A 124 8.96 42.63 -17.27
CA ASP A 124 7.67 43.28 -17.17
C ASP A 124 6.54 42.26 -17.28
N GLU A 125 6.83 41.14 -17.93
CA GLU A 125 5.84 40.08 -18.11
C GLU A 125 6.08 38.94 -17.13
N LEU A 126 7.14 39.01 -16.34
CA LEU A 126 7.47 37.95 -15.40
C LEU A 126 7.31 38.36 -13.95
N ILE A 127 6.56 37.57 -13.21
CA ILE A 127 6.37 37.79 -11.79
C ILE A 127 7.42 36.98 -11.03
N ILE A 128 8.39 37.67 -10.46
CA ILE A 128 9.49 37.00 -9.76
C ILE A 128 9.07 36.47 -8.40
N THR A 129 9.09 35.16 -8.27
CA THR A 129 8.82 34.54 -7.01
C THR A 129 10.14 34.35 -6.32
N ASP A 130 10.45 35.29 -5.46
CA ASP A 130 11.71 35.29 -4.75
C ASP A 130 11.51 35.34 -3.25
N MET B 4 -25.99 -11.35 -4.74
CA MET B 4 -27.13 -12.18 -5.20
C MET B 4 -27.73 -12.91 -4.01
N ALA B 5 -28.73 -13.75 -4.26
CA ALA B 5 -29.37 -14.52 -3.20
C ALA B 5 -28.43 -15.61 -2.70
N THR B 6 -27.89 -16.38 -3.62
CA THR B 6 -26.96 -17.44 -3.28
C THR B 6 -25.59 -16.83 -2.97
N SER B 7 -25.34 -16.64 -1.68
CA SER B 7 -24.09 -16.08 -1.21
C SER B 7 -22.91 -17.02 -1.50
N SER B 8 -22.35 -16.88 -2.69
CA SER B 8 -21.22 -17.70 -3.12
C SER B 8 -20.65 -17.16 -4.42
N GLU B 9 -20.75 -15.86 -4.59
CA GLU B 9 -20.26 -15.19 -5.79
C GLU B 9 -18.74 -15.12 -5.80
N GLU B 10 -18.19 -14.56 -6.88
CA GLU B 10 -16.74 -14.45 -7.06
C GLU B 10 -16.05 -13.80 -5.85
N VAL B 11 -15.02 -14.48 -5.38
CA VAL B 11 -14.24 -14.03 -4.24
C VAL B 11 -12.80 -13.82 -4.67
N LEU B 12 -12.40 -12.56 -4.75
CA LEU B 12 -11.05 -12.20 -5.19
C LEU B 12 -9.99 -12.57 -4.16
N LEU B 13 -10.30 -12.40 -2.88
CA LEU B 13 -9.35 -12.72 -1.83
C LEU B 13 -9.96 -13.62 -0.76
N ILE B 14 -9.38 -14.80 -0.58
CA ILE B 14 -9.86 -15.71 0.44
C ILE B 14 -8.84 -15.79 1.57
N VAL B 15 -9.18 -15.18 2.68
CA VAL B 15 -8.33 -15.15 3.85
C VAL B 15 -8.85 -16.14 4.89
N LYS B 16 -8.13 -17.23 5.07
CA LYS B 16 -8.54 -18.26 6.02
C LYS B 16 -8.06 -17.96 7.43
N LYS B 17 -8.54 -18.76 8.38
CA LYS B 17 -8.21 -18.62 9.79
C LYS B 17 -8.40 -17.18 10.27
N VAL B 18 -9.63 -16.69 10.18
CA VAL B 18 -9.94 -15.34 10.59
C VAL B 18 -11.02 -15.34 11.66
N ARG B 19 -10.87 -14.51 12.67
CA ARG B 19 -11.82 -14.44 13.76
C ARG B 19 -12.54 -13.11 13.79
N GLN B 20 -13.73 -13.12 14.36
CA GLN B 20 -14.53 -11.92 14.50
C GLN B 20 -15.38 -12.02 15.75
N LYS B 21 -14.97 -11.31 16.79
CA LYS B 21 -15.69 -11.27 18.06
C LYS B 21 -16.07 -12.65 18.58
N LYS B 22 -15.05 -13.45 18.92
CA LYS B 22 -15.21 -14.78 19.48
C LYS B 22 -15.70 -15.79 18.45
N GLN B 23 -15.60 -15.44 17.18
CA GLN B 23 -16.04 -16.34 16.14
C GLN B 23 -14.87 -16.73 15.25
N ASP B 24 -14.56 -18.01 15.23
CA ASP B 24 -13.47 -18.51 14.41
C ASP B 24 -14.01 -18.87 13.04
N GLY B 25 -13.50 -18.24 12.01
CA GLY B 25 -13.99 -18.52 10.69
C GLY B 25 -13.01 -18.20 9.58
N ALA B 26 -13.53 -17.60 8.53
CA ALA B 26 -12.75 -17.28 7.35
C ALA B 26 -13.30 -16.05 6.64
N LEU B 27 -12.38 -15.28 6.10
CA LEU B 27 -12.70 -14.05 5.41
C LEU B 27 -12.64 -14.24 3.89
N TYR B 28 -13.66 -13.75 3.20
CA TYR B 28 -13.73 -13.87 1.75
C TYR B 28 -14.12 -12.52 1.13
N LEU B 29 -13.22 -11.92 0.37
CA LEU B 29 -13.50 -10.63 -0.25
C LEU B 29 -14.10 -10.81 -1.63
N MET B 30 -15.38 -10.50 -1.76
CA MET B 30 -16.05 -10.59 -3.05
C MET B 30 -15.89 -9.26 -3.77
N ALA B 31 -16.03 -9.28 -5.08
CA ALA B 31 -15.85 -8.07 -5.90
C ALA B 31 -16.65 -6.87 -5.40
N GLU B 32 -17.81 -7.12 -4.79
CA GLU B 32 -18.66 -6.04 -4.31
C GLU B 32 -18.67 -5.89 -2.79
N ARG B 33 -18.30 -6.95 -2.06
CA ARG B 33 -18.35 -6.87 -0.60
C ARG B 33 -17.31 -7.74 0.09
N ILE B 34 -16.90 -7.28 1.26
CA ILE B 34 -15.99 -8.03 2.11
C ILE B 34 -16.86 -8.85 3.03
N ALA B 35 -16.84 -10.15 2.85
CA ALA B 35 -17.65 -11.02 3.66
C ALA B 35 -16.81 -11.95 4.48
N TRP B 36 -17.33 -12.30 5.63
CA TRP B 36 -16.65 -13.20 6.52
C TRP B 36 -17.64 -14.22 7.04
N ALA B 37 -17.19 -15.46 7.13
CA ALA B 37 -18.05 -16.54 7.60
C ALA B 37 -17.32 -17.37 8.64
N PRO B 38 -18.06 -18.12 9.47
CA PRO B 38 -17.46 -18.98 10.47
C PRO B 38 -16.91 -20.24 9.81
N GLU B 39 -15.90 -20.85 10.37
CA GLU B 39 -15.32 -22.05 9.77
C GLU B 39 -16.36 -23.16 9.74
N GLY B 40 -16.35 -23.92 8.65
CA GLY B 40 -17.30 -25.00 8.49
C GLY B 40 -18.71 -24.48 8.26
N LYS B 41 -18.82 -23.31 7.64
CA LYS B 41 -20.12 -22.71 7.36
C LYS B 41 -20.20 -22.30 5.90
N ASP B 42 -21.38 -22.46 5.32
CA ASP B 42 -21.63 -22.11 3.93
C ASP B 42 -22.25 -20.73 3.85
N ARG B 43 -22.51 -20.15 5.01
CA ARG B 43 -23.15 -18.86 5.08
C ARG B 43 -22.26 -17.81 5.73
N PHE B 44 -22.06 -16.70 5.03
CA PHE B 44 -21.26 -15.60 5.54
C PHE B 44 -22.09 -14.86 6.57
N THR B 45 -21.62 -14.83 7.81
CA THR B 45 -22.35 -14.18 8.88
C THR B 45 -22.09 -12.69 8.90
N ILE B 46 -21.21 -12.25 8.01
CA ILE B 46 -20.86 -10.84 7.90
C ILE B 46 -20.58 -10.48 6.46
N SER B 47 -21.19 -9.44 5.98
CA SER B 47 -20.92 -8.99 4.65
C SER B 47 -21.07 -7.47 4.56
N HIS B 48 -19.99 -6.80 4.20
CA HIS B 48 -20.03 -5.34 4.09
C HIS B 48 -19.72 -4.90 2.68
N MET B 49 -20.59 -4.07 2.13
CA MET B 49 -20.36 -3.56 0.80
C MET B 49 -19.28 -2.51 0.93
N TYR B 50 -18.37 -2.43 -0.02
CA TYR B 50 -17.30 -1.44 0.06
C TYR B 50 -17.88 -0.03 0.07
N ALA B 51 -19.12 0.07 -0.37
CA ALA B 51 -19.83 1.33 -0.40
C ALA B 51 -20.10 1.83 0.99
N ASP B 52 -20.26 0.90 1.94
CA ASP B 52 -20.59 1.25 3.32
C ASP B 52 -19.37 1.27 4.20
N ILE B 53 -18.22 0.97 3.65
CA ILE B 53 -17.01 1.00 4.42
C ILE B 53 -16.44 2.41 4.32
N LYS B 54 -16.27 3.06 5.45
CA LYS B 54 -15.76 4.43 5.46
C LYS B 54 -14.23 4.45 5.49
N CYS B 55 -13.63 3.43 6.09
CA CYS B 55 -12.17 3.35 6.20
C CYS B 55 -11.73 1.98 6.70
N GLN B 56 -10.50 1.56 6.36
CA GLN B 56 -9.99 0.28 6.80
C GLN B 56 -8.74 0.50 7.66
N LYS B 57 -8.75 -0.03 8.86
CA LYS B 57 -7.61 0.10 9.76
C LYS B 57 -7.09 -1.28 10.04
N ILE B 58 -5.83 -1.43 10.39
CA ILE B 58 -5.30 -2.77 10.56
C ILE B 58 -4.25 -2.94 11.65
N SER B 59 -4.08 -4.17 12.10
CA SER B 59 -3.09 -4.47 13.13
C SER B 59 -1.91 -5.17 12.50
N PRO B 60 -0.77 -4.45 12.42
CA PRO B 60 0.49 -4.91 11.80
C PRO B 60 1.40 -5.70 12.73
N GLU B 61 2.54 -6.14 12.17
CA GLU B 61 3.55 -6.88 12.92
C GLU B 61 3.90 -6.17 14.22
N GLY B 62 4.29 -6.95 15.22
CA GLY B 62 4.62 -6.40 16.52
C GLY B 62 3.72 -6.97 17.59
N LYS B 63 2.45 -7.10 17.25
CA LYS B 63 1.48 -7.67 18.16
C LYS B 63 1.18 -9.09 17.73
N ALA B 64 0.67 -9.89 18.65
CA ALA B 64 0.32 -11.27 18.37
C ALA B 64 -1.10 -11.35 17.83
N LYS B 65 -1.61 -10.20 17.44
CA LYS B 65 -2.93 -10.10 16.89
C LYS B 65 -2.93 -9.24 15.65
N ILE B 66 -3.20 -9.87 14.53
CA ILE B 66 -3.28 -9.17 13.28
C ILE B 66 -4.73 -8.91 13.01
N GLN B 67 -5.12 -7.68 12.79
CA GLN B 67 -6.53 -7.42 12.59
C GLN B 67 -6.82 -6.43 11.48
N LEU B 68 -8.06 -6.48 11.04
CA LEU B 68 -8.60 -5.62 10.03
C LEU B 68 -9.85 -4.99 10.63
N GLN B 69 -9.80 -3.70 10.89
CA GLN B 69 -10.91 -3.01 11.51
C GLN B 69 -11.62 -2.17 10.46
N LEU B 70 -12.84 -2.58 10.10
CA LEU B 70 -13.63 -1.86 9.10
C LEU B 70 -14.52 -0.82 9.75
N VAL B 71 -14.11 0.44 9.73
CA VAL B 71 -14.93 1.50 10.29
C VAL B 71 -15.87 2.01 9.22
N LEU B 72 -17.14 1.84 9.47
CA LEU B 72 -18.17 2.22 8.54
C LEU B 72 -18.56 3.69 8.72
N HIS B 73 -19.47 4.16 7.88
CA HIS B 73 -19.90 5.56 7.88
C HIS B 73 -20.49 6.02 9.21
N ALA B 74 -21.49 5.29 9.70
CA ALA B 74 -22.18 5.63 10.94
C ALA B 74 -21.27 5.61 12.16
N GLY B 75 -20.10 5.04 11.98
CA GLY B 75 -19.16 4.90 13.08
C GLY B 75 -19.10 3.46 13.46
N ASP B 76 -19.78 2.66 12.63
CA ASP B 76 -19.85 1.23 12.79
C ASP B 76 -18.47 0.66 12.56
N THR B 77 -18.27 -0.59 12.92
CA THR B 77 -16.97 -1.19 12.76
C THR B 77 -17.05 -2.71 12.70
N THR B 78 -15.98 -3.31 12.20
CA THR B 78 -15.88 -4.75 12.08
C THR B 78 -14.44 -5.19 12.35
N ASN B 79 -14.23 -6.02 13.36
CA ASN B 79 -12.89 -6.49 13.71
C ASN B 79 -12.61 -7.89 13.19
N PHE B 80 -11.76 -7.98 12.17
CA PHE B 80 -11.38 -9.27 11.62
C PHE B 80 -9.94 -9.59 12.01
N HIS B 81 -9.78 -10.57 12.87
CA HIS B 81 -8.48 -10.98 13.34
C HIS B 81 -7.91 -12.09 12.48
N PHE B 82 -6.79 -11.80 11.84
CA PHE B 82 -6.11 -12.76 10.97
C PHE B 82 -5.33 -13.72 11.84
N SER B 83 -5.97 -14.80 12.28
CA SER B 83 -5.33 -15.74 13.18
C SER B 83 -4.55 -16.84 12.44
N ASN B 84 -4.15 -16.56 11.21
CA ASN B 84 -3.35 -17.52 10.45
C ASN B 84 -1.88 -17.24 10.75
N GLU B 85 -1.36 -17.93 11.75
CA GLU B 85 0.02 -17.74 12.25
C GLU B 85 1.06 -17.51 11.17
N SER B 86 1.12 -18.43 10.24
CA SER B 86 2.10 -18.42 9.18
C SER B 86 2.18 -17.12 8.38
N THR B 87 1.05 -16.56 7.98
CA THR B 87 1.05 -15.36 7.16
C THR B 87 0.12 -14.29 7.72
N ALA B 88 -0.20 -14.41 9.00
CA ALA B 88 -1.13 -13.52 9.71
C ALA B 88 -1.08 -12.06 9.24
N VAL B 89 0.08 -11.45 9.32
CA VAL B 89 0.20 -10.04 8.91
C VAL B 89 0.16 -9.90 7.41
N LYS B 90 0.80 -10.83 6.72
CA LYS B 90 0.84 -10.78 5.26
C LYS B 90 -0.58 -10.93 4.71
N GLU B 91 -1.43 -11.65 5.45
CA GLU B 91 -2.82 -11.79 5.09
C GLU B 91 -3.40 -10.39 5.07
N ARG B 92 -3.25 -9.73 6.22
CA ARG B 92 -3.72 -8.36 6.42
C ARG B 92 -3.33 -7.43 5.26
N ASP B 93 -2.06 -7.47 4.89
CA ASP B 93 -1.54 -6.64 3.80
C ASP B 93 -2.27 -6.91 2.49
N ALA B 94 -2.50 -8.18 2.18
CA ALA B 94 -3.20 -8.55 0.95
C ALA B 94 -4.65 -8.06 0.98
N VAL B 95 -5.32 -8.30 2.10
CA VAL B 95 -6.70 -7.86 2.28
C VAL B 95 -6.74 -6.33 2.17
N LYS B 96 -5.72 -5.70 2.74
CA LYS B 96 -5.56 -4.24 2.72
C LYS B 96 -5.48 -3.71 1.31
N ASP B 97 -4.48 -4.14 0.56
CA ASP B 97 -4.27 -3.67 -0.81
C ASP B 97 -5.48 -3.97 -1.68
N LEU B 98 -6.00 -5.16 -1.53
CA LEU B 98 -7.16 -5.58 -2.32
C LEU B 98 -8.39 -4.76 -1.98
N LEU B 99 -8.82 -4.79 -0.70
CA LEU B 99 -10.00 -4.06 -0.27
C LEU B 99 -9.90 -2.59 -0.57
N GLN B 100 -8.73 -2.04 -0.32
CA GLN B 100 -8.47 -0.63 -0.52
C GLN B 100 -8.70 -0.26 -1.99
N GLN B 101 -8.46 -1.21 -2.89
CA GLN B 101 -8.67 -0.97 -4.32
C GLN B 101 -10.13 -1.25 -4.66
N LEU B 102 -10.81 -1.96 -3.75
CA LEU B 102 -12.20 -2.30 -3.91
C LEU B 102 -13.10 -1.16 -3.44
N LEU B 103 -12.62 -0.43 -2.45
CA LEU B 103 -13.37 0.67 -1.85
C LEU B 103 -13.76 1.76 -2.82
N PRO B 104 -12.80 2.45 -3.49
CA PRO B 104 -13.11 3.56 -4.40
C PRO B 104 -14.18 3.18 -5.43
N LYS B 105 -14.18 1.89 -5.74
CA LYS B 105 -15.11 1.30 -6.67
C LYS B 105 -16.56 1.40 -6.16
N PHE B 106 -16.73 1.42 -4.84
CA PHE B 106 -18.08 1.46 -4.27
C PHE B 106 -18.27 2.61 -3.28
N LYS B 107 -17.17 3.13 -2.73
CA LYS B 107 -17.19 4.21 -1.74
C LYS B 107 -18.22 5.28 -2.09
N ARG B 108 -18.95 5.71 -1.06
CA ARG B 108 -19.98 6.72 -1.21
C ARG B 108 -19.49 7.93 -2.00
N LYS B 109 -20.06 8.12 -3.18
CA LYS B 109 -19.69 9.23 -4.05
C LYS B 109 -20.94 10.02 -4.41
N ALA B 110 -21.02 11.25 -3.92
CA ALA B 110 -22.17 12.13 -4.16
C ALA B 110 -23.43 11.53 -3.55
N ASN B 111 -23.27 10.93 -2.39
CA ASN B 111 -24.37 10.30 -1.67
C ASN B 111 -24.09 10.41 -0.18
N MET A 4 -13.93 -19.10 24.17
CA MET A 4 -13.76 -19.12 22.70
C MET A 4 -12.59 -18.23 22.32
N SER A 5 -12.66 -17.60 21.15
CA SER A 5 -11.61 -16.69 20.72
C SER A 5 -11.79 -15.36 21.44
N ASP A 6 -11.66 -15.40 22.75
CA ASP A 6 -11.86 -14.23 23.60
C ASP A 6 -10.66 -13.30 23.59
N ASN A 7 -9.78 -13.51 22.63
CA ASN A 7 -8.58 -12.70 22.50
C ASN A 7 -8.88 -11.45 21.68
N GLU A 8 -10.10 -11.34 21.17
CA GLU A 8 -10.49 -10.16 20.39
C GLU A 8 -10.87 -9.04 21.31
N ASP A 9 -10.99 -9.39 22.56
CA ASP A 9 -11.34 -8.46 23.62
C ASP A 9 -10.30 -8.53 24.72
N ASN A 10 -9.10 -8.97 24.34
CA ASN A 10 -8.00 -9.12 25.29
C ASN A 10 -6.89 -8.12 24.98
N PHE A 11 -7.22 -7.15 24.17
CA PHE A 11 -6.29 -6.11 23.78
C PHE A 11 -6.91 -4.74 24.06
N ASP A 12 -6.12 -3.70 23.89
CA ASP A 12 -6.55 -2.34 24.11
C ASP A 12 -5.46 -1.44 23.60
N GLY A 13 -5.66 -0.99 22.40
CA GLY A 13 -4.70 -0.11 21.77
C GLY A 13 -4.07 -0.71 20.54
N ASP A 14 -4.83 -1.57 19.86
CA ASP A 14 -4.37 -2.22 18.63
C ASP A 14 -3.55 -1.25 17.79
N ASP A 15 -2.32 -1.67 17.47
CA ASP A 15 -1.37 -0.88 16.67
C ASP A 15 -1.82 -0.73 15.23
N PHE A 16 -3.12 -0.57 15.04
CA PHE A 16 -3.73 -0.43 13.71
C PHE A 16 -2.96 0.49 12.79
N ASP A 17 -2.36 -0.12 11.79
CA ASP A 17 -1.67 0.59 10.76
C ASP A 17 -2.76 1.00 9.80
N ASP A 18 -3.20 2.22 9.97
CA ASP A 18 -4.28 2.77 9.18
C ASP A 18 -3.94 2.78 7.73
N VAL A 19 -4.75 2.07 6.99
CA VAL A 19 -4.57 1.98 5.56
C VAL A 19 -5.74 2.59 4.83
N GLU A 20 -5.56 3.83 4.43
CA GLU A 20 -6.58 4.53 3.68
C GLU A 20 -6.05 4.75 2.27
N GLU A 21 -6.69 4.10 1.30
CA GLU A 21 -6.28 4.20 -0.10
C GLU A 21 -6.29 5.64 -0.59
N ASP A 22 -5.26 6.00 -1.33
CA ASP A 22 -5.10 7.35 -1.89
C ASP A 22 -3.91 7.36 -2.85
N GLU A 23 -4.12 6.79 -4.03
CA GLU A 23 -3.08 6.72 -5.03
C GLU A 23 -3.07 7.98 -5.91
N GLY A 24 -1.92 8.26 -6.50
CA GLY A 24 -1.79 9.44 -7.34
C GLY A 24 -1.08 10.56 -6.62
N LEU A 25 -0.56 10.27 -5.45
CA LEU A 25 0.15 11.24 -4.64
C LEU A 25 1.64 11.23 -4.96
N ASP A 26 2.06 12.14 -5.84
CA ASP A 26 3.46 12.24 -6.22
C ASP A 26 4.20 13.20 -5.28
N ASP A 27 5.45 13.49 -5.60
CA ASP A 27 6.27 14.38 -4.80
C ASP A 27 6.56 15.67 -5.57
N LEU A 28 7.09 15.51 -6.77
CA LEU A 28 7.42 16.66 -7.62
C LEU A 28 7.31 16.28 -9.09
N GLU A 29 6.26 16.77 -9.72
CA GLU A 29 6.02 16.50 -11.13
C GLU A 29 6.42 17.69 -12.00
N ASN A 30 6.61 18.83 -11.37
CA ASN A 30 6.99 20.05 -12.08
C ASN A 30 8.45 19.98 -12.53
N ALA A 31 8.77 20.68 -13.62
CA ALA A 31 10.12 20.72 -14.16
C ALA A 31 10.22 21.81 -15.21
N GLU A 32 10.25 23.06 -14.75
CA GLU A 32 10.32 24.21 -15.64
C GLU A 32 11.67 24.91 -15.51
N GLU A 33 12.58 24.23 -14.84
CA GLU A 33 13.92 24.74 -14.63
C GLU A 33 14.95 23.72 -15.10
N GLU A 34 14.79 23.28 -16.34
CA GLU A 34 15.68 22.28 -16.92
C GLU A 34 16.72 22.92 -17.82
N GLY A 35 16.47 24.16 -18.15
CA GLY A 35 17.34 24.93 -19.02
C GLY A 35 18.62 25.40 -18.35
N GLN A 36 19.11 24.65 -17.38
CA GLN A 36 20.34 24.99 -16.67
C GLN A 36 21.25 23.77 -16.60
N GLU A 37 21.94 23.50 -17.69
CA GLU A 37 22.83 22.35 -17.78
C GLU A 37 24.19 22.76 -18.31
N ASN A 38 25.03 21.77 -18.58
CA ASN A 38 26.34 21.98 -19.16
C ASN A 38 26.26 21.66 -20.64
N VAL A 39 26.36 22.69 -21.48
CA VAL A 39 26.23 22.49 -22.92
C VAL A 39 27.59 22.56 -23.64
N GLU A 40 27.61 21.93 -24.82
CA GLU A 40 28.79 21.88 -25.66
C GLU A 40 28.56 22.72 -26.91
N ILE A 41 29.63 23.25 -27.48
CA ILE A 41 29.53 24.09 -28.68
C ILE A 41 30.24 23.44 -29.86
N LEU A 42 29.46 23.09 -30.88
CA LEU A 42 29.99 22.47 -32.08
C LEU A 42 29.61 23.27 -33.30
N PRO A 43 30.42 23.23 -34.37
CA PRO A 43 30.10 23.94 -35.59
C PRO A 43 29.19 23.12 -36.47
N SER A 44 28.02 23.66 -36.79
CA SER A 44 27.05 22.96 -37.61
C SER A 44 27.53 22.85 -39.05
N GLY A 45 26.86 21.99 -39.78
CA GLY A 45 27.21 21.72 -41.15
C GLY A 45 27.42 20.24 -41.31
N GLU A 46 27.67 19.59 -40.19
CA GLU A 46 27.81 18.14 -40.15
C GLU A 46 26.48 17.61 -39.65
N ARG A 47 25.93 18.42 -38.79
CA ARG A 47 24.65 18.23 -38.13
C ARG A 47 24.64 17.01 -37.20
N PRO A 48 23.93 17.16 -36.07
CA PRO A 48 23.78 16.13 -35.04
C PRO A 48 23.03 14.90 -35.52
N GLN A 49 23.02 13.91 -34.65
CA GLN A 49 22.35 12.66 -34.85
C GLN A 49 20.87 12.93 -35.01
N ALA A 50 20.14 11.96 -35.55
CA ALA A 50 18.71 12.07 -35.82
C ALA A 50 18.01 13.11 -34.97
N ASN A 51 17.37 14.03 -35.67
CA ASN A 51 16.68 15.14 -35.05
C ASN A 51 15.37 14.75 -34.39
N GLN A 52 15.37 13.61 -33.68
CA GLN A 52 14.18 13.12 -32.97
C GLN A 52 13.57 14.22 -32.10
N LYS A 53 12.37 13.98 -31.60
CA LYS A 53 11.68 14.98 -30.79
C LYS A 53 12.44 15.26 -29.51
N ARG A 54 13.09 16.41 -29.45
CA ARG A 54 13.82 16.77 -28.26
C ARG A 54 12.85 16.91 -27.11
N ILE A 55 13.34 16.69 -25.92
CA ILE A 55 12.50 16.74 -24.74
C ILE A 55 12.84 17.96 -23.89
N THR A 56 13.79 18.74 -24.36
CA THR A 56 14.22 19.94 -23.67
C THR A 56 13.60 21.21 -24.27
N THR A 57 14.14 22.36 -23.92
CA THR A 57 13.63 23.64 -24.38
C THR A 57 14.34 24.18 -25.61
N PRO A 58 13.56 24.65 -26.58
CA PRO A 58 14.05 25.23 -27.83
C PRO A 58 14.24 26.75 -27.68
N TYR A 59 14.89 27.15 -26.59
CA TYR A 59 15.11 28.54 -26.31
C TYR A 59 16.56 28.72 -25.90
N MET A 60 17.07 29.91 -26.08
CA MET A 60 18.44 30.20 -25.72
C MET A 60 18.50 31.40 -24.80
N THR A 61 18.96 31.18 -23.58
CA THR A 61 19.09 32.24 -22.62
C THR A 61 20.44 32.93 -22.78
N LYS A 62 20.84 33.70 -21.78
CA LYS A 62 22.12 34.40 -21.81
C LYS A 62 23.28 33.42 -21.63
N TYR A 63 22.96 32.24 -21.09
CA TYR A 63 23.96 31.21 -20.84
C TYR A 63 24.54 30.68 -22.16
N GLU A 64 23.68 30.06 -22.97
CA GLU A 64 24.09 29.50 -24.24
C GLU A 64 24.51 30.62 -25.18
N ARG A 65 23.85 31.78 -25.04
CA ARG A 65 24.15 32.96 -25.85
C ARG A 65 25.63 33.30 -25.74
N ALA A 66 26.08 33.51 -24.52
CA ALA A 66 27.46 33.86 -24.24
C ALA A 66 28.40 32.72 -24.59
N ARG A 67 27.94 31.49 -24.37
CA ARG A 67 28.74 30.31 -24.67
C ARG A 67 29.05 30.22 -26.17
N VAL A 68 28.02 30.38 -26.98
CA VAL A 68 28.18 30.32 -28.43
C VAL A 68 29.02 31.50 -28.92
N LEU A 69 28.68 32.69 -28.44
CA LEU A 69 29.38 33.91 -28.83
C LEU A 69 30.82 33.91 -28.38
N GLY A 70 31.09 33.35 -27.20
CA GLY A 70 32.44 33.28 -26.71
C GLY A 70 33.30 32.44 -27.64
N THR A 71 32.69 31.40 -28.18
CA THR A 71 33.39 30.51 -29.11
C THR A 71 33.49 31.15 -30.50
N ARG A 72 32.45 31.90 -30.88
CA ARG A 72 32.42 32.57 -32.17
C ARG A 72 33.44 33.70 -32.20
N ALA A 73 33.60 34.39 -31.07
CA ALA A 73 34.58 35.45 -30.96
C ALA A 73 35.96 34.87 -31.20
N LEU A 74 36.17 33.67 -30.69
CA LEU A 74 37.43 32.98 -30.89
C LEU A 74 37.62 32.68 -32.39
N GLN A 75 36.50 32.42 -33.07
CA GLN A 75 36.55 32.14 -34.51
C GLN A 75 36.93 33.39 -35.29
N ILE A 76 36.14 34.46 -35.11
CA ILE A 76 36.37 35.72 -35.82
C ILE A 76 37.72 36.32 -35.45
N ALA A 77 38.10 36.12 -34.20
CA ALA A 77 39.37 36.61 -33.70
C ALA A 77 40.52 35.96 -34.46
N MET A 78 40.21 34.84 -35.13
CA MET A 78 41.19 34.12 -35.93
C MET A 78 41.05 34.54 -37.40
N CYS A 79 40.33 35.65 -37.61
CA CYS A 79 40.10 36.23 -38.93
C CYS A 79 38.95 35.55 -39.67
N ALA A 80 37.93 35.12 -38.93
CA ALA A 80 36.77 34.48 -39.53
C ALA A 80 35.89 35.53 -40.20
N PRO A 81 35.32 35.19 -41.37
CA PRO A 81 34.44 36.11 -42.10
C PRO A 81 33.19 36.46 -41.30
N VAL A 82 32.74 37.70 -41.45
CA VAL A 82 31.56 38.17 -40.74
C VAL A 82 30.30 37.91 -41.56
N MET A 83 29.29 37.33 -40.92
CA MET A 83 28.03 36.99 -41.60
C MET A 83 26.99 38.11 -41.45
N VAL A 84 27.34 39.15 -40.72
CA VAL A 84 26.42 40.26 -40.51
C VAL A 84 26.92 41.56 -41.09
N GLU A 85 26.12 42.57 -40.87
CA GLU A 85 26.38 43.91 -41.30
C GLU A 85 27.26 44.58 -40.26
N LEU A 86 27.93 45.66 -40.63
CA LEU A 86 28.82 46.34 -39.71
C LEU A 86 28.46 47.81 -39.55
N GLU A 87 27.98 48.16 -38.36
CA GLU A 87 27.61 49.53 -38.05
C GLU A 87 28.76 50.18 -37.30
N GLY A 88 29.93 49.58 -37.48
CA GLY A 88 31.12 50.05 -36.80
C GLY A 88 31.77 48.96 -35.98
N GLU A 89 31.08 47.83 -35.83
CA GLU A 89 31.61 46.70 -35.07
C GLU A 89 32.89 46.18 -35.73
N THR A 90 34.01 46.38 -35.05
CA THR A 90 35.29 45.93 -35.56
C THR A 90 35.90 44.88 -34.64
N ASP A 91 35.15 44.51 -33.61
CA ASP A 91 35.61 43.51 -32.65
C ASP A 91 34.79 42.23 -32.80
N PRO A 92 35.45 41.07 -32.72
CA PRO A 92 34.81 39.75 -32.86
C PRO A 92 33.61 39.56 -31.93
N LEU A 93 33.66 40.13 -30.73
CA LEU A 93 32.56 39.98 -29.78
C LEU A 93 31.32 40.74 -30.26
N LEU A 94 31.52 41.99 -30.66
CA LEU A 94 30.42 42.81 -31.15
C LEU A 94 29.75 42.18 -32.35
N ILE A 95 30.58 41.75 -33.30
CA ILE A 95 30.08 41.11 -34.51
C ILE A 95 29.36 39.80 -34.19
N ALA A 96 29.95 38.99 -33.32
CA ALA A 96 29.36 37.72 -32.93
C ALA A 96 27.97 37.95 -32.34
N MET A 97 27.86 38.97 -31.50
CA MET A 97 26.59 39.30 -30.86
C MET A 97 25.56 39.68 -31.92
N LYS A 98 26.01 40.46 -32.90
CA LYS A 98 25.15 40.90 -33.99
C LYS A 98 24.66 39.70 -34.79
N GLU A 99 25.55 38.74 -35.02
CA GLU A 99 25.22 37.53 -35.78
C GLU A 99 24.22 36.65 -35.02
N LEU A 100 24.47 36.47 -33.74
CA LEU A 100 23.60 35.63 -32.90
C LEU A 100 22.16 36.17 -32.87
N LYS A 101 22.01 37.47 -32.66
CA LYS A 101 20.68 38.06 -32.60
C LYS A 101 20.02 38.02 -33.96
N ALA A 102 20.83 38.06 -34.99
CA ALA A 102 20.32 38.06 -36.33
C ALA A 102 20.16 36.65 -36.89
N ARG A 103 20.38 35.65 -36.03
CA ARG A 103 20.25 34.25 -36.41
C ARG A 103 21.18 33.90 -37.58
N LYS A 104 22.37 34.46 -37.55
CA LYS A 104 23.33 34.25 -38.62
C LYS A 104 24.53 33.41 -38.16
N ILE A 105 24.38 32.73 -37.03
CA ILE A 105 25.46 31.90 -36.50
C ILE A 105 25.11 30.42 -36.59
N PRO A 106 25.80 29.68 -37.46
CA PRO A 106 25.58 28.25 -37.63
C PRO A 106 26.44 27.45 -36.65
N ILE A 107 25.83 27.02 -35.56
CA ILE A 107 26.52 26.26 -34.52
C ILE A 107 25.53 25.40 -33.74
N ILE A 108 25.93 24.18 -33.41
CA ILE A 108 25.08 23.30 -32.64
C ILE A 108 25.46 23.34 -31.16
N ILE A 109 24.45 23.39 -30.31
CA ILE A 109 24.65 23.44 -28.86
C ILE A 109 24.12 22.17 -28.20
N ARG A 110 25.00 21.23 -27.91
CA ARG A 110 24.58 20.00 -27.28
C ARG A 110 24.41 20.21 -25.78
N ARG A 111 23.21 20.02 -25.30
CA ARG A 111 22.90 20.20 -23.89
C ARG A 111 22.97 18.86 -23.16
N TYR A 112 23.70 18.82 -22.05
CA TYR A 112 23.83 17.59 -21.27
C TYR A 112 23.06 17.72 -19.98
N LEU A 113 22.06 16.86 -19.77
CA LEU A 113 21.26 16.91 -18.57
C LEU A 113 22.00 16.26 -17.41
N PRO A 114 21.65 16.64 -16.16
CA PRO A 114 22.29 16.12 -14.94
C PRO A 114 22.20 14.59 -14.80
N ASP A 115 21.27 13.97 -15.50
CA ASP A 115 21.09 12.52 -15.44
C ASP A 115 22.08 11.81 -16.37
N GLY A 116 22.77 12.58 -17.21
CA GLY A 116 23.73 12.00 -18.12
C GLY A 116 23.27 11.99 -19.56
N SER A 117 22.05 12.45 -19.81
CA SER A 117 21.53 12.48 -21.17
C SER A 117 22.08 13.69 -21.92
N TYR A 118 21.87 13.71 -23.23
CA TYR A 118 22.34 14.82 -24.05
C TYR A 118 21.46 15.00 -25.27
N GLU A 119 21.14 16.26 -25.55
CA GLU A 119 20.31 16.60 -26.70
C GLU A 119 20.97 17.75 -27.45
N ASP A 120 21.19 17.57 -28.74
CA ASP A 120 21.81 18.59 -29.56
C ASP A 120 20.80 19.64 -29.95
N TRP A 121 21.20 20.90 -29.81
CA TRP A 121 20.33 22.02 -30.12
C TRP A 121 21.04 23.07 -30.96
N GLY A 122 20.71 23.17 -32.23
CA GLY A 122 21.35 24.16 -33.08
C GLY A 122 20.87 25.56 -32.78
N VAL A 123 21.73 26.55 -33.01
CA VAL A 123 21.38 27.95 -32.77
C VAL A 123 20.22 28.33 -33.67
N ASP A 124 20.23 27.71 -34.84
CA ASP A 124 19.21 27.93 -35.84
C ASP A 124 17.93 27.18 -35.49
N GLU A 125 18.00 26.35 -34.46
CA GLU A 125 16.85 25.58 -34.01
C GLU A 125 16.34 26.14 -32.68
N LEU A 126 17.00 27.18 -32.19
CA LEU A 126 16.64 27.81 -30.92
C LEU A 126 16.12 29.24 -31.07
N ILE A 127 15.35 29.65 -30.08
CA ILE A 127 14.82 31.00 -30.01
C ILE A 127 15.60 31.75 -28.95
N ILE A 128 16.45 32.67 -29.37
CA ILE A 128 17.28 33.41 -28.45
C ILE A 128 16.56 34.58 -27.81
N THR A 129 16.55 34.58 -26.50
CA THR A 129 15.98 35.68 -25.77
C THR A 129 17.12 36.51 -25.24
N ASP A 130 17.42 37.55 -25.97
CA ASP A 130 18.54 38.42 -25.63
C ASP A 130 18.08 39.86 -25.46
N MET B 4 -26.57 -22.15 2.48
CA MET B 4 -27.28 -23.41 2.13
C MET B 4 -27.04 -23.75 0.67
N ALA B 5 -26.47 -24.94 0.44
CA ALA B 5 -26.18 -25.42 -0.90
C ALA B 5 -25.09 -24.58 -1.58
N THR B 6 -24.12 -24.15 -0.78
CA THR B 6 -22.99 -23.34 -1.26
C THR B 6 -23.44 -21.94 -1.68
N SER B 7 -23.96 -21.18 -0.71
CA SER B 7 -24.40 -19.82 -0.97
C SER B 7 -23.22 -18.87 -0.84
N SER B 8 -22.37 -18.82 -1.86
CA SER B 8 -21.21 -17.96 -1.84
C SER B 8 -21.29 -16.86 -2.89
N GLU B 9 -20.68 -15.72 -2.58
CA GLU B 9 -20.64 -14.58 -3.49
C GLU B 9 -19.37 -14.65 -4.34
N GLU B 10 -19.18 -13.71 -5.25
CA GLU B 10 -18.01 -13.71 -6.12
C GLU B 10 -16.72 -13.46 -5.32
N VAL B 11 -16.06 -14.55 -4.93
CA VAL B 11 -14.85 -14.47 -4.12
C VAL B 11 -13.60 -14.24 -4.97
N LEU B 12 -12.75 -13.33 -4.49
CA LEU B 12 -11.51 -13.00 -5.16
C LEU B 12 -10.33 -13.35 -4.24
N LEU B 13 -10.38 -12.84 -3.02
CA LEU B 13 -9.34 -13.09 -2.02
C LEU B 13 -9.88 -13.97 -0.91
N ILE B 14 -9.18 -15.04 -0.58
CA ILE B 14 -9.61 -15.92 0.49
C ILE B 14 -8.60 -15.90 1.63
N VAL B 15 -9.04 -15.40 2.76
CA VAL B 15 -8.22 -15.30 3.96
C VAL B 15 -8.72 -16.32 4.98
N LYS B 16 -7.81 -17.17 5.46
CA LYS B 16 -8.22 -18.22 6.39
C LYS B 16 -7.87 -17.90 7.84
N LYS B 17 -8.42 -18.72 8.74
CA LYS B 17 -8.22 -18.58 10.18
C LYS B 17 -8.42 -17.13 10.61
N VAL B 18 -9.61 -16.63 10.37
CA VAL B 18 -9.94 -15.26 10.73
C VAL B 18 -11.02 -15.26 11.79
N ARG B 19 -10.77 -14.53 12.85
CA ARG B 19 -11.70 -14.46 13.95
C ARG B 19 -12.46 -13.16 13.99
N GLN B 20 -13.70 -13.23 14.41
CA GLN B 20 -14.54 -12.07 14.55
C GLN B 20 -15.22 -12.13 15.91
N LYS B 21 -14.69 -11.34 16.85
CA LYS B 21 -15.21 -11.24 18.21
C LYS B 21 -15.64 -12.56 18.83
N LYS B 22 -14.64 -13.44 19.07
CA LYS B 22 -14.83 -14.75 19.70
C LYS B 22 -15.32 -15.82 18.73
N GLN B 23 -15.26 -15.53 17.45
CA GLN B 23 -15.70 -16.48 16.44
C GLN B 23 -14.57 -16.78 15.47
N ASP B 24 -14.15 -18.03 15.43
CA ASP B 24 -13.08 -18.43 14.52
C ASP B 24 -13.68 -18.83 13.19
N GLY B 25 -13.11 -18.31 12.11
CA GLY B 25 -13.63 -18.63 10.81
C GLY B 25 -12.69 -18.30 9.68
N ALA B 26 -13.22 -17.64 8.67
CA ALA B 26 -12.47 -17.30 7.50
C ALA B 26 -13.05 -16.08 6.79
N LEU B 27 -12.17 -15.25 6.29
CA LEU B 27 -12.55 -14.04 5.60
C LEU B 27 -12.42 -14.20 4.09
N TYR B 28 -13.46 -13.86 3.36
CA TYR B 28 -13.43 -13.96 1.92
C TYR B 28 -13.82 -12.62 1.29
N LEU B 29 -12.94 -12.09 0.46
CA LEU B 29 -13.21 -10.82 -0.19
C LEU B 29 -13.88 -11.05 -1.52
N MET B 30 -15.09 -10.55 -1.66
CA MET B 30 -15.83 -10.68 -2.90
C MET B 30 -15.63 -9.41 -3.70
N ALA B 31 -15.81 -9.49 -5.01
CA ALA B 31 -15.62 -8.34 -5.88
C ALA B 31 -16.37 -7.10 -5.41
N GLU B 32 -17.57 -7.28 -4.89
CA GLU B 32 -18.37 -6.14 -4.45
C GLU B 32 -18.49 -6.03 -2.92
N ARG B 33 -18.07 -7.04 -2.17
CA ARG B 33 -18.21 -6.98 -0.71
C ARG B 33 -17.21 -7.84 0.03
N ILE B 34 -16.93 -7.47 1.27
CA ILE B 34 -16.03 -8.22 2.13
C ILE B 34 -16.92 -9.05 3.06
N ALA B 35 -16.89 -10.36 2.88
CA ALA B 35 -17.72 -11.23 3.68
C ALA B 35 -16.89 -12.22 4.47
N TRP B 36 -17.25 -12.39 5.72
CA TRP B 36 -16.56 -13.30 6.58
C TRP B 36 -17.51 -14.38 7.06
N ALA B 37 -17.03 -15.61 7.09
CA ALA B 37 -17.81 -16.74 7.54
C ALA B 37 -16.98 -17.61 8.45
N PRO B 38 -17.59 -18.20 9.49
CA PRO B 38 -16.89 -19.06 10.40
C PRO B 38 -16.52 -20.36 9.71
N GLU B 39 -15.55 -21.08 10.26
CA GLU B 39 -15.11 -22.33 9.66
C GLU B 39 -16.26 -23.33 9.60
N GLY B 40 -16.34 -24.06 8.50
CA GLY B 40 -17.39 -25.04 8.34
C GLY B 40 -18.73 -24.42 8.00
N LYS B 41 -18.72 -23.27 7.33
CA LYS B 41 -19.94 -22.58 6.96
C LYS B 41 -19.96 -22.30 5.47
N ASP B 42 -21.11 -22.52 4.83
CA ASP B 42 -21.27 -22.26 3.41
C ASP B 42 -21.90 -20.88 3.23
N ARG B 43 -22.22 -20.25 4.35
CA ARG B 43 -22.82 -18.94 4.36
C ARG B 43 -21.99 -17.97 5.18
N PHE B 44 -21.72 -16.81 4.60
CA PHE B 44 -20.97 -15.78 5.28
C PHE B 44 -21.88 -15.09 6.30
N THR B 45 -21.51 -15.19 7.56
CA THR B 45 -22.29 -14.61 8.65
C THR B 45 -22.13 -13.09 8.69
N ILE B 46 -21.19 -12.59 7.92
CA ILE B 46 -20.92 -11.17 7.84
C ILE B 46 -20.61 -10.79 6.42
N SER B 47 -21.24 -9.75 5.92
CA SER B 47 -20.96 -9.31 4.59
C SER B 47 -21.14 -7.80 4.49
N HIS B 48 -20.07 -7.10 4.16
CA HIS B 48 -20.11 -5.65 4.03
C HIS B 48 -19.74 -5.25 2.63
N MET B 49 -20.59 -4.45 2.01
CA MET B 49 -20.27 -3.97 0.69
C MET B 49 -19.27 -2.86 0.86
N TYR B 50 -18.32 -2.75 -0.04
CA TYR B 50 -17.29 -1.72 0.08
C TYR B 50 -17.92 -0.34 0.04
N ALA B 51 -19.16 -0.28 -0.44
CA ALA B 51 -19.90 0.96 -0.53
C ALA B 51 -20.28 1.47 0.83
N ASP B 52 -20.32 0.55 1.80
CA ASP B 52 -20.71 0.92 3.16
C ASP B 52 -19.52 0.97 4.09
N ILE B 53 -18.34 0.70 3.56
CA ILE B 53 -17.16 0.78 4.38
C ILE B 53 -16.58 2.17 4.23
N LYS B 54 -16.42 2.88 5.32
CA LYS B 54 -15.91 4.24 5.29
C LYS B 54 -14.38 4.27 5.32
N CYS B 55 -13.77 3.24 5.92
CA CYS B 55 -12.32 3.17 6.03
C CYS B 55 -11.88 1.82 6.60
N GLN B 56 -10.68 1.35 6.24
CA GLN B 56 -10.18 0.08 6.75
C GLN B 56 -8.82 0.29 7.42
N LYS B 57 -8.72 -0.12 8.68
CA LYS B 57 -7.48 0.02 9.43
C LYS B 57 -6.97 -1.37 9.78
N ILE B 58 -5.67 -1.54 9.95
CA ILE B 58 -5.14 -2.87 10.18
C ILE B 58 -3.91 -2.96 11.06
N SER B 59 -3.99 -3.73 12.14
CA SER B 59 -2.89 -3.91 13.07
C SER B 59 -1.85 -4.89 12.51
N PRO B 60 -0.65 -4.35 12.22
CA PRO B 60 0.51 -5.08 11.67
C PRO B 60 1.38 -5.74 12.75
N GLU B 61 2.44 -6.40 12.31
CA GLU B 61 3.39 -7.08 13.21
C GLU B 61 3.75 -6.22 14.41
N GLY B 62 4.16 -6.89 15.48
CA GLY B 62 4.52 -6.22 16.72
C GLY B 62 3.64 -6.72 17.83
N LYS B 63 2.38 -6.91 17.49
CA LYS B 63 1.40 -7.44 18.43
C LYS B 63 1.02 -8.84 17.98
N ALA B 64 0.52 -9.62 18.91
CA ALA B 64 0.11 -10.98 18.61
C ALA B 64 -1.30 -11.01 18.03
N LYS B 65 -1.76 -9.85 17.63
CA LYS B 65 -3.08 -9.71 17.06
C LYS B 65 -3.02 -8.92 15.76
N ILE B 66 -3.28 -9.60 14.67
CA ILE B 66 -3.32 -8.99 13.35
C ILE B 66 -4.77 -8.71 13.04
N GLN B 67 -5.17 -7.47 13.00
CA GLN B 67 -6.59 -7.20 12.81
C GLN B 67 -6.91 -6.21 11.69
N LEU B 68 -8.08 -6.43 11.12
CA LEU B 68 -8.65 -5.61 10.08
C LEU B 68 -9.90 -4.96 10.68
N GLN B 69 -9.91 -3.64 10.76
CA GLN B 69 -11.03 -2.94 11.36
C GLN B 69 -11.78 -2.17 10.27
N LEU B 70 -13.00 -2.62 9.97
CA LEU B 70 -13.82 -1.97 8.96
C LEU B 70 -14.72 -0.93 9.60
N VAL B 71 -14.35 0.33 9.52
CA VAL B 71 -15.17 1.39 10.08
C VAL B 71 -16.12 1.87 9.01
N LEU B 72 -17.39 1.66 9.26
CA LEU B 72 -18.42 2.03 8.33
C LEU B 72 -18.80 3.50 8.48
N HIS B 73 -19.68 3.96 7.60
CA HIS B 73 -20.10 5.37 7.56
C HIS B 73 -20.74 5.86 8.86
N ALA B 74 -21.74 5.12 9.34
CA ALA B 74 -22.49 5.49 10.55
C ALA B 74 -21.60 5.52 11.79
N GLY B 75 -20.43 4.93 11.68
CA GLY B 75 -19.53 4.85 12.81
C GLY B 75 -19.44 3.41 13.24
N ASP B 76 -20.06 2.58 12.41
CA ASP B 76 -20.11 1.15 12.60
C ASP B 76 -18.73 0.60 12.39
N THR B 77 -18.51 -0.64 12.78
CA THR B 77 -17.21 -1.25 12.63
C THR B 77 -17.29 -2.77 12.60
N THR B 78 -16.22 -3.37 12.12
CA THR B 78 -16.09 -4.82 12.03
C THR B 78 -14.63 -5.22 12.29
N ASN B 79 -14.41 -6.01 13.33
CA ASN B 79 -13.05 -6.44 13.66
C ASN B 79 -12.77 -7.86 13.20
N PHE B 80 -11.85 -8.00 12.25
CA PHE B 80 -11.45 -9.31 11.74
C PHE B 80 -10.00 -9.56 12.12
N HIS B 81 -9.77 -10.63 12.86
CA HIS B 81 -8.43 -10.99 13.30
C HIS B 81 -7.83 -12.10 12.46
N PHE B 82 -6.76 -11.76 11.76
CA PHE B 82 -6.01 -12.71 10.93
C PHE B 82 -5.21 -13.60 11.88
N SER B 83 -5.77 -14.72 12.29
CA SER B 83 -5.08 -15.58 13.25
C SER B 83 -4.36 -16.75 12.60
N ASN B 84 -4.23 -16.73 11.29
CA ASN B 84 -3.53 -17.81 10.59
C ASN B 84 -2.03 -17.68 10.84
N GLU B 85 -1.53 -18.43 11.80
CA GLU B 85 -0.12 -18.39 12.22
C GLU B 85 0.87 -18.28 11.06
N SER B 86 0.61 -18.99 10.00
CA SER B 86 1.51 -19.02 8.87
C SER B 86 1.62 -17.67 8.14
N THR B 87 0.49 -17.05 7.81
CA THR B 87 0.52 -15.81 7.05
C THR B 87 -0.36 -14.73 7.66
N ALA B 88 -0.64 -14.83 8.95
CA ALA B 88 -1.51 -13.90 9.67
C ALA B 88 -1.38 -12.46 9.21
N VAL B 89 -0.18 -11.93 9.27
CA VAL B 89 0.02 -10.54 8.88
C VAL B 89 0.06 -10.38 7.37
N LYS B 90 0.67 -11.34 6.69
CA LYS B 90 0.78 -11.29 5.25
C LYS B 90 -0.59 -11.32 4.60
N GLU B 91 -1.51 -12.05 5.22
CA GLU B 91 -2.87 -12.10 4.76
C GLU B 91 -3.45 -10.71 4.89
N ARG B 92 -3.28 -10.11 6.08
CA ARG B 92 -3.75 -8.76 6.36
C ARG B 92 -3.32 -7.79 5.26
N ASP B 93 -2.05 -7.87 4.88
CA ASP B 93 -1.48 -7.01 3.83
C ASP B 93 -2.22 -7.19 2.50
N ALA B 94 -2.49 -8.44 2.14
CA ALA B 94 -3.19 -8.74 0.89
C ALA B 94 -4.62 -8.22 0.93
N VAL B 95 -5.34 -8.52 2.02
CA VAL B 95 -6.71 -8.05 2.21
C VAL B 95 -6.70 -6.52 2.16
N LYS B 96 -5.65 -5.95 2.77
CA LYS B 96 -5.43 -4.50 2.83
C LYS B 96 -5.30 -3.90 1.44
N ASP B 97 -4.29 -4.31 0.69
CA ASP B 97 -4.03 -3.78 -0.64
C ASP B 97 -5.25 -3.92 -1.54
N LEU B 98 -5.87 -5.08 -1.48
CA LEU B 98 -7.05 -5.36 -2.28
C LEU B 98 -8.23 -4.52 -1.82
N LEU B 99 -8.64 -4.66 -0.57
CA LEU B 99 -9.79 -3.94 -0.01
C LEU B 99 -9.64 -2.44 -0.21
N GLN B 100 -8.44 -1.95 0.07
CA GLN B 100 -8.16 -0.53 -0.05
C GLN B 100 -8.45 -0.06 -1.47
N GLN B 101 -8.13 -0.89 -2.47
CA GLN B 101 -8.40 -0.54 -3.86
C GLN B 101 -9.87 -0.79 -4.19
N LEU B 102 -10.48 -1.70 -3.45
CA LEU B 102 -11.89 -2.04 -3.63
C LEU B 102 -12.78 -0.90 -3.17
N LEU B 103 -12.31 -0.19 -2.15
CA LEU B 103 -13.06 0.91 -1.57
C LEU B 103 -13.41 2.01 -2.57
N PRO B 104 -12.42 2.63 -3.26
CA PRO B 104 -12.71 3.71 -4.21
C PRO B 104 -13.72 3.31 -5.28
N LYS B 105 -13.88 2.01 -5.44
CA LYS B 105 -14.82 1.45 -6.41
C LYS B 105 -16.25 1.57 -5.88
N PHE B 106 -16.39 1.69 -4.56
CA PHE B 106 -17.72 1.77 -3.96
C PHE B 106 -17.90 2.98 -3.03
N LYS B 107 -16.78 3.54 -2.57
CA LYS B 107 -16.78 4.67 -1.65
C LYS B 107 -17.77 5.75 -2.03
N ARG B 108 -18.75 5.95 -1.16
CA ARG B 108 -19.77 6.95 -1.37
C ARG B 108 -19.24 8.33 -1.01
N LYS B 109 -18.77 9.03 -2.03
CA LYS B 109 -18.20 10.39 -1.91
C LYS B 109 -16.88 10.41 -1.15
N ALA B 110 -16.78 9.63 -0.09
CA ALA B 110 -15.58 9.56 0.72
C ALA B 110 -14.37 9.17 -0.10
N ASN B 111 -13.31 9.94 0.05
CA ASN B 111 -12.06 9.67 -0.66
C ASN B 111 -11.41 8.41 -0.11
#